data_8EUW
#
_entry.id   8EUW
#
_cell.length_a   1.00
_cell.length_b   1.00
_cell.length_c   1.00
_cell.angle_alpha   90.00
_cell.angle_beta   90.00
_cell.angle_gamma   90.00
#
_symmetry.space_group_name_H-M   'P 1'
#
loop_
_entity.id
_entity.type
_entity.pdbx_description
1 polymer 'Envelope glycoprotein gp120'
2 polymer 'Envelope glycoprotein gp41'
3 polymer 'VRC34.01-MM28 FAB variable heavy chain'
4 polymer 'VRC34.01-MM28 FAB variable light chain'
5 branched 2-acetamido-2-deoxy-beta-D-glucopyranose-(1-4)-2-acetamido-2-deoxy-beta-D-glucopyranose
6 branched beta-D-mannopyranose-(1-4)-2-acetamido-2-deoxy-beta-D-glucopyranose-(1-4)-2-acetamido-2-deoxy-beta-D-glucopyranose
7 branched alpha-D-mannopyranose-(1-2)-alpha-D-mannopyranose-(1-3)-beta-D-mannopyranose-(1-4)-2-acetamido-2-deoxy-beta-D-glucopyranose-(1-4)-2-acetamido-2-deoxy-beta-D-glucopyranose
8 non-polymer 2-acetamido-2-deoxy-beta-D-glucopyranose
9 water water
#
loop_
_entity_poly.entity_id
_entity_poly.type
_entity_poly.pdbx_seq_one_letter_code
_entity_poly.pdbx_strand_id
1 'polypeptide(L)'
;AENLWVTVYYGVPVWKDAETTLFCASDAKAYETEKHNVWATHACVPTDPNPQEIHLENVTEEFNMWKNNMVEQMHTDIIS
LWDQSLKPCVKLTPLCVTLQCTNVTNNITDDMRGELKNCSFNMTTELRDKKQKVYSLFYRLDVVQINENQGNRSNNSNKE
YRLINCNTSACTQACPKVSFEPIPIHYCAPAGFAILKCKDKKFNGTGPCPSVSTVQCTHGIKPVVSTQLLLNGSLAEEEV
MIRSENITNNAKNILVQFNTPVQINCTRPNNNTRKSIRIGPGQAFYATGDIIGDIRQAHCNVSKATWNETLGKVVKQLRK
HFGNNTIIRFANSSGGDLEVTTHSFNCGGEFFYCNTSGLFNSTWISNTSVQGSNSTGSNDSITLPCRIKQIINMWQRIGQ
CMYAPPIQGVIRCVSNITGLILTRDGGSTNSTTETFRPGGGDMRDNWRSELYKYKVVKIEPLGVAPTRCKRRVVGRRRRR
R
;
A,C,E
2 'polypeptide(L)'
;AVGIGAVFLGFLGAAGSTMGAASMTLTVQARNLLSGIVQQQSNLLRAPEAQQHLLKLTVWGIKQLQARVLAVERYLRDQQ
LLGIWGCSGKLICCTNVPWNSSWSNRNLSEIWDNMTWLQWDKEISNYTQIIYGLLEESQNQQEKNEQDLLALD
;
B,D,F
3 'polypeptide(L)'
;QKVLVQSGAEVKKPGASVKVSCRAFGYTFTGNPLHWVRQAPGQGLEWLGWINPHSGDTFTSQKFQGRVYMTRDKSINTAF
LDVTRLTSDDTGIYYCARDKYYGNEAVGMDVWGQGTSVTVSSASTKGPSVFPLAPSSKSTSGGTAALGCLVKDYFPEPVT
VSWNSGALTSGVHTFPAVLQSSGLYSLSSVVTVPSSSLGTQTYICNVNHKPSNTKVDKKVEPK
;
G,I,K
4 'polypeptide(L)'
;DIQLTQSPSFLSASVGDKVTITCRASQGVRNELAWYQQKPGKAPNLLIYYASTLQSGVPSRFSATGSGTHFTLTVSSLQP
EDFATYFCQHMSSYPLTFGGGTKVEIKRTVAAPSVFIFPPSDEQLKSGTASVVCLLNNFYPREAKVQWKVDNALQSGNSQ
ESVTEQDSKDSTYSLSSTLTLSKADYEKHKVYACEVTHQGLSSPVTKSFNRG
;
H,J,L
#
loop_
_chem_comp.id
_chem_comp.type
_chem_comp.name
_chem_comp.formula
BMA D-saccharide, beta linking beta-D-mannopyranose 'C6 H12 O6'
MAN D-saccharide, alpha linking alpha-D-mannopyranose 'C6 H12 O6'
NAG D-saccharide, beta linking 2-acetamido-2-deoxy-beta-D-glucopyranose 'C8 H15 N O6'
#
# COMPACT_ATOMS: atom_id res chain seq x y z
N ALA A 1 -47.84 -17.42 2.81
CA ALA A 1 -48.24 -16.91 1.46
C ALA A 1 -47.50 -15.62 1.13
N GLU A 2 -46.30 -15.46 1.69
CA GLU A 2 -45.48 -14.27 1.46
C GLU A 2 -44.54 -14.45 0.29
N ASN A 3 -43.82 -15.58 0.25
CA ASN A 3 -42.89 -15.90 -0.83
C ASN A 3 -41.85 -14.80 -1.02
N LEU A 4 -41.31 -14.30 0.09
CA LEU A 4 -40.28 -13.28 0.06
C LEU A 4 -38.90 -13.91 -0.03
N TRP A 5 -37.98 -13.17 -0.64
CA TRP A 5 -36.62 -13.64 -0.87
C TRP A 5 -35.63 -12.54 -0.52
N VAL A 6 -34.42 -12.97 -0.19
CA VAL A 6 -33.33 -12.03 0.10
C VAL A 6 -32.98 -11.27 -1.16
N THR A 7 -32.72 -9.97 -0.99
CA THR A 7 -32.28 -9.10 -2.08
C THR A 7 -31.13 -8.25 -1.57
N VAL A 8 -30.05 -8.21 -2.34
CA VAL A 8 -28.81 -7.54 -1.96
C VAL A 8 -28.78 -6.16 -2.60
N TYR A 9 -28.57 -5.14 -1.78
CA TYR A 9 -28.46 -3.75 -2.24
C TYR A 9 -27.07 -3.24 -1.92
N TYR A 10 -26.37 -2.76 -2.95
CA TYR A 10 -25.05 -2.17 -2.81
C TYR A 10 -25.14 -0.69 -3.09
N GLY A 11 -24.48 0.12 -2.25
CA GLY A 11 -24.63 1.55 -2.28
C GLY A 11 -25.66 2.09 -1.31
N VAL A 12 -26.04 1.31 -0.31
CA VAL A 12 -27.05 1.75 0.66
C VAL A 12 -26.47 2.88 1.50
N PRO A 13 -27.23 3.97 1.78
CA PRO A 13 -26.68 5.01 2.67
C PRO A 13 -26.82 4.67 4.16
N VAL A 14 -25.88 3.88 4.65
CA VAL A 14 -25.82 3.47 6.05
C VAL A 14 -24.38 3.61 6.52
N TRP A 15 -24.21 4.05 7.77
CA TRP A 15 -22.89 4.30 8.33
C TRP A 15 -22.84 3.80 9.76
N LYS A 16 -21.61 3.55 10.23
CA LYS A 16 -21.35 3.12 11.60
C LYS A 16 -20.26 3.98 12.20
N ASP A 17 -20.33 4.17 13.52
CA ASP A 17 -19.26 4.88 14.22
C ASP A 17 -17.94 4.12 14.04
N ALA A 18 -16.90 4.86 13.66
CA ALA A 18 -15.63 4.23 13.32
C ALA A 18 -14.49 5.18 13.64
N GLU A 19 -13.30 4.61 13.82
CA GLU A 19 -12.07 5.34 14.05
C GLU A 19 -11.11 5.07 12.89
N THR A 20 -10.63 6.13 12.26
CA THR A 20 -9.71 6.01 11.13
C THR A 20 -8.66 7.12 11.24
N THR A 21 -7.86 7.26 10.17
CA THR A 21 -6.75 8.22 10.13
C THR A 21 -7.08 9.30 9.10
N LEU A 22 -7.61 10.43 9.58
CA LEU A 22 -7.88 11.56 8.71
C LEU A 22 -6.55 12.19 8.24
N PHE A 23 -6.56 12.67 6.99
CA PHE A 23 -5.39 13.30 6.40
C PHE A 23 -5.60 14.81 6.27
N CYS A 24 -4.50 15.55 6.25
CA CYS A 24 -4.55 17.00 6.30
C CYS A 24 -4.84 17.60 4.93
N ALA A 25 -5.46 18.78 4.96
CA ALA A 25 -5.67 19.60 3.78
C ALA A 25 -5.62 21.06 4.21
N SER A 26 -5.06 21.90 3.33
CA SER A 26 -4.94 23.32 3.63
C SER A 26 -4.80 24.09 2.32
N ASP A 27 -5.02 25.39 2.40
CA ASP A 27 -4.94 26.26 1.24
C ASP A 27 -3.50 26.44 0.78
N HIS A 36 8.73 28.60 5.60
CA HIS A 36 8.93 27.59 6.65
C HIS A 36 7.97 27.84 7.81
N ASN A 37 7.39 26.76 8.33
CA ASN A 37 6.43 26.85 9.42
C ASN A 37 6.40 25.53 10.16
N VAL A 38 6.17 25.60 11.48
CA VAL A 38 6.16 24.40 12.30
C VAL A 38 5.07 23.44 11.83
N TRP A 39 3.88 23.97 11.57
CA TRP A 39 2.76 23.16 11.09
C TRP A 39 2.99 22.94 9.59
N ALA A 40 3.58 21.78 9.28
CA ALA A 40 4.05 21.52 7.92
C ALA A 40 2.88 21.31 6.96
N THR A 41 2.45 22.38 6.30
CA THR A 41 1.42 22.30 5.28
C THR A 41 1.96 21.86 3.92
N HIS A 42 3.28 21.77 3.76
CA HIS A 42 3.85 21.34 2.48
C HIS A 42 3.61 19.86 2.20
N ALA A 43 3.14 19.09 3.19
CA ALA A 43 2.78 17.68 3.00
C ALA A 43 1.27 17.47 3.05
N CYS A 44 0.48 18.52 2.86
CA CYS A 44 -0.97 18.46 2.95
C CYS A 44 -1.58 18.54 1.56
N VAL A 45 -2.70 17.84 1.39
CA VAL A 45 -3.43 17.88 0.11
C VAL A 45 -3.97 19.29 -0.10
N PRO A 46 -3.93 19.85 -1.32
CA PRO A 46 -4.57 21.16 -1.52
C PRO A 46 -6.06 21.10 -1.22
N THR A 47 -6.56 22.14 -0.55
CA THR A 47 -7.98 22.23 -0.24
C THR A 47 -8.77 22.60 -1.48
N ASP A 48 -9.95 22.01 -1.63
CA ASP A 48 -10.77 22.30 -2.78
C ASP A 48 -11.21 23.77 -2.75
N PRO A 49 -11.22 24.47 -3.89
CA PRO A 49 -11.64 25.87 -3.88
C PRO A 49 -13.09 26.05 -3.43
N ASN A 50 -13.96 25.08 -3.73
CA ASN A 50 -15.38 25.13 -3.39
C ASN A 50 -15.76 23.83 -2.68
N PRO A 51 -15.44 23.72 -1.39
CA PRO A 51 -15.80 22.49 -0.67
C PRO A 51 -17.32 22.28 -0.66
N GLN A 52 -17.72 21.02 -0.78
CA GLN A 52 -19.11 20.65 -0.93
C GLN A 52 -19.63 20.09 0.39
N GLU A 53 -20.72 20.67 0.90
CA GLU A 53 -21.39 20.20 2.10
C GLU A 53 -22.73 19.62 1.71
N ILE A 54 -22.96 18.36 2.05
CA ILE A 54 -24.21 17.67 1.77
C ILE A 54 -25.06 17.73 3.02
N HIS A 55 -26.22 18.40 2.91
CA HIS A 55 -27.10 18.62 4.04
C HIS A 55 -28.09 17.45 4.11
N LEU A 56 -27.98 16.65 5.17
CA LEU A 56 -28.80 15.46 5.33
C LEU A 56 -30.11 15.84 6.01
N GLU A 57 -31.22 15.64 5.30
CA GLU A 57 -32.54 15.90 5.86
C GLU A 57 -33.07 14.64 6.53
N ASN A 58 -33.88 14.84 7.57
CA ASN A 58 -34.52 13.78 8.34
C ASN A 58 -33.51 12.87 9.05
N VAL A 59 -32.28 13.33 9.26
CA VAL A 59 -31.24 12.53 9.89
C VAL A 59 -30.94 13.14 11.26
N THR A 60 -31.00 12.29 12.29
CA THR A 60 -30.60 12.65 13.65
C THR A 60 -29.48 11.71 14.07
N GLU A 61 -28.36 12.27 14.54
CA GLU A 61 -27.17 11.48 14.83
C GLU A 61 -26.70 11.72 16.26
N GLU A 62 -26.17 10.67 16.88
CA GLU A 62 -25.68 10.76 18.25
C GLU A 62 -24.24 11.30 18.23
N PHE A 63 -24.02 12.43 18.89
CA PHE A 63 -22.71 13.06 18.97
C PHE A 63 -22.20 13.06 20.40
N ASN A 64 -20.88 13.03 20.55
CA ASN A 64 -20.23 13.06 21.86
C ASN A 64 -18.84 13.66 21.67
N MET A 65 -18.68 14.92 22.06
CA MET A 65 -17.40 15.60 21.90
C MET A 65 -16.32 15.04 22.82
N TRP A 66 -16.71 14.45 23.95
CA TRP A 66 -15.76 14.02 24.97
C TRP A 66 -15.21 12.63 24.72
N LYS A 67 -15.68 11.93 23.68
CA LYS A 67 -15.14 10.64 23.28
C LYS A 67 -14.73 10.64 21.82
N ASN A 68 -14.52 11.81 21.22
CA ASN A 68 -14.17 11.90 19.82
C ASN A 68 -12.72 11.49 19.60
N ASN A 69 -12.50 10.55 18.69
CA ASN A 69 -11.14 10.15 18.35
C ASN A 69 -10.43 11.21 17.51
N MET A 70 -11.17 12.14 16.91
CA MET A 70 -10.55 13.21 16.14
C MET A 70 -9.63 14.04 17.03
N VAL A 71 -10.03 14.27 18.28
CA VAL A 71 -9.19 15.04 19.19
C VAL A 71 -7.87 14.31 19.44
N GLU A 72 -7.92 13.00 19.67
CA GLU A 72 -6.70 12.24 19.90
C GLU A 72 -5.81 12.24 18.67
N GLN A 73 -6.41 12.06 17.48
CA GLN A 73 -5.63 12.07 16.26
C GLN A 73 -4.97 13.44 16.04
N MET A 74 -5.70 14.52 16.31
CA MET A 74 -5.12 15.86 16.17
C MET A 74 -3.99 16.07 17.17
N HIS A 75 -4.17 15.60 18.41
CA HIS A 75 -3.12 15.71 19.41
C HIS A 75 -1.85 15.00 18.93
N THR A 76 -2.00 13.77 18.46
CA THR A 76 -0.85 13.01 17.97
C THR A 76 -0.19 13.71 16.79
N ASP A 77 -1.00 14.20 15.84
CA ASP A 77 -0.43 14.87 14.67
C ASP A 77 0.30 16.14 15.04
N ILE A 78 -0.26 16.93 15.97
CA ILE A 78 0.38 18.17 16.37
C ILE A 78 1.71 17.88 17.07
N ILE A 79 1.73 16.90 17.97
CA ILE A 79 2.98 16.55 18.64
C ILE A 79 4.00 16.05 17.64
N SER A 80 3.57 15.22 16.68
CA SER A 80 4.49 14.70 15.68
C SER A 80 5.06 15.81 14.81
N LEU A 81 4.22 16.78 14.41
CA LEU A 81 4.71 17.89 13.61
C LEU A 81 5.69 18.75 14.40
N TRP A 82 5.38 19.00 15.68
CA TRP A 82 6.29 19.77 16.51
C TRP A 82 7.64 19.08 16.64
N ASP A 83 7.64 17.76 16.82
CA ASP A 83 8.89 17.01 16.89
C ASP A 83 9.63 17.06 15.55
N GLN A 84 8.90 16.91 14.45
CA GLN A 84 9.53 16.90 13.13
C GLN A 84 10.19 18.23 12.81
N SER A 85 9.52 19.35 13.14
CA SER A 85 10.06 20.66 12.81
C SER A 85 11.36 20.93 13.56
N LEU A 86 11.54 20.33 14.74
CA LEU A 86 12.71 20.58 15.56
C LEU A 86 13.86 19.62 15.28
N LYS A 87 13.64 18.56 14.50
CA LYS A 87 14.71 17.60 14.25
C LYS A 87 15.88 18.22 13.50
N PRO A 88 15.71 18.92 12.36
CA PRO A 88 16.84 19.52 11.64
C PRO A 88 17.26 20.88 12.21
N CYS A 89 17.47 20.94 13.51
CA CYS A 89 17.87 22.15 14.21
C CYS A 89 19.11 21.86 15.06
N VAL A 90 19.67 22.91 15.63
CA VAL A 90 20.88 22.81 16.44
C VAL A 90 20.51 22.29 17.83
N LYS A 91 21.34 21.39 18.35
CA LYS A 91 21.20 20.87 19.71
C LYS A 91 22.18 21.62 20.62
N LEU A 92 21.66 22.27 21.65
CA LEU A 92 22.48 23.11 22.53
C LEU A 92 23.01 22.28 23.71
N THR A 93 23.79 21.25 23.37
CA THR A 93 24.48 20.47 24.39
C THR A 93 25.65 21.26 24.98
N PRO A 94 26.43 22.01 24.19
CA PRO A 94 27.49 22.82 24.82
C PRO A 94 26.98 23.87 25.80
N LEU A 95 25.71 24.28 25.70
CA LEU A 95 25.22 25.37 26.52
C LEU A 95 25.20 25.02 28.01
N CYS A 96 25.30 23.74 28.36
CA CYS A 96 25.31 23.35 29.77
C CYS A 96 26.71 23.55 30.33
N VAL A 97 26.97 24.81 30.72
CA VAL A 97 28.23 25.22 31.31
C VAL A 97 27.94 26.13 32.49
N THR A 98 28.94 26.26 33.37
CA THR A 98 28.82 27.17 34.50
C THR A 98 28.67 28.60 34.00
N LEU A 99 27.71 29.33 34.56
CA LEU A 99 27.39 30.69 34.15
C LEU A 99 27.74 31.67 35.26
N GLN A 100 28.54 32.68 34.94
CA GLN A 100 28.83 33.77 35.86
C GLN A 100 27.81 34.87 35.59
N CYS A 101 26.81 34.98 36.46
CA CYS A 101 25.64 35.82 36.21
C CYS A 101 25.60 36.99 37.19
N THR A 102 25.28 38.16 36.66
CA THR A 102 25.05 39.37 37.42
C THR A 102 23.65 39.90 37.12
N ASN A 103 23.19 40.83 37.96
CA ASN A 103 21.87 41.41 37.79
C ASN A 103 21.88 42.48 36.71
N VAL A 104 20.89 42.44 35.84
CA VAL A 104 20.71 43.48 34.82
C VAL A 104 19.98 44.64 35.48
N THR A 105 20.73 45.71 35.77
CA THR A 105 20.19 46.86 36.50
C THR A 105 20.22 48.15 35.68
N ASN A 106 20.59 48.10 34.41
CA ASN A 106 20.68 49.29 33.57
C ASN A 106 19.30 49.59 32.99
N ASN A 107 18.67 50.65 33.49
CA ASN A 107 17.39 51.15 32.96
C ASN A 107 16.31 50.07 33.08
N ILE A 108 16.06 49.65 34.32
CA ILE A 108 15.04 48.67 34.64
C ILE A 108 14.00 49.29 35.55
N THR A 109 12.75 48.84 35.42
CA THR A 109 11.67 49.30 36.27
C THR A 109 11.61 48.49 37.55
N ASP A 110 10.79 48.96 38.50
CA ASP A 110 10.64 48.27 39.78
C ASP A 110 9.99 46.90 39.62
N ASP A 111 9.31 46.64 38.51
CA ASP A 111 8.70 45.33 38.26
C ASP A 111 9.65 44.36 37.58
N MET A 112 10.85 44.79 37.22
CA MET A 112 11.87 43.95 36.58
C MET A 112 13.07 43.76 37.50
N ARG A 113 12.83 43.68 38.81
CA ARG A 113 13.90 43.52 39.78
C ARG A 113 14.50 42.12 39.65
N GLY A 114 15.70 42.04 39.07
CA GLY A 114 16.38 40.77 38.95
C GLY A 114 15.72 39.78 38.00
N GLU A 115 14.82 40.24 37.14
CA GLU A 115 14.16 39.35 36.19
C GLU A 115 15.08 38.94 35.04
N LEU A 116 16.15 39.69 34.79
CA LEU A 116 17.10 39.41 33.72
C LEU A 116 18.49 39.22 34.32
N LYS A 117 19.19 38.20 33.84
CA LYS A 117 20.53 37.86 34.31
C LYS A 117 21.52 38.03 33.16
N ASN A 118 22.54 38.84 33.37
CA ASN A 118 23.63 38.99 32.41
C ASN A 118 24.68 37.94 32.76
N CYS A 119 24.74 36.88 31.95
CA CYS A 119 25.53 35.69 32.26
C CYS A 119 26.65 35.54 31.24
N SER A 120 27.89 35.50 31.73
CA SER A 120 29.06 35.25 30.91
C SER A 120 29.52 33.81 31.11
N PHE A 121 29.97 33.19 30.03
CA PHE A 121 30.37 31.79 30.07
C PHE A 121 31.36 31.51 28.95
N ASN A 122 32.15 30.45 29.15
CA ASN A 122 33.00 29.92 28.09
C ASN A 122 32.18 29.04 27.17
N MET A 123 32.55 29.01 25.89
CA MET A 123 31.78 28.30 24.88
C MET A 123 32.73 27.72 23.84
N THR A 124 32.31 26.61 23.23
CA THR A 124 33.09 26.00 22.17
C THR A 124 33.01 26.84 20.91
N THR A 125 34.03 26.71 20.07
CA THR A 125 34.10 27.36 18.77
C THR A 125 34.10 26.30 17.68
N GLU A 126 34.24 26.75 16.44
CA GLU A 126 34.31 25.81 15.32
C GLU A 126 35.53 24.91 15.44
N LEU A 127 36.67 25.48 15.84
CA LEU A 127 37.85 24.68 16.10
C LEU A 127 37.72 23.98 17.44
N ARG A 128 38.00 22.67 17.45
CA ARG A 128 37.80 21.86 18.64
C ARG A 128 38.72 22.26 19.79
N ASP A 129 39.86 22.90 19.50
CA ASP A 129 40.87 23.20 20.50
C ASP A 129 40.85 24.66 20.94
N LYS A 130 39.77 25.39 20.68
CA LYS A 130 39.66 26.80 21.02
C LYS A 130 38.36 27.06 21.75
N LYS A 131 38.39 28.03 22.68
CA LYS A 131 37.24 28.43 23.46
C LYS A 131 37.05 29.94 23.36
N GLN A 132 35.80 30.37 23.47
CA GLN A 132 35.45 31.78 23.38
C GLN A 132 34.65 32.19 24.61
N LYS A 133 35.01 33.32 25.21
CA LYS A 133 34.27 33.87 26.34
C LYS A 133 33.17 34.78 25.80
N VAL A 134 31.91 34.38 26.01
CA VAL A 134 30.76 35.10 25.49
C VAL A 134 29.81 35.40 26.65
N TYR A 135 28.74 36.13 26.34
CA TYR A 135 27.75 36.48 27.34
C TYR A 135 26.38 36.52 26.69
N SER A 136 25.35 36.44 27.53
CA SER A 136 23.97 36.49 27.06
C SER A 136 23.07 36.98 28.19
N LEU A 137 21.90 37.49 27.82
CA LEU A 137 20.88 37.92 28.76
C LEU A 137 19.83 36.82 28.85
N PHE A 138 19.80 36.12 29.99
CA PHE A 138 18.83 35.07 30.25
C PHE A 138 17.74 35.58 31.18
N TYR A 139 16.63 34.84 31.21
CA TYR A 139 15.52 35.16 32.10
C TYR A 139 15.66 34.39 33.41
N ARG A 140 15.12 34.98 34.48
CA ARG A 140 15.25 34.37 35.80
C ARG A 140 14.61 32.99 35.86
N LEU A 141 13.58 32.76 35.04
CA LEU A 141 12.94 31.45 34.99
C LEU A 141 13.78 30.41 34.25
N ASP A 142 14.79 30.84 33.49
CA ASP A 142 15.56 29.94 32.64
C ASP A 142 16.87 29.49 33.27
N VAL A 143 17.28 30.05 34.40
CA VAL A 143 18.55 29.70 35.05
C VAL A 143 18.29 29.44 36.53
N VAL A 144 19.17 28.63 37.12
CA VAL A 144 19.10 28.26 38.53
C VAL A 144 20.50 28.31 39.12
N GLN A 145 20.61 28.83 40.34
CA GLN A 145 21.89 28.92 41.00
C GLN A 145 22.41 27.52 41.33
N ILE A 146 23.73 27.36 41.26
CA ILE A 146 24.37 26.08 41.55
C ILE A 146 24.71 26.02 43.03
N LYS A 159 26.52 33.47 42.59
CA LYS A 159 26.85 34.06 41.31
C LYS A 159 26.96 33.01 40.20
N GLU A 160 27.10 31.74 40.59
CA GLU A 160 27.18 30.64 39.64
C GLU A 160 25.79 30.12 39.33
N TYR A 161 25.49 29.95 38.05
CA TYR A 161 24.18 29.50 37.61
C TYR A 161 24.34 28.49 36.47
N ARG A 162 23.26 27.76 36.22
CA ARG A 162 23.18 26.84 35.08
C ARG A 162 21.76 26.86 34.53
N LEU A 163 21.63 26.49 33.27
CA LEU A 163 20.31 26.47 32.64
C LEU A 163 19.41 25.44 33.34
N ILE A 164 18.11 25.74 33.37
CA ILE A 164 17.17 24.94 34.16
C ILE A 164 17.09 23.51 33.65
N ASN A 165 17.20 23.31 32.34
CA ASN A 165 16.99 22.01 31.74
C ASN A 165 18.22 21.11 31.78
N CYS A 166 19.35 21.59 32.29
CA CYS A 166 20.60 20.86 32.16
C CYS A 166 20.59 19.54 32.94
N ASN A 167 19.82 19.44 34.01
CA ASN A 167 19.76 18.22 34.82
C ASN A 167 18.61 17.32 34.42
N THR A 168 17.92 17.61 33.32
CA THR A 168 16.85 16.75 32.79
C THR A 168 17.13 16.27 31.37
N SER A 169 17.60 17.15 30.49
CA SER A 169 17.89 16.79 29.10
C SER A 169 18.49 18.01 28.41
N ALA A 170 19.17 17.75 27.29
CA ALA A 170 19.67 18.83 26.45
C ALA A 170 18.54 19.44 25.63
N CYS A 171 18.59 20.75 25.48
CA CYS A 171 17.56 21.50 24.76
C CYS A 171 17.96 21.72 23.30
N THR A 172 16.95 21.70 22.43
CA THR A 172 17.12 21.91 21.00
C THR A 172 16.66 23.33 20.67
N GLN A 173 17.59 24.16 20.21
CA GLN A 173 17.23 25.50 19.75
C GLN A 173 16.44 25.40 18.45
N ALA A 174 15.23 25.95 18.46
CA ALA A 174 14.42 25.95 17.25
C ALA A 174 15.12 26.75 16.16
N CYS A 175 15.08 26.23 14.94
CA CYS A 175 15.66 26.97 13.82
C CYS A 175 14.87 28.28 13.63
N PRO A 176 15.53 29.43 13.52
CA PRO A 176 14.79 30.70 13.52
C PRO A 176 13.88 30.87 12.32
N LYS A 177 14.21 30.27 11.18
CA LYS A 177 13.41 30.49 9.97
C LYS A 177 12.02 29.89 10.06
N VAL A 178 11.82 28.92 10.95
CA VAL A 178 10.51 28.29 11.08
C VAL A 178 9.61 29.17 11.94
N SER A 179 8.41 29.43 11.44
CA SER A 179 7.45 30.31 12.11
C SER A 179 6.49 29.48 12.96
N PHE A 180 6.12 30.04 14.11
CA PHE A 180 5.19 29.42 15.05
C PHE A 180 3.75 29.85 14.81
N GLU A 181 3.48 30.61 13.75
CA GLU A 181 2.13 31.11 13.52
C GLU A 181 1.18 29.96 13.25
N PRO A 182 0.03 29.88 13.95
CA PRO A 182 -0.96 28.87 13.59
C PRO A 182 -1.46 29.06 12.17
N ILE A 183 -1.71 27.95 11.49
CA ILE A 183 -2.26 27.94 10.13
C ILE A 183 -3.52 27.07 10.19
N PRO A 184 -4.61 27.42 9.51
CA PRO A 184 -5.79 26.54 9.55
C PRO A 184 -5.49 25.18 8.94
N ILE A 185 -6.08 24.14 9.52
CA ILE A 185 -5.87 22.76 9.08
C ILE A 185 -7.24 22.10 8.95
N HIS A 186 -7.45 21.38 7.85
CA HIS A 186 -8.67 20.62 7.60
C HIS A 186 -8.35 19.13 7.67
N TYR A 187 -9.23 18.35 8.31
CA TYR A 187 -9.02 16.92 8.52
C TYR A 187 -10.02 16.16 7.67
N CYS A 188 -9.58 15.67 6.51
CA CYS A 188 -10.46 15.02 5.55
C CYS A 188 -10.27 13.51 5.62
N ALA A 189 -11.41 12.81 5.60
CA ALA A 189 -11.42 11.37 5.80
C ALA A 189 -11.05 10.64 4.52
N PRO A 190 -10.61 9.38 4.62
CA PRO A 190 -10.28 8.61 3.41
C PRO A 190 -11.54 8.14 2.71
N ALA A 191 -11.34 7.41 1.62
CA ALA A 191 -12.47 6.82 0.89
C ALA A 191 -13.16 5.79 1.75
N GLY A 192 -14.48 5.72 1.62
CA GLY A 192 -15.28 4.83 2.45
C GLY A 192 -15.62 5.38 3.81
N PHE A 193 -15.17 6.59 4.15
CA PHE A 193 -15.46 7.24 5.41
C PHE A 193 -16.03 8.62 5.16
N ALA A 194 -16.84 9.10 6.10
CA ALA A 194 -17.48 10.40 6.00
C ALA A 194 -17.36 11.14 7.32
N ILE A 195 -17.37 12.46 7.23
CA ILE A 195 -17.34 13.35 8.39
C ILE A 195 -18.72 13.97 8.52
N LEU A 196 -19.40 13.64 9.61
CA LEU A 196 -20.72 14.18 9.91
C LEU A 196 -20.57 15.39 10.82
N LYS A 197 -21.15 16.51 10.39
CA LYS A 197 -21.08 17.78 11.09
C LYS A 197 -22.45 18.12 11.66
N CYS A 198 -22.48 18.53 12.93
CA CYS A 198 -23.72 18.92 13.59
C CYS A 198 -23.92 20.42 13.41
N LYS A 199 -24.90 20.78 12.59
CA LYS A 199 -25.21 22.18 12.33
C LYS A 199 -26.10 22.79 13.41
N ASP A 200 -26.58 22.00 14.37
CA ASP A 200 -27.53 22.48 15.36
C ASP A 200 -26.88 23.53 16.26
N LYS A 201 -27.36 24.77 16.15
CA LYS A 201 -26.95 25.80 17.09
C LYS A 201 -27.53 25.49 18.47
N LYS A 202 -26.88 26.02 19.50
CA LYS A 202 -27.17 25.76 20.90
C LYS A 202 -26.79 24.34 21.31
N PHE A 203 -26.10 23.59 20.45
CA PHE A 203 -25.72 22.22 20.78
C PHE A 203 -24.59 22.23 21.79
N ASN A 204 -24.74 21.44 22.85
CA ASN A 204 -23.78 21.40 23.95
C ASN A 204 -22.81 20.21 23.86
N GLY A 205 -22.60 19.68 22.65
CA GLY A 205 -21.54 18.73 22.41
C GLY A 205 -21.87 17.27 22.70
N THR A 206 -23.07 16.98 23.19
CA THR A 206 -23.43 15.60 23.52
C THR A 206 -24.92 15.40 23.27
N GLY A 207 -25.26 14.21 22.78
CA GLY A 207 -26.64 13.83 22.61
C GLY A 207 -27.07 13.76 21.16
N PRO A 208 -28.38 13.69 20.92
CA PRO A 208 -28.86 13.70 19.53
C PRO A 208 -28.72 15.09 18.91
N CYS A 209 -28.23 15.11 17.67
CA CYS A 209 -28.19 16.30 16.82
C CYS A 209 -29.16 16.07 15.67
N PRO A 210 -30.27 16.81 15.56
CA PRO A 210 -31.20 16.59 14.44
C PRO A 210 -30.84 17.32 13.15
N SER A 211 -29.93 18.29 13.21
CA SER A 211 -29.48 19.05 12.04
C SER A 211 -28.06 18.59 11.72
N VAL A 212 -27.94 17.71 10.73
CA VAL A 212 -26.69 17.04 10.41
C VAL A 212 -26.37 17.27 8.94
N SER A 213 -25.07 17.24 8.63
CA SER A 213 -24.60 17.36 7.25
C SER A 213 -23.37 16.48 7.10
N THR A 214 -23.01 16.23 5.83
CA THR A 214 -21.78 15.51 5.49
C THR A 214 -20.82 16.49 4.85
N VAL A 215 -19.56 16.46 5.28
CA VAL A 215 -18.53 17.35 4.78
C VAL A 215 -17.30 16.53 4.41
N GLN A 216 -16.65 16.90 3.31
CA GLN A 216 -15.37 16.29 2.99
C GLN A 216 -14.37 16.54 4.11
N CYS A 217 -14.40 17.75 4.69
CA CYS A 217 -13.66 18.05 5.91
C CYS A 217 -14.10 19.38 6.51
N THR A 218 -13.64 19.57 7.75
CA THR A 218 -14.11 20.62 8.62
C THR A 218 -13.65 21.99 8.12
N HIS A 219 -14.03 23.03 8.86
CA HIS A 219 -13.48 24.34 8.64
C HIS A 219 -12.00 24.35 9.05
N GLY A 220 -11.29 25.36 8.57
CA GLY A 220 -9.89 25.48 8.91
C GLY A 220 -9.67 25.73 10.38
N ILE A 221 -9.08 24.75 11.07
CA ILE A 221 -8.83 24.84 12.51
C ILE A 221 -7.37 25.21 12.72
N LYS A 222 -7.14 26.32 13.41
CA LYS A 222 -5.78 26.78 13.70
C LYS A 222 -5.30 26.12 14.99
N PRO A 223 -4.15 25.40 14.99
CA PRO A 223 -3.69 24.80 16.24
C PRO A 223 -3.09 25.83 17.18
N VAL A 224 -3.95 26.54 17.90
CA VAL A 224 -3.52 27.59 18.83
C VAL A 224 -3.21 26.94 20.17
N VAL A 225 -1.98 27.09 20.64
CA VAL A 225 -1.54 26.52 21.90
C VAL A 225 -1.68 27.61 22.96
N SER A 226 -2.66 27.45 23.85
CA SER A 226 -2.90 28.44 24.89
C SER A 226 -3.54 27.76 26.10
N THR A 227 -3.34 28.36 27.27
CA THR A 227 -3.87 27.88 28.53
C THR A 227 -4.72 28.95 29.18
N GLN A 228 -5.85 28.53 29.75
CA GLN A 228 -6.76 29.39 30.52
C GLN A 228 -7.56 30.35 29.65
N LEU A 229 -7.27 30.41 28.35
CA LEU A 229 -7.99 31.29 27.44
C LEU A 229 -7.84 30.73 26.04
N LEU A 230 -8.97 30.37 25.41
CA LEU A 230 -8.94 29.94 24.03
C LEU A 230 -8.82 31.14 23.11
N LEU A 231 -7.81 31.11 22.23
CA LEU A 231 -7.44 32.25 21.42
C LEU A 231 -7.59 31.93 19.94
N ASN A 232 -8.08 32.91 19.17
CA ASN A 232 -8.20 32.80 17.72
C ASN A 232 -9.01 31.57 17.32
N GLY A 233 -10.06 31.29 18.09
CA GLY A 233 -10.94 30.17 17.84
C GLY A 233 -12.28 30.59 17.26
N SER A 234 -13.17 29.61 17.13
CA SER A 234 -14.51 29.86 16.63
C SER A 234 -15.40 30.40 17.75
N LEU A 235 -16.44 31.13 17.35
CA LEU A 235 -17.38 31.76 18.27
C LEU A 235 -18.76 31.13 18.11
N ALA A 236 -19.44 30.93 19.24
CA ALA A 236 -20.82 30.48 19.19
C ALA A 236 -21.68 31.53 18.50
N GLU A 237 -22.52 31.08 17.57
CA GLU A 237 -23.30 31.99 16.74
C GLU A 237 -24.62 32.41 17.37
N GLU A 238 -24.99 31.85 18.53
CA GLU A 238 -26.22 32.20 19.22
C GLU A 238 -25.97 32.88 20.56
N GLU A 239 -25.20 32.24 21.44
CA GLU A 239 -24.95 32.78 22.77
C GLU A 239 -23.76 32.03 23.37
N VAL A 240 -23.37 32.45 24.57
CA VAL A 240 -22.27 31.78 25.27
C VAL A 240 -22.68 30.34 25.56
N MET A 241 -21.78 29.40 25.26
CA MET A 241 -22.03 27.98 25.39
C MET A 241 -21.18 27.40 26.51
N ILE A 242 -21.83 26.67 27.41
CA ILE A 242 -21.17 25.94 28.50
C ILE A 242 -21.25 24.46 28.17
N ARG A 243 -20.09 23.78 28.19
CA ARG A 243 -20.02 22.37 27.85
C ARG A 243 -19.17 21.65 28.89
N SER A 244 -19.62 20.46 29.28
CA SER A 244 -18.88 19.64 30.23
C SER A 244 -19.30 18.19 30.04
N GLU A 245 -18.32 17.28 30.17
CA GLU A 245 -18.63 15.86 30.10
C GLU A 245 -19.59 15.45 31.20
N ASN A 246 -19.36 15.96 32.42
CA ASN A 246 -20.27 15.74 33.54
C ASN A 246 -20.20 16.99 34.40
N ILE A 247 -21.16 17.90 34.20
CA ILE A 247 -21.10 19.21 34.84
C ILE A 247 -21.15 19.07 36.35
N THR A 248 -21.88 18.07 36.87
CA THR A 248 -21.96 17.87 38.31
C THR A 248 -20.63 17.43 38.90
N ASN A 249 -19.72 16.90 38.08
CA ASN A 249 -18.40 16.47 38.54
C ASN A 249 -17.44 17.64 38.43
N ASN A 250 -16.92 18.10 39.57
CA ASN A 250 -16.00 19.24 39.58
C ASN A 250 -14.67 18.90 38.94
N ALA A 251 -14.31 17.62 38.86
CA ALA A 251 -13.03 17.24 38.26
C ALA A 251 -13.02 17.41 36.74
N LYS A 252 -14.17 17.58 36.11
CA LYS A 252 -14.25 17.74 34.67
C LYS A 252 -14.10 19.21 34.30
N ASN A 253 -13.28 19.49 33.29
CA ASN A 253 -13.04 20.86 32.86
C ASN A 253 -14.25 21.38 32.08
N ILE A 254 -14.70 22.58 32.45
CA ILE A 254 -15.81 23.24 31.78
C ILE A 254 -15.26 24.05 30.62
N LEU A 255 -15.75 23.78 29.42
CA LEU A 255 -15.38 24.53 28.23
C LEU A 255 -16.43 25.59 27.97
N VAL A 256 -16.01 26.86 27.98
CA VAL A 256 -16.88 28.00 27.72
C VAL A 256 -16.52 28.55 26.35
N GLN A 257 -17.52 28.73 25.50
CA GLN A 257 -17.33 29.31 24.18
C GLN A 257 -18.10 30.62 24.10
N PHE A 258 -17.40 31.69 23.75
CA PHE A 258 -18.02 33.01 23.65
C PHE A 258 -18.75 33.16 22.32
N ASN A 259 -19.66 34.13 22.29
CA ASN A 259 -20.27 34.61 21.05
C ASN A 259 -19.72 35.96 20.60
N THR A 260 -19.14 36.73 21.51
CA THR A 260 -18.50 38.00 21.21
C THR A 260 -17.03 37.90 21.64
N PRO A 261 -16.06 37.96 20.73
CA PRO A 261 -14.66 37.82 21.16
C PRO A 261 -14.22 39.01 21.98
N VAL A 262 -13.28 38.76 22.89
CA VAL A 262 -12.70 39.80 23.73
C VAL A 262 -11.30 40.09 23.20
N GLN A 263 -11.08 41.32 22.75
CA GLN A 263 -9.79 41.69 22.20
C GLN A 263 -8.75 41.79 23.30
N ILE A 264 -7.61 41.12 23.10
CA ILE A 264 -6.50 41.15 24.05
C ILE A 264 -5.25 41.58 23.29
N ASN A 265 -4.54 42.57 23.84
CA ASN A 265 -3.35 43.14 23.21
C ASN A 265 -2.14 42.80 24.07
N CYS A 266 -1.27 41.91 23.58
CA CYS A 266 -0.12 41.43 24.33
C CYS A 266 1.16 41.91 23.68
N THR A 267 2.06 42.48 24.50
CA THR A 267 3.28 43.08 23.98
C THR A 267 4.47 42.79 24.90
N ARG A 268 5.62 42.57 24.27
CA ARG A 268 6.92 42.69 24.93
C ARG A 268 7.57 43.95 24.38
N PRO A 269 7.75 45.02 25.17
CA PRO A 269 8.28 46.27 24.63
C PRO A 269 9.79 46.42 24.69
N ASN A 270 10.52 45.40 25.12
CA ASN A 270 11.97 45.49 25.15
C ASN A 270 12.53 45.39 23.74
N ASN A 271 13.41 46.32 23.37
CA ASN A 271 14.05 46.32 22.05
C ASN A 271 15.23 45.36 22.10
N ASN A 272 14.90 44.07 22.04
CA ASN A 272 15.90 43.02 22.19
C ASN A 272 16.87 43.01 21.01
N THR A 273 18.10 42.59 21.28
CA THR A 273 19.13 42.41 20.27
C THR A 273 19.50 40.95 20.22
N ARG A 274 19.54 40.40 19.01
CA ARG A 274 19.92 39.00 18.77
C ARG A 274 21.32 38.99 18.17
N LYS A 275 22.28 38.44 18.91
CA LYS A 275 23.60 38.17 18.38
C LYS A 275 23.75 36.67 18.16
N SER A 276 24.66 36.30 17.27
CA SER A 276 24.89 34.92 16.88
C SER A 276 26.30 34.51 17.26
N ILE A 277 26.42 33.38 17.96
CA ILE A 277 27.70 32.85 18.41
C ILE A 277 27.92 31.51 17.72
N ARG A 278 29.05 31.37 17.04
CA ARG A 278 29.36 30.13 16.33
C ARG A 278 29.84 29.10 17.36
N ILE A 279 28.97 28.15 17.69
CA ILE A 279 29.29 27.15 18.72
C ILE A 279 29.90 25.89 18.13
N GLY A 280 30.05 25.80 16.82
CA GLY A 280 30.62 24.64 16.17
C GLY A 280 30.59 24.79 14.67
N PRO A 281 30.98 23.74 13.94
CA PRO A 281 30.92 23.80 12.48
C PRO A 281 29.49 23.89 11.98
N GLY A 282 29.12 25.05 11.44
CA GLY A 282 27.77 25.24 10.94
C GLY A 282 26.70 25.27 12.00
N GLN A 283 27.06 25.59 13.24
CA GLN A 283 26.12 25.61 14.36
C GLN A 283 26.18 26.97 15.02
N ALA A 284 25.03 27.64 15.11
CA ALA A 284 24.92 28.98 15.68
C ALA A 284 23.96 28.98 16.85
N PHE A 285 24.34 29.65 17.93
CA PHE A 285 23.48 29.89 19.08
C PHE A 285 23.10 31.36 19.11
N TYR A 286 21.80 31.62 19.22
CA TYR A 286 21.26 32.98 19.14
C TYR A 286 21.05 33.50 20.57
N ALA A 287 21.93 34.40 20.99
CA ALA A 287 21.91 34.97 22.33
C ALA A 287 21.32 36.37 22.31
N THR A 288 20.83 36.78 23.48
CA THR A 288 20.29 38.12 23.67
C THR A 288 21.44 39.02 24.12
N GLY A 289 21.86 39.93 23.25
CA GLY A 289 23.01 40.77 23.54
C GLY A 289 22.74 41.86 24.54
N ASP A 290 21.89 42.83 24.17
CA ASP A 290 21.61 43.96 25.03
C ASP A 290 20.28 44.58 24.58
N ILE A 291 19.53 45.08 25.57
CA ILE A 291 18.24 45.70 25.31
C ILE A 291 18.45 47.18 25.06
N ILE A 292 18.04 47.67 23.90
CA ILE A 292 18.21 49.06 23.54
C ILE A 292 17.12 49.87 24.24
N GLY A 293 17.53 50.79 25.11
CA GLY A 293 16.60 51.66 25.80
C GLY A 293 16.11 51.10 27.12
N ASP A 294 14.93 51.57 27.55
CA ASP A 294 14.39 51.17 28.85
C ASP A 294 13.97 49.71 28.82
N ILE A 295 14.10 49.06 29.98
CA ILE A 295 13.68 47.68 30.19
C ILE A 295 12.44 47.72 31.07
N ARG A 296 11.35 47.13 30.59
CA ARG A 296 10.10 47.11 31.34
C ARG A 296 9.36 45.82 31.03
N GLN A 297 8.43 45.47 31.93
CA GLN A 297 7.77 44.18 31.87
C GLN A 297 6.86 44.07 30.64
N ALA A 298 6.90 42.89 30.00
CA ALA A 298 5.91 42.56 29.00
C ALA A 298 4.56 42.35 29.69
N HIS A 299 3.48 42.60 28.96
CA HIS A 299 2.16 42.57 29.59
C HIS A 299 1.10 42.33 28.52
N CYS A 300 -0.15 42.26 28.98
CA CYS A 300 -1.31 42.17 28.11
C CYS A 300 -2.39 43.11 28.63
N ASN A 301 -3.25 43.56 27.72
CA ASN A 301 -4.36 44.46 28.03
C ASN A 301 -5.65 43.83 27.56
N VAL A 302 -6.67 43.85 28.43
CA VAL A 302 -8.01 43.38 28.10
C VAL A 302 -9.02 44.45 28.48
N SER A 303 -9.95 44.75 27.59
CA SER A 303 -10.95 45.77 27.87
C SER A 303 -11.78 45.38 29.09
N LYS A 304 -11.94 46.34 30.02
CA LYS A 304 -12.60 46.04 31.27
C LYS A 304 -14.11 45.83 31.07
N ALA A 305 -14.76 46.71 30.33
CA ALA A 305 -16.21 46.59 30.13
C ALA A 305 -16.55 45.34 29.34
N THR A 306 -15.77 45.05 28.29
CA THR A 306 -16.01 43.84 27.50
C THR A 306 -15.84 42.59 28.35
N TRP A 307 -14.79 42.55 29.18
CA TRP A 307 -14.60 41.40 30.05
C TRP A 307 -15.74 41.28 31.06
N ASN A 308 -16.20 42.42 31.59
CA ASN A 308 -17.29 42.38 32.57
C ASN A 308 -18.57 41.84 31.94
N GLU A 309 -18.92 42.31 30.75
CA GLU A 309 -20.15 41.83 30.12
C GLU A 309 -20.01 40.37 29.67
N THR A 310 -18.82 39.96 29.22
CA THR A 310 -18.61 38.56 28.91
C THR A 310 -18.76 37.68 30.14
N LEU A 311 -18.22 38.13 31.28
CA LEU A 311 -18.36 37.37 32.51
C LEU A 311 -19.82 37.33 32.96
N GLY A 312 -20.57 38.42 32.73
CA GLY A 312 -21.99 38.40 33.01
C GLY A 312 -22.73 37.37 32.16
N LYS A 313 -22.40 37.31 30.87
CA LYS A 313 -22.98 36.29 30.01
C LYS A 313 -22.66 34.89 30.52
N VAL A 314 -21.41 34.66 30.88
CA VAL A 314 -20.99 33.35 31.38
C VAL A 314 -21.73 33.02 32.68
N VAL A 315 -21.93 34.03 33.53
CA VAL A 315 -22.60 33.80 34.81
C VAL A 315 -24.06 33.42 34.59
N LYS A 316 -24.76 34.16 33.73
CA LYS A 316 -26.16 33.84 33.49
C LYS A 316 -26.32 32.52 32.75
N GLN A 317 -25.33 32.09 31.98
CA GLN A 317 -25.39 30.77 31.37
C GLN A 317 -25.10 29.67 32.40
N LEU A 318 -24.18 29.90 33.32
CA LEU A 318 -23.86 28.92 34.34
C LEU A 318 -25.00 28.78 35.35
N ARG A 319 -25.78 29.85 35.55
CA ARG A 319 -26.91 29.77 36.47
C ARG A 319 -27.92 28.71 36.03
N LYS A 320 -28.01 28.44 34.73
CA LYS A 320 -28.91 27.39 34.25
C LYS A 320 -28.49 26.03 34.78
N HIS A 321 -27.20 25.81 34.98
CA HIS A 321 -26.68 24.53 35.46
C HIS A 321 -26.56 24.47 36.98
N PHE A 322 -26.26 25.60 37.62
CA PHE A 322 -25.96 25.63 39.06
C PHE A 322 -27.00 26.41 39.86
N GLY A 323 -28.20 26.58 39.33
CA GLY A 323 -29.25 27.27 40.04
C GLY A 323 -29.33 28.74 39.71
N ASN A 324 -30.51 29.32 39.97
CA ASN A 324 -30.79 30.71 39.64
C ASN A 324 -30.39 31.69 40.73
N ASN A 325 -30.31 31.25 41.99
CA ASN A 325 -29.99 32.11 43.11
C ASN A 325 -28.58 31.89 43.66
N THR A 326 -27.78 31.03 43.02
CA THR A 326 -26.44 30.76 43.52
C THR A 326 -25.52 31.95 43.29
N ILE A 327 -24.46 32.02 44.08
CA ILE A 327 -23.43 33.04 43.95
C ILE A 327 -22.32 32.48 43.07
N ILE A 328 -21.95 33.22 42.03
CA ILE A 328 -20.96 32.78 41.06
C ILE A 328 -19.69 33.60 41.27
N ARG A 329 -18.61 32.94 41.69
CA ARG A 329 -17.37 33.62 42.03
C ARG A 329 -16.27 33.18 41.09
N PHE A 330 -15.44 34.14 40.65
CA PHE A 330 -14.28 33.90 39.82
C PHE A 330 -13.04 34.29 40.61
N ALA A 331 -12.11 33.34 40.75
CA ALA A 331 -10.91 33.54 41.55
C ALA A 331 -9.67 33.07 40.80
N ASN A 332 -8.51 33.10 41.47
CA ASN A 332 -7.25 32.74 40.85
C ASN A 332 -7.11 31.24 40.71
N SER A 333 -6.15 30.83 39.88
CA SER A 333 -5.83 29.41 39.75
C SER A 333 -5.25 28.89 41.07
N SER A 334 -5.56 27.63 41.38
CA SER A 334 -5.13 27.06 42.66
C SER A 334 -3.61 27.01 42.77
N GLY A 335 -2.97 26.32 41.84
CA GLY A 335 -1.52 26.22 41.86
C GLY A 335 -1.04 25.13 40.93
N GLY A 336 0.27 25.07 40.79
CA GLY A 336 0.91 24.09 39.92
C GLY A 336 2.04 24.68 39.10
N ASP A 337 2.26 24.15 37.91
CA ASP A 337 3.32 24.64 37.04
C ASP A 337 2.97 26.03 36.51
N LEU A 338 4.00 26.74 36.05
CA LEU A 338 3.79 28.04 35.43
C LEU A 338 2.94 27.94 34.18
N GLU A 339 2.96 26.79 33.50
CA GLU A 339 2.16 26.61 32.30
C GLU A 339 0.68 26.69 32.61
N VAL A 340 0.25 26.08 33.71
CA VAL A 340 -1.18 25.99 34.03
C VAL A 340 -1.64 27.12 34.93
N THR A 341 -0.82 27.56 35.87
CA THR A 341 -1.22 28.63 36.78
C THR A 341 -1.32 29.99 36.11
N THR A 342 -0.82 30.12 34.88
CA THR A 342 -0.83 31.38 34.16
C THR A 342 -1.30 31.14 32.72
N HIS A 343 -1.81 32.20 32.10
CA HIS A 343 -2.18 32.14 30.69
C HIS A 343 -0.91 32.04 29.88
N SER A 344 -0.58 30.84 29.42
CA SER A 344 0.65 30.58 28.68
C SER A 344 0.32 30.53 27.20
N PHE A 345 1.13 31.21 26.39
CA PHE A 345 0.91 31.21 24.95
C PHE A 345 2.18 31.69 24.25
N ASN A 346 2.11 31.81 22.93
CA ASN A 346 3.21 32.27 22.09
C ASN A 346 2.75 33.47 21.28
N CYS A 347 3.59 34.51 21.25
CA CYS A 347 3.28 35.77 20.56
C CYS A 347 4.51 36.15 19.74
N GLY A 348 4.52 35.75 18.48
CA GLY A 348 5.61 36.09 17.58
C GLY A 348 6.94 35.48 17.93
N GLY A 349 6.94 34.22 18.36
CA GLY A 349 8.16 33.50 18.67
C GLY A 349 8.57 33.53 20.13
N GLU A 350 8.03 34.47 20.91
CA GLU A 350 8.34 34.58 22.33
C GLU A 350 7.19 34.01 23.15
N PHE A 351 7.54 33.26 24.20
CA PHE A 351 6.58 32.51 24.99
C PHE A 351 6.20 33.31 26.23
N PHE A 352 4.96 33.78 26.25
CA PHE A 352 4.41 34.58 27.34
C PHE A 352 3.73 33.69 28.36
N TYR A 353 3.85 34.07 29.63
CA TYR A 353 3.10 33.47 30.72
C TYR A 353 2.51 34.63 31.53
N CYS A 354 1.21 34.85 31.42
CA CYS A 354 0.56 36.04 31.92
C CYS A 354 -0.27 35.73 33.16
N ASN A 355 -0.11 36.57 34.18
CA ASN A 355 -0.80 36.43 35.46
C ASN A 355 -2.23 36.92 35.28
N THR A 356 -3.15 35.97 35.06
CA THR A 356 -4.56 36.30 34.84
C THR A 356 -5.29 36.45 36.18
N SER A 357 -4.81 37.40 36.98
CA SER A 357 -5.40 37.67 38.29
C SER A 357 -6.45 38.78 38.24
N GLY A 358 -6.29 39.76 37.34
CA GLY A 358 -7.29 40.80 37.17
C GLY A 358 -8.52 40.38 36.41
N LEU A 359 -8.50 39.20 35.78
CA LEU A 359 -9.63 38.71 35.00
C LEU A 359 -10.60 37.92 35.87
N PHE A 360 -10.12 36.83 36.47
CA PHE A 360 -10.95 35.95 37.30
C PHE A 360 -10.84 36.38 38.76
N ASN A 361 -11.42 37.54 39.04
CA ASN A 361 -11.42 38.10 40.40
C ASN A 361 -12.71 38.92 40.55
N SER A 362 -13.76 38.26 41.04
CA SER A 362 -15.05 38.92 41.18
C SER A 362 -16.04 37.95 41.82
N THR A 363 -17.16 38.51 42.28
CA THR A 363 -18.29 37.76 42.79
C THR A 363 -19.56 38.31 42.15
N TRP A 364 -20.50 37.41 41.85
CA TRP A 364 -21.74 37.76 41.17
C TRP A 364 -22.91 37.23 41.99
N ILE A 365 -23.83 38.12 42.34
CA ILE A 365 -25.00 37.81 43.15
C ILE A 365 -26.23 37.95 42.27
N SER A 366 -27.10 36.96 42.30
CA SER A 366 -28.34 37.04 41.53
C SER A 366 -29.20 38.18 42.05
N ASN A 367 -29.76 38.96 41.13
CA ASN A 367 -30.60 40.10 41.49
C ASN A 367 -31.62 40.38 40.40
N SER A 378 -15.14 52.33 31.32
CA SER A 378 -15.18 53.45 30.39
C SER A 378 -14.22 53.21 29.22
N ASN A 379 -12.94 53.47 29.43
CA ASN A 379 -11.91 53.22 28.43
C ASN A 379 -10.66 52.55 28.99
N ASP A 380 -10.51 52.46 30.31
CA ASP A 380 -9.37 51.77 30.89
C ASP A 380 -9.47 50.27 30.65
N SER A 381 -8.35 49.58 30.85
CA SER A 381 -8.27 48.15 30.60
C SER A 381 -7.53 47.47 31.74
N ILE A 382 -7.85 46.19 31.93
CA ILE A 382 -7.13 45.35 32.88
C ILE A 382 -5.78 45.00 32.29
N THR A 383 -4.72 45.25 33.06
CA THR A 383 -3.35 44.96 32.65
C THR A 383 -2.89 43.70 33.37
N LEU A 384 -2.56 42.67 32.57
CA LEU A 384 -2.06 41.40 33.10
C LEU A 384 -0.55 41.37 32.91
N PRO A 385 0.26 41.38 33.97
CA PRO A 385 1.71 41.25 33.77
C PRO A 385 2.06 39.88 33.24
N CYS A 386 3.12 39.83 32.45
CA CYS A 386 3.55 38.60 31.78
C CYS A 386 5.06 38.42 31.91
N ARG A 387 5.47 37.17 32.04
CA ARG A 387 6.87 36.77 32.09
C ARG A 387 7.21 36.00 30.82
N ILE A 388 8.34 36.32 30.23
CA ILE A 388 8.80 35.69 29.01
C ILE A 388 9.70 34.52 29.36
N LYS A 389 9.59 33.43 28.60
CA LYS A 389 10.44 32.26 28.79
C LYS A 389 11.01 31.80 27.45
N GLN A 390 12.27 31.35 27.48
CA GLN A 390 12.92 30.79 26.31
C GLN A 390 13.01 29.27 26.35
N ILE A 391 13.21 28.68 27.53
CA ILE A 391 13.21 27.23 27.69
C ILE A 391 11.76 26.78 27.86
N ILE A 392 11.29 25.96 26.92
CA ILE A 392 9.88 25.61 26.82
C ILE A 392 9.72 24.10 26.84
N ASN A 393 8.75 23.63 27.63
CA ASN A 393 8.27 22.25 27.59
C ASN A 393 6.80 22.37 27.17
N MET A 394 6.55 22.40 25.86
CA MET A 394 5.23 22.74 25.35
C MET A 394 4.18 21.73 25.80
N TRP A 395 4.35 20.46 25.43
CA TRP A 395 3.44 19.42 25.84
C TRP A 395 3.86 18.86 27.19
N GLN A 396 2.94 18.14 27.83
CA GLN A 396 3.21 17.63 29.18
C GLN A 396 4.19 16.47 29.12
N ARG A 397 5.45 16.78 28.78
CA ARG A 397 6.51 15.80 28.65
C ARG A 397 7.72 16.26 29.45
N ILE A 398 8.44 15.30 30.03
CA ILE A 398 9.64 15.56 30.79
C ILE A 398 10.82 14.94 30.03
N GLY A 399 11.88 15.73 29.84
CA GLY A 399 13.04 15.29 29.12
C GLY A 399 13.07 15.65 27.65
N GLN A 400 12.18 16.52 27.19
CA GLN A 400 12.16 16.99 25.80
C GLN A 400 11.81 18.47 25.85
N CYS A 401 12.84 19.32 25.83
CA CYS A 401 12.71 20.76 25.98
C CYS A 401 13.19 21.46 24.72
N MET A 402 12.69 22.69 24.54
CA MET A 402 12.98 23.51 23.37
C MET A 402 13.41 24.89 23.83
N TYR A 403 14.44 25.43 23.18
CA TYR A 403 14.96 26.76 23.48
C TYR A 403 14.51 27.72 22.38
N ALA A 404 13.73 28.72 22.75
CA ALA A 404 13.23 29.70 21.78
C ALA A 404 14.30 30.77 21.54
N PRO A 405 14.76 30.96 20.30
CA PRO A 405 15.72 32.04 20.06
C PRO A 405 15.08 33.39 20.32
N PRO A 406 15.87 34.38 20.77
CA PRO A 406 15.29 35.70 21.00
C PRO A 406 14.84 36.35 19.70
N ILE A 407 13.81 37.18 19.81
CA ILE A 407 13.20 37.88 18.67
C ILE A 407 13.75 39.29 18.64
N GLN A 408 14.17 39.73 17.45
CA GLN A 408 14.79 41.05 17.27
C GLN A 408 13.71 42.13 17.34
N GLY A 409 13.77 42.94 18.39
CA GLY A 409 12.94 44.13 18.50
C GLY A 409 11.68 43.92 19.31
N VAL A 410 10.96 45.02 19.50
CA VAL A 410 9.69 44.99 20.21
C VAL A 410 8.71 44.08 19.47
N ILE A 411 7.81 43.44 20.23
CA ILE A 411 6.78 42.58 19.64
C ILE A 411 5.43 42.95 20.23
N ARG A 412 4.41 43.03 19.36
CA ARG A 412 3.03 43.26 19.74
C ARG A 412 2.14 42.30 18.96
N CYS A 413 1.06 41.87 19.58
CA CYS A 413 0.13 40.98 18.90
C CYS A 413 -1.26 41.09 19.55
N VAL A 414 -2.28 41.08 18.70
CA VAL A 414 -3.67 41.24 19.11
C VAL A 414 -4.40 39.94 18.82
N SER A 415 -5.17 39.46 19.79
CA SER A 415 -5.86 38.18 19.68
C SER A 415 -7.29 38.32 20.16
N ASN A 416 -8.10 37.33 19.78
CA ASN A 416 -9.48 37.22 20.24
C ASN A 416 -9.55 36.12 21.31
N ILE A 417 -10.00 36.48 22.50
CA ILE A 417 -10.39 35.49 23.49
C ILE A 417 -11.79 35.05 23.12
N THR A 418 -11.93 33.77 22.73
CA THR A 418 -13.21 33.21 22.30
C THR A 418 -13.74 32.16 23.25
N GLY A 419 -13.04 31.87 24.35
CA GLY A 419 -13.52 30.85 25.27
C GLY A 419 -12.61 30.74 26.48
N LEU A 420 -13.03 29.86 27.38
CA LEU A 420 -12.35 29.65 28.66
C LEU A 420 -12.35 28.17 28.99
N ILE A 421 -11.37 27.77 29.80
CA ILE A 421 -11.26 26.42 30.33
C ILE A 421 -11.32 26.56 31.85
N LEU A 422 -12.51 26.46 32.41
CA LEU A 422 -12.74 26.67 33.83
C LEU A 422 -12.78 25.35 34.58
N THR A 423 -12.58 25.44 35.90
CA THR A 423 -12.72 24.30 36.81
C THR A 423 -13.48 24.77 38.04
N ARG A 424 -14.50 24.01 38.42
CA ARG A 424 -15.32 24.37 39.58
C ARG A 424 -14.63 23.92 40.86
N ASP A 425 -14.60 24.80 41.85
CA ASP A 425 -13.92 24.53 43.12
C ASP A 425 -14.91 23.94 44.12
N GLY A 426 -14.42 22.99 44.92
CA GLY A 426 -15.28 22.37 45.92
C GLY A 426 -16.45 21.64 45.28
N GLY A 427 -17.64 21.87 45.81
CA GLY A 427 -18.85 21.23 45.33
C GLY A 427 -19.75 20.72 46.44
N SER A 428 -19.37 20.97 47.69
CA SER A 428 -20.18 20.53 48.82
C SER A 428 -21.51 21.28 48.85
N THR A 429 -22.52 20.63 49.41
CA THR A 429 -23.86 21.21 49.49
C THR A 429 -24.02 22.14 50.69
N ASN A 430 -22.99 22.31 51.52
CA ASN A 430 -23.13 23.16 52.70
C ASN A 430 -23.38 24.61 52.30
N SER A 431 -22.68 25.12 51.31
CA SER A 431 -22.76 26.51 50.88
C SER A 431 -23.53 26.61 49.57
N THR A 432 -23.96 27.84 49.26
CA THR A 432 -24.71 28.14 48.04
C THR A 432 -23.89 28.93 47.03
N THR A 433 -22.56 28.95 47.19
CA THR A 433 -21.66 29.68 46.30
C THR A 433 -20.87 28.70 45.43
N GLU A 434 -20.71 29.05 44.16
CA GLU A 434 -19.93 28.28 43.21
C GLU A 434 -18.73 29.10 42.77
N THR A 435 -17.54 28.52 42.88
CA THR A 435 -16.29 29.17 42.53
C THR A 435 -15.67 28.48 41.33
N PHE A 436 -15.33 29.26 40.30
CA PHE A 436 -14.71 28.76 39.09
C PHE A 436 -13.34 29.41 38.94
N ARG A 437 -12.32 28.59 38.66
CA ARG A 437 -10.95 29.05 38.50
C ARG A 437 -10.44 28.68 37.10
N PRO A 438 -9.51 29.45 36.54
CA PRO A 438 -8.99 29.10 35.21
C PRO A 438 -8.20 27.79 35.26
N GLY A 439 -8.24 27.07 34.15
CA GLY A 439 -7.55 25.80 34.04
C GLY A 439 -7.01 25.59 32.64
N GLY A 440 -6.33 24.46 32.45
CA GLY A 440 -5.74 24.12 31.18
C GLY A 440 -4.67 23.05 31.29
N GLY A 441 -3.54 23.26 30.61
CA GLY A 441 -2.46 22.30 30.64
C GLY A 441 -2.57 21.27 29.53
N ASP A 442 -3.63 20.47 29.55
CA ASP A 442 -3.87 19.48 28.50
C ASP A 442 -4.45 20.17 27.28
N MET A 443 -3.72 20.11 26.16
CA MET A 443 -4.14 20.76 24.93
C MET A 443 -5.24 20.01 24.21
N ARG A 444 -5.60 18.80 24.65
CA ARG A 444 -6.71 18.09 24.03
C ARG A 444 -8.01 18.85 24.18
N ASP A 445 -8.19 19.57 25.29
CA ASP A 445 -9.38 20.39 25.46
C ASP A 445 -9.43 21.51 24.43
N ASN A 446 -8.27 22.09 24.09
CA ASN A 446 -8.25 23.15 23.10
C ASN A 446 -8.72 22.65 21.74
N TRP A 447 -8.29 21.45 21.35
CA TRP A 447 -8.77 20.87 20.10
C TRP A 447 -10.23 20.49 20.20
N ARG A 448 -10.66 20.04 21.39
CA ARG A 448 -12.04 19.60 21.57
C ARG A 448 -13.03 20.73 21.37
N SER A 449 -12.64 21.96 21.72
CA SER A 449 -13.54 23.10 21.54
C SER A 449 -13.81 23.42 20.08
N GLU A 450 -12.97 22.93 19.16
CA GLU A 450 -13.14 23.15 17.73
C GLU A 450 -13.73 21.95 17.00
N LEU A 451 -13.48 20.73 17.50
CA LEU A 451 -13.98 19.51 16.88
C LEU A 451 -15.22 18.96 17.58
N TYR A 452 -15.86 19.77 18.44
CA TYR A 452 -17.02 19.27 19.19
C TYR A 452 -18.17 18.91 18.27
N LYS A 453 -18.31 19.60 17.13
CA LYS A 453 -19.43 19.43 16.22
C LYS A 453 -19.10 18.53 15.04
N TYR A 454 -18.19 17.57 15.22
CA TYR A 454 -17.75 16.71 14.14
C TYR A 454 -17.59 15.28 14.65
N LYS A 455 -17.86 14.32 13.76
CA LYS A 455 -17.57 12.92 14.05
C LYS A 455 -17.27 12.21 12.75
N VAL A 456 -16.61 11.06 12.87
CA VAL A 456 -16.19 10.24 11.74
C VAL A 456 -17.01 8.96 11.74
N VAL A 457 -17.50 8.56 10.55
CA VAL A 457 -18.24 7.33 10.39
C VAL A 457 -17.73 6.62 9.15
N LYS A 458 -17.96 5.30 9.11
CA LYS A 458 -17.61 4.46 7.99
C LYS A 458 -18.88 3.98 7.30
N ILE A 459 -18.91 4.09 5.97
CA ILE A 459 -20.11 3.75 5.22
C ILE A 459 -20.20 2.23 5.06
N GLU A 460 -21.40 1.70 5.31
CA GLU A 460 -21.68 0.27 5.12
C GLU A 460 -22.60 0.10 3.92
N PRO A 461 -22.06 0.07 2.69
CA PRO A 461 -22.94 0.10 1.52
C PRO A 461 -23.73 -1.19 1.30
N LEU A 462 -23.31 -2.32 1.85
CA LEU A 462 -23.99 -3.58 1.62
C LEU A 462 -25.20 -3.70 2.54
N GLY A 463 -26.29 -4.24 1.99
CA GLY A 463 -27.49 -4.49 2.76
C GLY A 463 -28.31 -5.61 2.15
N VAL A 464 -29.13 -6.23 3.00
CA VAL A 464 -30.01 -7.33 2.59
C VAL A 464 -31.42 -7.00 3.05
N ALA A 465 -32.39 -7.14 2.16
CA ALA A 465 -33.77 -6.80 2.44
C ALA A 465 -34.69 -7.85 1.85
N PRO A 466 -35.94 -7.95 2.35
CA PRO A 466 -36.90 -8.88 1.72
C PRO A 466 -37.60 -8.24 0.54
N THR A 467 -37.70 -8.99 -0.56
CA THR A 467 -38.47 -8.55 -1.71
C THR A 467 -39.13 -9.75 -2.36
N ARG A 468 -40.25 -9.50 -3.04
CA ARG A 468 -40.98 -10.57 -3.72
C ARG A 468 -40.21 -11.13 -4.91
N CYS A 469 -39.19 -10.42 -5.40
CA CYS A 469 -38.47 -10.87 -6.57
C CYS A 469 -37.67 -12.14 -6.28
N LYS A 470 -37.56 -13.00 -7.29
CA LYS A 470 -36.83 -14.25 -7.21
C LYS A 470 -35.88 -14.34 -8.40
N ARG A 471 -34.68 -14.84 -8.15
CA ARG A 471 -33.69 -15.00 -9.21
C ARG A 471 -34.14 -16.09 -10.19
N ALA B 1 -50.02 16.85 -9.51
CA ALA B 1 -49.00 17.93 -9.47
C ALA B 1 -48.15 17.89 -10.74
N VAL B 2 -47.18 18.80 -10.82
CA VAL B 2 -46.27 18.89 -11.96
C VAL B 2 -44.85 18.69 -11.46
N GLY B 3 -43.98 18.27 -12.39
CA GLY B 3 -42.59 18.05 -12.08
C GLY B 3 -41.74 18.15 -13.33
N ILE B 4 -40.43 18.29 -13.11
CA ILE B 4 -39.48 18.41 -14.20
C ILE B 4 -38.58 17.18 -14.33
N GLY B 5 -38.30 16.49 -13.23
CA GLY B 5 -37.47 15.31 -13.28
C GLY B 5 -36.79 15.07 -11.95
N ALA B 6 -35.87 14.12 -11.95
CA ALA B 6 -35.15 13.76 -10.74
C ALA B 6 -34.17 14.86 -10.34
N VAL B 7 -33.83 14.88 -9.05
CA VAL B 7 -32.88 15.84 -8.49
C VAL B 7 -31.76 15.07 -7.81
N PHE B 8 -30.65 15.75 -7.56
CA PHE B 8 -29.46 15.18 -6.96
C PHE B 8 -29.33 15.71 -5.53
N LEU B 9 -29.29 14.79 -4.57
CA LEU B 9 -29.28 15.15 -3.15
C LEU B 9 -27.88 15.10 -2.53
N GLY B 10 -26.90 14.51 -3.21
CA GLY B 10 -25.53 14.49 -2.75
C GLY B 10 -25.06 13.08 -2.40
N PHE B 11 -23.90 13.04 -1.75
CA PHE B 11 -23.24 11.77 -1.45
C PHE B 11 -24.12 10.89 -0.55
N LEU B 12 -24.60 11.46 0.57
CA LEU B 12 -25.45 10.75 1.52
C LEU B 12 -26.76 11.49 1.75
N GLY B 13 -27.21 12.25 0.75
CA GLY B 13 -28.41 13.05 0.92
C GLY B 13 -29.65 12.21 1.16
N ALA B 14 -29.70 11.00 0.59
CA ALA B 14 -30.84 10.11 0.72
C ALA B 14 -30.75 9.24 1.97
N ALA B 15 -29.88 9.57 2.92
CA ALA B 15 -29.76 8.78 4.14
C ALA B 15 -31.06 8.81 4.93
N GLY B 16 -31.68 9.99 5.06
CA GLY B 16 -32.92 10.11 5.79
C GLY B 16 -34.17 9.75 5.00
N SER B 17 -34.03 9.49 3.71
CA SER B 17 -35.17 9.13 2.88
C SER B 17 -35.55 7.67 3.08
N THR B 18 -36.73 7.31 2.62
CA THR B 18 -37.21 5.95 2.74
C THR B 18 -36.37 5.01 1.87
N MET B 19 -36.57 3.71 2.08
CA MET B 19 -35.79 2.72 1.35
C MET B 19 -36.07 2.79 -0.14
N GLY B 20 -37.34 2.99 -0.51
CA GLY B 20 -37.67 3.10 -1.92
C GLY B 20 -36.98 4.27 -2.60
N ALA B 21 -36.95 5.43 -1.92
CA ALA B 21 -36.26 6.59 -2.47
C ALA B 21 -34.75 6.44 -2.36
N ALA B 22 -34.27 5.88 -1.24
CA ALA B 22 -32.83 5.72 -1.07
C ALA B 22 -32.24 4.72 -2.06
N SER B 23 -33.04 3.78 -2.55
CA SER B 23 -32.57 2.80 -3.52
C SER B 23 -32.36 3.39 -4.90
N MET B 24 -32.74 4.65 -5.13
CA MET B 24 -32.53 5.33 -6.40
C MET B 24 -31.26 6.19 -6.42
N THR B 25 -30.45 6.13 -5.36
CA THR B 25 -29.17 6.83 -5.31
C THR B 25 -28.05 5.88 -4.93
N LEU B 26 -28.20 4.59 -5.25
CA LEU B 26 -27.21 3.60 -4.86
C LEU B 26 -25.86 3.88 -5.52
N THR B 27 -25.86 4.20 -6.82
CA THR B 27 -24.62 4.51 -7.50
C THR B 27 -23.93 5.73 -6.88
N VAL B 28 -24.72 6.68 -6.37
CA VAL B 28 -24.14 7.88 -5.79
C VAL B 28 -23.25 7.53 -4.61
N GLN B 29 -23.76 6.71 -3.69
CA GLN B 29 -22.94 6.25 -2.58
C GLN B 29 -21.83 5.32 -3.06
N ALA B 30 -22.10 4.51 -4.08
CA ALA B 30 -21.13 3.52 -4.51
C ALA B 30 -19.86 4.16 -5.08
N ARG B 31 -20.01 5.23 -5.85
CA ARG B 31 -18.88 5.70 -6.65
C ARG B 31 -17.81 6.44 -5.86
N ASN B 32 -18.08 6.87 -4.63
CA ASN B 32 -17.09 7.54 -3.79
C ASN B 32 -16.47 6.61 -2.75
N LEU B 33 -16.59 5.30 -2.93
CA LEU B 33 -16.01 4.35 -1.98
C LEU B 33 -14.54 4.06 -2.25
N LEU B 34 -14.00 4.50 -3.40
CA LEU B 34 -12.58 4.34 -3.71
C LEU B 34 -11.80 5.64 -3.67
N SER B 35 -12.46 6.79 -3.81
CA SER B 35 -11.77 8.07 -3.77
C SER B 35 -12.78 9.22 -3.66
N THR B 58 6.62 14.50 6.51
CA THR B 58 6.46 13.05 6.38
C THR B 58 5.52 12.49 7.45
N VAL B 59 4.77 13.37 8.10
CA VAL B 59 3.72 12.95 9.01
C VAL B 59 2.37 12.88 8.31
N TRP B 60 2.04 13.89 7.51
CA TRP B 60 0.84 13.84 6.71
C TRP B 60 0.97 12.86 5.55
N GLY B 61 2.17 12.74 4.99
CA GLY B 61 2.36 11.85 3.86
C GLY B 61 2.09 10.40 4.17
N ILE B 62 2.46 9.95 5.37
CA ILE B 62 2.28 8.57 5.79
C ILE B 62 0.94 8.37 6.51
N LYS B 63 0.09 9.40 6.54
CA LYS B 63 -1.31 9.26 6.92
C LYS B 63 -2.20 9.01 5.71
N GLN B 64 -1.63 8.82 4.53
CA GLN B 64 -2.36 8.59 3.29
C GLN B 64 -2.11 7.20 2.72
N LEU B 65 -0.85 6.75 2.73
CA LEU B 65 -0.52 5.46 2.11
C LEU B 65 -1.21 4.31 2.82
N GLN B 66 -1.24 4.35 4.16
CA GLN B 66 -1.83 3.26 4.92
C GLN B 66 -3.34 3.32 4.98
N ALA B 67 -3.95 4.50 4.77
CA ALA B 67 -5.40 4.63 4.74
C ALA B 67 -5.96 4.29 3.35
N ARG B 68 -5.24 4.65 2.29
CA ARG B 68 -5.66 4.28 0.95
C ARG B 68 -5.70 2.76 0.81
N VAL B 69 -4.70 2.07 1.36
CA VAL B 69 -4.68 0.61 1.29
C VAL B 69 -5.90 0.04 2.01
N LEU B 70 -6.22 0.58 3.19
CA LEU B 70 -7.38 0.08 3.94
C LEU B 70 -8.67 0.30 3.16
N ALA B 71 -8.81 1.46 2.52
CA ALA B 71 -10.00 1.70 1.71
C ALA B 71 -10.08 0.69 0.57
N VAL B 72 -8.94 0.40 -0.07
CA VAL B 72 -8.91 -0.58 -1.15
C VAL B 72 -9.34 -1.95 -0.63
N GLU B 73 -8.81 -2.36 0.54
CA GLU B 73 -9.17 -3.67 1.08
C GLU B 73 -10.65 -3.75 1.40
N ARG B 74 -11.22 -2.67 1.97
CA ARG B 74 -12.65 -2.69 2.27
C ARG B 74 -13.48 -2.81 1.00
N TYR B 75 -13.13 -2.03 -0.03
CA TYR B 75 -13.88 -2.09 -1.27
C TYR B 75 -13.78 -3.47 -1.91
N LEU B 76 -12.59 -4.06 -1.90
CA LEU B 76 -12.41 -5.37 -2.52
C LEU B 76 -13.10 -6.47 -1.70
N ARG B 77 -13.13 -6.32 -0.37
CA ARG B 77 -13.89 -7.26 0.44
C ARG B 77 -15.36 -7.21 0.07
N ASP B 78 -15.91 -6.01 -0.08
CA ASP B 78 -17.31 -5.89 -0.47
C ASP B 78 -17.55 -6.48 -1.85
N GLN B 79 -16.65 -6.21 -2.80
CA GLN B 79 -16.83 -6.73 -4.15
C GLN B 79 -16.73 -8.25 -4.18
N GLN B 80 -15.78 -8.83 -3.44
CA GLN B 80 -15.69 -10.29 -3.39
C GLN B 80 -16.93 -10.89 -2.75
N LEU B 81 -17.43 -10.26 -1.69
CA LEU B 81 -18.61 -10.77 -1.01
C LEU B 81 -19.82 -10.75 -1.94
N LEU B 82 -19.95 -9.69 -2.74
CA LEU B 82 -20.99 -9.67 -3.76
C LEU B 82 -20.77 -10.74 -4.82
N GLY B 83 -19.53 -10.89 -5.28
CA GLY B 83 -19.26 -11.80 -6.38
C GLY B 83 -19.49 -13.26 -6.04
N ILE B 84 -19.19 -13.65 -4.81
CA ILE B 84 -19.40 -15.05 -4.41
C ILE B 84 -20.88 -15.37 -4.18
N TRP B 85 -21.78 -14.41 -4.36
CA TRP B 85 -23.21 -14.65 -4.33
C TRP B 85 -23.85 -14.70 -5.71
N GLY B 86 -23.10 -14.39 -6.76
CA GLY B 86 -23.66 -14.23 -8.09
C GLY B 86 -24.21 -12.85 -8.39
N CYS B 87 -24.06 -11.90 -7.46
CA CYS B 87 -24.53 -10.53 -7.64
C CYS B 87 -23.42 -9.61 -8.17
N SER B 88 -22.44 -10.16 -8.87
CA SER B 88 -21.33 -9.36 -9.38
C SER B 88 -21.82 -8.36 -10.41
N GLY B 89 -21.27 -7.14 -10.34
CA GLY B 89 -21.63 -6.12 -11.30
C GLY B 89 -23.07 -5.67 -11.23
N LYS B 90 -23.72 -5.86 -10.08
CA LYS B 90 -25.12 -5.49 -9.90
C LYS B 90 -25.26 -4.73 -8.58
N LEU B 91 -26.13 -3.72 -8.59
CA LEU B 91 -26.42 -2.93 -7.40
C LEU B 91 -27.70 -3.36 -6.71
N ILE B 92 -28.67 -3.88 -7.45
CA ILE B 92 -29.84 -4.56 -6.91
C ILE B 92 -29.84 -5.97 -7.48
N CYS B 93 -29.82 -6.97 -6.61
CA CYS B 93 -29.67 -8.35 -7.01
C CYS B 93 -30.65 -9.22 -6.24
N CYS B 94 -31.48 -9.96 -6.97
CA CYS B 94 -32.37 -10.94 -6.36
C CYS B 94 -31.66 -12.28 -6.24
N THR B 95 -32.02 -13.03 -5.21
CA THR B 95 -31.37 -14.29 -4.87
C THR B 95 -32.41 -15.38 -4.72
N ASN B 96 -31.93 -16.63 -4.66
CA ASN B 96 -32.78 -17.80 -4.50
C ASN B 96 -32.92 -18.21 -3.04
N VAL B 97 -32.38 -17.44 -2.10
CA VAL B 97 -32.46 -17.75 -0.68
C VAL B 97 -33.79 -17.18 -0.16
N PRO B 98 -34.72 -18.01 0.31
CA PRO B 98 -35.97 -17.46 0.83
C PRO B 98 -35.74 -16.67 2.11
N TRP B 99 -36.59 -15.67 2.32
CA TRP B 99 -36.49 -14.80 3.49
C TRP B 99 -37.05 -15.53 4.69
N ASN B 100 -36.16 -16.08 5.52
CA ASN B 100 -36.56 -16.69 6.78
C ASN B 100 -37.21 -15.60 7.63
N SER B 101 -38.49 -15.76 7.95
CA SER B 101 -39.23 -14.72 8.66
C SER B 101 -38.70 -14.47 10.07
N SER B 102 -37.91 -15.40 10.62
CA SER B 102 -37.35 -15.18 11.95
C SER B 102 -36.41 -13.98 11.97
N TRP B 103 -35.76 -13.69 10.84
CA TRP B 103 -34.87 -12.53 10.78
C TRP B 103 -35.64 -11.24 11.00
N SER B 104 -36.82 -11.12 10.38
CA SER B 104 -37.65 -9.93 10.54
C SER B 104 -39.09 -10.31 10.21
N ASN B 105 -40.02 -9.75 10.98
CA ASN B 105 -41.45 -10.02 10.82
C ASN B 105 -42.21 -8.87 10.16
N ARG B 106 -41.57 -7.75 9.89
CA ARG B 106 -42.25 -6.61 9.30
C ARG B 106 -42.73 -6.93 7.88
N ASN B 107 -43.89 -6.42 7.53
CA ASN B 107 -44.38 -6.53 6.16
C ASN B 107 -43.74 -5.46 5.29
N LEU B 108 -43.79 -5.69 3.97
CA LEU B 108 -43.11 -4.79 3.04
C LEU B 108 -43.70 -3.39 3.07
N SER B 109 -45.01 -3.26 3.30
CA SER B 109 -45.65 -1.96 3.24
C SER B 109 -45.04 -0.98 4.23
N GLU B 110 -44.73 -1.44 5.43
CA GLU B 110 -44.10 -0.61 6.45
C GLU B 110 -42.58 -0.60 6.37
N ILE B 111 -41.99 -1.31 5.41
CA ILE B 111 -40.54 -1.38 5.25
C ILE B 111 -40.05 -0.39 4.19
N TRP B 112 -40.58 -0.49 2.98
CA TRP B 112 -40.06 0.26 1.85
C TRP B 112 -40.68 1.65 1.69
N ASP B 113 -41.61 2.04 2.57
CA ASP B 113 -42.29 3.33 2.46
C ASP B 113 -42.37 4.09 3.77
N ASN B 114 -42.02 3.50 4.92
CA ASN B 114 -42.12 4.17 6.21
C ASN B 114 -40.91 3.86 7.09
N MET B 115 -39.74 3.65 6.50
CA MET B 115 -38.55 3.37 7.27
C MET B 115 -37.33 3.55 6.37
N THR B 116 -36.23 3.99 6.97
CA THR B 116 -34.97 4.23 6.28
C THR B 116 -34.04 3.04 6.44
N TRP B 117 -32.91 3.10 5.73
CA TRP B 117 -31.96 2.00 5.74
C TRP B 117 -31.16 1.92 7.03
N LEU B 118 -30.93 3.06 7.70
CA LEU B 118 -30.20 3.04 8.97
C LEU B 118 -30.95 2.25 10.01
N GLN B 119 -32.27 2.45 10.10
CA GLN B 119 -33.08 1.68 11.05
C GLN B 119 -33.06 0.20 10.69
N TRP B 120 -33.07 -0.11 9.39
CA TRP B 120 -33.00 -1.50 8.95
C TRP B 120 -31.70 -2.16 9.40
N ASP B 121 -30.57 -1.48 9.16
CA ASP B 121 -29.29 -2.03 9.58
C ASP B 121 -29.20 -2.15 11.10
N LYS B 122 -29.86 -1.23 11.82
CA LYS B 122 -29.97 -1.39 13.27
C LYS B 122 -30.72 -2.65 13.63
N GLU B 123 -31.80 -2.94 12.91
CA GLU B 123 -32.69 -4.05 13.28
C GLU B 123 -32.07 -5.41 12.99
N ILE B 124 -31.42 -5.56 11.83
CA ILE B 124 -31.01 -6.86 11.32
C ILE B 124 -29.52 -7.13 11.57
N SER B 125 -28.92 -6.44 12.53
CA SER B 125 -27.48 -6.54 12.75
C SER B 125 -27.03 -7.91 13.25
N ASN B 126 -27.96 -8.77 13.68
CA ASN B 126 -27.59 -10.06 14.27
C ASN B 126 -27.52 -11.20 13.27
N TYR B 127 -28.21 -11.09 12.13
CA TYR B 127 -28.38 -12.20 11.20
C TYR B 127 -27.57 -12.03 9.92
N THR B 128 -26.57 -11.16 9.93
CA THR B 128 -25.87 -10.81 8.70
C THR B 128 -25.03 -11.98 8.18
N GLN B 129 -24.22 -12.59 9.05
CA GLN B 129 -23.23 -13.56 8.58
C GLN B 129 -23.90 -14.86 8.14
N ILE B 130 -24.96 -15.28 8.82
CA ILE B 130 -25.66 -16.50 8.42
C ILE B 130 -26.31 -16.30 7.05
N ILE B 131 -26.89 -15.12 6.81
CA ILE B 131 -27.45 -14.82 5.50
C ILE B 131 -26.35 -14.82 4.44
N TYR B 132 -25.19 -14.26 4.77
CA TYR B 132 -24.08 -14.25 3.82
C TYR B 132 -23.65 -15.67 3.46
N GLY B 133 -23.54 -16.54 4.47
CA GLY B 133 -23.17 -17.92 4.21
C GLY B 133 -24.22 -18.66 3.39
N LEU B 134 -25.50 -18.40 3.67
CA LEU B 134 -26.57 -18.99 2.89
C LEU B 134 -26.48 -18.56 1.42
N LEU B 135 -26.23 -17.27 1.19
CA LEU B 135 -26.07 -16.80 -0.17
C LEU B 135 -24.87 -17.46 -0.85
N GLU B 136 -23.76 -17.61 -0.11
CA GLU B 136 -22.57 -18.24 -0.66
C GLU B 136 -22.87 -19.67 -1.11
N GLU B 137 -23.48 -20.47 -0.23
CA GLU B 137 -23.74 -21.86 -0.57
C GLU B 137 -24.77 -21.97 -1.69
N SER B 138 -25.77 -21.08 -1.70
CA SER B 138 -26.73 -21.07 -2.79
C SER B 138 -26.06 -20.75 -4.13
N GLN B 139 -25.12 -19.81 -4.12
CA GLN B 139 -24.39 -19.49 -5.34
C GLN B 139 -23.56 -20.68 -5.81
N ASN B 140 -22.90 -21.37 -4.88
CA ASN B 140 -22.12 -22.54 -5.28
C ASN B 140 -23.02 -23.62 -5.88
N GLN B 141 -24.19 -23.85 -5.26
CA GLN B 141 -25.14 -24.80 -5.82
C GLN B 141 -25.60 -24.38 -7.20
N GLN B 142 -25.83 -23.08 -7.40
CA GLN B 142 -26.25 -22.59 -8.70
C GLN B 142 -25.18 -22.82 -9.75
N GLU B 143 -23.91 -22.56 -9.42
CA GLU B 143 -22.84 -22.81 -10.37
C GLU B 143 -22.75 -24.29 -10.73
N LYS B 144 -22.85 -25.18 -9.73
CA LYS B 144 -22.80 -26.60 -10.04
C LYS B 144 -23.98 -27.03 -10.91
N ASN B 145 -25.17 -26.49 -10.62
CA ASN B 145 -26.34 -26.84 -11.41
C ASN B 145 -26.21 -26.34 -12.85
N GLU B 146 -25.68 -25.13 -13.03
CA GLU B 146 -25.47 -24.62 -14.38
C GLU B 146 -24.45 -25.47 -15.14
N GLN B 147 -23.37 -25.86 -14.47
CA GLN B 147 -22.39 -26.73 -15.11
C GLN B 147 -23.01 -28.05 -15.52
N ASP B 148 -23.84 -28.63 -14.64
CA ASP B 148 -24.51 -29.88 -14.99
C ASP B 148 -25.46 -29.70 -16.17
N LEU B 149 -26.20 -28.59 -16.18
CA LEU B 149 -27.15 -28.36 -17.27
C LEU B 149 -26.45 -28.19 -18.60
N LEU B 150 -25.35 -27.42 -18.63
CA LEU B 150 -24.64 -27.21 -19.88
C LEU B 150 -23.92 -28.46 -20.37
N ALA B 151 -23.73 -29.45 -19.49
CA ALA B 151 -23.10 -30.71 -19.92
C ALA B 151 -24.01 -31.53 -20.82
N LEU B 152 -25.32 -31.29 -20.79
CA LEU B 152 -26.25 -32.04 -21.62
C LEU B 152 -26.55 -31.29 -22.91
N ALA C 1 -14.50 -38.36 -30.15
CA ALA C 1 -15.91 -38.38 -29.66
C ALA C 1 -15.98 -37.99 -28.19
N GLU C 2 -15.02 -37.18 -27.74
CA GLU C 2 -14.97 -36.74 -26.35
C GLU C 2 -15.70 -35.41 -26.16
N ASN C 3 -15.44 -34.44 -27.04
CA ASN C 3 -16.09 -33.14 -26.99
C ASN C 3 -15.90 -32.46 -25.64
N LEU C 4 -14.68 -32.54 -25.10
CA LEU C 4 -14.35 -31.93 -23.82
C LEU C 4 -13.91 -30.48 -24.02
N TRP C 5 -14.15 -29.67 -23.00
CA TRP C 5 -13.84 -28.25 -23.04
C TRP C 5 -13.21 -27.83 -21.71
N VAL C 6 -12.43 -26.75 -21.79
CA VAL C 6 -11.82 -26.18 -20.59
C VAL C 6 -12.91 -25.66 -19.66
N THR C 7 -12.71 -25.84 -18.36
CA THR C 7 -13.61 -25.31 -17.34
C THR C 7 -12.75 -24.71 -16.24
N VAL C 8 -12.99 -23.44 -15.93
CA VAL C 8 -12.20 -22.69 -14.96
C VAL C 8 -12.83 -22.83 -13.58
N TYR C 9 -12.02 -23.19 -12.61
CA TYR C 9 -12.45 -23.33 -11.21
C TYR C 9 -11.65 -22.34 -10.38
N TYR C 10 -12.36 -21.47 -9.66
CA TYR C 10 -11.77 -20.51 -8.76
C TYR C 10 -12.12 -20.89 -7.33
N GLY C 11 -11.12 -20.93 -6.46
CA GLY C 11 -11.26 -21.47 -5.13
C GLY C 11 -10.74 -22.87 -4.95
N VAL C 12 -9.89 -23.34 -5.86
CA VAL C 12 -9.37 -24.71 -5.79
C VAL C 12 -8.42 -24.83 -4.61
N PRO C 13 -8.49 -25.91 -3.80
CA PRO C 13 -7.51 -26.06 -2.70
C PRO C 13 -6.16 -26.61 -3.18
N VAL C 14 -5.34 -25.73 -3.72
CA VAL C 14 -4.00 -26.07 -4.22
C VAL C 14 -3.04 -24.99 -3.76
N TRP C 15 -1.82 -25.40 -3.38
CA TRP C 15 -0.83 -24.49 -2.86
C TRP C 15 0.53 -24.83 -3.44
N LYS C 16 1.44 -23.86 -3.36
CA LYS C 16 2.82 -24.00 -3.80
C LYS C 16 3.75 -23.45 -2.72
N ASP C 17 4.96 -24.02 -2.66
CA ASP C 17 5.96 -23.52 -1.73
C ASP C 17 6.28 -22.07 -2.07
N ALA C 18 6.29 -21.22 -1.05
CA ALA C 18 6.48 -19.79 -1.26
C ALA C 18 7.17 -19.18 -0.05
N GLU C 19 7.78 -18.02 -0.28
CA GLU C 19 8.42 -17.23 0.77
C GLU C 19 7.70 -15.90 0.87
N THR C 20 7.23 -15.57 2.08
CA THR C 20 6.50 -14.33 2.31
C THR C 20 6.89 -13.78 3.67
N THR C 21 6.28 -12.65 4.04
CA THR C 21 6.59 -11.94 5.26
C THR C 21 5.49 -12.21 6.28
N LEU C 22 5.76 -13.14 7.21
CA LEU C 22 4.82 -13.39 8.30
C LEU C 22 4.85 -12.23 9.29
N PHE C 23 3.69 -11.98 9.90
CA PHE C 23 3.55 -10.89 10.86
C PHE C 23 3.32 -11.46 12.26
N CYS C 24 3.72 -10.69 13.26
CA CYS C 24 3.73 -11.16 14.63
C CYS C 24 2.35 -11.07 15.27
N ALA C 25 2.10 -11.99 16.20
CA ALA C 25 0.90 -11.96 17.03
C ALA C 25 1.27 -12.49 18.41
N SER C 26 0.61 -11.96 19.44
CA SER C 26 0.87 -12.36 20.81
C SER C 26 -0.32 -12.00 21.67
N ASP C 27 -0.38 -12.63 22.85
CA ASP C 27 -1.47 -12.40 23.79
C ASP C 27 -1.40 -11.00 24.39
N HIS C 36 7.56 -2.62 29.49
CA HIS C 36 8.61 -2.50 28.49
C HIS C 36 9.37 -3.82 28.35
N ASN C 37 9.61 -4.22 27.11
CA ASN C 37 10.34 -5.46 26.82
C ASN C 37 11.06 -5.31 25.50
N VAL C 38 12.18 -6.01 25.37
CA VAL C 38 12.96 -5.96 24.14
C VAL C 38 12.11 -6.45 22.97
N TRP C 39 11.39 -7.55 23.17
CA TRP C 39 10.56 -8.14 22.12
C TRP C 39 9.27 -7.35 22.08
N ALA C 40 9.20 -6.40 21.14
CA ALA C 40 8.12 -5.42 21.13
C ALA C 40 6.81 -6.06 20.72
N THR C 41 6.02 -6.50 21.70
CA THR C 41 4.69 -7.03 21.44
C THR C 41 3.64 -5.94 21.29
N HIS C 42 3.97 -4.68 21.60
CA HIS C 42 3.02 -3.59 21.42
C HIS C 42 2.73 -3.29 19.96
N ALA C 43 3.53 -3.83 19.02
CA ALA C 43 3.29 -3.69 17.60
C ALA C 43 2.83 -5.00 16.97
N CYS C 44 2.30 -5.92 17.76
CA CYS C 44 1.87 -7.22 17.29
C CYS C 44 0.35 -7.33 17.35
N VAL C 45 -0.21 -8.04 16.37
CA VAL C 45 -1.67 -8.24 16.32
C VAL C 45 -2.11 -9.05 17.54
N PRO C 46 -3.23 -8.74 18.18
CA PRO C 46 -3.70 -9.61 19.27
C PRO C 46 -3.98 -11.02 18.76
N THR C 47 -3.57 -12.01 19.56
CA THR C 47 -3.80 -13.40 19.22
C THR C 47 -5.27 -13.75 19.46
N ASP C 48 -5.82 -14.58 18.58
CA ASP C 48 -7.20 -15.00 18.72
C ASP C 48 -7.38 -15.82 20.00
N PRO C 49 -8.46 -15.62 20.76
CA PRO C 49 -8.64 -16.43 21.98
C PRO C 49 -8.75 -17.91 21.71
N ASN C 50 -9.31 -18.29 20.55
CA ASN C 50 -9.53 -19.69 20.18
C ASN C 50 -8.98 -19.90 18.78
N PRO C 51 -7.66 -20.05 18.65
CA PRO C 51 -7.09 -20.27 17.31
C PRO C 51 -7.63 -21.55 16.69
N GLN C 52 -7.86 -21.49 15.38
CA GLN C 52 -8.49 -22.59 14.64
C GLN C 52 -7.43 -23.34 13.85
N GLU C 53 -7.37 -24.66 14.06
CA GLU C 53 -6.48 -25.55 13.33
C GLU C 53 -7.31 -26.44 12.43
N ILE C 54 -7.06 -26.37 11.12
CA ILE C 54 -7.76 -27.17 10.13
C ILE C 54 -6.92 -28.41 9.86
N HIS C 55 -7.45 -29.58 10.19
CA HIS C 55 -6.74 -30.84 10.05
C HIS C 55 -7.00 -31.39 8.65
N LEU C 56 -5.95 -31.44 7.84
CA LEU C 56 -6.06 -31.87 6.45
C LEU C 56 -5.92 -33.39 6.40
N GLU C 57 -6.98 -34.07 5.96
CA GLU C 57 -6.94 -35.51 5.78
C GLU C 57 -6.44 -35.84 4.39
N ASN C 58 -5.76 -36.99 4.27
CA ASN C 58 -5.22 -37.54 3.03
C ASN C 58 -4.08 -36.70 2.45
N VAL C 59 -3.63 -35.66 3.13
CA VAL C 59 -2.61 -34.75 2.61
C VAL C 59 -1.24 -35.17 3.14
N THR C 60 -0.29 -35.35 2.24
CA THR C 60 1.11 -35.61 2.58
C THR C 60 1.96 -34.50 1.96
N GLU C 61 2.79 -33.84 2.77
CA GLU C 61 3.51 -32.65 2.34
C GLU C 61 5.00 -32.82 2.59
N GLU C 62 5.81 -32.28 1.67
CA GLU C 62 7.25 -32.36 1.79
C GLU C 62 7.77 -31.23 2.68
N PHE C 63 8.40 -31.60 3.80
CA PHE C 63 8.93 -30.64 4.75
C PHE C 63 10.45 -30.70 4.77
N ASN C 64 11.06 -29.57 5.10
CA ASN C 64 12.52 -29.46 5.20
C ASN C 64 12.84 -28.34 6.17
N MET C 65 13.23 -28.70 7.40
CA MET C 65 13.52 -27.69 8.41
C MET C 65 14.77 -26.89 8.09
N TRP C 66 15.71 -27.49 7.35
CA TRP C 66 17.02 -26.89 7.12
C TRP C 66 17.04 -25.91 5.96
N LYS C 67 15.92 -25.74 5.26
CA LYS C 67 15.78 -24.71 4.22
C LYS C 67 14.54 -23.85 4.45
N ASN C 68 14.03 -23.82 5.68
CA ASN C 68 12.84 -23.03 5.97
C ASN C 68 13.19 -21.55 6.01
N ASN C 69 12.45 -20.75 5.24
CA ASN C 69 12.64 -19.30 5.28
C ASN C 69 12.10 -18.68 6.56
N MET C 70 11.24 -19.41 7.28
CA MET C 70 10.73 -18.89 8.55
C MET C 70 11.87 -18.64 9.54
N VAL C 71 12.89 -19.51 9.53
CA VAL C 71 14.03 -19.32 10.41
C VAL C 71 14.75 -18.02 10.08
N GLU C 72 14.99 -17.77 8.79
CA GLU C 72 15.67 -16.54 8.39
C GLU C 72 14.85 -15.31 8.74
N GLN C 73 13.54 -15.36 8.51
CA GLN C 73 12.68 -14.23 8.85
C GLN C 73 12.69 -13.98 10.35
N MET C 74 12.64 -15.04 11.16
CA MET C 74 12.69 -14.87 12.61
C MET C 74 14.03 -14.30 13.05
N HIS C 75 15.12 -14.75 12.44
CA HIS C 75 16.44 -14.21 12.75
C HIS C 75 16.48 -12.70 12.48
N THR C 76 16.01 -12.31 11.30
CA THR C 76 16.00 -10.89 10.94
C THR C 76 15.12 -10.10 11.91
N ASP C 77 13.94 -10.63 12.24
CA ASP C 77 13.03 -9.92 13.14
C ASP C 77 13.63 -9.76 14.53
N ILE C 78 14.25 -10.82 15.05
CA ILE C 78 14.84 -10.74 16.39
C ILE C 78 15.97 -9.72 16.41
N ILE C 79 16.83 -9.73 15.40
CA ILE C 79 17.91 -8.75 15.34
C ILE C 79 17.35 -7.34 15.23
N SER C 80 16.31 -7.16 14.41
CA SER C 80 15.72 -5.84 14.24
C SER C 80 15.09 -5.34 15.54
N LEU C 81 14.39 -6.22 16.25
CA LEU C 81 13.80 -5.82 17.53
C LEU C 81 14.87 -5.46 18.55
N TRP C 82 15.95 -6.25 18.59
CA TRP C 82 17.04 -5.93 19.51
C TRP C 82 17.65 -4.57 19.19
N ASP C 83 17.86 -4.29 17.90
CA ASP C 83 18.41 -2.99 17.51
C ASP C 83 17.45 -1.86 17.86
N GLN C 84 16.15 -2.05 17.59
CA GLN C 84 15.17 -1.01 17.87
C GLN C 84 15.09 -0.70 19.36
N SER C 85 15.14 -1.73 20.20
CA SER C 85 15.01 -1.52 21.64
C SER C 85 16.17 -0.71 22.20
N LEU C 86 17.36 -0.81 21.59
CA LEU C 86 18.55 -0.15 22.11
C LEU C 86 18.75 1.26 21.56
N LYS C 87 17.95 1.69 20.57
CA LYS C 87 18.14 3.02 20.00
C LYS C 87 17.94 4.14 21.03
N PRO C 88 16.84 4.20 21.78
CA PRO C 88 16.63 5.34 22.68
C PRO C 88 17.44 5.31 23.97
N CYS C 89 18.40 4.40 24.11
CA CYS C 89 19.15 4.27 25.34
C CYS C 89 20.40 5.16 25.30
N VAL C 90 21.12 5.18 26.42
CA VAL C 90 22.29 6.03 26.57
C VAL C 90 23.48 5.38 25.87
N LYS C 91 24.18 6.17 25.06
CA LYS C 91 25.42 5.74 24.42
C LYS C 91 26.59 6.11 25.33
N LEU C 92 27.35 5.11 25.76
CA LEU C 92 28.43 5.32 26.72
C LEU C 92 29.75 5.65 26.03
N THR C 93 29.72 6.66 25.16
CA THR C 93 30.97 7.15 24.58
C THR C 93 31.92 7.71 25.63
N PRO C 94 31.49 8.49 26.63
CA PRO C 94 32.45 8.99 27.64
C PRO C 94 33.13 7.88 28.43
N LEU C 95 32.55 6.67 28.49
CA LEU C 95 33.11 5.62 29.33
C LEU C 95 34.48 5.16 28.86
N CYS C 96 34.89 5.49 27.64
CA CYS C 96 36.20 5.10 27.14
C CYS C 96 37.24 6.06 27.69
N VAL C 97 37.78 5.71 28.86
CA VAL C 97 38.79 6.51 29.53
C VAL C 97 39.79 5.56 30.19
N THR C 98 40.92 6.12 30.61
CA THR C 98 41.89 5.35 31.36
C THR C 98 41.33 5.02 32.74
N LEU C 99 41.45 3.75 33.14
CA LEU C 99 40.89 3.25 34.38
C LEU C 99 42.01 2.87 35.33
N GLN C 100 41.98 3.43 36.54
CA GLN C 100 42.92 3.05 37.60
C GLN C 100 42.26 1.92 38.38
N CYS C 101 42.70 0.69 38.13
CA CYS C 101 42.03 -0.51 38.62
C CYS C 101 42.88 -1.24 39.64
N THR C 102 42.23 -1.65 40.73
CA THR C 102 42.84 -2.49 41.76
C THR C 102 42.01 -3.77 41.89
N ASN C 103 42.58 -4.74 42.62
CA ASN C 103 41.92 -6.03 42.79
C ASN C 103 40.89 -5.94 43.92
N VAL C 104 39.70 -6.46 43.66
CA VAL C 104 38.67 -6.58 44.68
C VAL C 104 38.99 -7.81 45.52
N THR C 105 39.45 -7.59 46.76
CA THR C 105 39.97 -8.65 47.61
C THR C 105 39.23 -8.81 48.93
N ASN C 106 38.17 -8.05 49.17
CA ASN C 106 37.44 -8.12 50.44
C ASN C 106 36.36 -9.20 50.35
N ASN C 107 36.47 -10.21 51.21
CA ASN C 107 35.47 -11.27 51.32
C ASN C 107 35.26 -11.98 49.99
N ILE C 108 36.37 -12.35 49.36
CA ILE C 108 36.34 -13.09 48.09
C ILE C 108 36.80 -14.51 48.34
N THR C 109 36.25 -15.44 47.55
CA THR C 109 36.63 -16.84 47.62
C THR C 109 37.83 -17.12 46.71
N ASP C 110 38.39 -18.32 46.85
CA ASP C 110 39.54 -18.70 46.04
C ASP C 110 39.19 -18.84 44.56
N ASP C 111 37.91 -18.97 44.23
CA ASP C 111 37.49 -19.05 42.83
C ASP C 111 37.20 -17.68 42.22
N MET C 112 37.30 -16.60 43.00
CA MET C 112 37.11 -15.23 42.52
C MET C 112 38.40 -14.42 42.57
N ARG C 113 39.54 -15.09 42.35
CA ARG C 113 40.83 -14.41 42.42
C ARG C 113 40.95 -13.43 41.24
N GLY C 114 40.87 -12.14 41.53
CA GLY C 114 41.04 -11.14 40.50
C GLY C 114 39.94 -11.10 39.46
N GLU C 115 38.79 -11.72 39.74
CA GLU C 115 37.70 -11.69 38.78
C GLU C 115 36.98 -10.35 38.73
N LEU C 116 37.11 -9.54 39.79
CA LEU C 116 36.47 -8.23 39.87
C LEU C 116 37.54 -7.16 40.03
N LYS C 117 37.40 -6.08 39.27
CA LYS C 117 38.33 -4.96 39.29
C LYS C 117 37.61 -3.74 39.82
N ASN C 118 38.15 -3.13 40.87
CA ASN C 118 37.66 -1.86 41.40
C ASN C 118 38.39 -0.74 40.65
N CYS C 119 37.69 -0.09 39.73
CA CYS C 119 38.30 0.85 38.79
C CYS C 119 37.77 2.24 39.05
N SER C 120 38.68 3.18 39.31
CA SER C 120 38.35 4.59 39.47
C SER C 120 38.74 5.34 38.20
N PHE C 121 37.92 6.32 37.83
CA PHE C 121 38.14 7.07 36.59
C PHE C 121 37.46 8.42 36.70
N ASN C 122 37.96 9.37 35.92
CA ASN C 122 37.30 10.65 35.73
C ASN C 122 36.16 10.49 34.73
N MET C 123 35.12 11.30 34.91
CA MET C 123 33.92 11.20 34.10
C MET C 123 33.31 12.58 33.90
N THR C 124 32.60 12.73 32.79
CA THR C 124 31.91 13.98 32.50
C THR C 124 30.67 14.12 33.41
N THR C 125 30.27 15.36 33.63
CA THR C 125 29.08 15.69 34.41
C THR C 125 28.08 16.37 33.48
N GLU C 126 26.96 16.79 34.07
CA GLU C 126 25.95 17.52 33.31
C GLU C 126 26.51 18.82 32.77
N LEU C 127 27.34 19.50 33.55
CA LEU C 127 28.02 20.70 33.10
C LEU C 127 29.24 20.31 32.27
N ARG C 128 29.37 20.92 31.09
CA ARG C 128 30.43 20.54 30.15
C ARG C 128 31.81 20.86 30.69
N ASP C 129 31.93 21.81 31.62
CA ASP C 129 33.23 22.27 32.11
C ASP C 129 33.61 21.68 33.46
N LYS C 130 32.96 20.59 33.88
CA LYS C 130 33.23 19.97 35.16
C LYS C 130 33.45 18.47 34.98
N LYS C 131 34.28 17.90 35.85
CA LYS C 131 34.60 16.48 35.86
C LYS C 131 34.41 15.93 37.26
N GLN C 132 34.03 14.65 37.32
CA GLN C 132 33.78 13.96 38.59
C GLN C 132 34.61 12.69 38.65
N LYS C 133 35.27 12.46 39.77
CA LYS C 133 36.03 11.24 40.00
C LYS C 133 35.10 10.20 40.59
N VAL C 134 34.85 9.11 39.86
CA VAL C 134 33.92 8.07 40.26
C VAL C 134 34.65 6.73 40.18
N TYR C 135 33.97 5.68 40.64
CA TYR C 135 34.54 4.34 40.60
C TYR C 135 33.42 3.32 40.38
N SER C 136 33.82 2.14 39.91
CA SER C 136 32.88 1.08 39.59
C SER C 136 33.60 -0.26 39.68
N LEU C 137 32.80 -1.31 39.89
CA LEU C 137 33.30 -2.68 39.92
C LEU C 137 33.02 -3.33 38.56
N PHE C 138 34.09 -3.53 37.79
CA PHE C 138 33.99 -4.18 36.49
C PHE C 138 34.45 -5.63 36.60
N TYR C 139 34.13 -6.40 35.57
CA TYR C 139 34.54 -7.81 35.50
C TYR C 139 35.84 -7.93 34.72
N ARG C 140 36.63 -8.96 35.06
CA ARG C 140 37.92 -9.16 34.42
C ARG C 140 37.78 -9.36 32.91
N LEU C 141 36.65 -9.89 32.46
CA LEU C 141 36.41 -10.06 31.03
C LEU C 141 36.07 -8.75 30.33
N ASP C 142 35.67 -7.72 31.08
CA ASP C 142 35.19 -6.48 30.50
C ASP C 142 36.25 -5.39 30.38
N VAL C 143 37.44 -5.59 30.95
CA VAL C 143 38.50 -4.60 30.92
C VAL C 143 39.80 -5.26 30.49
N VAL C 144 40.67 -4.47 29.85
CA VAL C 144 41.95 -4.93 29.35
C VAL C 144 43.01 -3.92 29.74
N GLN C 145 44.16 -4.42 30.20
CA GLN C 145 45.25 -3.53 30.62
C GLN C 145 45.81 -2.79 29.41
N ILE C 146 46.12 -1.52 29.61
CA ILE C 146 46.70 -0.69 28.55
C ILE C 146 48.19 -1.01 28.43
N LYS C 159 48.35 -1.25 36.01
CA LYS C 159 47.26 -0.67 36.78
C LYS C 159 46.31 0.15 35.90
N GLU C 160 46.71 0.45 34.67
CA GLU C 160 45.92 1.20 33.73
C GLU C 160 45.14 0.24 32.84
N TYR C 161 43.82 0.44 32.77
CA TYR C 161 42.94 -0.43 32.01
C TYR C 161 41.96 0.40 31.19
N ARG C 162 41.33 -0.26 30.21
CA ARG C 162 40.28 0.34 29.42
C ARG C 162 39.25 -0.73 29.09
N LEU C 163 38.02 -0.29 28.80
CA LEU C 163 36.97 -1.23 28.46
C LEU C 163 37.31 -1.97 27.18
N ILE C 164 36.88 -3.24 27.10
CA ILE C 164 37.31 -4.12 26.03
C ILE C 164 36.84 -3.62 24.67
N ASN C 165 35.66 -2.99 24.62
CA ASN C 165 35.05 -2.57 23.36
C ASN C 165 35.57 -1.24 22.84
N CYS C 166 36.45 -0.56 23.58
CA CYS C 166 36.81 0.81 23.23
C CYS C 166 37.55 0.91 21.90
N ASN C 167 38.29 -0.13 21.50
CA ASN C 167 39.03 -0.11 20.25
C ASN C 167 38.27 -0.74 19.09
N THR C 168 36.99 -1.05 19.28
CA THR C 168 36.13 -1.57 18.23
C THR C 168 34.92 -0.68 17.95
N SER C 169 34.25 -0.19 18.98
CA SER C 169 33.07 0.68 18.83
C SER C 169 32.62 1.11 20.22
N ALA C 170 31.86 2.20 20.24
CA ALA C 170 31.23 2.64 21.48
C ALA C 170 30.03 1.75 21.81
N CYS C 171 29.88 1.42 23.09
CA CYS C 171 28.83 0.55 23.56
C CYS C 171 27.60 1.34 23.97
N THR C 172 26.43 0.77 23.69
CA THR C 172 25.16 1.36 24.07
C THR C 172 24.64 0.66 25.32
N GLN C 173 24.48 1.42 26.40
CA GLN C 173 23.89 0.87 27.61
C GLN C 173 22.46 0.44 27.34
N ALA C 174 22.05 -0.67 27.95
CA ALA C 174 20.67 -1.11 27.83
C ALA C 174 19.76 -0.27 28.73
N CYS C 175 18.60 0.10 28.20
CA CYS C 175 17.64 0.84 28.99
C CYS C 175 17.18 -0.03 30.16
N PRO C 176 17.33 0.42 31.41
CA PRO C 176 17.02 -0.48 32.54
C PRO C 176 15.57 -0.91 32.62
N LYS C 177 14.63 -0.07 32.16
CA LYS C 177 13.22 -0.41 32.26
C LYS C 177 12.80 -1.51 31.29
N VAL C 178 13.61 -1.80 30.29
CA VAL C 178 13.27 -2.83 29.31
C VAL C 178 13.72 -4.18 29.85
N SER C 179 12.83 -5.17 29.76
CA SER C 179 13.07 -6.50 30.29
C SER C 179 13.53 -7.44 29.18
N PHE C 180 14.48 -8.30 29.50
CA PHE C 180 15.04 -9.27 28.56
C PHE C 180 14.32 -10.61 28.58
N GLU C 181 13.28 -10.76 29.40
CA GLU C 181 12.63 -12.05 29.52
C GLU C 181 11.93 -12.41 28.21
N PRO C 182 12.14 -13.61 27.66
CA PRO C 182 11.43 -13.97 26.42
C PRO C 182 9.92 -13.99 26.61
N ILE C 183 9.22 -13.57 25.55
CA ILE C 183 7.76 -13.61 25.49
C ILE C 183 7.40 -14.48 24.29
N PRO C 184 6.39 -15.35 24.36
CA PRO C 184 6.04 -16.15 23.18
C PRO C 184 5.58 -15.27 22.03
N ILE C 185 5.93 -15.68 20.81
CA ILE C 185 5.59 -14.95 19.59
C ILE C 185 5.02 -15.93 18.58
N HIS C 186 3.94 -15.55 17.91
CA HIS C 186 3.32 -16.32 16.85
C HIS C 186 3.54 -15.62 15.52
N TYR C 187 3.79 -16.41 14.48
CA TYR C 187 4.10 -15.89 13.14
C TYR C 187 2.97 -16.26 12.20
N CYS C 188 2.02 -15.34 12.00
CA CYS C 188 0.84 -15.59 11.19
C CYS C 188 1.04 -15.05 9.79
N ALA C 189 0.63 -15.83 8.80
CA ALA C 189 0.85 -15.50 7.40
C ALA C 189 -0.19 -14.48 6.92
N PRO C 190 0.10 -13.77 5.83
CA PRO C 190 -0.87 -12.81 5.29
C PRO C 190 -1.98 -13.54 4.53
N ALA C 191 -2.90 -12.75 3.98
CA ALA C 191 -3.97 -13.30 3.16
C ALA C 191 -3.39 -13.93 1.89
N GLY C 192 -4.00 -15.02 1.45
CA GLY C 192 -3.50 -15.77 0.31
C GLY C 192 -2.36 -16.71 0.63
N PHE C 193 -1.94 -16.80 1.89
CA PHE C 193 -0.88 -17.71 2.31
C PHE C 193 -1.37 -18.52 3.51
N ALA C 194 -0.80 -19.71 3.65
CA ALA C 194 -1.17 -20.63 4.71
C ALA C 194 0.08 -21.20 5.37
N ILE C 195 -0.04 -21.55 6.64
CA ILE C 195 1.03 -22.19 7.41
C ILE C 195 0.62 -23.65 7.60
N LEU C 196 1.41 -24.55 7.01
CA LEU C 196 1.18 -25.98 7.15
C LEU C 196 2.06 -26.52 8.28
N LYS C 197 1.42 -27.22 9.22
CA LYS C 197 2.07 -27.79 10.39
C LYS C 197 2.08 -29.30 10.27
N CYS C 198 3.24 -29.89 10.54
CA CYS C 198 3.41 -31.35 10.50
C CYS C 198 3.12 -31.90 11.89
N LYS C 199 1.99 -32.59 12.03
CA LYS C 199 1.60 -33.18 13.30
C LYS C 199 2.26 -34.54 13.55
N ASP C 200 3.01 -35.07 12.58
CA ASP C 200 3.56 -36.41 12.69
C ASP C 200 4.60 -36.45 13.80
N LYS C 201 4.30 -37.19 14.87
CA LYS C 201 5.30 -37.45 15.89
C LYS C 201 6.38 -38.36 15.34
N LYS C 202 7.57 -38.27 15.95
CA LYS C 202 8.78 -38.96 15.50
C LYS C 202 9.33 -38.36 14.21
N PHE C 203 8.79 -37.24 13.75
CA PHE C 203 9.27 -36.62 12.51
C PHE C 203 10.63 -35.98 12.74
N ASN C 204 11.58 -36.26 11.85
CA ASN C 204 12.95 -35.79 12.01
C ASN C 204 13.25 -34.56 11.14
N GLY C 205 12.23 -33.79 10.80
CA GLY C 205 12.42 -32.49 10.19
C GLY C 205 12.62 -32.46 8.69
N THR C 206 12.62 -33.61 8.03
CA THR C 206 12.83 -33.65 6.59
C THR C 206 12.07 -34.82 5.99
N GLY C 207 11.51 -34.61 4.80
CA GLY C 207 10.86 -35.66 4.06
C GLY C 207 9.35 -35.51 4.00
N PRO C 208 8.65 -36.56 3.58
CA PRO C 208 7.18 -36.51 3.58
C PRO C 208 6.63 -36.57 4.99
N CYS C 209 5.66 -35.69 5.26
CA CYS C 209 4.86 -35.71 6.47
C CYS C 209 3.43 -36.08 6.08
N PRO C 210 2.90 -37.25 6.49
CA PRO C 210 1.53 -37.60 6.10
C PRO C 210 0.44 -37.04 7.01
N SER C 211 0.80 -36.51 8.17
CA SER C 211 -0.15 -35.93 9.13
C SER C 211 0.07 -34.42 9.11
N VAL C 212 -0.77 -33.71 8.37
CA VAL C 212 -0.60 -32.28 8.12
C VAL C 212 -1.86 -31.55 8.55
N SER C 213 -1.66 -30.28 8.94
CA SER C 213 -2.77 -29.41 9.29
C SER C 213 -2.46 -28.00 8.83
N THR C 214 -3.48 -27.15 8.80
CA THR C 214 -3.33 -25.74 8.48
C THR C 214 -3.62 -24.91 9.73
N VAL C 215 -2.76 -23.95 10.01
CA VAL C 215 -2.89 -23.10 11.20
C VAL C 215 -2.75 -21.65 10.77
N GLN C 216 -3.52 -20.77 11.41
CA GLN C 216 -3.35 -19.34 11.20
C GLN C 216 -1.95 -18.92 11.64
N CYS C 217 -1.46 -19.48 12.74
CA CYS C 217 -0.06 -19.33 13.14
C CYS C 217 0.32 -20.39 14.15
N THR C 218 1.63 -20.46 14.38
CA THR C 218 2.25 -21.50 15.19
C THR C 218 1.92 -21.30 16.67
N HIS C 219 2.44 -22.20 17.49
CA HIS C 219 2.40 -22.02 18.93
C HIS C 219 3.31 -20.86 19.33
N GLY C 220 3.12 -20.38 20.55
CA GLY C 220 3.94 -19.30 21.06
C GLY C 220 5.39 -19.72 21.22
N ILE C 221 6.27 -19.15 20.40
CA ILE C 221 7.70 -19.47 20.43
C ILE C 221 8.40 -18.36 21.17
N LYS C 222 9.11 -18.71 22.24
CA LYS C 222 9.86 -17.75 23.03
C LYS C 222 11.25 -17.56 22.45
N PRO C 223 11.68 -16.34 22.09
CA PRO C 223 13.04 -16.20 21.53
C PRO C 223 14.12 -16.29 22.61
N VAL C 224 14.42 -17.52 23.00
CA VAL C 224 15.42 -17.78 24.04
C VAL C 224 16.79 -17.84 23.38
N VAL C 225 17.68 -16.94 23.80
CA VAL C 225 19.05 -16.89 23.29
C VAL C 225 19.91 -17.73 24.24
N SER C 226 20.41 -18.86 23.74
CA SER C 226 21.23 -19.74 24.53
C SER C 226 22.15 -20.54 23.62
N THR C 227 23.33 -20.89 24.14
CA THR C 227 24.32 -21.66 23.40
C THR C 227 24.59 -22.97 24.13
N GLN C 228 24.72 -24.05 23.37
CA GLN C 228 25.08 -25.38 23.88
C GLN C 228 23.95 -26.06 24.64
N LEU C 229 22.84 -25.36 24.88
CA LEU C 229 21.71 -25.92 25.61
C LEU C 229 20.46 -25.13 25.23
N LEU C 230 19.50 -25.79 24.60
CA LEU C 230 18.23 -25.15 24.30
C LEU C 230 17.39 -25.07 25.57
N LEU C 231 16.94 -23.86 25.88
CA LEU C 231 16.28 -23.57 27.15
C LEU C 231 14.86 -23.08 26.92
N ASN C 232 13.94 -23.53 27.78
CA ASN C 232 12.54 -23.09 27.76
C ASN C 232 11.91 -23.32 26.39
N GLY C 233 12.26 -24.43 25.76
CA GLY C 233 11.74 -24.79 24.46
C GLY C 233 10.70 -25.90 24.54
N SER C 234 10.26 -26.35 23.37
CA SER C 234 9.30 -27.44 23.28
C SER C 234 9.99 -28.78 23.45
N LEU C 235 9.23 -29.76 23.90
CA LEU C 235 9.72 -31.11 24.17
C LEU C 235 9.10 -32.10 23.20
N ALA C 236 9.90 -33.06 22.74
CA ALA C 236 9.36 -34.15 21.93
C ALA C 236 8.38 -34.97 22.75
N GLU C 237 7.22 -35.24 22.17
CA GLU C 237 6.14 -35.90 22.89
C GLU C 237 6.24 -37.42 22.84
N GLU C 238 7.21 -37.97 22.11
CA GLU C 238 7.39 -39.43 22.03
C GLU C 238 8.71 -39.87 22.64
N GLU C 239 9.83 -39.32 22.18
CA GLU C 239 11.15 -39.73 22.68
C GLU C 239 12.16 -38.68 22.22
N VAL C 240 13.41 -38.87 22.63
CA VAL C 240 14.48 -37.95 22.23
C VAL C 240 14.63 -38.01 20.71
N MET C 241 14.70 -36.83 20.09
CA MET C 241 14.77 -36.70 18.64
C MET C 241 16.13 -36.17 18.23
N ILE C 242 16.77 -36.86 17.29
CA ILE C 242 18.04 -36.43 16.70
C ILE C 242 17.73 -35.95 15.29
N ARG C 243 18.17 -34.73 14.96
CA ARG C 243 17.92 -34.13 13.66
C ARG C 243 19.21 -33.53 13.13
N SER C 244 19.46 -33.73 11.83
CA SER C 244 20.64 -33.17 11.18
C SER C 244 20.34 -33.04 9.69
N GLU C 245 20.85 -31.96 9.09
CA GLU C 245 20.71 -31.78 7.65
C GLU C 245 21.41 -32.91 6.91
N ASN C 246 22.59 -33.30 7.37
CA ASN C 246 23.31 -34.44 6.82
C ASN C 246 24.09 -35.06 7.98
N ILE C 247 23.53 -36.14 8.56
CA ILE C 247 24.10 -36.72 9.77
C ILE C 247 25.50 -37.26 9.49
N THR C 248 25.73 -37.80 8.30
CA THR C 248 27.06 -38.31 7.96
C THR C 248 28.11 -37.21 7.86
N ASN C 249 27.69 -35.97 7.66
CA ASN C 249 28.61 -34.84 7.57
C ASN C 249 28.84 -34.28 8.98
N ASN C 250 30.08 -34.38 9.46
CA ASN C 250 30.40 -33.90 10.80
C ASN C 250 30.33 -32.39 10.92
N ALA C 251 30.38 -31.66 9.80
CA ALA C 251 30.31 -30.21 9.82
C ALA C 251 28.91 -29.68 10.11
N LYS C 252 27.89 -30.53 10.05
CA LYS C 252 26.51 -30.11 10.29
C LYS C 252 26.17 -30.27 11.77
N ASN C 253 25.53 -29.25 12.34
CA ASN C 253 25.18 -29.30 13.75
C ASN C 253 24.01 -30.25 13.97
N ILE C 254 24.15 -31.10 14.98
CA ILE C 254 23.10 -32.06 15.35
C ILE C 254 22.20 -31.39 16.39
N LEU C 255 20.91 -31.31 16.08
CA LEU C 255 19.92 -30.78 17.01
C LEU C 255 19.27 -31.93 17.75
N VAL C 256 19.39 -31.94 19.06
CA VAL C 256 18.80 -32.95 19.93
C VAL C 256 17.65 -32.30 20.67
N GLN C 257 16.47 -32.93 20.62
CA GLN C 257 15.29 -32.47 21.33
C GLN C 257 14.91 -33.51 22.38
N PHE C 258 14.81 -33.06 23.63
CA PHE C 258 14.44 -33.95 24.73
C PHE C 258 12.94 -34.17 24.78
N ASN C 259 12.55 -35.21 25.52
CA ASN C 259 11.16 -35.42 25.91
C ASN C 259 10.92 -35.17 27.39
N THR C 260 11.94 -35.29 28.23
CA THR C 260 11.88 -34.98 29.65
C THR C 260 12.81 -33.81 29.91
N PRO C 261 12.32 -32.62 30.29
CA PRO C 261 13.24 -31.50 30.50
C PRO C 261 14.14 -31.73 31.69
N VAL C 262 15.34 -31.15 31.63
CA VAL C 262 16.31 -31.25 32.73
C VAL C 262 16.31 -29.91 33.45
N GLN C 263 15.94 -29.91 34.72
CA GLN C 263 15.88 -28.66 35.48
C GLN C 263 17.28 -28.15 35.77
N ILE C 264 17.51 -26.88 35.47
CA ILE C 264 18.80 -26.23 35.73
C ILE C 264 18.53 -24.98 36.55
N ASN C 265 19.27 -24.83 37.65
CA ASN C 265 19.11 -23.71 38.58
C ASN C 265 20.38 -22.85 38.53
N CYS C 266 20.27 -21.65 37.97
CA CYS C 266 21.41 -20.77 37.76
C CYS C 266 21.28 -19.53 38.63
N THR C 267 22.34 -19.22 39.39
CA THR C 267 22.29 -18.13 40.36
C THR C 267 23.58 -17.31 40.33
N ARG C 268 23.42 -16.01 40.47
CA ARG C 268 24.50 -15.11 40.89
C ARG C 268 24.19 -14.69 42.33
N PRO C 269 24.96 -15.14 43.33
CA PRO C 269 24.63 -14.83 44.73
C PRO C 269 25.24 -13.56 45.29
N ASN C 270 25.93 -12.76 44.48
CA ASN C 270 26.48 -11.51 44.98
C ASN C 270 25.37 -10.48 45.14
N ASN C 271 25.32 -9.83 46.30
CA ASN C 271 24.32 -8.80 46.57
C ASN C 271 24.83 -7.49 45.98
N ASN C 272 24.72 -7.39 44.66
CA ASN C 272 25.23 -6.25 43.93
C ASN C 272 24.47 -4.98 44.30
N THR C 273 25.19 -3.86 44.32
CA THR C 273 24.61 -2.54 44.55
C THR C 273 24.78 -1.73 43.27
N ARG C 274 23.68 -1.15 42.81
CA ARG C 274 23.67 -0.30 41.62
C ARG C 274 23.63 1.15 42.06
N LYS C 275 24.62 1.92 41.62
CA LYS C 275 24.60 3.38 41.77
C LYS C 275 24.51 4.02 40.39
N SER C 276 24.00 5.25 40.37
CA SER C 276 23.77 5.99 39.14
C SER C 276 24.65 7.23 39.13
N ILE C 277 25.37 7.42 38.02
CA ILE C 277 26.28 8.56 37.85
C ILE C 277 25.76 9.37 36.67
N ARG C 278 25.54 10.66 36.90
CA ARG C 278 25.06 11.55 35.85
C ARG C 278 26.22 11.89 34.93
N ILE C 279 26.23 11.29 33.73
CA ILE C 279 27.32 11.49 32.78
C ILE C 279 27.03 12.61 31.78
N GLY C 280 25.86 13.24 31.86
CA GLY C 280 25.49 14.31 30.97
C GLY C 280 24.08 14.78 31.22
N PRO C 281 23.58 15.69 30.39
CA PRO C 281 22.19 16.14 30.58
C PRO C 281 21.20 15.03 30.30
N GLY C 282 20.53 14.56 31.36
CA GLY C 282 19.57 13.48 31.21
C GLY C 282 20.17 12.15 30.84
N GLN C 283 21.45 11.92 31.14
CA GLN C 283 22.14 10.69 30.80
C GLN C 283 22.75 10.10 32.07
N ALA C 284 22.40 8.86 32.37
CA ALA C 284 22.86 8.17 33.57
C ALA C 284 23.60 6.90 33.19
N PHE C 285 24.73 6.67 33.85
CA PHE C 285 25.49 5.43 33.75
C PHE C 285 25.33 4.66 35.05
N TYR C 286 24.94 3.39 34.93
CA TYR C 286 24.63 2.56 36.09
C TYR C 286 25.85 1.70 36.41
N ALA C 287 26.55 2.05 37.48
CA ALA C 287 27.76 1.38 37.92
C ALA C 287 27.47 0.44 39.09
N THR C 288 28.36 -0.53 39.26
CA THR C 288 28.31 -1.46 40.37
C THR C 288 29.12 -0.86 41.52
N GLY C 289 28.42 -0.41 42.56
CA GLY C 289 29.08 0.26 43.67
C GLY C 289 29.88 -0.66 44.55
N ASP C 290 29.22 -1.57 45.26
CA ASP C 290 29.89 -2.48 46.17
C ASP C 290 29.01 -3.71 46.38
N ILE C 291 29.65 -4.85 46.63
CA ILE C 291 28.92 -6.09 46.86
C ILE C 291 28.71 -6.23 48.36
N ILE C 292 27.46 -6.30 48.78
CA ILE C 292 27.11 -6.38 50.19
C ILE C 292 27.32 -7.83 50.64
N GLY C 293 28.31 -8.04 51.50
CA GLY C 293 28.57 -9.35 52.07
C GLY C 293 29.63 -10.14 51.33
N ASP C 294 29.53 -11.46 51.36
CA ASP C 294 30.54 -12.32 50.75
C ASP C 294 30.44 -12.26 49.23
N ILE C 295 31.60 -12.39 48.58
CA ILE C 295 31.71 -12.43 47.14
C ILE C 295 32.08 -13.87 46.75
N ARG C 296 31.25 -14.49 45.91
CA ARG C 296 31.50 -15.85 45.47
C ARG C 296 30.97 -16.02 44.06
N GLN C 297 31.47 -17.06 43.39
CA GLN C 297 31.21 -17.24 41.97
C GLN C 297 29.75 -17.57 41.71
N ALA C 298 29.20 -16.97 40.66
CA ALA C 298 27.92 -17.41 40.13
C ALA C 298 28.07 -18.79 39.49
N HIS C 299 27.00 -19.57 39.52
CA HIS C 299 27.10 -20.96 39.08
C HIS C 299 25.72 -21.45 38.64
N CYS C 300 25.70 -22.70 38.17
CA CYS C 300 24.47 -23.40 37.83
C CYS C 300 24.52 -24.81 38.40
N ASN C 301 23.35 -25.37 38.67
CA ASN C 301 23.20 -26.73 39.18
C ASN C 301 22.31 -27.51 38.24
N VAL C 302 22.74 -28.73 37.90
CA VAL C 302 21.95 -29.65 37.08
C VAL C 302 21.90 -30.99 37.80
N SER C 303 20.70 -31.57 37.88
CA SER C 303 20.55 -32.87 38.54
C SER C 303 21.40 -33.92 37.84
N LYS C 304 22.20 -34.64 38.63
CA LYS C 304 23.16 -35.57 38.05
C LYS C 304 22.48 -36.81 37.48
N ALA C 305 21.54 -37.40 38.22
CA ALA C 305 20.85 -38.58 37.73
C ALA C 305 20.00 -38.26 36.51
N THR C 306 19.31 -37.12 36.52
CA THR C 306 18.50 -36.72 35.36
C THR C 306 19.39 -36.51 34.14
N TRP C 307 20.54 -35.84 34.33
CA TRP C 307 21.45 -35.65 33.20
C TRP C 307 21.98 -36.99 32.70
N ASN C 308 22.28 -37.92 33.61
CA ASN C 308 22.80 -39.21 33.20
C ASN C 308 21.78 -39.98 32.38
N GLU C 309 20.52 -39.99 32.82
CA GLU C 309 19.50 -40.73 32.06
C GLU C 309 19.18 -40.03 30.75
N THR C 310 19.19 -38.69 30.72
CA THR C 310 19.00 -37.98 29.46
C THR C 310 20.12 -38.30 28.49
N LEU C 311 21.37 -38.33 28.96
CA LEU C 311 22.48 -38.70 28.09
C LEU C 311 22.37 -40.15 27.63
N GLY C 312 21.86 -41.04 28.48
CA GLY C 312 21.61 -42.40 28.04
C GLY C 312 20.59 -42.48 26.92
N LYS C 313 19.51 -41.71 27.05
CA LYS C 313 18.52 -41.65 25.97
C LYS C 313 19.14 -41.10 24.69
N VAL C 314 19.94 -40.05 24.81
CA VAL C 314 20.58 -39.46 23.63
C VAL C 314 21.52 -40.48 22.98
N VAL C 315 22.25 -41.24 23.80
CA VAL C 315 23.18 -42.23 23.28
C VAL C 315 22.42 -43.33 22.54
N LYS C 316 21.32 -43.82 23.14
CA LYS C 316 20.57 -44.89 22.52
C LYS C 316 19.90 -44.43 21.24
N GLN C 317 19.56 -43.15 21.14
CA GLN C 317 19.01 -42.63 19.89
C GLN C 317 20.11 -42.42 18.84
N LEU C 318 21.30 -41.98 19.27
CA LEU C 318 22.40 -41.78 18.33
C LEU C 318 22.92 -43.10 17.79
N ARG C 319 22.79 -44.19 18.57
CA ARG C 319 23.24 -45.49 18.10
C ARG C 319 22.49 -45.92 16.84
N LYS C 320 21.24 -45.46 16.68
CA LYS C 320 20.51 -45.78 15.46
C LYS C 320 21.19 -45.20 14.23
N HIS C 321 21.85 -44.05 14.37
CA HIS C 321 22.51 -43.39 13.24
C HIS C 321 23.97 -43.80 13.09
N PHE C 322 24.65 -44.12 14.20
CA PHE C 322 26.09 -44.36 14.19
C PHE C 322 26.45 -45.80 14.58
N GLY C 323 25.51 -46.73 14.46
CA GLY C 323 25.77 -48.12 14.76
C GLY C 323 25.39 -48.51 16.18
N ASN C 324 25.21 -49.81 16.37
CA ASN C 324 24.75 -50.34 17.66
C ASN C 324 25.88 -50.66 18.62
N ASN C 325 27.09 -50.91 18.11
CA ASN C 325 28.23 -51.27 18.95
C ASN C 325 29.26 -50.14 19.08
N THR C 326 28.97 -48.95 18.53
CA THR C 326 29.93 -47.86 18.61
C THR C 326 30.03 -47.31 20.03
N ILE C 327 31.16 -46.70 20.32
CA ILE C 327 31.41 -46.03 21.60
C ILE C 327 31.00 -44.57 21.43
N ILE C 328 30.16 -44.07 22.33
CA ILE C 328 29.64 -42.71 22.25
C ILE C 328 30.27 -41.90 23.38
N ARG C 329 31.08 -40.90 23.02
CA ARG C 329 31.83 -40.10 23.98
C ARG C 329 31.35 -38.66 23.95
N PHE C 330 31.20 -38.07 25.14
CA PHE C 330 30.84 -36.67 25.30
C PHE C 330 32.02 -35.95 25.95
N ALA C 331 32.51 -34.89 25.30
CA ALA C 331 33.68 -34.17 25.74
C ALA C 331 33.44 -32.67 25.70
N ASN C 332 34.48 -31.88 25.95
CA ASN C 332 34.37 -30.43 26.04
C ASN C 332 34.36 -29.81 24.64
N SER C 333 33.95 -28.53 24.60
CA SER C 333 34.00 -27.78 23.36
C SER C 333 35.45 -27.61 22.92
N SER C 334 35.66 -27.65 21.60
CA SER C 334 37.02 -27.60 21.06
C SER C 334 37.69 -26.28 21.41
N GLY C 335 37.04 -25.17 21.13
CA GLY C 335 37.59 -23.86 21.43
C GLY C 335 36.97 -22.79 20.57
N GLY C 336 37.33 -21.55 20.89
CA GLY C 336 36.79 -20.39 20.19
C GLY C 336 36.44 -19.26 21.13
N ASP C 337 35.40 -18.50 20.79
CA ASP C 337 34.97 -17.40 21.63
C ASP C 337 34.31 -17.91 22.90
N LEU C 338 34.24 -17.03 23.91
CA LEU C 338 33.56 -17.38 25.15
C LEU C 338 32.09 -17.65 24.91
N GLU C 339 31.51 -17.06 23.87
CA GLU C 339 30.09 -17.27 23.60
C GLU C 339 29.81 -18.71 23.21
N VAL C 340 30.69 -19.32 22.40
CA VAL C 340 30.45 -20.67 21.89
C VAL C 340 31.08 -21.72 22.78
N THR C 341 32.25 -21.46 23.34
CA THR C 341 32.93 -22.45 24.18
C THR C 341 32.23 -22.69 25.51
N THR C 342 31.26 -21.86 25.88
CA THR C 342 30.55 -21.97 27.14
C THR C 342 29.05 -21.79 26.90
N HIS C 343 28.26 -22.34 27.81
CA HIS C 343 26.81 -22.15 27.77
C HIS C 343 26.53 -20.70 28.11
N SER C 344 26.25 -19.90 27.08
CA SER C 344 26.03 -18.47 27.24
C SER C 344 24.53 -18.19 27.21
N PHE C 345 24.05 -17.40 28.17
CA PHE C 345 22.63 -17.09 28.24
C PHE C 345 22.44 -15.86 29.11
N ASN C 346 21.17 -15.47 29.30
CA ASN C 346 20.79 -14.33 30.12
C ASN C 346 19.85 -14.80 31.21
N CYS C 347 20.09 -14.32 32.44
CA CYS C 347 19.30 -14.71 33.62
C CYS C 347 18.95 -13.43 34.38
N GLY C 348 17.76 -12.89 34.09
CA GLY C 348 17.30 -11.72 34.79
C GLY C 348 18.15 -10.49 34.58
N GLY C 349 18.63 -10.27 33.36
CA GLY C 349 19.38 -9.09 32.99
C GLY C 349 20.88 -9.25 33.02
N GLU C 350 21.40 -10.26 33.70
CA GLU C 350 22.83 -10.53 33.76
C GLU C 350 23.19 -11.68 32.84
N PHE C 351 24.31 -11.55 32.15
CA PHE C 351 24.70 -12.47 31.09
C PHE C 351 25.71 -13.48 31.63
N PHE C 352 25.26 -14.73 31.72
CA PHE C 352 26.06 -15.83 32.24
C PHE C 352 26.78 -16.54 31.10
N TYR C 353 28.00 -16.99 31.39
CA TYR C 353 28.76 -17.88 30.52
C TYR C 353 29.26 -19.02 31.40
N CYS C 354 28.66 -20.20 31.24
CA CYS C 354 28.87 -21.31 32.17
C CYS C 354 29.72 -22.38 31.53
N ASN C 355 30.73 -22.83 32.28
CA ASN C 355 31.67 -23.87 31.83
C ASN C 355 30.97 -25.22 31.93
N THR C 356 30.43 -25.70 30.80
CA THR C 356 29.70 -26.97 30.75
C THR C 356 30.68 -28.13 30.59
N SER C 357 31.56 -28.27 31.57
CA SER C 357 32.55 -29.34 31.57
C SER C 357 32.09 -30.57 32.34
N GLY C 358 31.28 -30.39 33.38
CA GLY C 358 30.73 -31.52 34.10
C GLY C 358 29.58 -32.22 33.42
N LEU C 359 29.04 -31.63 32.34
CA LEU C 359 27.93 -32.22 31.62
C LEU C 359 28.42 -33.15 30.51
N PHE C 360 29.18 -32.61 29.55
CA PHE C 360 29.67 -33.39 28.42
C PHE C 360 31.07 -33.93 28.74
N ASN C 361 31.09 -34.89 29.67
CA ASN C 361 32.34 -35.53 30.08
C ASN C 361 32.00 -36.97 30.49
N SER C 362 32.08 -37.88 29.52
CA SER C 362 31.73 -39.27 29.79
C SER C 362 31.97 -40.10 28.53
N THR C 363 31.98 -41.42 28.72
CA THR C 363 32.05 -42.39 27.65
C THR C 363 30.96 -43.43 27.86
N TRP C 364 30.38 -43.92 26.77
CA TRP C 364 29.29 -44.88 26.80
C TRP C 364 29.64 -46.05 25.90
N ILE C 365 29.61 -47.26 26.47
CA ILE C 365 29.91 -48.50 25.77
C ILE C 365 28.62 -49.29 25.63
N SER C 366 28.39 -49.83 24.44
CA SER C 366 27.23 -50.68 24.22
C SER C 366 27.36 -51.97 25.03
N ASN C 367 26.29 -52.35 25.71
CA ASN C 367 26.29 -53.56 26.52
C ASN C 367 24.88 -54.16 26.61
N SER C 378 22.09 -39.81 43.40
CA SER C 378 21.19 -39.82 44.55
C SER C 378 20.47 -38.47 44.68
N ASN C 379 21.15 -37.48 45.26
CA ASN C 379 20.61 -36.13 45.38
C ASN C 379 21.62 -35.06 45.03
N ASP C 380 22.91 -35.38 44.92
CA ASP C 380 23.90 -34.39 44.51
C ASP C 380 23.62 -33.93 43.08
N SER C 381 24.24 -32.81 42.71
CA SER C 381 24.05 -32.21 41.40
C SER C 381 25.39 -31.76 40.85
N ILE C 382 25.48 -31.74 39.52
CA ILE C 382 26.66 -31.22 38.84
C ILE C 382 26.62 -29.70 38.91
N THR C 383 27.71 -29.11 39.37
CA THR C 383 27.85 -27.67 39.51
C THR C 383 28.71 -27.14 38.38
N LEU C 384 28.14 -26.24 37.57
CA LEU C 384 28.84 -25.62 36.47
C LEU C 384 29.23 -24.20 36.87
N PRO C 385 30.51 -23.87 37.03
CA PRO C 385 30.86 -22.47 37.32
C PRO C 385 30.53 -21.56 36.15
N CYS C 386 30.18 -20.32 36.47
CA CYS C 386 29.76 -19.34 35.48
C CYS C 386 30.44 -18.01 35.71
N ARG C 387 30.75 -17.33 34.61
CA ARG C 387 31.32 -15.99 34.62
C ARG C 387 30.29 -15.01 34.08
N ILE C 388 30.13 -13.88 34.77
CA ILE C 388 29.17 -12.86 34.39
C ILE C 388 29.87 -11.84 33.50
N LYS C 389 29.15 -11.35 32.48
CA LYS C 389 29.67 -10.32 31.59
C LYS C 389 28.65 -9.21 31.44
N GLN C 390 29.14 -7.97 31.33
CA GLN C 390 28.31 -6.81 31.08
C GLN C 390 28.41 -6.30 29.65
N ILE C 391 29.59 -6.37 29.05
CA ILE C 391 29.78 -6.00 27.64
C ILE C 391 29.44 -7.24 26.81
N ILE C 392 28.41 -7.12 25.98
CA ILE C 392 27.81 -8.26 25.28
C ILE C 392 27.81 -7.99 23.79
N ASN C 393 28.14 -9.04 23.02
CA ASN C 393 27.94 -9.07 21.57
C ASN C 393 26.98 -10.22 21.32
N MET C 394 25.68 -9.91 21.34
CA MET C 394 24.65 -10.95 21.25
C MET C 394 24.79 -11.76 19.97
N TRP C 395 24.63 -11.11 18.82
CA TRP C 395 24.74 -11.78 17.54
C TRP C 395 26.18 -11.68 17.03
N GLN C 396 26.49 -12.48 16.02
CA GLN C 396 27.84 -12.52 15.48
C GLN C 396 28.11 -11.28 14.65
N ARG C 397 28.17 -10.12 15.31
CA ARG C 397 28.40 -8.83 14.67
C ARG C 397 29.56 -8.14 15.38
N ILE C 398 30.54 -7.70 14.60
CA ILE C 398 31.70 -6.98 15.14
C ILE C 398 31.43 -5.49 14.99
N GLY C 399 31.62 -4.75 16.09
CA GLY C 399 31.42 -3.32 16.08
C GLY C 399 30.06 -2.84 16.55
N GLN C 400 29.25 -3.72 17.14
CA GLN C 400 27.95 -3.34 17.70
C GLN C 400 27.80 -4.08 19.03
N CYS C 401 28.18 -3.42 20.12
CA CYS C 401 28.21 -4.01 21.45
C CYS C 401 27.19 -3.33 22.36
N MET C 402 26.84 -4.04 23.44
CA MET C 402 25.85 -3.58 24.39
C MET C 402 26.39 -3.75 25.80
N TYR C 403 26.13 -2.77 26.66
CA TYR C 403 26.55 -2.80 28.05
C TYR C 403 25.34 -3.07 28.93
N ALA C 404 25.38 -4.18 29.67
CA ALA C 404 24.27 -4.55 30.54
C ALA C 404 24.41 -3.84 31.89
N PRO C 405 23.43 -3.05 32.32
CA PRO C 405 23.53 -2.45 33.65
C PRO C 405 23.51 -3.51 34.72
N PRO C 406 24.17 -3.29 35.86
CA PRO C 406 24.12 -4.28 36.94
C PRO C 406 22.72 -4.39 37.52
N ILE C 407 22.40 -5.59 38.01
CA ILE C 407 21.09 -5.90 38.58
C ILE C 407 21.21 -5.81 40.09
N GLN C 408 20.24 -5.14 40.72
CA GLN C 408 20.27 -4.91 42.16
C GLN C 408 19.93 -6.19 42.90
N GLY C 409 20.90 -6.78 43.58
CA GLY C 409 20.68 -7.89 44.48
C GLY C 409 20.98 -9.24 43.85
N VAL C 410 20.86 -10.27 44.70
CA VAL C 410 21.06 -11.64 44.25
C VAL C 410 20.03 -11.99 43.18
N ILE C 411 20.41 -12.86 42.25
CA ILE C 411 19.52 -13.31 41.18
C ILE C 411 19.58 -14.82 41.07
N ARG C 412 18.42 -15.44 40.86
CA ARG C 412 18.31 -16.87 40.61
C ARG C 412 17.25 -17.08 39.54
N CYS C 413 17.46 -18.10 38.71
CA CYS C 413 16.50 -18.47 37.68
C CYS C 413 16.54 -19.98 37.46
N VAL C 414 15.35 -20.56 37.30
CA VAL C 414 15.20 -22.00 37.07
C VAL C 414 14.67 -22.18 35.65
N SER C 415 15.32 -23.05 34.88
CA SER C 415 15.00 -23.24 33.48
C SER C 415 14.95 -24.73 33.16
N ASN C 416 14.34 -25.03 32.01
CA ASN C 416 14.29 -26.38 31.47
C ASN C 416 15.30 -26.49 30.34
N ILE C 417 16.21 -27.44 30.43
CA ILE C 417 17.01 -27.85 29.28
C ILE C 417 16.17 -28.84 28.48
N THR C 418 15.80 -28.46 27.26
CA THR C 418 14.95 -29.25 26.40
C THR C 418 15.68 -29.76 25.15
N GLY C 419 16.95 -29.46 24.99
CA GLY C 419 17.66 -29.91 23.80
C GLY C 419 19.12 -29.50 23.86
N LEU C 420 19.84 -29.94 22.83
CA LEU C 420 21.28 -29.75 22.71
C LEU C 420 21.63 -29.42 21.27
N ILE C 421 22.75 -28.73 21.10
CA ILE C 421 23.32 -28.43 19.79
C ILE C 421 24.71 -29.06 19.79
N LEU C 422 24.80 -30.29 19.30
CA LEU C 422 26.04 -31.06 19.32
C LEU C 422 26.76 -30.97 17.99
N THR C 423 28.05 -31.30 18.01
CA THR C 423 28.87 -31.40 16.82
C THR C 423 29.73 -32.65 16.94
N ARG C 424 29.73 -33.48 15.89
CA ARG C 424 30.51 -34.72 15.92
C ARG C 424 31.95 -34.44 15.55
N ASP C 425 32.87 -34.99 16.35
CA ASP C 425 34.30 -34.77 16.15
C ASP C 425 34.88 -35.83 15.23
N GLY C 426 35.83 -35.42 14.39
CA GLY C 426 36.46 -36.35 13.47
C GLY C 426 35.46 -36.94 12.51
N GLY C 427 35.52 -38.26 12.36
CA GLY C 427 34.65 -38.98 11.43
C GLY C 427 35.37 -40.02 10.61
N SER C 428 36.66 -40.21 10.85
CA SER C 428 37.43 -41.21 10.11
C SER C 428 36.95 -42.62 10.46
N THR C 429 37.11 -43.52 9.51
CA THR C 429 36.68 -44.91 9.68
C THR C 429 37.70 -45.77 10.42
N ASN C 430 38.85 -45.20 10.81
CA ASN C 430 39.88 -45.98 11.49
C ASN C 430 39.38 -46.51 12.82
N SER C 431 38.69 -45.67 13.59
CA SER C 431 38.22 -46.01 14.93
C SER C 431 36.71 -46.23 14.93
N THR C 432 36.24 -46.90 15.97
CA THR C 432 34.83 -47.20 16.16
C THR C 432 34.18 -46.32 17.23
N THR C 433 34.82 -45.21 17.59
CA THR C 433 34.35 -44.32 18.63
C THR C 433 33.85 -43.02 18.01
N GLU C 434 32.72 -42.52 18.52
CA GLU C 434 32.13 -41.27 18.09
C GLU C 434 32.14 -40.28 19.24
N THR C 435 32.63 -39.06 18.98
CA THR C 435 32.75 -38.02 19.98
C THR C 435 31.85 -36.86 19.59
N PHE C 436 31.02 -36.41 20.52
CA PHE C 436 30.12 -35.28 20.33
C PHE C 436 30.46 -34.20 21.35
N ARG C 437 30.63 -32.96 20.87
CA ARG C 437 30.97 -31.83 21.70
C ARG C 437 29.87 -30.77 21.61
N PRO C 438 29.66 -29.97 22.66
CA PRO C 438 28.64 -28.93 22.58
C PRO C 438 29.00 -27.86 21.55
N GLY C 439 27.96 -27.28 20.95
CA GLY C 439 28.13 -26.26 19.93
C GLY C 439 27.04 -25.22 20.00
N GLY C 440 27.14 -24.23 19.12
CA GLY C 440 26.18 -23.15 19.07
C GLY C 440 26.70 -21.93 18.33
N GLY C 441 26.48 -20.75 18.91
CA GLY C 441 26.92 -19.52 18.28
C GLY C 441 25.87 -18.92 17.37
N ASP C 442 25.52 -19.65 16.30
CA ASP C 442 24.49 -19.20 15.38
C ASP C 442 23.12 -19.48 15.98
N MET C 443 22.35 -18.42 16.22
CA MET C 443 21.04 -18.56 16.83
C MET C 443 19.97 -19.05 15.85
N ARG C 444 20.29 -19.16 14.57
CA ARG C 444 19.33 -19.71 13.62
C ARG C 444 18.98 -21.15 13.97
N ASP C 445 19.93 -21.91 14.52
CA ASP C 445 19.63 -23.27 14.95
C ASP C 445 18.63 -23.28 16.10
N ASN C 446 18.71 -22.30 17.00
CA ASN C 446 17.77 -22.23 18.11
C ASN C 446 16.35 -22.04 17.60
N TRP C 447 16.17 -21.17 16.61
CA TRP C 447 14.84 -20.98 16.02
C TRP C 447 14.43 -22.22 15.24
N ARG C 448 15.39 -22.88 14.59
CA ARG C 448 15.08 -24.04 13.77
C ARG C 448 14.50 -25.19 14.60
N SER C 449 14.92 -25.32 15.86
CA SER C 449 14.41 -26.37 16.72
C SER C 449 12.93 -26.17 17.06
N GLU C 450 12.40 -24.96 16.90
CA GLU C 450 11.00 -24.66 17.17
C GLU C 450 10.14 -24.57 15.92
N LEU C 451 10.72 -24.17 14.79
CA LEU C 451 10.01 -24.04 13.53
C LEU C 451 10.22 -25.23 12.60
N TYR C 452 10.77 -26.34 13.11
CA TYR C 452 11.05 -27.50 12.26
C TYR C 452 9.78 -28.09 11.67
N LYS C 453 8.65 -28.00 12.38
CA LYS C 453 7.41 -28.63 11.97
C LYS C 453 6.45 -27.65 11.30
N TYR C 454 6.97 -26.62 10.64
CA TYR C 454 6.16 -25.59 10.02
C TYR C 454 6.72 -25.23 8.64
N LYS C 455 5.81 -24.89 7.74
CA LYS C 455 6.22 -24.33 6.45
C LYS C 455 5.14 -23.38 5.96
N VAL C 456 5.52 -22.52 5.02
CA VAL C 456 4.64 -21.50 4.46
C VAL C 456 4.38 -21.85 3.00
N VAL C 457 3.11 -21.75 2.59
CA VAL C 457 2.72 -21.99 1.21
C VAL C 457 1.77 -20.89 0.77
N LYS C 458 1.68 -20.71 -0.55
CA LYS C 458 0.78 -19.74 -1.16
C LYS C 458 -0.30 -20.49 -1.94
N ILE C 459 -1.54 -20.08 -1.74
CA ILE C 459 -2.67 -20.77 -2.35
C ILE C 459 -2.81 -20.36 -3.81
N GLU C 460 -3.00 -21.35 -4.69
CA GLU C 460 -3.22 -21.14 -6.12
C GLU C 460 -4.68 -21.49 -6.41
N PRO C 461 -5.62 -20.56 -6.22
CA PRO C 461 -7.04 -20.94 -6.32
C PRO C 461 -7.51 -21.22 -7.74
N LEU C 462 -6.80 -20.76 -8.76
CA LEU C 462 -7.24 -20.93 -10.14
C LEU C 462 -6.83 -22.29 -10.68
N GLY C 463 -7.74 -22.92 -11.43
CA GLY C 463 -7.44 -24.18 -12.08
C GLY C 463 -8.30 -24.35 -13.32
N VAL C 464 -7.86 -25.25 -14.19
CA VAL C 464 -8.58 -25.58 -15.42
C VAL C 464 -8.70 -27.09 -15.51
N ALA C 465 -9.92 -27.57 -15.79
CA ALA C 465 -10.20 -29.00 -15.83
C ALA C 465 -11.03 -29.31 -17.07
N PRO C 466 -11.03 -30.57 -17.52
CA PRO C 466 -11.87 -30.93 -18.68
C PRO C 466 -13.29 -31.25 -18.24
N THR C 467 -14.27 -30.71 -18.97
CA THR C 467 -15.67 -31.04 -18.72
C THR C 467 -16.44 -31.04 -20.03
N ARG C 468 -17.50 -31.85 -20.08
CA ARG C 468 -18.38 -31.87 -21.24
C ARG C 468 -19.18 -30.59 -21.40
N CYS C 469 -19.25 -29.75 -20.36
CA CYS C 469 -20.01 -28.51 -20.43
C CYS C 469 -19.41 -27.57 -21.46
N LYS C 470 -20.28 -26.83 -22.14
CA LYS C 470 -19.88 -25.85 -23.15
C LYS C 470 -20.63 -24.55 -22.90
N ARG C 471 -19.96 -23.44 -23.13
CA ARG C 471 -20.56 -22.12 -22.95
C ARG C 471 -21.59 -21.85 -24.04
N ALA D 1 -27.98 -45.99 2.83
CA ALA D 1 -27.50 -45.33 4.08
C ALA D 1 -28.40 -44.14 4.43
N VAL D 2 -28.01 -43.42 5.48
CA VAL D 2 -28.75 -42.25 5.96
C VAL D 2 -27.80 -41.08 6.08
N GLY D 3 -28.28 -39.89 5.71
CA GLY D 3 -27.50 -38.67 5.80
C GLY D 3 -28.29 -37.58 6.50
N ILE D 4 -27.56 -36.54 6.92
CA ILE D 4 -28.13 -35.42 7.65
C ILE D 4 -27.71 -34.10 7.01
N GLY D 5 -27.16 -34.16 5.81
CA GLY D 5 -26.75 -32.97 5.07
C GLY D 5 -25.23 -32.84 5.01
N ALA D 6 -24.81 -31.71 4.45
CA ALA D 6 -23.39 -31.45 4.23
C ALA D 6 -22.70 -31.07 5.54
N VAL D 7 -21.37 -31.08 5.51
CA VAL D 7 -20.53 -30.71 6.64
C VAL D 7 -19.46 -29.74 6.16
N PHE D 8 -18.83 -29.07 7.12
CA PHE D 8 -17.81 -28.06 6.85
C PHE D 8 -16.46 -28.60 7.29
N LEU D 9 -15.50 -28.63 6.36
CA LEU D 9 -14.20 -29.24 6.59
C LEU D 9 -13.10 -28.23 6.90
N GLY D 10 -13.35 -26.94 6.70
CA GLY D 10 -12.39 -25.90 7.03
C GLY D 10 -11.85 -25.20 5.79
N PHE D 11 -10.82 -24.39 6.02
CA PHE D 11 -10.28 -23.53 4.96
C PHE D 11 -9.74 -24.37 3.80
N LEU D 12 -8.89 -25.35 4.10
CA LEU D 12 -8.30 -26.24 3.09
C LEU D 12 -8.58 -27.69 3.41
N GLY D 13 -9.70 -27.97 4.09
CA GLY D 13 -10.02 -29.33 4.47
C GLY D 13 -10.22 -30.25 3.29
N ALA D 14 -10.74 -29.73 2.18
CA ALA D 14 -10.99 -30.52 0.99
C ALA D 14 -9.76 -30.67 0.10
N ALA D 15 -8.57 -30.32 0.60
CA ALA D 15 -7.37 -30.45 -0.22
C ALA D 15 -7.11 -31.90 -0.58
N GLY D 16 -7.29 -32.82 0.37
CA GLY D 16 -7.10 -34.23 0.12
C GLY D 16 -8.26 -34.95 -0.51
N SER D 17 -9.39 -34.28 -0.71
CA SER D 17 -10.56 -34.88 -1.32
C SER D 17 -10.42 -34.85 -2.84
N THR D 18 -11.30 -35.61 -3.50
CA THR D 18 -11.30 -35.66 -4.96
C THR D 18 -11.77 -34.32 -5.53
N MET D 19 -11.61 -34.18 -6.84
CA MET D 19 -11.99 -32.93 -7.50
C MET D 19 -13.49 -32.71 -7.42
N GLY D 20 -14.28 -33.77 -7.56
CA GLY D 20 -15.72 -33.62 -7.45
C GLY D 20 -16.15 -33.11 -6.08
N ALA D 21 -15.56 -33.65 -5.03
CA ALA D 21 -15.86 -33.18 -3.68
C ALA D 21 -15.22 -31.83 -3.40
N ALA D 22 -14.00 -31.60 -3.90
CA ALA D 22 -13.33 -30.33 -3.65
C ALA D 22 -14.03 -29.17 -4.34
N SER D 23 -14.72 -29.43 -5.44
CA SER D 23 -15.44 -28.38 -6.15
C SER D 23 -16.69 -27.91 -5.39
N MET D 24 -17.08 -28.62 -4.33
CA MET D 24 -18.20 -28.21 -3.49
C MET D 24 -17.80 -27.28 -2.35
N THR D 25 -16.52 -26.91 -2.27
CA THR D 25 -16.02 -26.02 -1.22
C THR D 25 -15.16 -24.91 -1.81
N LEU D 26 -15.43 -24.52 -3.06
CA LEU D 26 -14.63 -23.49 -3.71
C LEU D 26 -14.72 -22.17 -2.98
N THR D 27 -15.94 -21.78 -2.56
CA THR D 27 -16.12 -20.51 -1.86
C THR D 27 -15.32 -20.45 -0.58
N VAL D 28 -15.12 -21.60 0.08
CA VAL D 28 -14.41 -21.63 1.36
C VAL D 28 -12.98 -21.12 1.17
N GLN D 29 -12.30 -21.60 0.13
CA GLN D 29 -10.98 -21.08 -0.18
C GLN D 29 -11.05 -19.68 -0.78
N ALA D 30 -12.10 -19.38 -1.55
CA ALA D 30 -12.16 -18.11 -2.24
C ALA D 30 -12.25 -16.94 -1.27
N ARG D 31 -13.10 -17.06 -0.25
CA ARG D 31 -13.37 -15.91 0.61
C ARG D 31 -12.24 -15.61 1.60
N ASN D 32 -11.23 -16.48 1.70
CA ASN D 32 -10.13 -16.29 2.64
C ASN D 32 -8.89 -15.69 1.98
N LEU D 33 -8.99 -15.27 0.72
CA LEU D 33 -7.82 -14.79 -0.01
C LEU D 33 -7.52 -13.31 0.21
N LEU D 34 -8.47 -12.54 0.73
CA LEU D 34 -8.25 -11.13 1.01
C LEU D 34 -7.97 -10.84 2.48
N SER D 35 -8.42 -11.69 3.39
CA SER D 35 -8.18 -11.50 4.82
C SER D 35 -8.51 -12.76 5.60
N THR D 58 7.65 -0.82 15.28
CA THR D 58 7.69 -0.32 13.92
C THR D 58 8.40 -1.33 12.99
N VAL D 59 8.85 -2.46 13.56
CA VAL D 59 9.43 -3.54 12.77
C VAL D 59 8.32 -4.51 12.41
N TRP D 60 7.35 -4.68 13.31
CA TRP D 60 6.18 -5.50 13.04
C TRP D 60 5.13 -4.77 12.23
N GLY D 61 4.96 -3.47 12.46
CA GLY D 61 3.95 -2.71 11.73
C GLY D 61 4.20 -2.63 10.25
N ILE D 62 5.45 -2.60 9.82
CA ILE D 62 5.81 -2.55 8.41
C ILE D 62 5.94 -3.94 7.81
N LYS D 63 5.80 -4.99 8.63
CA LYS D 63 5.64 -6.35 8.13
C LYS D 63 4.21 -6.67 7.74
N GLN D 64 3.32 -5.68 7.76
CA GLN D 64 1.90 -5.84 7.46
C GLN D 64 1.48 -5.07 6.21
N LEU D 65 1.96 -3.83 6.06
CA LEU D 65 1.47 -2.97 4.98
C LEU D 65 1.80 -3.54 3.60
N GLN D 66 3.08 -3.87 3.37
CA GLN D 66 3.47 -4.37 2.07
C GLN D 66 2.94 -5.78 1.79
N ALA D 67 2.80 -6.61 2.82
CA ALA D 67 2.18 -7.92 2.66
C ALA D 67 0.71 -7.81 2.29
N ARG D 68 -0.01 -6.89 2.93
CA ARG D 68 -1.40 -6.63 2.56
C ARG D 68 -1.49 -6.14 1.12
N VAL D 69 -0.57 -5.25 0.73
CA VAL D 69 -0.54 -4.78 -0.66
C VAL D 69 -0.33 -5.95 -1.60
N LEU D 70 0.63 -6.84 -1.28
CA LEU D 70 0.91 -7.97 -2.14
C LEU D 70 -0.30 -8.89 -2.26
N ALA D 71 -0.99 -9.15 -1.16
CA ALA D 71 -2.19 -9.97 -1.21
C ALA D 71 -3.26 -9.32 -2.10
N VAL D 72 -3.42 -8.01 -1.98
CA VAL D 72 -4.39 -7.31 -2.81
C VAL D 72 -4.02 -7.44 -4.28
N GLU D 73 -2.75 -7.25 -4.61
CA GLU D 73 -2.34 -7.36 -6.02
C GLU D 73 -2.54 -8.77 -6.55
N ARG D 74 -2.24 -9.79 -5.74
CA ARG D 74 -2.45 -11.17 -6.19
C ARG D 74 -3.93 -11.42 -6.45
N TYR D 75 -4.79 -11.00 -5.51
CA TYR D 75 -6.22 -11.20 -5.70
C TYR D 75 -6.73 -10.48 -6.93
N LEU D 76 -6.26 -9.25 -7.16
CA LEU D 76 -6.73 -8.48 -8.32
C LEU D 76 -6.20 -9.06 -9.62
N ARG D 77 -4.97 -9.59 -9.62
CA ARG D 77 -4.48 -10.27 -10.81
C ARG D 77 -5.35 -11.47 -11.14
N ASP D 78 -5.71 -12.26 -10.12
CA ASP D 78 -6.59 -13.40 -10.36
C ASP D 78 -7.95 -12.95 -10.89
N GLN D 79 -8.52 -11.89 -10.30
CA GLN D 79 -9.82 -11.41 -10.72
C GLN D 79 -9.79 -10.89 -12.15
N GLN D 80 -8.76 -10.11 -12.50
CA GLN D 80 -8.65 -9.62 -13.87
C GLN D 80 -8.47 -10.77 -14.85
N LEU D 81 -7.68 -11.78 -14.47
CA LEU D 81 -7.45 -12.92 -15.34
C LEU D 81 -8.75 -13.67 -15.59
N LEU D 82 -9.58 -13.83 -14.54
CA LEU D 82 -10.89 -14.43 -14.73
C LEU D 82 -11.79 -13.55 -15.60
N GLY D 83 -11.76 -12.24 -15.37
CA GLY D 83 -12.66 -11.33 -16.07
C GLY D 83 -12.40 -11.24 -17.55
N ILE D 84 -11.13 -11.28 -17.96
CA ILE D 84 -10.79 -11.19 -19.38
C ILE D 84 -11.11 -12.47 -20.13
N TRP D 85 -11.62 -13.51 -19.45
CA TRP D 85 -12.11 -14.73 -20.10
C TRP D 85 -13.62 -14.77 -20.24
N GLY D 86 -14.34 -13.82 -19.64
CA GLY D 86 -15.78 -13.89 -19.56
C GLY D 86 -16.31 -14.66 -18.35
N CYS D 87 -15.43 -15.15 -17.48
CA CYS D 87 -15.82 -15.87 -16.28
C CYS D 87 -15.91 -14.96 -15.06
N SER D 88 -16.20 -13.68 -15.26
CA SER D 88 -16.27 -12.74 -14.14
C SER D 88 -17.42 -13.09 -13.21
N GLY D 89 -17.16 -12.97 -11.91
CA GLY D 89 -18.21 -13.23 -10.93
C GLY D 89 -18.71 -14.66 -10.92
N LYS D 90 -17.88 -15.62 -11.36
CA LYS D 90 -18.25 -17.02 -11.37
C LYS D 90 -17.12 -17.86 -10.80
N LEU D 91 -17.49 -18.94 -10.13
CA LEU D 91 -16.53 -19.88 -9.56
C LEU D 91 -16.34 -21.12 -10.41
N ILE D 92 -17.38 -21.55 -11.12
CA ILE D 92 -17.27 -22.59 -12.14
C ILE D 92 -17.79 -21.98 -13.43
N CYS D 93 -16.96 -22.00 -14.47
CA CYS D 93 -17.24 -21.28 -15.71
C CYS D 93 -16.89 -22.17 -16.89
N CYS D 94 -17.87 -22.40 -17.76
CA CYS D 94 -17.62 -23.10 -19.02
C CYS D 94 -17.10 -22.12 -20.07
N THR D 95 -16.28 -22.64 -20.98
CA THR D 95 -15.62 -21.84 -22.00
C THR D 95 -15.83 -22.51 -23.37
N ASN D 96 -15.53 -21.75 -24.41
CA ASN D 96 -15.64 -22.22 -25.79
C ASN D 96 -14.31 -22.74 -26.34
N VAL D 97 -13.28 -22.86 -25.51
CA VAL D 97 -11.97 -23.34 -25.94
C VAL D 97 -11.97 -24.86 -25.81
N PRO D 98 -11.83 -25.62 -26.90
CA PRO D 98 -11.82 -27.08 -26.76
C PRO D 98 -10.58 -27.56 -26.01
N TRP D 99 -10.75 -28.67 -25.29
CA TRP D 99 -9.65 -29.26 -24.53
C TRP D 99 -8.74 -30.02 -25.49
N ASN D 100 -7.64 -29.37 -25.89
CA ASN D 100 -6.62 -30.05 -26.67
C ASN D 100 -6.08 -31.23 -25.88
N SER D 101 -6.25 -32.43 -26.43
CA SER D 101 -5.88 -33.63 -25.69
C SER D 101 -4.38 -33.74 -25.43
N SER D 102 -3.56 -32.97 -26.15
CA SER D 102 -2.13 -32.99 -25.91
C SER D 102 -1.79 -32.52 -24.50
N TRP D 103 -2.61 -31.62 -23.93
CA TRP D 103 -2.36 -31.15 -22.57
C TRP D 103 -2.51 -32.29 -21.57
N SER D 104 -3.52 -33.14 -21.75
CA SER D 104 -3.73 -34.27 -20.86
C SER D 104 -4.56 -35.31 -21.58
N ASN D 105 -4.19 -36.59 -21.40
CA ASN D 105 -4.85 -37.71 -22.05
C ASN D 105 -5.79 -38.48 -21.13
N ARG D 106 -5.83 -38.12 -19.84
CA ARG D 106 -6.67 -38.85 -18.89
C ARG D 106 -8.15 -38.66 -19.22
N ASN D 107 -8.92 -39.72 -19.03
CA ASN D 107 -10.37 -39.64 -19.16
C ASN D 107 -10.98 -39.06 -17.88
N LEU D 108 -12.22 -38.57 -18.00
CA LEU D 108 -12.86 -37.90 -16.87
C LEU D 108 -13.09 -38.84 -15.70
N SER D 109 -13.35 -40.12 -15.98
CA SER D 109 -13.69 -41.06 -14.91
C SER D 109 -12.57 -41.17 -13.89
N GLU D 110 -11.32 -41.14 -14.33
CA GLU D 110 -10.17 -41.20 -13.45
C GLU D 110 -9.69 -39.83 -13.00
N ILE D 111 -10.35 -38.76 -13.41
CA ILE D 111 -9.96 -37.40 -13.04
C ILE D 111 -10.81 -36.87 -11.88
N TRP D 112 -12.13 -36.90 -12.02
CA TRP D 112 -13.01 -36.27 -11.05
C TRP D 112 -13.36 -37.15 -9.86
N ASP D 113 -12.99 -38.44 -9.89
CA ASP D 113 -13.35 -39.38 -8.83
C ASP D 113 -12.18 -40.14 -8.24
N ASN D 114 -10.97 -40.04 -8.81
CA ASN D 114 -9.82 -40.78 -8.30
C ASN D 114 -8.56 -39.94 -8.33
N MET D 115 -8.69 -38.63 -8.14
CA MET D 115 -7.54 -37.74 -8.15
C MET D 115 -7.93 -36.41 -7.53
N THR D 116 -6.97 -35.77 -6.87
CA THR D 116 -7.17 -34.49 -6.22
C THR D 116 -6.65 -33.36 -7.11
N TRP D 117 -6.89 -32.12 -6.66
CA TRP D 117 -6.50 -30.96 -7.45
C TRP D 117 -5.00 -30.69 -7.40
N LEU D 118 -4.33 -31.06 -6.31
CA LEU D 118 -2.88 -30.86 -6.22
C LEU D 118 -2.16 -31.68 -7.29
N GLN D 119 -2.55 -32.93 -7.48
CA GLN D 119 -1.94 -33.75 -8.51
C GLN D 119 -2.22 -33.18 -9.90
N TRP D 120 -3.42 -32.64 -10.11
CA TRP D 120 -3.74 -32.00 -11.37
C TRP D 120 -2.84 -30.80 -11.63
N ASP D 121 -2.62 -29.98 -10.61
CA ASP D 121 -1.75 -28.83 -10.77
C ASP D 121 -0.31 -29.27 -11.05
N LYS D 122 0.12 -30.37 -10.41
CA LYS D 122 1.42 -30.93 -10.73
C LYS D 122 1.50 -31.36 -12.19
N GLU D 123 0.42 -31.95 -12.70
CA GLU D 123 0.47 -32.55 -14.04
C GLU D 123 0.46 -31.49 -15.14
N ILE D 124 -0.37 -30.47 -15.01
CA ILE D 124 -0.66 -29.54 -16.11
C ILE D 124 0.10 -28.23 -15.96
N SER D 125 1.22 -28.23 -15.22
CA SER D 125 1.95 -26.98 -14.96
C SER D 125 2.58 -26.38 -16.21
N ASN D 126 2.67 -27.12 -17.32
CA ASN D 126 3.37 -26.65 -18.50
C ASN D 126 2.49 -25.88 -19.48
N TYR D 127 1.19 -26.16 -19.50
CA TYR D 127 0.29 -25.61 -20.52
C TYR D 127 -0.60 -24.49 -19.99
N THR D 128 -0.22 -23.88 -18.87
CA THR D 128 -1.09 -22.90 -18.23
C THR D 128 -1.24 -21.64 -19.08
N GLN D 129 -0.12 -21.06 -19.52
CA GLN D 129 -0.17 -19.72 -20.13
C GLN D 129 -0.80 -19.78 -21.52
N ILE D 130 -0.54 -20.84 -22.28
CA ILE D 130 -1.15 -20.95 -23.60
C ILE D 130 -2.66 -21.09 -23.48
N ILE D 131 -3.14 -21.85 -22.49
CA ILE D 131 -4.57 -21.96 -22.26
C ILE D 131 -5.15 -20.60 -21.86
N TYR D 132 -4.42 -19.87 -21.01
CA TYR D 132 -4.89 -18.54 -20.60
C TYR D 132 -5.01 -17.60 -21.79
N GLY D 133 -4.02 -17.61 -22.68
CA GLY D 133 -4.08 -16.78 -23.87
C GLY D 133 -5.20 -17.19 -24.80
N LEU D 134 -5.43 -18.51 -24.94
CA LEU D 134 -6.53 -18.99 -25.76
C LEU D 134 -7.87 -18.50 -25.20
N LEU D 135 -8.04 -18.57 -23.88
CA LEU D 135 -9.26 -18.07 -23.26
C LEU D 135 -9.41 -16.57 -23.50
N GLU D 136 -8.31 -15.82 -23.38
CA GLU D 136 -8.36 -14.39 -23.61
C GLU D 136 -8.84 -14.07 -25.03
N GLU D 137 -8.22 -14.69 -26.03
CA GLU D 137 -8.61 -14.39 -27.41
C GLU D 137 -10.02 -14.88 -27.71
N SER D 138 -10.42 -16.01 -27.13
CA SER D 138 -11.79 -16.47 -27.31
C SER D 138 -12.79 -15.49 -26.71
N GLN D 139 -12.47 -14.93 -25.54
CA GLN D 139 -13.36 -13.93 -24.95
C GLN D 139 -13.45 -12.69 -25.82
N ASN D 140 -12.32 -12.23 -26.37
CA ASN D 140 -12.36 -11.07 -27.25
C ASN D 140 -13.22 -11.35 -28.48
N GLN D 141 -13.06 -12.53 -29.07
CA GLN D 141 -13.90 -12.90 -30.21
C GLN D 141 -15.37 -12.93 -29.84
N GLN D 142 -15.68 -13.46 -28.64
CA GLN D 142 -17.06 -13.51 -28.20
C GLN D 142 -17.64 -12.12 -28.03
N GLU D 143 -16.88 -11.19 -27.45
CA GLU D 143 -17.38 -9.82 -27.31
C GLU D 143 -17.62 -9.18 -28.67
N LYS D 144 -16.69 -9.37 -29.61
CA LYS D 144 -16.90 -8.80 -30.94
C LYS D 144 -18.13 -9.41 -31.62
N ASN D 145 -18.32 -10.73 -31.47
CA ASN D 145 -19.48 -11.38 -32.08
C ASN D 145 -20.78 -10.89 -31.45
N GLU D 146 -20.79 -10.69 -30.13
CA GLU D 146 -21.99 -10.16 -29.47
C GLU D 146 -22.29 -8.74 -29.95
N GLN D 147 -21.25 -7.91 -30.08
CA GLN D 147 -21.46 -6.56 -30.58
C GLN D 147 -22.02 -6.58 -32.00
N ASP D 148 -21.49 -7.46 -32.85
CA ASP D 148 -22.02 -7.59 -34.20
C ASP D 148 -23.47 -8.05 -34.20
N LEU D 149 -23.80 -9.02 -33.34
CA LEU D 149 -25.15 -9.55 -33.31
C LEU D 149 -26.15 -8.49 -32.85
N LEU D 150 -25.81 -7.74 -31.80
CA LEU D 150 -26.71 -6.70 -31.31
C LEU D 150 -26.85 -5.53 -32.28
N ALA D 151 -25.94 -5.42 -33.25
CA ALA D 151 -26.07 -4.35 -34.26
C ALA D 151 -27.21 -4.60 -35.22
N LEU D 152 -27.70 -5.83 -35.32
CA LEU D 152 -28.80 -6.17 -36.23
C LEU D 152 -30.13 -6.19 -35.48
N ALA E 1 -32.18 9.17 -38.43
CA ALA E 1 -32.25 7.75 -38.87
C ALA E 1 -30.93 7.03 -38.62
N GLU E 2 -30.18 7.49 -37.61
CA GLU E 2 -28.89 6.90 -37.28
C GLU E 2 -29.04 5.81 -36.23
N ASN E 3 -29.78 6.07 -35.16
CA ASN E 3 -30.03 5.10 -34.10
C ASN E 3 -28.73 4.57 -33.50
N LEU E 4 -27.78 5.48 -33.28
CA LEU E 4 -26.50 5.12 -32.70
C LEU E 4 -26.57 5.18 -31.17
N TRP E 5 -25.72 4.38 -30.53
CA TRP E 5 -25.69 4.25 -29.09
C TRP E 5 -24.25 4.23 -28.61
N VAL E 6 -24.07 4.62 -27.34
CA VAL E 6 -22.75 4.60 -26.72
C VAL E 6 -22.29 3.16 -26.56
N THR E 7 -21.00 2.93 -26.79
CA THR E 7 -20.39 1.62 -26.61
C THR E 7 -19.07 1.82 -25.90
N VAL E 8 -18.88 1.09 -24.80
CA VAL E 8 -17.73 1.24 -23.92
C VAL E 8 -16.68 0.21 -24.32
N TYR E 9 -15.47 0.70 -24.60
CA TYR E 9 -14.33 -0.14 -24.95
C TYR E 9 -13.28 -0.03 -23.85
N TYR E 10 -12.91 -1.16 -23.27
CA TYR E 10 -11.89 -1.23 -22.24
C TYR E 10 -10.64 -1.88 -22.82
N GLY E 11 -9.50 -1.24 -22.63
CA GLY E 11 -8.26 -1.68 -23.22
C GLY E 11 -7.88 -0.96 -24.49
N VAL E 12 -8.38 0.25 -24.71
CA VAL E 12 -8.06 0.98 -25.94
C VAL E 12 -6.61 1.45 -25.89
N PRO E 13 -5.88 1.49 -27.01
CA PRO E 13 -4.49 2.01 -26.96
C PRO E 13 -4.43 3.53 -27.04
N VAL E 14 -4.70 4.17 -25.90
CA VAL E 14 -4.66 5.62 -25.77
C VAL E 14 -3.90 5.97 -24.51
N TRP E 15 -3.09 7.03 -24.59
CA TRP E 15 -2.27 7.45 -23.47
C TRP E 15 -2.28 8.96 -23.35
N LYS E 16 -1.91 9.45 -22.16
CA LYS E 16 -1.79 10.87 -21.87
C LYS E 16 -0.46 11.13 -21.20
N ASP E 17 0.07 12.34 -21.41
CA ASP E 17 1.28 12.74 -20.72
C ASP E 17 1.04 12.73 -19.22
N ALA E 18 1.97 12.12 -18.47
CA ALA E 18 1.78 11.94 -17.04
C ALA E 18 3.15 11.93 -16.36
N GLU E 19 3.12 12.20 -15.05
CA GLU E 19 4.30 12.15 -14.21
C GLU E 19 4.09 11.10 -13.13
N THR E 20 5.04 10.18 -13.01
CA THR E 20 4.94 9.09 -12.05
C THR E 20 6.33 8.78 -11.52
N THR E 21 6.41 7.77 -10.65
CA THR E 21 7.64 7.40 -9.97
C THR E 21 8.19 6.14 -10.62
N LEU E 22 9.16 6.31 -11.52
CA LEU E 22 9.84 5.17 -12.12
C LEU E 22 10.74 4.50 -11.09
N PHE E 23 10.86 3.17 -11.19
CA PHE E 23 11.68 2.39 -10.29
C PHE E 23 12.90 1.84 -11.01
N CYS E 24 13.96 1.60 -10.24
CA CYS E 24 15.25 1.23 -10.82
C CYS E 24 15.30 -0.24 -11.19
N ALA E 25 16.12 -0.54 -12.19
CA ALA E 25 16.45 -1.90 -12.56
C ALA E 25 17.89 -1.92 -13.06
N SER E 26 18.58 -3.04 -12.80
CA SER E 26 19.97 -3.18 -13.21
C SER E 26 20.32 -4.65 -13.26
N ASP E 27 21.42 -4.95 -13.95
CA ASP E 27 21.88 -6.32 -14.11
C ASP E 27 22.43 -6.87 -12.80
N HIS E 36 30.16 -3.18 -2.67
CA HIS E 36 29.61 -1.92 -2.20
C HIS E 36 29.78 -0.84 -3.26
N ASN E 37 28.75 -0.03 -3.46
CA ASN E 37 28.78 1.04 -4.44
C ASN E 37 27.82 2.14 -3.99
N VAL E 38 28.15 3.38 -4.38
CA VAL E 38 27.30 4.52 -4.01
C VAL E 38 25.91 4.35 -4.60
N TRP E 39 25.85 3.96 -5.86
CA TRP E 39 24.57 3.78 -6.56
C TRP E 39 24.05 2.41 -6.17
N ALA E 40 23.16 2.38 -5.17
CA ALA E 40 22.75 1.13 -4.54
C ALA E 40 21.88 0.31 -5.49
N THR E 41 22.51 -0.60 -6.23
CA THR E 41 21.79 -1.53 -7.09
C THR E 41 21.22 -2.72 -6.32
N HIS E 42 21.59 -2.91 -5.05
CA HIS E 42 21.04 -4.00 -4.26
C HIS E 42 19.56 -3.82 -3.93
N ALA E 43 19.01 -2.62 -4.15
CA ALA E 43 17.58 -2.35 -3.98
C ALA E 43 16.85 -2.19 -5.31
N CYS E 44 17.47 -2.62 -6.41
CA CYS E 44 16.91 -2.48 -7.75
C CYS E 44 16.37 -3.82 -8.24
N VAL E 45 15.31 -3.76 -9.02
CA VAL E 45 14.72 -4.97 -9.60
C VAL E 45 15.71 -5.57 -10.59
N PRO E 46 15.87 -6.90 -10.66
CA PRO E 46 16.73 -7.46 -11.71
C PRO E 46 16.21 -7.12 -13.09
N THR E 47 17.14 -6.76 -13.98
CA THR E 47 16.78 -6.44 -15.35
C THR E 47 16.47 -7.72 -16.13
N ASP E 48 15.48 -7.64 -17.00
CA ASP E 48 15.12 -8.81 -17.80
C ASP E 48 16.26 -9.19 -18.73
N PRO E 49 16.56 -10.48 -18.89
CA PRO E 49 17.66 -10.85 -19.81
C PRO E 49 17.40 -10.44 -21.25
N ASN E 50 16.14 -10.41 -21.68
CA ASN E 50 15.76 -10.07 -23.05
C ASN E 50 14.67 -9.00 -22.99
N PRO E 51 15.04 -7.74 -22.75
CA PRO E 51 14.02 -6.69 -22.71
C PRO E 51 13.28 -6.57 -24.04
N GLN E 52 11.98 -6.31 -23.95
CA GLN E 52 11.11 -6.29 -25.12
C GLN E 52 10.78 -4.85 -25.48
N GLU E 53 11.05 -4.49 -26.74
CA GLU E 53 10.73 -3.18 -27.29
C GLU E 53 9.61 -3.34 -28.31
N ILE E 54 8.51 -2.65 -28.08
CA ILE E 54 7.35 -2.68 -28.97
C ILE E 54 7.44 -1.47 -29.90
N HIS E 55 7.58 -1.74 -31.19
CA HIS E 55 7.75 -0.69 -32.19
C HIS E 55 6.37 -0.26 -32.68
N LEU E 56 6.00 0.98 -32.37
CA LEU E 56 4.68 1.51 -32.71
C LEU E 56 4.72 2.10 -34.11
N GLU E 57 4.00 1.48 -35.03
CA GLU E 57 3.88 2.01 -36.38
C GLU E 57 2.78 3.05 -36.45
N ASN E 58 2.97 4.03 -37.35
CA ASN E 58 2.05 5.13 -37.63
C ASN E 58 1.90 6.10 -36.46
N VAL E 59 2.66 5.94 -35.38
CA VAL E 59 2.52 6.78 -34.19
C VAL E 59 3.53 7.91 -34.26
N THR E 60 3.04 9.14 -34.18
CA THR E 60 3.87 10.34 -34.05
C THR E 60 3.57 10.99 -32.71
N GLU E 61 4.61 11.21 -31.90
CA GLU E 61 4.42 11.66 -30.53
C GLU E 61 5.21 12.93 -30.26
N GLU E 62 4.63 13.83 -29.48
CA GLU E 62 5.30 15.08 -29.11
C GLU E 62 6.32 14.78 -28.00
N PHE E 63 7.54 15.25 -28.19
CA PHE E 63 8.61 15.07 -27.22
C PHE E 63 9.21 16.44 -26.85
N ASN E 64 9.71 16.52 -25.62
CA ASN E 64 10.34 17.74 -25.13
C ASN E 64 11.33 17.35 -24.03
N MET E 65 12.62 17.35 -24.37
CA MET E 65 13.64 16.95 -23.40
C MET E 65 13.78 17.96 -22.28
N TRP E 66 13.46 19.23 -22.54
CA TRP E 66 13.70 20.31 -21.59
C TRP E 66 12.60 20.47 -20.55
N LYS E 67 11.52 19.67 -20.65
CA LYS E 67 10.48 19.63 -19.63
C LYS E 67 10.20 18.21 -19.16
N ASN E 68 11.15 17.30 -19.39
CA ASN E 68 10.95 15.91 -18.99
C ASN E 68 11.08 15.78 -17.48
N ASN E 69 10.05 15.21 -16.85
CA ASN E 69 10.11 14.96 -15.41
C ASN E 69 11.10 13.86 -15.07
N MET E 70 11.46 13.02 -16.03
CA MET E 70 12.44 11.97 -15.77
C MET E 70 13.76 12.54 -15.30
N VAL E 71 14.16 13.69 -15.85
CA VAL E 71 15.42 14.32 -15.45
C VAL E 71 15.35 14.73 -13.98
N GLU E 72 14.24 15.36 -13.58
CA GLU E 72 14.08 15.78 -12.20
C GLU E 72 14.07 14.58 -11.26
N GLN E 73 13.35 13.52 -11.64
CA GLN E 73 13.30 12.32 -10.80
C GLN E 73 14.69 11.71 -10.66
N MET E 74 15.44 11.63 -11.76
CA MET E 74 16.79 11.07 -11.69
C MET E 74 17.70 11.92 -10.82
N HIS E 75 17.57 13.24 -10.93
CA HIS E 75 18.33 14.13 -10.06
C HIS E 75 18.04 13.83 -8.59
N THR E 76 16.74 13.72 -8.26
CA THR E 76 16.36 13.44 -6.88
C THR E 76 16.90 12.09 -6.41
N ASP E 77 16.79 11.05 -7.24
CA ASP E 77 17.29 9.74 -6.83
C ASP E 77 18.80 9.74 -6.68
N ILE E 78 19.54 10.40 -7.57
CA ILE E 78 20.99 10.42 -7.44
C ILE E 78 21.41 11.12 -6.17
N ILE E 79 20.78 12.25 -5.85
CA ILE E 79 21.09 12.95 -4.61
C ILE E 79 20.75 12.08 -3.41
N SER E 80 19.59 11.41 -3.46
CA SER E 80 19.18 10.58 -2.33
C SER E 80 20.12 9.40 -2.12
N LEU E 81 20.56 8.76 -3.20
CA LEU E 81 21.52 7.66 -3.09
C LEU E 81 22.85 8.15 -2.56
N TRP E 82 23.31 9.31 -3.01
CA TRP E 82 24.56 9.86 -2.50
C TRP E 82 24.45 10.13 -1.00
N ASP E 83 23.33 10.70 -0.56
CA ASP E 83 23.14 10.93 0.87
C ASP E 83 23.07 9.62 1.65
N GLN E 84 22.37 8.62 1.11
CA GLN E 84 22.22 7.36 1.82
C GLN E 84 23.56 6.65 1.98
N SER E 85 24.40 6.68 0.95
CA SER E 85 25.68 5.98 1.03
C SER E 85 26.58 6.56 2.10
N LEU E 86 26.49 7.87 2.36
CA LEU E 86 27.38 8.55 3.28
C LEU E 86 26.89 8.53 4.72
N LYS E 87 25.66 8.05 4.97
CA LYS E 87 25.13 8.07 6.34
C LYS E 87 25.94 7.21 7.30
N PRO E 88 26.23 5.93 7.01
CA PRO E 88 26.93 5.09 7.98
C PRO E 88 28.43 5.32 8.08
N CYS E 89 28.96 6.36 7.43
CA CYS E 89 30.40 6.61 7.44
C CYS E 89 30.80 7.50 8.60
N VAL E 90 32.10 7.75 8.72
CA VAL E 90 32.65 8.49 9.84
C VAL E 90 32.44 9.98 9.61
N LYS E 91 31.95 10.66 10.65
CA LYS E 91 31.82 12.12 10.63
C LYS E 91 33.07 12.74 11.23
N LEU E 92 33.77 13.55 10.44
CA LEU E 92 35.06 14.11 10.86
C LEU E 92 34.87 15.46 11.56
N THR E 93 34.15 15.42 12.67
CA THR E 93 33.99 16.59 13.52
C THR E 93 35.28 16.89 14.28
N PRO E 94 36.01 15.90 14.81
CA PRO E 94 37.29 16.22 15.47
C PRO E 94 38.31 16.87 14.54
N LEU E 95 38.19 16.70 13.22
CA LEU E 95 39.20 17.21 12.31
C LEU E 95 39.29 18.73 12.28
N CYS E 96 38.30 19.44 12.83
CA CYS E 96 38.34 20.90 12.86
C CYS E 96 39.20 21.34 14.04
N VAL E 97 40.51 21.40 13.79
CA VAL E 97 41.50 21.82 14.78
C VAL E 97 42.52 22.70 14.10
N THR E 98 43.28 23.44 14.90
CA THR E 98 44.35 24.27 14.36
C THR E 98 45.43 23.37 13.77
N LEU E 99 45.88 23.71 12.57
CA LEU E 99 46.85 22.92 11.83
C LEU E 99 48.16 23.69 11.70
N GLN E 100 49.25 23.06 12.11
CA GLN E 100 50.59 23.62 11.92
C GLN E 100 51.12 23.08 10.60
N CYS E 101 51.09 23.91 9.56
CA CYS E 101 51.34 23.48 8.19
C CYS E 101 52.64 24.07 7.66
N THR E 102 53.41 23.23 6.98
CA THR E 102 54.62 23.62 6.27
C THR E 102 54.49 23.23 4.81
N ASN E 103 55.39 23.77 3.98
CA ASN E 103 55.36 23.49 2.56
C ASN E 103 56.01 22.15 2.27
N VAL E 104 55.37 21.34 1.43
CA VAL E 104 55.93 20.08 0.97
C VAL E 104 56.90 20.42 -0.16
N THR E 105 58.19 20.38 0.13
CA THR E 105 59.23 20.73 -0.84
C THR E 105 60.15 19.57 -1.19
N ASN E 106 59.86 18.35 -0.73
CA ASN E 106 60.69 17.20 -1.08
C ASN E 106 60.25 16.70 -2.47
N ASN E 107 61.21 16.70 -3.39
CA ASN E 107 61.06 16.14 -4.74
C ASN E 107 59.78 16.61 -5.42
N ILE E 108 59.64 17.94 -5.55
CA ILE E 108 58.48 18.56 -6.16
C ILE E 108 58.91 19.29 -7.43
N THR E 109 58.01 19.31 -8.40
CA THR E 109 58.22 20.04 -9.64
C THR E 109 57.81 21.51 -9.47
N ASP E 110 58.20 22.33 -10.45
CA ASP E 110 57.87 23.75 -10.38
C ASP E 110 56.36 23.99 -10.39
N ASP E 111 55.60 23.14 -11.09
CA ASP E 111 54.15 23.27 -11.13
C ASP E 111 53.48 22.87 -9.83
N MET E 112 54.19 22.19 -8.92
CA MET E 112 53.67 21.83 -7.61
C MET E 112 54.13 22.79 -6.52
N ARG E 113 54.31 24.07 -6.86
CA ARG E 113 54.81 25.06 -5.92
C ARG E 113 53.74 25.32 -4.86
N GLY E 114 53.98 24.84 -3.64
CA GLY E 114 53.06 25.08 -2.55
C GLY E 114 51.69 24.45 -2.71
N GLU E 115 51.56 23.44 -3.58
CA GLU E 115 50.27 22.79 -3.80
C GLU E 115 49.93 21.79 -2.71
N LEU E 116 50.91 21.34 -1.93
CA LEU E 116 50.71 20.37 -0.86
C LEU E 116 51.21 20.95 0.46
N LYS E 117 50.43 20.75 1.52
CA LYS E 117 50.75 21.24 2.85
C LYS E 117 50.93 20.06 3.78
N ASN E 118 52.08 19.98 4.43
CA ASN E 118 52.35 18.99 5.46
C ASN E 118 51.90 19.58 6.79
N CYS E 119 50.76 19.11 7.29
CA CYS E 119 50.08 19.72 8.43
C CYS E 119 50.08 18.76 9.60
N SER E 120 50.63 19.20 10.73
CA SER E 120 50.60 18.45 11.98
C SER E 120 49.55 19.04 12.91
N PHE E 121 48.87 18.16 13.64
CA PHE E 121 47.79 18.58 14.52
C PHE E 121 47.59 17.56 15.62
N ASN E 122 47.00 18.03 16.72
CA ASN E 122 46.54 17.13 17.77
C ASN E 122 45.19 16.54 17.39
N MET E 123 44.95 15.31 17.86
CA MET E 123 43.75 14.57 17.49
C MET E 123 43.30 13.70 18.66
N THR E 124 42.00 13.46 18.71
CA THR E 124 41.45 12.57 19.73
C THR E 124 41.80 11.12 19.44
N THR E 125 41.81 10.32 20.50
CA THR E 125 42.09 8.89 20.41
C THR E 125 40.84 8.12 20.84
N GLU E 126 40.97 6.79 20.88
CA GLU E 126 39.87 5.96 21.35
C GLU E 126 39.54 6.24 22.80
N LEU E 127 40.54 6.64 23.60
CA LEU E 127 40.31 7.04 24.98
C LEU E 127 40.01 8.52 25.03
N ARG E 128 38.96 8.89 25.78
CA ARG E 128 38.51 10.27 25.80
C ARG E 128 39.52 11.21 26.45
N ASP E 129 40.41 10.70 27.30
CA ASP E 129 41.33 11.53 28.08
C ASP E 129 42.74 11.52 27.52
N LYS E 130 42.93 11.14 26.26
CA LYS E 130 44.25 11.08 25.64
C LYS E 130 44.20 11.74 24.27
N LYS E 131 45.33 12.34 23.89
CA LYS E 131 45.49 13.01 22.61
C LYS E 131 46.73 12.49 21.90
N GLN E 132 46.69 12.49 20.56
CA GLN E 132 47.79 12.02 19.73
C GLN E 132 48.19 13.11 18.76
N LYS E 133 49.50 13.34 18.64
CA LYS E 133 50.04 14.30 17.67
C LYS E 133 50.28 13.55 16.36
N VAL E 134 49.54 13.91 15.32
CA VAL E 134 49.60 13.23 14.03
C VAL E 134 49.84 14.29 12.95
N TYR E 135 50.02 13.82 11.72
CA TYR E 135 50.24 14.72 10.59
C TYR E 135 49.59 14.12 9.35
N SER E 136 49.37 14.98 8.36
CA SER E 136 48.77 14.57 7.10
C SER E 136 49.18 15.54 6.00
N LEU E 137 49.12 15.07 4.76
CA LEU E 137 49.38 15.89 3.58
C LEU E 137 48.05 16.33 2.99
N PHE E 138 47.72 17.61 3.16
CA PHE E 138 46.51 18.20 2.61
C PHE E 138 46.84 18.97 1.34
N TYR E 139 45.80 19.28 0.58
CA TYR E 139 45.94 20.08 -0.64
C TYR E 139 45.70 21.55 -0.34
N ARG E 140 46.32 22.41 -1.16
CA ARG E 140 46.21 23.85 -0.94
C ARG E 140 44.76 24.31 -1.02
N LEU E 141 43.94 23.63 -1.82
CA LEU E 141 42.53 24.00 -1.93
C LEU E 141 41.72 23.57 -0.71
N ASP E 142 42.22 22.63 0.08
CA ASP E 142 41.47 22.06 1.19
C ASP E 142 41.73 22.74 2.53
N VAL E 143 42.68 23.67 2.61
CA VAL E 143 43.02 24.34 3.86
C VAL E 143 43.10 25.83 3.62
N VAL E 144 42.82 26.60 4.67
CA VAL E 144 42.85 28.06 4.63
C VAL E 144 43.57 28.56 5.87
N GLN E 145 44.44 29.54 5.68
CA GLN E 145 45.20 30.11 6.79
C GLN E 145 44.28 30.84 7.75
N ILE E 146 44.53 30.67 9.04
CA ILE E 146 43.74 31.34 10.07
C ILE E 146 44.22 32.78 10.20
N LYS E 159 51.29 30.24 9.42
CA LYS E 159 51.59 28.82 9.61
C LYS E 159 50.40 28.07 10.20
N GLU E 160 49.39 28.80 10.69
CA GLU E 160 48.19 28.21 11.28
C GLU E 160 47.11 28.13 10.21
N TYR E 161 46.55 26.93 10.04
CA TYR E 161 45.55 26.67 9.01
C TYR E 161 44.40 25.86 9.60
N ARG E 162 43.29 25.85 8.86
CA ARG E 162 42.13 25.03 9.21
C ARG E 162 41.48 24.55 7.93
N LEU E 163 40.75 23.44 8.03
CA LEU E 163 40.08 22.89 6.86
C LEU E 163 39.03 23.88 6.35
N ILE E 164 38.85 23.88 5.02
CA ILE E 164 38.02 24.90 4.37
C ILE E 164 36.58 24.81 4.83
N ASN E 165 36.08 23.61 5.12
CA ASN E 165 34.67 23.41 5.43
C ASN E 165 34.33 23.68 6.89
N CYS E 166 35.32 23.97 7.74
CA CYS E 166 35.08 24.04 9.17
C CYS E 166 34.12 25.15 9.57
N ASN E 167 34.08 26.25 8.81
CA ASN E 167 33.20 27.37 9.14
C ASN E 167 31.87 27.31 8.41
N THR E 168 31.56 26.19 7.76
CA THR E 168 30.26 25.96 7.14
C THR E 168 29.54 24.75 7.69
N SER E 169 30.24 23.63 7.88
CA SER E 169 29.63 22.41 8.41
C SER E 169 30.74 21.36 8.58
N ALA E 170 30.45 20.36 9.40
CA ALA E 170 31.35 19.23 9.53
C ALA E 170 31.24 18.31 8.31
N CYS E 171 32.38 17.77 7.87
CA CYS E 171 32.45 16.92 6.70
C CYS E 171 32.36 15.45 7.10
N THR E 172 31.67 14.68 6.25
CA THR E 172 31.53 13.24 6.44
C THR E 172 32.53 12.53 5.53
N GLN E 173 33.42 11.76 6.13
CA GLN E 173 34.36 10.96 5.35
C GLN E 173 33.61 9.92 4.54
N ALA E 174 34.05 9.70 3.31
CA ALA E 174 33.48 8.65 2.48
C ALA E 174 33.99 7.29 2.93
N CYS E 175 33.09 6.32 2.98
CA CYS E 175 33.47 4.97 3.37
C CYS E 175 34.42 4.39 2.32
N PRO E 176 35.62 3.93 2.70
CA PRO E 176 36.57 3.50 1.66
C PRO E 176 36.12 2.25 0.91
N LYS E 177 35.24 1.44 1.47
CA LYS E 177 34.77 0.24 0.80
C LYS E 177 33.74 0.53 -0.28
N VAL E 178 33.12 1.71 -0.25
CA VAL E 178 32.13 2.09 -1.25
C VAL E 178 32.84 2.66 -2.47
N SER E 179 32.49 2.17 -3.65
CA SER E 179 33.12 2.57 -4.90
C SER E 179 32.29 3.63 -5.61
N PHE E 180 32.97 4.62 -6.17
CA PHE E 180 32.32 5.72 -6.87
C PHE E 180 32.11 5.45 -8.36
N GLU E 181 32.51 4.29 -8.86
CA GLU E 181 32.41 4.02 -10.29
C GLU E 181 30.94 3.96 -10.71
N PRO E 182 30.53 4.69 -11.77
CA PRO E 182 29.13 4.60 -12.20
C PRO E 182 28.75 3.20 -12.63
N ILE E 183 27.48 2.86 -12.38
CA ILE E 183 26.89 1.60 -12.82
C ILE E 183 25.67 1.96 -13.66
N PRO E 184 25.39 1.27 -14.78
CA PRO E 184 24.19 1.61 -15.56
C PRO E 184 22.92 1.38 -14.75
N ILE E 185 21.92 2.24 -14.98
CA ILE E 185 20.64 2.17 -14.28
C ILE E 185 19.53 2.34 -15.31
N HIS E 186 18.49 1.50 -15.19
CA HIS E 186 17.31 1.57 -16.03
C HIS E 186 16.13 2.04 -15.20
N TYR E 187 15.29 2.89 -15.79
CA TYR E 187 14.14 3.51 -15.11
C TYR E 187 12.86 2.93 -15.70
N CYS E 188 12.27 1.94 -15.03
CA CYS E 188 11.10 1.23 -15.53
C CYS E 188 9.84 1.74 -14.84
N ALA E 189 8.82 1.99 -15.64
CA ALA E 189 7.59 2.60 -15.16
C ALA E 189 6.73 1.58 -14.42
N PRO E 190 5.81 2.05 -13.58
CA PRO E 190 4.91 1.12 -12.88
C PRO E 190 3.82 0.62 -13.83
N ALA E 191 2.91 -0.18 -13.26
CA ALA E 191 1.78 -0.66 -14.03
C ALA E 191 0.84 0.49 -14.39
N GLY E 192 0.24 0.39 -15.57
CA GLY E 192 -0.60 1.45 -16.08
C GLY E 192 0.15 2.60 -16.71
N PHE E 193 1.48 2.53 -16.79
CA PHE E 193 2.31 3.56 -17.38
C PHE E 193 3.27 2.92 -18.39
N ALA E 194 3.66 3.70 -19.38
CA ALA E 194 4.55 3.24 -20.44
C ALA E 194 5.62 4.29 -20.68
N ILE E 195 6.77 3.83 -21.17
CA ILE E 195 7.88 4.68 -21.54
C ILE E 195 7.97 4.68 -23.06
N LEU E 196 7.73 5.84 -23.65
CA LEU E 196 7.81 6.01 -25.10
C LEU E 196 9.20 6.53 -25.46
N LYS E 197 9.85 5.82 -26.38
CA LYS E 197 11.21 6.11 -26.84
C LYS E 197 11.16 6.60 -28.27
N CYS E 198 11.86 7.69 -28.54
CA CYS E 198 11.95 8.26 -29.88
C CYS E 198 13.15 7.65 -30.60
N LYS E 199 12.89 6.80 -31.58
CA LYS E 199 13.94 6.16 -32.36
C LYS E 199 14.46 7.04 -33.49
N ASP E 200 13.85 8.21 -33.72
CA ASP E 200 14.21 9.05 -34.85
C ASP E 200 15.63 9.58 -34.68
N LYS E 201 16.52 9.14 -35.57
CA LYS E 201 17.85 9.72 -35.61
C LYS E 201 17.78 11.15 -36.15
N LYS E 202 18.78 11.96 -35.77
CA LYS E 202 18.83 13.39 -36.05
C LYS E 202 17.81 14.18 -35.24
N PHE E 203 17.14 13.54 -34.28
CA PHE E 203 16.15 14.23 -33.46
C PHE E 203 16.85 15.16 -32.49
N ASN E 204 16.38 16.42 -32.43
CA ASN E 204 17.01 17.45 -31.61
C ASN E 204 16.28 17.68 -30.28
N GLY E 205 15.56 16.66 -29.80
CA GLY E 205 15.02 16.67 -28.46
C GLY E 205 13.71 17.40 -28.26
N THR E 206 13.12 17.97 -29.31
CA THR E 206 11.87 18.70 -29.18
C THR E 206 11.06 18.56 -30.46
N GLY E 207 9.74 18.46 -30.30
CA GLY E 207 8.84 18.45 -31.43
C GLY E 207 8.23 17.09 -31.69
N PRO E 208 7.63 16.91 -32.87
CA PRO E 208 7.10 15.59 -33.23
C PRO E 208 8.21 14.59 -33.53
N CYS E 209 8.04 13.38 -33.03
CA CYS E 209 8.87 12.24 -33.36
C CYS E 209 8.00 11.22 -34.09
N PRO E 210 8.22 10.95 -35.38
CA PRO E 210 7.38 9.97 -36.07
C PRO E 210 7.80 8.52 -35.92
N SER E 211 9.01 8.27 -35.38
CA SER E 211 9.52 6.91 -35.16
C SER E 211 9.54 6.69 -33.65
N VAL E 212 8.52 5.99 -33.14
CA VAL E 212 8.29 5.84 -31.71
C VAL E 212 8.20 4.36 -31.38
N SER E 213 8.57 4.03 -30.15
CA SER E 213 8.47 2.66 -29.64
C SER E 213 8.09 2.72 -28.16
N THR E 214 7.62 1.59 -27.65
CA THR E 214 7.33 1.42 -26.23
C THR E 214 8.38 0.49 -25.63
N VAL E 215 8.94 0.89 -24.50
CA VAL E 215 9.97 0.11 -23.81
C VAL E 215 9.59 -0.01 -22.34
N GLN E 216 9.83 -1.21 -21.77
CA GLN E 216 9.66 -1.36 -20.33
C GLN E 216 10.59 -0.42 -19.59
N CYS E 217 11.80 -0.22 -20.11
CA CYS E 217 12.71 0.83 -19.62
C CYS E 217 13.89 1.02 -20.55
N THR E 218 14.60 2.12 -20.29
CA THR E 218 15.60 2.67 -21.17
C THR E 218 16.84 1.79 -21.17
N HIS E 219 17.83 2.22 -21.96
CA HIS E 219 19.15 1.61 -21.89
C HIS E 219 19.81 1.95 -20.56
N GLY E 220 20.85 1.19 -20.22
CA GLY E 220 21.57 1.43 -19.00
C GLY E 220 22.26 2.78 -19.00
N ILE E 221 21.80 3.70 -18.16
CA ILE E 221 22.37 5.04 -18.08
C ILE E 221 23.28 5.09 -16.87
N LYS E 222 24.55 5.42 -17.10
CA LYS E 222 25.53 5.53 -16.03
C LYS E 222 25.48 6.94 -15.44
N PRO E 223 25.27 7.11 -14.11
CA PRO E 223 25.25 8.46 -13.56
C PRO E 223 26.65 9.05 -13.45
N VAL E 224 27.17 9.56 -14.57
CA VAL E 224 28.51 10.14 -14.61
C VAL E 224 28.41 11.61 -14.23
N VAL E 225 29.07 11.97 -13.13
CA VAL E 225 29.10 13.34 -12.65
C VAL E 225 30.30 14.04 -13.27
N SER E 226 30.05 15.03 -14.12
CA SER E 226 31.12 15.75 -14.78
C SER E 226 30.64 17.14 -15.16
N THR E 227 31.61 18.04 -15.38
CA THR E 227 31.36 19.41 -15.79
C THR E 227 32.17 19.72 -17.03
N GLN E 228 31.54 20.43 -17.99
CA GLN E 228 32.19 20.93 -19.19
C GLN E 228 32.51 19.84 -20.22
N LEU E 229 32.29 18.57 -19.86
CA LEU E 229 32.56 17.46 -20.78
C LEU E 229 31.71 16.28 -20.33
N LEU E 230 30.81 15.81 -21.20
CA LEU E 230 30.03 14.62 -20.92
C LEU E 230 30.90 13.39 -21.16
N LEU E 231 30.99 12.53 -20.15
CA LEU E 231 31.91 11.40 -20.14
C LEU E 231 31.15 10.09 -20.06
N ASN E 232 31.61 9.10 -20.83
CA ASN E 232 31.07 7.74 -20.79
C ASN E 232 29.57 7.74 -21.08
N GLY E 233 29.15 8.61 -22.00
CA GLY E 233 27.76 8.73 -22.39
C GLY E 233 27.49 8.08 -23.75
N SER E 234 26.25 8.24 -24.19
CA SER E 234 25.84 7.72 -25.50
C SER E 234 26.31 8.67 -26.60
N LEU E 235 26.50 8.09 -27.79
CA LEU E 235 26.97 8.82 -28.96
C LEU E 235 25.86 8.90 -30.00
N ALA E 236 25.78 10.05 -30.68
CA ALA E 236 24.86 10.18 -31.79
C ALA E 236 25.28 9.24 -32.92
N GLU E 237 24.31 8.49 -33.45
CA GLU E 237 24.60 7.46 -34.44
C GLU E 237 24.65 8.00 -35.86
N GLU E 238 24.35 9.28 -36.08
CA GLU E 238 24.38 9.89 -37.40
C GLU E 238 25.45 10.97 -37.52
N GLU E 239 25.42 11.98 -36.65
CA GLU E 239 26.37 13.09 -36.72
C GLU E 239 26.29 13.84 -35.40
N VAL E 240 27.15 14.86 -35.26
CA VAL E 240 27.14 15.69 -34.07
C VAL E 240 25.80 16.40 -33.96
N MET E 241 25.20 16.35 -32.77
CA MET E 241 23.88 16.90 -32.52
C MET E 241 23.98 18.10 -31.60
N ILE E 242 23.37 19.21 -32.00
CA ILE E 242 23.28 20.43 -31.19
C ILE E 242 21.84 20.53 -30.71
N ARG E 243 21.66 20.69 -29.39
CA ARG E 243 20.34 20.78 -28.79
C ARG E 243 20.30 21.94 -27.81
N SER E 244 19.19 22.67 -27.80
CA SER E 244 19.00 23.77 -26.89
C SER E 244 17.50 24.02 -26.73
N GLU E 245 17.09 24.40 -25.51
CA GLU E 245 15.70 24.75 -25.30
C GLU E 245 15.32 25.97 -26.13
N ASN E 246 16.21 26.95 -26.22
CA ASN E 246 16.00 28.13 -27.06
C ASN E 246 17.39 28.58 -27.52
N ILE E 247 17.77 28.16 -28.73
CA ILE E 247 19.13 28.42 -29.22
C ILE E 247 19.41 29.91 -29.34
N THR E 248 18.38 30.70 -29.69
CA THR E 248 18.58 32.14 -29.80
C THR E 248 18.84 32.79 -28.44
N ASN E 249 18.45 32.15 -27.36
CA ASN E 249 18.68 32.68 -26.01
C ASN E 249 20.04 32.21 -25.52
N ASN E 250 20.96 33.16 -25.31
CA ASN E 250 22.30 32.81 -24.87
C ASN E 250 22.33 32.28 -23.44
N ALA E 251 21.29 32.53 -22.64
CA ALA E 251 21.24 32.03 -21.28
C ALA E 251 20.97 30.54 -21.19
N LYS E 252 20.57 29.90 -22.29
CA LYS E 252 20.27 28.47 -22.28
C LYS E 252 21.52 27.69 -22.64
N ASN E 253 21.78 26.62 -21.90
CA ASN E 253 22.95 25.80 -22.13
C ASN E 253 22.76 24.96 -23.40
N ILE E 254 23.77 24.94 -24.25
CA ILE E 254 23.76 24.16 -25.47
C ILE E 254 24.37 22.79 -25.17
N LEU E 255 23.61 21.73 -25.44
CA LEU E 255 24.07 20.37 -25.27
C LEU E 255 24.56 19.85 -26.62
N VAL E 256 25.83 19.49 -26.68
CA VAL E 256 26.44 18.94 -27.89
C VAL E 256 26.68 17.47 -27.66
N GLN E 257 26.23 16.62 -28.58
CA GLN E 257 26.43 15.18 -28.52
C GLN E 257 27.30 14.77 -29.69
N PHE E 258 28.41 14.08 -29.40
CA PHE E 258 29.32 13.63 -30.43
C PHE E 258 28.80 12.35 -31.08
N ASN E 259 29.43 12.00 -32.21
CA ASN E 259 29.25 10.70 -32.85
C ASN E 259 30.51 9.85 -32.81
N THR E 260 31.68 10.46 -32.67
CA THR E 260 32.94 9.77 -32.48
C THR E 260 33.51 10.20 -31.13
N PRO E 261 33.66 9.31 -30.14
CA PRO E 261 34.16 9.75 -28.84
C PRO E 261 35.61 10.20 -28.91
N VAL E 262 35.99 11.11 -28.02
CA VAL E 262 37.36 11.59 -27.92
C VAL E 262 37.98 10.95 -26.69
N GLN E 263 39.02 10.16 -26.89
CA GLN E 263 39.66 9.47 -25.78
C GLN E 263 40.43 10.47 -24.92
N ILE E 264 40.21 10.43 -23.61
CA ILE E 264 40.89 11.29 -22.65
C ILE E 264 41.52 10.41 -21.59
N ASN E 265 42.81 10.62 -21.34
CA ASN E 265 43.59 9.82 -20.39
C ASN E 265 43.97 10.71 -19.21
N CYS E 266 43.37 10.46 -18.04
CA CYS E 266 43.56 11.29 -16.86
C CYS E 266 44.29 10.49 -15.80
N THR E 267 45.35 11.08 -15.23
CA THR E 267 46.19 10.37 -14.27
C THR E 267 46.62 11.30 -13.13
N ARG E 268 46.66 10.73 -11.92
CA ARG E 268 47.42 11.28 -10.80
C ARG E 268 48.62 10.37 -10.60
N PRO E 269 49.85 10.81 -10.89
CA PRO E 269 51.01 9.91 -10.81
C PRO E 269 51.72 9.89 -9.46
N ASN E 270 51.20 10.56 -8.44
CA ASN E 270 51.82 10.51 -7.13
C ASN E 270 51.53 9.17 -6.47
N ASN E 271 52.59 8.53 -5.96
CA ASN E 271 52.45 7.24 -5.27
C ASN E 271 52.04 7.53 -3.83
N ASN E 272 50.76 7.87 -3.66
CA ASN E 272 50.24 8.26 -2.37
C ASN E 272 50.27 7.10 -1.38
N THR E 273 50.45 7.45 -0.10
CA THR E 273 50.41 6.49 0.99
C THR E 273 49.25 6.85 1.91
N ARG E 274 48.39 5.88 2.19
CA ARG E 274 47.24 6.06 3.07
C ARG E 274 47.57 5.44 4.42
N LYS E 275 47.65 6.27 5.45
CA LYS E 275 47.71 5.80 6.83
C LYS E 275 46.36 6.02 7.50
N SER E 276 46.12 5.27 8.57
CA SER E 276 44.85 5.30 9.28
C SER E 276 45.11 5.68 10.73
N ILE E 277 44.34 6.65 11.23
CA ILE E 277 44.50 7.18 12.58
C ILE E 277 43.21 6.90 13.34
N ARG E 278 43.35 6.37 14.55
CA ARG E 278 42.21 6.06 15.41
C ARG E 278 41.71 7.36 16.03
N ILE E 279 40.61 7.90 15.52
CA ILE E 279 40.07 9.16 16.02
C ILE E 279 38.98 8.95 17.07
N GLY E 280 38.63 7.70 17.39
CA GLY E 280 37.62 7.40 18.36
C GLY E 280 37.34 5.91 18.41
N PRO E 281 36.35 5.51 19.22
CA PRO E 281 36.00 4.08 19.26
C PRO E 281 35.41 3.61 17.94
N GLY E 282 36.15 2.78 17.22
CA GLY E 282 35.69 2.29 15.94
C GLY E 282 35.64 3.34 14.85
N GLN E 283 36.40 4.42 14.99
CA GLN E 283 36.39 5.51 14.02
C GLN E 283 37.81 5.75 13.53
N ALA E 284 38.00 5.67 12.21
CA ALA E 284 39.30 5.82 11.58
C ALA E 284 39.28 7.00 10.61
N PHE E 285 40.32 7.81 10.65
CA PHE E 285 40.53 8.89 9.69
C PHE E 285 41.71 8.50 8.79
N TYR E 286 41.49 8.56 7.49
CA TYR E 286 42.47 8.11 6.50
C TYR E 286 43.24 9.32 6.00
N ALA E 287 44.48 9.44 6.45
CA ALA E 287 45.36 10.55 6.10
C ALA E 287 46.37 10.13 5.05
N THR E 288 46.89 11.13 4.34
CA THR E 288 47.94 10.95 3.34
C THR E 288 49.28 11.06 4.05
N GLY E 289 49.99 9.94 4.17
CA GLY E 289 51.23 9.91 4.92
C GLY E 289 52.39 10.59 4.22
N ASP E 290 52.84 10.00 3.11
CA ASP E 290 54.00 10.52 2.38
C ASP E 290 53.95 9.98 0.96
N ILE E 291 54.30 10.84 0.00
CA ILE E 291 54.30 10.46 -1.41
C ILE E 291 55.64 9.78 -1.71
N ILE E 292 55.57 8.53 -2.19
CA ILE E 292 56.77 7.75 -2.47
C ILE E 292 57.30 8.19 -3.83
N GLY E 293 58.50 8.79 -3.83
CA GLY E 293 59.14 9.19 -5.06
C GLY E 293 58.86 10.64 -5.44
N ASP E 294 58.95 10.94 -6.73
CA ASP E 294 58.77 12.30 -7.21
C ASP E 294 57.32 12.74 -7.07
N ILE E 295 57.12 14.02 -6.82
CA ILE E 295 55.81 14.65 -6.74
C ILE E 295 55.65 15.53 -7.97
N ARG E 296 54.58 15.28 -8.73
CA ARG E 296 54.32 16.05 -9.95
C ARG E 296 52.81 16.13 -10.16
N GLN E 297 52.42 17.11 -10.97
CA GLN E 297 51.00 17.45 -11.12
C GLN E 297 50.23 16.33 -11.81
N ALA E 298 49.03 16.06 -11.29
CA ALA E 298 48.08 15.25 -12.03
C ALA E 298 47.59 16.00 -13.25
N HIS E 299 47.22 15.26 -14.30
CA HIS E 299 46.89 15.90 -15.56
C HIS E 299 45.99 14.99 -16.38
N CYS E 300 45.60 15.49 -17.55
CA CYS E 300 44.85 14.72 -18.53
C CYS E 300 45.44 14.98 -19.91
N ASN E 301 45.26 14.02 -20.81
CA ASN E 301 45.74 14.09 -22.18
C ASN E 301 44.57 13.85 -23.12
N VAL E 302 44.46 14.71 -24.14
CA VAL E 302 43.44 14.57 -25.19
C VAL E 302 44.15 14.67 -26.54
N SER E 303 43.83 13.73 -27.44
CA SER E 303 44.45 13.74 -28.76
C SER E 303 44.13 15.05 -29.48
N LYS E 304 45.17 15.68 -30.03
CA LYS E 304 45.00 17.01 -30.63
C LYS E 304 44.23 16.93 -31.95
N ALA E 305 44.60 15.98 -32.82
CA ALA E 305 43.91 15.86 -34.10
C ALA E 305 42.45 15.48 -33.92
N THR E 306 42.17 14.53 -33.01
CA THR E 306 40.79 14.14 -32.75
C THR E 306 39.99 15.30 -32.20
N TRP E 307 40.56 16.06 -31.26
CA TRP E 307 39.86 17.22 -30.74
C TRP E 307 39.62 18.26 -31.81
N ASN E 308 40.60 18.47 -32.69
CA ASN E 308 40.45 19.45 -33.76
C ASN E 308 39.33 19.06 -34.72
N GLU E 309 39.28 17.79 -35.12
CA GLU E 309 38.23 17.38 -36.04
C GLU E 309 36.87 17.38 -35.37
N THR E 310 36.81 17.02 -34.08
CA THR E 310 35.56 17.10 -33.35
C THR E 310 35.07 18.55 -33.26
N LEU E 311 35.98 19.48 -32.98
CA LEU E 311 35.60 20.89 -32.95
C LEU E 311 35.15 21.38 -34.31
N GLY E 312 35.80 20.89 -35.38
CA GLY E 312 35.34 21.23 -36.72
C GLY E 312 33.93 20.74 -36.99
N LYS E 313 33.62 19.52 -36.54
CA LYS E 313 32.27 19.01 -36.68
C LYS E 313 31.27 19.86 -35.89
N VAL E 314 31.63 20.23 -34.66
CA VAL E 314 30.74 21.06 -33.85
C VAL E 314 30.54 22.42 -34.52
N VAL E 315 31.59 22.95 -35.15
CA VAL E 315 31.50 24.25 -35.81
C VAL E 315 30.57 24.15 -37.01
N LYS E 316 30.74 23.13 -37.84
CA LYS E 316 29.92 23.02 -39.04
C LYS E 316 28.49 22.60 -38.73
N GLN E 317 28.22 22.08 -37.52
CA GLN E 317 26.85 21.89 -37.08
C GLN E 317 26.25 23.16 -36.47
N LEU E 318 27.07 23.96 -35.78
CA LEU E 318 26.56 25.21 -35.21
C LEU E 318 26.30 26.25 -36.29
N ARG E 319 27.02 26.16 -37.42
CA ARG E 319 26.80 27.10 -38.51
C ARG E 319 25.36 27.02 -39.04
N LYS E 320 24.74 25.85 -38.93
CA LYS E 320 23.34 25.73 -39.35
C LYS E 320 22.43 26.62 -38.51
N HIS E 321 22.77 26.84 -37.24
CA HIS E 321 21.96 27.65 -36.35
C HIS E 321 22.37 29.11 -36.32
N PHE E 322 23.66 29.40 -36.50
CA PHE E 322 24.20 30.74 -36.34
C PHE E 322 24.75 31.32 -37.65
N GLY E 323 24.29 30.81 -38.80
CA GLY E 323 24.72 31.32 -40.08
C GLY E 323 25.92 30.58 -40.64
N ASN E 324 26.10 30.70 -41.96
CA ASN E 324 27.14 29.98 -42.67
C ASN E 324 28.45 30.75 -42.75
N ASN E 325 28.41 32.08 -42.62
CA ASN E 325 29.60 32.91 -42.73
C ASN E 325 30.06 33.48 -41.39
N THR E 326 29.44 33.06 -40.28
CA THR E 326 29.83 33.58 -38.98
C THR E 326 31.16 32.97 -38.53
N ILE E 327 31.83 33.69 -37.65
CA ILE E 327 33.08 33.23 -37.03
C ILE E 327 32.73 32.50 -35.74
N ILE E 328 33.25 31.29 -35.58
CA ILE E 328 32.94 30.46 -34.42
C ILE E 328 34.19 30.38 -33.56
N ARG E 329 34.12 30.94 -32.34
CA ARG E 329 35.27 31.04 -31.45
C ARG E 329 35.02 30.21 -30.20
N PHE E 330 36.06 29.50 -29.76
CA PHE E 330 36.03 28.72 -28.52
C PHE E 330 37.04 29.33 -27.56
N ALA E 331 36.58 29.69 -26.36
CA ALA E 331 37.41 30.37 -25.37
C ALA E 331 37.24 29.74 -24.00
N ASN E 332 37.84 30.36 -22.97
CA ASN E 332 37.82 29.81 -21.62
C ASN E 332 36.50 30.12 -20.93
N SER E 333 36.26 29.41 -19.83
CA SER E 333 35.10 29.69 -19.00
C SER E 333 35.21 31.09 -18.39
N SER E 334 34.07 31.77 -18.28
CA SER E 334 34.08 33.15 -17.80
C SER E 334 34.60 33.24 -16.37
N GLY E 335 34.05 32.44 -15.48
CA GLY E 335 34.48 32.46 -14.09
C GLY E 335 33.43 31.89 -13.17
N GLY E 336 33.82 31.75 -11.91
CA GLY E 336 32.94 31.19 -10.89
C GLY E 336 33.65 30.21 -9.99
N ASP E 337 32.92 29.20 -9.51
CA ASP E 337 33.50 28.20 -8.64
C ASP E 337 34.45 27.29 -9.40
N LEU E 338 35.32 26.62 -8.66
CA LEU E 338 36.24 25.66 -9.28
C LEU E 338 35.48 24.52 -9.93
N GLU E 339 34.28 24.20 -9.44
CA GLU E 339 33.50 23.12 -10.02
C GLU E 339 33.10 23.43 -11.47
N VAL E 340 32.71 24.68 -11.73
CA VAL E 340 32.18 25.05 -13.05
C VAL E 340 33.27 25.59 -13.96
N THR E 341 34.23 26.34 -13.41
CA THR E 341 35.29 26.93 -14.23
C THR E 341 36.27 25.89 -14.77
N THR E 342 36.23 24.66 -14.26
CA THR E 342 37.14 23.61 -14.67
C THR E 342 36.35 22.32 -14.91
N HIS E 343 36.92 21.45 -15.72
CA HIS E 343 36.34 20.12 -15.94
C HIS E 343 36.51 19.33 -14.65
N SER E 344 35.44 19.24 -13.87
CA SER E 344 35.45 18.56 -12.59
C SER E 344 34.86 17.18 -12.74
N PHE E 345 35.52 16.17 -12.18
CA PHE E 345 35.05 14.81 -12.28
C PHE E 345 35.72 13.97 -11.20
N ASN E 346 35.36 12.68 -11.17
CA ASN E 346 35.92 11.70 -10.24
C ASN E 346 36.58 10.58 -11.04
N CYS E 347 37.82 10.26 -10.68
CA CYS E 347 38.59 9.21 -11.32
C CYS E 347 39.19 8.33 -10.22
N GLY E 348 38.75 7.08 -10.15
CA GLY E 348 39.31 6.13 -9.21
C GLY E 348 39.21 6.58 -7.76
N GLY E 349 38.18 7.34 -7.42
CA GLY E 349 37.99 7.83 -6.07
C GLY E 349 38.62 9.18 -5.79
N GLU E 350 39.42 9.70 -6.71
CA GLU E 350 40.07 11.01 -6.55
C GLU E 350 39.37 12.04 -7.41
N PHE E 351 39.10 13.21 -6.83
CA PHE E 351 38.31 14.24 -7.48
C PHE E 351 39.22 15.22 -8.20
N PHE E 352 39.19 15.16 -9.53
CA PHE E 352 40.00 15.99 -10.41
C PHE E 352 39.24 17.26 -10.80
N TYR E 353 39.98 18.35 -10.94
CA TYR E 353 39.48 19.59 -11.52
C TYR E 353 40.52 20.05 -12.53
N CYS E 354 40.19 19.92 -13.82
CA CYS E 354 41.16 20.09 -14.89
C CYS E 354 40.92 21.38 -15.63
N ASN E 355 42.01 22.13 -15.85
CA ASN E 355 41.97 23.42 -16.56
C ASN E 355 41.83 23.15 -18.04
N THR E 356 40.60 23.22 -18.56
CA THR E 356 40.32 22.96 -19.97
C THR E 356 40.57 24.22 -20.80
N SER E 357 41.81 24.70 -20.76
CA SER E 357 42.20 25.89 -21.52
C SER E 357 42.79 25.55 -22.88
N GLY E 358 43.46 24.40 -23.01
CA GLY E 358 43.97 23.97 -24.29
C GLY E 358 42.93 23.41 -25.23
N LEU E 359 41.72 23.15 -24.73
CA LEU E 359 40.65 22.58 -25.55
C LEU E 359 39.83 23.67 -26.23
N PHE E 360 39.22 24.55 -25.44
CA PHE E 360 38.36 25.62 -25.96
C PHE E 360 39.19 26.89 -26.12
N ASN E 361 40.09 26.84 -27.10
CA ASN E 361 40.96 27.98 -27.40
C ASN E 361 41.25 27.95 -28.90
N SER E 362 40.42 28.63 -29.68
CA SER E 362 40.58 28.62 -31.13
C SER E 362 39.54 29.54 -31.77
N THR E 363 39.77 29.84 -33.04
CA THR E 363 38.84 30.58 -33.88
C THR E 363 38.67 29.83 -35.19
N TRP E 364 37.45 29.86 -35.72
CA TRP E 364 37.10 29.15 -36.95
C TRP E 364 36.43 30.12 -37.90
N ILE E 365 36.98 30.24 -39.10
CA ILE E 365 36.50 31.14 -40.15
C ILE E 365 35.94 30.28 -41.27
N SER E 366 34.73 30.62 -41.73
CA SER E 366 34.14 29.90 -42.85
C SER E 366 34.98 30.10 -44.11
N ASN E 367 35.21 29.02 -44.83
CA ASN E 367 36.01 29.07 -46.05
C ASN E 367 35.59 27.96 -47.02
N SER E 378 49.69 15.29 -35.30
CA SER E 378 50.42 14.07 -35.66
C SER E 378 50.22 12.99 -34.59
N ASN E 379 51.00 13.08 -33.51
CA ASN E 379 50.86 12.17 -32.38
C ASN E 379 50.89 12.86 -31.03
N ASP E 380 51.25 14.13 -30.96
CA ASP E 380 51.23 14.86 -29.70
C ASP E 380 49.78 15.07 -29.26
N SER E 381 49.62 15.42 -27.98
CA SER E 381 48.31 15.58 -27.37
C SER E 381 48.29 16.85 -26.52
N ILE E 382 47.10 17.42 -26.38
CA ILE E 382 46.89 18.56 -25.50
C ILE E 382 46.89 18.05 -24.07
N THR E 383 47.70 18.68 -23.22
CA THR E 383 47.82 18.33 -21.82
C THR E 383 47.06 19.36 -20.98
N LEU E 384 46.08 18.89 -20.23
CA LEU E 384 45.29 19.75 -19.35
C LEU E 384 45.76 19.53 -17.92
N PRO E 385 46.35 20.51 -17.25
CA PRO E 385 46.72 20.31 -15.84
C PRO E 385 45.48 20.19 -14.98
N CYS E 386 45.62 19.41 -13.90
CA CYS E 386 44.50 19.10 -13.02
C CYS E 386 44.92 19.23 -11.56
N ARG E 387 44.00 19.75 -10.74
CA ARG E 387 44.17 19.86 -9.31
C ARG E 387 43.26 18.85 -8.61
N ILE E 388 43.81 18.16 -7.62
CA ILE E 388 43.07 17.15 -6.87
C ILE E 388 42.47 17.81 -5.65
N LYS E 389 41.25 17.38 -5.30
CA LYS E 389 40.58 17.87 -4.10
C LYS E 389 40.01 16.70 -3.31
N GLN E 390 40.05 16.82 -1.98
CA GLN E 390 39.48 15.85 -1.07
C GLN E 390 38.17 16.31 -0.44
N ILE E 391 38.05 17.60 -0.14
CA ILE E 391 36.80 18.18 0.37
C ILE E 391 35.94 18.53 -0.83
N ILE E 392 34.78 17.89 -0.94
CA ILE E 392 33.94 17.94 -2.14
C ILE E 392 32.55 18.41 -1.76
N ASN E 393 31.98 19.27 -2.60
CA ASN E 393 30.56 19.63 -2.57
C ASN E 393 29.99 19.19 -3.92
N MET E 394 29.54 17.94 -3.98
CA MET E 394 29.18 17.34 -5.27
C MET E 394 28.05 18.10 -5.94
N TRP E 395 26.94 18.28 -5.25
CA TRP E 395 25.80 19.02 -5.78
C TRP E 395 25.86 20.47 -5.31
N GLN E 396 25.05 21.31 -5.95
CA GLN E 396 25.06 22.74 -5.63
C GLN E 396 24.37 22.97 -4.29
N ARG E 397 25.04 22.57 -3.20
CA ARG E 397 24.53 22.70 -1.86
C ARG E 397 25.60 23.33 -0.97
N ILE E 398 25.14 23.95 0.11
CA ILE E 398 26.01 24.57 1.10
C ILE E 398 25.66 24.00 2.46
N GLY E 399 26.66 23.59 3.22
CA GLY E 399 26.46 22.98 4.52
C GLY E 399 26.40 21.46 4.51
N GLN E 400 26.72 20.82 3.38
CA GLN E 400 26.76 19.36 3.28
C GLN E 400 27.96 18.99 2.41
N CYS E 401 29.09 18.72 3.06
CA CYS E 401 30.35 18.45 2.37
C CYS E 401 30.80 17.02 2.66
N MET E 402 31.71 16.55 1.81
CA MET E 402 32.23 15.18 1.88
C MET E 402 33.75 15.22 1.77
N TYR E 403 34.42 14.37 2.55
CA TYR E 403 35.87 14.25 2.53
C TYR E 403 36.25 12.92 1.87
N ALA E 404 37.00 13.01 0.77
CA ALA E 404 37.42 11.82 0.03
C ALA E 404 38.68 11.25 0.66
N PRO E 405 38.71 10.00 1.11
CA PRO E 405 39.96 9.44 1.60
C PRO E 405 40.98 9.33 0.49
N PRO E 406 42.26 9.43 0.81
CA PRO E 406 43.28 9.30 -0.24
C PRO E 406 43.31 7.88 -0.80
N ILE E 407 43.68 7.78 -2.08
CA ILE E 407 43.74 6.51 -2.79
C ILE E 407 45.18 6.01 -2.77
N GLN E 408 45.37 4.74 -2.44
CA GLN E 408 46.69 4.15 -2.33
C GLN E 408 47.29 3.96 -3.71
N GLY E 409 48.32 4.74 -4.02
CA GLY E 409 49.12 4.53 -5.23
C GLY E 409 48.68 5.41 -6.39
N VAL E 410 49.45 5.29 -7.47
CA VAL E 410 49.15 6.01 -8.70
C VAL E 410 47.79 5.60 -9.23
N ILE E 411 47.09 6.54 -9.88
CA ILE E 411 45.79 6.25 -10.49
C ILE E 411 45.79 6.76 -11.93
N ARG E 412 45.26 5.94 -12.83
CA ARG E 412 45.09 6.28 -14.24
C ARG E 412 43.72 5.81 -14.67
N CYS E 413 43.07 6.57 -15.55
CA CYS E 413 41.77 6.21 -16.06
C CYS E 413 41.55 6.82 -17.43
N VAL E 414 40.93 6.05 -18.32
CA VAL E 414 40.68 6.43 -19.70
C VAL E 414 39.16 6.54 -19.88
N SER E 415 38.72 7.63 -20.49
CA SER E 415 37.30 7.92 -20.66
C SER E 415 37.03 8.39 -22.08
N ASN E 416 35.75 8.35 -22.44
CA ASN E 416 35.27 8.88 -23.71
C ASN E 416 34.59 10.22 -23.46
N ILE E 417 35.06 11.27 -24.11
CA ILE E 417 34.30 12.51 -24.21
C ILE E 417 33.29 12.32 -25.32
N THR E 418 32.00 12.34 -24.97
CA THR E 418 30.92 12.12 -25.91
C THR E 418 30.05 13.35 -26.10
N GLY E 419 30.35 14.46 -25.44
CA GLY E 419 29.53 15.64 -25.58
C GLY E 419 30.10 16.81 -24.80
N LEU E 420 29.43 17.94 -24.94
CA LEU E 420 29.84 19.20 -24.34
C LEU E 420 28.62 19.95 -23.82
N ILE E 421 28.86 20.80 -22.84
CA ILE E 421 27.83 21.70 -22.29
C ILE E 421 28.38 23.11 -22.51
N LEU E 422 28.00 23.72 -23.63
CA LEU E 422 28.51 25.04 -24.02
C LEU E 422 27.53 26.13 -23.63
N THR E 423 28.05 27.36 -23.59
CA THR E 423 27.25 28.56 -23.38
C THR E 423 27.71 29.63 -24.35
N ARG E 424 26.77 30.24 -25.05
CA ARG E 424 27.11 31.27 -26.03
C ARG E 424 27.32 32.61 -25.33
N ASP E 425 28.40 33.29 -25.69
CA ASP E 425 28.75 34.56 -25.06
C ASP E 425 28.13 35.72 -25.84
N GLY E 426 27.70 36.74 -25.11
CA GLY E 426 27.11 37.90 -25.75
C GLY E 426 25.86 37.54 -26.53
N GLY E 427 25.78 38.03 -27.77
CA GLY E 427 24.62 37.79 -28.62
C GLY E 427 24.16 39.04 -29.36
N SER E 428 24.87 40.15 -29.19
CA SER E 428 24.51 41.38 -29.88
C SER E 428 24.70 41.23 -31.38
N THR E 429 23.91 41.98 -32.15
CA THR E 429 23.96 41.94 -33.60
C THR E 429 25.05 42.81 -34.19
N ASN E 430 25.81 43.53 -33.35
CA ASN E 430 26.85 44.42 -33.87
C ASN E 430 27.93 43.64 -34.61
N SER E 431 28.37 42.51 -34.05
CA SER E 431 29.45 41.71 -34.60
C SER E 431 28.89 40.44 -35.25
N THR E 432 29.73 39.81 -36.06
CA THR E 432 29.39 38.58 -36.78
C THR E 432 30.12 37.36 -36.22
N THR E 433 30.67 37.46 -35.00
CA THR E 433 31.39 36.37 -34.36
C THR E 433 30.57 35.81 -33.21
N GLU E 434 30.59 34.48 -33.10
CA GLU E 434 29.92 33.75 -32.01
C GLU E 434 30.97 33.07 -31.17
N THR E 435 30.90 33.29 -29.85
CA THR E 435 31.85 32.73 -28.90
C THR E 435 31.12 31.75 -27.98
N PHE E 436 31.66 30.55 -27.87
CA PHE E 436 31.11 29.51 -27.01
C PHE E 436 32.13 29.12 -25.97
N ARG E 437 31.71 29.09 -24.70
CA ARG E 437 32.57 28.76 -23.57
C ARG E 437 32.05 27.53 -22.86
N PRO E 438 32.91 26.73 -22.24
CA PRO E 438 32.43 25.55 -21.51
C PRO E 438 31.57 25.95 -20.32
N GLY E 439 30.61 25.08 -20.00
CA GLY E 439 29.69 25.31 -18.90
C GLY E 439 29.31 24.02 -18.22
N GLY E 440 28.52 24.16 -17.16
CA GLY E 440 28.08 23.01 -16.39
C GLY E 440 27.54 23.38 -15.03
N GLY E 441 27.95 22.65 -13.99
CA GLY E 441 27.49 22.91 -12.65
C GLY E 441 26.24 22.13 -12.30
N ASP E 442 25.16 22.41 -13.00
CA ASP E 442 23.90 21.71 -12.79
C ASP E 442 23.95 20.35 -13.49
N MET E 443 23.86 19.28 -12.71
CA MET E 443 23.94 17.94 -13.27
C MET E 443 22.65 17.49 -13.95
N ARG E 444 21.58 18.27 -13.86
CA ARG E 444 20.36 17.93 -14.58
C ARG E 444 20.59 17.90 -16.08
N ASP E 445 21.48 18.75 -16.59
CA ASP E 445 21.81 18.73 -18.01
C ASP E 445 22.50 17.42 -18.38
N ASN E 446 23.34 16.90 -17.49
CA ASN E 446 24.02 15.62 -17.77
C ASN E 446 23.01 14.49 -17.92
N TRP E 447 21.99 14.46 -17.06
CA TRP E 447 20.94 13.45 -17.21
C TRP E 447 20.11 13.71 -18.45
N ARG E 448 19.89 14.99 -18.78
CA ARG E 448 19.06 15.34 -19.92
C ARG E 448 19.65 14.84 -21.24
N SER E 449 20.98 14.81 -21.33
CA SER E 449 21.62 14.33 -22.55
C SER E 449 21.38 12.84 -22.79
N GLU E 450 21.00 12.08 -21.77
CA GLU E 450 20.74 10.66 -21.89
C GLU E 450 19.24 10.33 -21.95
N LEU E 451 18.40 11.15 -21.32
CA LEU E 451 16.96 10.92 -21.29
C LEU E 451 16.21 11.78 -22.30
N TYR E 452 16.93 12.40 -23.26
CA TYR E 452 16.28 13.29 -24.22
C TYR E 452 15.28 12.54 -25.09
N LYS E 453 15.53 11.26 -25.37
CA LYS E 453 14.70 10.48 -26.29
C LYS E 453 13.70 9.59 -25.54
N TYR E 454 13.24 10.02 -24.37
CA TYR E 454 12.33 9.22 -23.56
C TYR E 454 11.26 10.11 -22.95
N LYS E 455 10.07 9.55 -22.79
CA LYS E 455 9.01 10.22 -22.04
C LYS E 455 8.12 9.17 -21.40
N VAL E 456 7.36 9.61 -20.40
CA VAL E 456 6.47 8.75 -19.63
C VAL E 456 5.03 9.14 -19.94
N VAL E 457 4.18 8.14 -20.17
CA VAL E 457 2.76 8.36 -20.40
C VAL E 457 1.96 7.36 -19.57
N LYS E 458 0.71 7.71 -19.32
CA LYS E 458 -0.23 6.86 -18.60
C LYS E 458 -1.31 6.40 -19.56
N ILE E 459 -1.60 5.09 -19.52
CA ILE E 459 -2.57 4.50 -20.45
C ILE E 459 -3.97 4.81 -19.98
N GLU E 460 -4.84 5.21 -20.91
CA GLU E 460 -6.26 5.47 -20.65
C GLU E 460 -7.06 4.38 -21.33
N PRO E 461 -7.29 3.23 -20.68
CA PRO E 461 -7.92 2.10 -21.38
C PRO E 461 -9.39 2.29 -21.68
N LEU E 462 -10.07 3.20 -20.99
CA LEU E 462 -11.51 3.37 -21.18
C LEU E 462 -11.80 4.33 -22.33
N GLY E 463 -12.80 3.98 -23.14
CA GLY E 463 -13.23 4.84 -24.22
C GLY E 463 -14.69 4.58 -24.55
N VAL E 464 -15.31 5.56 -25.21
CA VAL E 464 -16.70 5.49 -25.61
C VAL E 464 -16.78 5.83 -27.10
N ALA E 465 -17.51 5.03 -27.86
CA ALA E 465 -17.64 5.20 -29.30
C ALA E 465 -19.09 5.01 -29.72
N PRO E 466 -19.48 5.50 -30.90
CA PRO E 466 -20.84 5.23 -31.38
C PRO E 466 -20.91 3.91 -32.14
N THR E 467 -21.96 3.14 -31.85
CA THR E 467 -22.22 1.93 -32.62
C THR E 467 -23.72 1.72 -32.75
N ARG E 468 -24.11 1.03 -33.83
CA ARG E 468 -25.51 0.68 -34.01
C ARG E 468 -26.00 -0.34 -32.99
N CYS E 469 -25.09 -1.00 -32.29
CA CYS E 469 -25.48 -2.01 -31.31
C CYS E 469 -26.26 -1.38 -30.15
N LYS E 470 -27.24 -2.11 -29.65
CA LYS E 470 -28.07 -1.70 -28.53
C LYS E 470 -28.12 -2.83 -27.52
N ARG E 471 -28.10 -2.49 -26.24
CA ARG E 471 -28.19 -3.47 -25.17
C ARG E 471 -29.60 -4.06 -25.11
N ALA F 1 -6.09 -12.39 -51.81
CA ALA F 1 -4.73 -12.81 -51.37
C ALA F 1 -4.84 -13.93 -50.33
N VAL F 2 -3.68 -14.40 -49.87
CA VAL F 2 -3.59 -15.53 -48.95
C VAL F 2 -3.22 -15.01 -47.56
N GLY F 3 -3.83 -15.61 -46.53
CA GLY F 3 -3.52 -15.27 -45.16
C GLY F 3 -3.21 -16.53 -44.37
N ILE F 4 -2.58 -16.32 -43.22
CA ILE F 4 -2.14 -17.41 -42.35
C ILE F 4 -2.58 -17.18 -40.92
N GLY F 5 -3.53 -16.27 -40.72
CA GLY F 5 -4.08 -15.98 -39.39
C GLY F 5 -3.58 -14.65 -38.86
N ALA F 6 -3.96 -14.40 -37.60
CA ALA F 6 -3.66 -13.14 -36.95
C ALA F 6 -2.20 -13.09 -36.49
N VAL F 7 -1.76 -11.89 -36.13
CA VAL F 7 -0.41 -11.64 -35.64
C VAL F 7 -0.50 -10.78 -34.38
N PHE F 8 0.59 -10.76 -33.62
CA PHE F 8 0.68 -10.03 -32.36
C PHE F 8 1.58 -8.82 -32.54
N LEU F 9 1.05 -7.64 -32.25
CA LEU F 9 1.77 -6.39 -32.48
C LEU F 9 2.41 -5.81 -31.23
N GLY F 10 2.08 -6.33 -30.05
CA GLY F 10 2.71 -5.91 -28.81
C GLY F 10 1.74 -5.13 -27.92
N PHE F 11 2.32 -4.54 -26.87
CA PHE F 11 1.52 -3.91 -25.82
C PHE F 11 0.67 -2.77 -26.39
N LEU F 12 1.30 -1.84 -27.12
CA LEU F 12 0.61 -0.71 -27.73
C LEU F 12 0.84 -0.67 -29.24
N GLY F 13 1.08 -1.83 -29.85
CA GLY F 13 1.35 -1.87 -31.28
C GLY F 13 0.20 -1.37 -32.13
N ALA F 14 -1.03 -1.59 -31.67
CA ALA F 14 -2.22 -1.17 -32.41
C ALA F 14 -2.60 0.28 -32.14
N ALA F 15 -1.73 1.07 -31.51
CA ALA F 15 -2.05 2.47 -31.24
C ALA F 15 -2.23 3.24 -32.55
N GLY F 16 -1.36 2.99 -33.53
CA GLY F 16 -1.46 3.66 -34.81
C GLY F 16 -2.46 3.05 -35.78
N SER F 17 -3.06 1.92 -35.42
CA SER F 17 -4.02 1.26 -36.29
C SER F 17 -5.40 1.91 -36.13
N THR F 18 -6.30 1.57 -37.06
CA THR F 18 -7.65 2.09 -37.01
C THR F 18 -8.41 1.47 -35.83
N MET F 19 -9.60 2.03 -35.57
CA MET F 19 -10.41 1.55 -34.45
C MET F 19 -10.82 0.09 -34.65
N GLY F 20 -11.19 -0.28 -35.87
CA GLY F 20 -11.60 -1.64 -36.13
C GLY F 20 -10.50 -2.65 -35.84
N ALA F 21 -9.27 -2.32 -36.24
CA ALA F 21 -8.14 -3.18 -35.96
C ALA F 21 -7.71 -3.09 -34.50
N ALA F 22 -7.78 -1.89 -33.91
CA ALA F 22 -7.34 -1.73 -32.52
C ALA F 22 -8.28 -2.43 -31.55
N SER F 23 -9.57 -2.55 -31.89
CA SER F 23 -10.52 -3.23 -31.03
C SER F 23 -10.30 -4.74 -30.99
N MET F 24 -9.44 -5.28 -31.84
CA MET F 24 -9.10 -6.69 -31.82
C MET F 24 -7.91 -7.00 -30.91
N THR F 25 -7.37 -5.99 -30.21
CA THR F 25 -6.23 -6.16 -29.31
C THR F 25 -6.50 -5.48 -27.97
N LEU F 26 -7.78 -5.41 -27.57
CA LEU F 26 -8.11 -4.74 -26.31
C LEU F 26 -7.50 -5.46 -25.11
N THR F 27 -7.55 -6.79 -25.10
CA THR F 27 -6.99 -7.55 -23.99
C THR F 27 -5.51 -7.30 -23.82
N VAL F 28 -4.80 -7.02 -24.92
CA VAL F 28 -3.36 -6.83 -24.86
C VAL F 28 -3.03 -5.65 -23.97
N GLN F 29 -3.75 -4.54 -24.14
CA GLN F 29 -3.57 -3.40 -23.25
C GLN F 29 -4.21 -3.65 -21.88
N ALA F 30 -5.32 -4.38 -21.83
CA ALA F 30 -6.04 -4.54 -20.58
C ALA F 30 -5.22 -5.32 -19.56
N ARG F 31 -4.56 -6.39 -19.98
CA ARG F 31 -3.88 -7.26 -19.03
C ARG F 31 -2.57 -6.70 -18.50
N ASN F 32 -2.07 -5.59 -19.07
CA ASN F 32 -0.81 -4.99 -18.66
C ASN F 32 -1.00 -3.83 -17.69
N LEU F 33 -2.23 -3.58 -17.23
CA LEU F 33 -2.51 -2.43 -16.38
C LEU F 33 -2.26 -2.68 -14.90
N LEU F 34 -2.11 -3.93 -14.47
CA LEU F 34 -1.83 -4.26 -13.08
C LEU F 34 -0.38 -4.64 -12.84
N SER F 35 0.34 -5.13 -13.85
CA SER F 35 1.74 -5.49 -13.71
C SER F 35 2.38 -5.73 -15.07
N THR F 58 17.10 1.59 0.06
CA THR F 58 15.80 1.98 0.61
C THR F 58 15.20 3.17 -0.12
N VAL F 59 15.95 3.75 -1.05
CA VAL F 59 15.41 4.78 -1.95
C VAL F 59 14.62 4.15 -3.08
N TRP F 60 15.19 3.12 -3.71
CA TRP F 60 14.46 2.37 -4.72
C TRP F 60 13.36 1.53 -4.11
N GLY F 61 13.57 1.05 -2.87
CA GLY F 61 12.58 0.18 -2.24
C GLY F 61 11.24 0.86 -2.02
N ILE F 62 11.26 2.14 -1.65
CA ILE F 62 10.03 2.88 -1.37
C ILE F 62 9.51 3.61 -2.61
N LYS F 63 10.20 3.48 -3.75
CA LYS F 63 9.66 3.90 -5.04
C LYS F 63 8.76 2.83 -5.67
N GLN F 64 8.35 1.83 -4.89
CA GLN F 64 7.55 0.71 -5.40
C GLN F 64 6.21 0.65 -4.69
N LEU F 65 6.22 0.77 -3.36
CA LEU F 65 5.02 0.51 -2.57
C LEU F 65 3.92 1.54 -2.83
N GLN F 66 4.30 2.80 -3.07
CA GLN F 66 3.32 3.84 -3.35
C GLN F 66 2.85 3.84 -4.80
N ALA F 67 3.75 3.60 -5.75
CA ALA F 67 3.36 3.52 -7.15
C ALA F 67 2.46 2.33 -7.42
N ARG F 68 2.73 1.20 -6.76
CA ARG F 68 1.84 0.04 -6.89
C ARG F 68 0.45 0.36 -6.36
N VAL F 69 0.38 1.09 -5.25
CA VAL F 69 -0.92 1.51 -4.71
C VAL F 69 -1.64 2.40 -5.70
N LEU F 70 -0.92 3.34 -6.31
CA LEU F 70 -1.54 4.23 -7.29
C LEU F 70 -2.06 3.44 -8.50
N ALA F 71 -1.27 2.49 -8.99
CA ALA F 71 -1.71 1.69 -10.14
C ALA F 71 -2.95 0.86 -9.78
N VAL F 72 -2.95 0.26 -8.59
CA VAL F 72 -4.11 -0.51 -8.15
C VAL F 72 -5.34 0.38 -8.07
N GLU F 73 -5.18 1.60 -7.53
CA GLU F 73 -6.31 2.51 -7.42
C GLU F 73 -6.84 2.91 -8.79
N ARG F 74 -5.95 3.19 -9.74
CA ARG F 74 -6.41 3.54 -11.08
C ARG F 74 -7.17 2.38 -11.72
N TYR F 75 -6.64 1.16 -11.60
CA TYR F 75 -7.32 0.00 -12.16
C TYR F 75 -8.68 -0.20 -11.52
N LEU F 76 -8.76 -0.06 -10.19
CA LEU F 76 -10.02 -0.27 -9.50
C LEU F 76 -11.02 0.84 -9.82
N ARG F 77 -10.55 2.07 -10.02
CA ARG F 77 -11.44 3.14 -10.46
C ARG F 77 -12.06 2.80 -11.82
N ASP F 78 -11.22 2.33 -12.75
CA ASP F 78 -11.74 1.95 -14.06
C ASP F 78 -12.75 0.80 -13.94
N GLN F 79 -12.42 -0.21 -13.12
CA GLN F 79 -13.32 -1.34 -12.98
C GLN F 79 -14.64 -0.94 -12.34
N GLN F 80 -14.60 -0.07 -11.34
CA GLN F 80 -15.84 0.39 -10.70
C GLN F 80 -16.68 1.21 -11.67
N LEU F 81 -16.03 2.07 -12.47
CA LEU F 81 -16.78 2.86 -13.45
C LEU F 81 -17.44 1.95 -14.47
N LEU F 82 -16.75 0.90 -14.90
CA LEU F 82 -17.37 -0.08 -15.80
C LEU F 82 -18.52 -0.79 -15.11
N GLY F 83 -18.34 -1.19 -13.85
CA GLY F 83 -19.34 -1.98 -13.16
C GLY F 83 -20.64 -1.22 -12.92
N ILE F 84 -20.53 0.07 -12.59
CA ILE F 84 -21.73 0.87 -12.34
C ILE F 84 -22.48 1.22 -13.62
N TRP F 85 -21.98 0.81 -14.79
CA TRP F 85 -22.69 0.96 -16.05
C TRP F 85 -23.33 -0.33 -16.53
N GLY F 86 -23.12 -1.45 -15.84
CA GLY F 86 -23.57 -2.74 -16.32
C GLY F 86 -22.61 -3.43 -17.28
N CYS F 87 -21.45 -2.83 -17.55
CA CYS F 87 -20.46 -3.40 -18.45
C CYS F 87 -19.39 -4.18 -17.69
N SER F 88 -19.73 -4.73 -16.53
CA SER F 88 -18.76 -5.46 -15.73
C SER F 88 -18.30 -6.73 -16.44
N GLY F 89 -17.00 -7.00 -16.36
CA GLY F 89 -16.45 -8.22 -16.95
C GLY F 89 -16.58 -8.26 -18.46
N LYS F 90 -16.65 -7.10 -19.11
CA LYS F 90 -16.77 -7.02 -20.57
C LYS F 90 -15.79 -5.99 -21.11
N LEU F 91 -15.26 -6.27 -22.30
CA LEU F 91 -14.35 -5.36 -22.97
C LEU F 91 -15.02 -4.54 -24.06
N ILE F 92 -16.09 -5.07 -24.67
CA ILE F 92 -16.95 -4.32 -25.56
C ILE F 92 -18.38 -4.49 -25.04
N CYS F 93 -19.03 -3.38 -24.71
CA CYS F 93 -20.31 -3.40 -24.01
C CYS F 93 -21.29 -2.43 -24.68
N CYS F 94 -22.46 -2.93 -25.04
CA CYS F 94 -23.52 -2.09 -25.55
C CYS F 94 -24.33 -1.50 -24.40
N THR F 95 -24.89 -0.31 -24.64
CA THR F 95 -25.64 0.43 -23.63
C THR F 95 -26.95 0.91 -24.23
N ASN F 96 -27.83 1.39 -23.35
CA ASN F 96 -29.13 1.92 -23.75
C ASN F 96 -29.15 3.44 -23.85
N VAL F 97 -27.99 4.08 -23.75
CA VAL F 97 -27.89 5.53 -23.82
C VAL F 97 -27.73 5.91 -25.30
N PRO F 98 -28.68 6.62 -25.91
CA PRO F 98 -28.50 7.01 -27.32
C PRO F 98 -27.37 8.01 -27.48
N TRP F 99 -26.73 7.94 -28.65
CA TRP F 99 -25.63 8.85 -28.97
C TRP F 99 -26.20 10.20 -29.36
N ASN F 100 -26.24 11.13 -28.40
CA ASN F 100 -26.62 12.50 -28.71
C ASN F 100 -25.61 13.06 -29.71
N SER F 101 -26.12 13.43 -30.89
CA SER F 101 -25.25 13.79 -32.01
C SER F 101 -24.44 15.06 -31.75
N SER F 102 -24.79 15.86 -30.74
CA SER F 102 -24.01 17.06 -30.46
C SER F 102 -22.59 16.71 -30.03
N TRP F 103 -22.39 15.52 -29.45
CA TRP F 103 -21.05 15.11 -29.06
C TRP F 103 -20.14 14.95 -30.27
N SER F 104 -20.65 14.34 -31.34
CA SER F 104 -19.85 14.14 -32.54
C SER F 104 -20.80 13.97 -33.72
N ASN F 105 -20.45 14.59 -34.85
CA ASN F 105 -21.26 14.54 -36.06
C ASN F 105 -20.69 13.61 -37.11
N ARG F 106 -19.53 13.01 -36.87
CA ARG F 106 -18.91 12.12 -37.86
C ARG F 106 -19.77 10.87 -38.05
N ASN F 107 -19.83 10.39 -39.29
CA ASN F 107 -20.47 9.12 -39.58
C ASN F 107 -19.51 7.97 -39.27
N LEU F 108 -20.09 6.77 -39.11
CA LEU F 108 -19.29 5.62 -38.71
C LEU F 108 -18.24 5.26 -39.75
N SER F 109 -18.55 5.47 -41.03
CA SER F 109 -17.64 5.05 -42.09
C SER F 109 -16.27 5.71 -41.96
N GLU F 110 -16.25 6.98 -41.56
CA GLU F 110 -15.01 7.72 -41.38
C GLU F 110 -14.47 7.61 -39.95
N ILE F 111 -15.15 6.90 -39.06
CA ILE F 111 -14.72 6.74 -37.67
C ILE F 111 -13.95 5.45 -37.47
N TRP F 112 -14.53 4.32 -37.87
CA TRP F 112 -13.98 3.01 -37.56
C TRP F 112 -12.97 2.51 -38.58
N ASP F 113 -12.84 3.17 -39.73
CA ASP F 113 -11.96 2.72 -40.80
C ASP F 113 -10.94 3.75 -41.25
N ASN F 114 -11.03 5.00 -40.78
CA ASN F 114 -10.12 6.05 -41.21
C ASN F 114 -9.72 6.95 -40.04
N MET F 115 -9.64 6.40 -38.84
CA MET F 115 -9.25 7.19 -37.67
C MET F 115 -8.87 6.24 -36.54
N THR F 116 -7.90 6.66 -35.74
CA THR F 116 -7.41 5.89 -34.61
C THR F 116 -8.07 6.37 -33.32
N TRP F 117 -7.77 5.67 -32.22
CA TRP F 117 -8.40 5.98 -30.95
C TRP F 117 -7.83 7.23 -30.30
N LEU F 118 -6.55 7.54 -30.53
CA LEU F 118 -5.97 8.73 -29.94
C LEU F 118 -6.65 10.00 -30.45
N GLN F 119 -6.93 10.05 -31.75
CA GLN F 119 -7.63 11.21 -32.30
C GLN F 119 -9.04 11.32 -31.72
N TRP F 120 -9.69 10.18 -31.50
CA TRP F 120 -11.01 10.18 -30.89
C TRP F 120 -10.96 10.73 -29.47
N ASP F 121 -9.97 10.29 -28.69
CA ASP F 121 -9.82 10.81 -27.34
C ASP F 121 -9.53 12.30 -27.34
N LYS F 122 -8.77 12.77 -28.34
CA LYS F 122 -8.58 14.20 -28.50
C LYS F 122 -9.90 14.91 -28.78
N GLU F 123 -10.75 14.30 -29.61
CA GLU F 123 -11.95 14.99 -30.09
C GLU F 123 -13.02 15.08 -28.99
N ILE F 124 -13.25 14.00 -28.26
CA ILE F 124 -14.42 13.87 -27.39
C ILE F 124 -14.08 14.10 -25.92
N SER F 125 -12.97 14.80 -25.64
CA SER F 125 -12.54 14.97 -24.26
C SER F 125 -13.52 15.81 -23.43
N ASN F 126 -14.37 16.62 -24.08
CA ASN F 126 -15.22 17.53 -23.34
C ASN F 126 -16.46 16.86 -22.73
N TYR F 127 -16.98 15.82 -23.38
CA TYR F 127 -18.28 15.24 -23.02
C TYR F 127 -18.15 13.94 -22.25
N THR F 128 -17.00 13.69 -21.62
CA THR F 128 -16.76 12.40 -20.97
C THR F 128 -17.64 12.21 -19.74
N GLN F 129 -17.65 13.19 -18.84
CA GLN F 129 -18.26 12.99 -17.53
C GLN F 129 -19.78 12.94 -17.62
N ILE F 130 -20.37 13.75 -18.51
CA ILE F 130 -21.82 13.71 -18.65
C ILE F 130 -22.27 12.37 -19.22
N ILE F 131 -21.49 11.81 -20.15
CA ILE F 131 -21.81 10.49 -20.69
C ILE F 131 -21.67 9.44 -19.59
N TYR F 132 -20.63 9.56 -18.75
CA TYR F 132 -20.46 8.61 -17.66
C TYR F 132 -21.64 8.67 -16.69
N GLY F 133 -22.09 9.88 -16.35
CA GLY F 133 -23.26 10.00 -15.49
C GLY F 133 -24.52 9.45 -16.12
N LEU F 134 -24.70 9.68 -17.42
CA LEU F 134 -25.84 9.12 -18.12
C LEU F 134 -25.82 7.60 -18.07
N LEU F 135 -24.64 7.00 -18.28
CA LEU F 135 -24.52 5.55 -18.20
C LEU F 135 -24.83 5.05 -16.79
N GLU F 136 -24.35 5.78 -15.77
CA GLU F 136 -24.62 5.40 -14.40
C GLU F 136 -26.13 5.38 -14.11
N GLU F 137 -26.82 6.46 -14.48
CA GLU F 137 -28.26 6.51 -14.22
C GLU F 137 -29.02 5.48 -15.05
N SER F 138 -28.56 5.23 -16.29
CA SER F 138 -29.21 4.20 -17.10
C SER F 138 -29.03 2.82 -16.48
N GLN F 139 -27.86 2.54 -15.92
CA GLN F 139 -27.66 1.27 -15.23
C GLN F 139 -28.57 1.17 -14.02
N ASN F 140 -28.71 2.25 -13.26
CA ASN F 140 -29.60 2.22 -12.11
C ASN F 140 -31.04 1.95 -12.53
N GLN F 141 -31.49 2.60 -13.61
CA GLN F 141 -32.86 2.37 -14.10
C GLN F 141 -33.02 0.94 -14.60
N GLN F 142 -31.99 0.38 -15.22
CA GLN F 142 -32.05 -1.01 -15.67
C GLN F 142 -32.18 -1.96 -14.49
N GLU F 143 -31.41 -1.72 -13.42
CA GLU F 143 -31.51 -2.56 -12.24
C GLU F 143 -32.90 -2.47 -11.62
N LYS F 144 -33.46 -1.26 -11.53
CA LYS F 144 -34.80 -1.11 -10.96
C LYS F 144 -35.84 -1.81 -11.81
N ASN F 145 -35.70 -1.72 -13.14
CA ASN F 145 -36.66 -2.37 -14.03
C ASN F 145 -36.55 -3.88 -13.93
N GLU F 146 -35.33 -4.42 -13.83
CA GLU F 146 -35.16 -5.86 -13.68
C GLU F 146 -35.77 -6.34 -12.37
N GLN F 147 -35.54 -5.59 -11.28
CA GLN F 147 -36.13 -5.96 -10.00
C GLN F 147 -37.65 -5.95 -10.07
N ASP F 148 -38.22 -4.94 -10.73
CA ASP F 148 -39.67 -4.88 -10.88
C ASP F 148 -40.18 -6.06 -11.71
N LEU F 149 -39.48 -6.39 -12.80
CA LEU F 149 -39.93 -7.47 -13.68
C LEU F 149 -39.89 -8.81 -12.96
N LEU F 150 -38.80 -9.09 -12.23
CA LEU F 150 -38.70 -10.36 -11.54
C LEU F 150 -39.68 -10.47 -10.37
N ALA F 151 -40.24 -9.35 -9.91
CA ALA F 151 -41.23 -9.41 -8.84
C ALA F 151 -42.54 -10.03 -9.30
N LEU F 152 -42.82 -10.03 -10.60
CA LEU F 152 -44.06 -10.60 -11.13
C LEU F 152 -43.84 -12.04 -11.55
N GLN G 1 -31.76 26.90 8.83
CA GLN G 1 -30.51 27.16 8.07
C GLN G 1 -30.79 27.45 6.59
N LYS G 2 -31.91 26.93 6.09
CA LYS G 2 -32.26 27.11 4.69
C LYS G 2 -32.56 28.57 4.40
N VAL G 3 -31.76 29.19 3.54
CA VAL G 3 -31.86 30.62 3.26
C VAL G 3 -31.61 30.86 1.78
N LEU G 4 -32.29 31.87 1.23
CA LEU G 4 -32.07 32.33 -0.13
C LEU G 4 -31.79 33.82 -0.10
N VAL G 5 -30.72 34.23 -0.79
CA VAL G 5 -30.29 35.63 -0.83
C VAL G 5 -30.17 36.07 -2.28
N GLN G 6 -30.74 37.22 -2.60
CA GLN G 6 -30.75 37.77 -3.94
C GLN G 6 -29.84 38.99 -4.02
N SER G 7 -29.78 39.59 -5.21
CA SER G 7 -29.03 40.81 -5.44
C SER G 7 -29.83 42.01 -4.96
N GLY G 8 -29.26 43.20 -5.17
CA GLY G 8 -29.92 44.42 -4.75
C GLY G 8 -31.06 44.83 -5.68
N ALA G 9 -31.77 45.87 -5.25
CA ALA G 9 -32.89 46.39 -6.03
C ALA G 9 -32.39 46.98 -7.35
N GLU G 10 -33.25 46.94 -8.37
CA GLU G 10 -32.91 47.37 -9.70
C GLU G 10 -33.91 48.42 -10.18
N VAL G 11 -33.39 49.45 -10.85
CA VAL G 11 -34.20 50.47 -11.52
C VAL G 11 -33.76 50.48 -12.98
N LYS G 12 -34.72 50.30 -13.89
CA LYS G 12 -34.40 50.17 -15.31
C LYS G 12 -35.37 50.98 -16.15
N LYS G 13 -34.93 51.35 -17.34
CA LYS G 13 -35.79 51.98 -18.33
C LYS G 13 -36.56 50.90 -19.08
N PRO G 14 -37.72 51.25 -19.67
CA PRO G 14 -38.45 50.26 -20.47
C PRO G 14 -37.63 49.78 -21.66
N GLY G 15 -37.76 48.50 -21.98
CA GLY G 15 -37.04 47.89 -23.07
C GLY G 15 -35.65 47.38 -22.73
N ALA G 16 -35.21 47.53 -21.48
CA ALA G 16 -33.90 47.07 -21.07
C ALA G 16 -33.99 45.60 -20.64
N SER G 17 -32.92 45.09 -20.03
CA SER G 17 -32.85 43.73 -19.52
C SER G 17 -32.37 43.76 -18.08
N VAL G 18 -32.98 42.93 -17.23
CA VAL G 18 -32.65 42.86 -15.81
C VAL G 18 -32.29 41.42 -15.46
N LYS G 19 -31.29 41.27 -14.60
CA LYS G 19 -30.80 39.97 -14.15
C LYS G 19 -30.95 39.91 -12.63
N VAL G 20 -31.79 39.00 -12.15
CA VAL G 20 -32.04 38.80 -10.73
C VAL G 20 -31.34 37.51 -10.31
N SER G 21 -30.46 37.61 -9.32
CA SER G 21 -29.70 36.49 -8.82
C SER G 21 -30.38 35.90 -7.59
N CYS G 22 -30.02 34.64 -7.29
CA CYS G 22 -30.58 33.95 -6.13
C CYS G 22 -29.62 32.84 -5.73
N ARG G 23 -28.98 32.99 -4.57
CA ARG G 23 -28.02 32.03 -4.05
C ARG G 23 -28.61 31.34 -2.83
N ALA G 24 -28.32 30.04 -2.69
CA ALA G 24 -28.90 29.19 -1.66
C ALA G 24 -27.87 28.88 -0.56
N PHE G 25 -28.38 28.74 0.66
CA PHE G 25 -27.57 28.36 1.80
C PHE G 25 -28.36 27.37 2.66
N GLY G 26 -27.63 26.45 3.29
CA GLY G 26 -28.22 25.53 4.23
C GLY G 26 -28.85 24.29 3.64
N TYR G 27 -28.79 24.11 2.33
CA TYR G 27 -29.33 22.90 1.71
C TYR G 27 -28.65 22.67 0.38
N THR G 28 -28.75 21.44 -0.11
CA THR G 28 -28.13 21.06 -1.37
C THR G 28 -28.82 21.80 -2.52
N PHE G 29 -28.06 22.61 -3.25
CA PHE G 29 -28.65 23.45 -4.29
C PHE G 29 -29.31 22.62 -5.38
N THR G 30 -28.66 21.53 -5.79
CA THR G 30 -29.21 20.67 -6.84
C THR G 30 -30.32 19.76 -6.33
N GLY G 31 -30.59 19.74 -5.02
CA GLY G 31 -31.55 18.80 -4.46
C GLY G 31 -33.00 19.23 -4.51
N ASN G 32 -33.29 20.45 -4.95
CA ASN G 32 -34.67 20.93 -5.00
C ASN G 32 -34.81 21.89 -6.17
N PRO G 33 -36.02 22.07 -6.69
CA PRO G 33 -36.23 23.07 -7.74
C PRO G 33 -36.51 24.44 -7.16
N LEU G 34 -36.42 25.47 -8.02
CA LEU G 34 -36.59 26.85 -7.62
C LEU G 34 -37.70 27.49 -8.45
N HIS G 35 -38.76 27.93 -7.77
CA HIS G 35 -39.79 28.77 -8.37
C HIS G 35 -39.31 30.22 -8.44
N TRP G 36 -39.79 30.93 -9.46
CA TRP G 36 -39.59 32.37 -9.58
C TRP G 36 -40.96 33.03 -9.68
N VAL G 37 -41.31 33.81 -8.65
CA VAL G 37 -42.60 34.46 -8.54
C VAL G 37 -42.35 35.97 -8.49
N ARG G 38 -43.39 36.75 -8.76
CA ARG G 38 -43.33 38.18 -8.54
C ARG G 38 -44.66 38.67 -7.95
N GLN G 39 -44.56 39.74 -7.17
CA GLN G 39 -45.71 40.42 -6.59
C GLN G 39 -45.63 41.89 -6.95
N ALA G 40 -46.63 42.38 -7.67
CA ALA G 40 -46.69 43.79 -8.03
C ALA G 40 -47.15 44.61 -6.83
N PRO G 41 -46.89 45.94 -6.84
CA PRO G 41 -47.31 46.77 -5.70
C PRO G 41 -48.81 46.68 -5.41
N GLY G 42 -49.16 46.13 -4.25
CA GLY G 42 -50.55 46.05 -3.85
C GLY G 42 -51.36 44.99 -4.55
N GLN G 43 -50.73 44.08 -5.29
CA GLN G 43 -51.41 43.03 -6.04
C GLN G 43 -51.02 41.67 -5.49
N GLY G 44 -51.49 40.62 -6.15
CA GLY G 44 -51.18 39.25 -5.76
C GLY G 44 -49.86 38.80 -6.33
N LEU G 45 -49.61 37.50 -6.18
CA LEU G 45 -48.37 36.89 -6.64
C LEU G 45 -48.55 36.28 -8.02
N GLU G 46 -47.66 36.62 -8.94
CA GLU G 46 -47.67 36.10 -10.30
C GLU G 46 -46.51 35.14 -10.47
N TRP G 47 -46.81 33.93 -10.95
CA TRP G 47 -45.83 32.86 -11.07
C TRP G 47 -45.27 32.85 -12.49
N LEU G 48 -43.94 32.97 -12.61
CA LEU G 48 -43.29 33.03 -13.90
C LEU G 48 -42.83 31.66 -14.39
N GLY G 49 -42.33 30.82 -13.50
CA GLY G 49 -41.82 29.53 -13.89
C GLY G 49 -41.04 28.89 -12.76
N TRP G 50 -40.41 27.77 -13.07
CA TRP G 50 -39.49 27.16 -12.12
C TRP G 50 -38.44 26.34 -12.87
N ILE G 51 -37.28 26.20 -12.23
CA ILE G 51 -36.10 25.59 -12.81
C ILE G 51 -35.66 24.44 -11.94
N ASN G 52 -35.14 23.38 -12.59
CA ASN G 52 -34.52 22.26 -11.89
C ASN G 52 -33.01 22.47 -11.95
N PRO G 53 -32.35 22.85 -10.84
CA PRO G 53 -30.90 23.15 -10.94
C PRO G 53 -30.05 21.96 -11.37
N HIS G 54 -30.45 20.73 -11.02
CA HIS G 54 -29.61 19.58 -11.32
C HIS G 54 -29.51 19.34 -12.82
N SER G 55 -30.64 19.05 -13.47
CA SER G 55 -30.63 18.79 -14.91
C SER G 55 -30.57 20.06 -15.74
N GLY G 56 -30.87 21.22 -15.16
CA GLY G 56 -30.91 22.46 -15.90
C GLY G 56 -32.18 22.71 -16.68
N ASP G 57 -33.13 21.77 -16.65
CA ASP G 57 -34.40 21.98 -17.34
C ASP G 57 -35.19 23.09 -16.67
N THR G 58 -35.97 23.80 -17.47
CA THR G 58 -36.75 24.94 -17.02
C THR G 58 -38.17 24.83 -17.55
N PHE G 59 -39.10 25.45 -16.83
CA PHE G 59 -40.45 25.67 -17.33
C PHE G 59 -40.83 27.12 -17.08
N THR G 60 -41.43 27.74 -18.11
CA THR G 60 -41.91 29.11 -18.06
C THR G 60 -43.42 29.11 -18.32
N SER G 61 -44.11 30.05 -17.68
CA SER G 61 -45.55 30.17 -17.90
C SER G 61 -45.83 30.50 -19.36
N GLN G 62 -46.98 30.01 -19.84
CA GLN G 62 -47.33 30.18 -21.25
C GLN G 62 -47.49 31.63 -21.65
N LYS G 63 -47.64 32.54 -20.69
CA LYS G 63 -47.74 33.97 -20.95
C LYS G 63 -46.40 34.69 -20.83
N PHE G 64 -45.31 33.94 -20.61
CA PHE G 64 -43.98 34.52 -20.50
C PHE G 64 -42.94 33.83 -21.37
N GLN G 65 -43.33 32.85 -22.17
CA GLN G 65 -42.38 32.14 -23.01
C GLN G 65 -41.78 33.07 -24.05
N GLY G 66 -40.47 32.92 -24.29
CA GLY G 66 -39.78 33.76 -25.23
C GLY G 66 -39.40 35.13 -24.72
N ARG G 67 -39.70 35.44 -23.47
CA ARG G 67 -39.39 36.74 -22.86
C ARG G 67 -38.46 36.63 -21.67
N VAL G 68 -38.66 35.62 -20.81
CA VAL G 68 -37.88 35.43 -19.59
C VAL G 68 -37.10 34.13 -19.72
N TYR G 69 -35.84 34.17 -19.27
CA TYR G 69 -34.94 33.03 -19.33
C TYR G 69 -34.42 32.73 -17.94
N MET G 70 -34.07 31.46 -17.71
CA MET G 70 -33.62 30.99 -16.41
C MET G 70 -32.37 30.14 -16.58
N THR G 71 -31.42 30.32 -15.68
CA THR G 71 -30.16 29.57 -15.70
C THR G 71 -29.71 29.33 -14.27
N ARG G 72 -28.75 28.43 -14.12
CA ARG G 72 -28.16 28.18 -12.80
C ARG G 72 -26.67 27.93 -12.95
N ASP G 73 -25.93 28.26 -11.90
CA ASP G 73 -24.51 27.94 -11.76
C ASP G 73 -24.34 27.11 -10.50
N LYS G 74 -24.00 25.83 -10.67
CA LYS G 74 -23.86 24.94 -9.52
C LYS G 74 -22.56 25.19 -8.77
N SER G 75 -21.53 25.70 -9.46
CA SER G 75 -20.25 25.95 -8.81
C SER G 75 -20.35 26.99 -7.71
N ILE G 76 -21.34 27.87 -7.78
CA ILE G 76 -21.57 28.91 -6.77
C ILE G 76 -22.96 28.81 -6.17
N ASN G 77 -23.74 27.79 -6.54
CA ASN G 77 -25.07 27.56 -5.98
C ASN G 77 -25.98 28.77 -6.19
N THR G 78 -26.05 29.23 -7.45
CA THR G 78 -26.79 30.43 -7.79
C THR G 78 -27.79 30.14 -8.91
N ALA G 79 -28.90 30.87 -8.90
CA ALA G 79 -29.91 30.80 -9.94
C ALA G 79 -30.18 32.19 -10.48
N PHE G 80 -30.15 32.34 -11.80
CA PHE G 80 -30.30 33.63 -12.47
C PHE G 80 -31.60 33.64 -13.26
N LEU G 81 -32.36 34.72 -13.10
CA LEU G 81 -33.55 35.00 -13.90
C LEU G 81 -33.27 36.25 -14.72
N ASP G 82 -33.38 36.13 -16.05
CA ASP G 82 -33.16 37.23 -16.97
C ASP G 82 -34.50 37.62 -17.58
N VAL G 83 -34.92 38.85 -17.33
CA VAL G 83 -36.17 39.40 -17.88
C VAL G 83 -35.80 40.48 -18.87
N THR G 84 -36.23 40.29 -20.12
CA THR G 84 -35.97 41.24 -21.21
C THR G 84 -37.26 41.94 -21.60
N ARG G 85 -37.10 43.11 -22.23
CA ARG G 85 -38.22 43.94 -22.67
C ARG G 85 -39.09 44.32 -21.47
N LEU G 86 -38.47 45.05 -20.54
CA LEU G 86 -39.18 45.49 -19.35
C LEU G 86 -40.19 46.58 -19.68
N THR G 87 -41.28 46.60 -18.93
CA THR G 87 -42.34 47.59 -19.09
C THR G 87 -42.79 48.05 -17.71
N SER G 88 -43.63 49.09 -17.70
CA SER G 88 -44.14 49.62 -16.44
C SER G 88 -45.02 48.63 -15.70
N ASP G 89 -45.52 47.60 -16.37
CA ASP G 89 -46.31 46.56 -15.72
C ASP G 89 -45.46 45.51 -15.03
N ASP G 90 -44.14 45.53 -15.24
CA ASP G 90 -43.24 44.55 -14.64
C ASP G 90 -42.71 44.97 -13.27
N THR G 91 -43.12 46.12 -12.75
CA THR G 91 -42.64 46.58 -11.46
C THR G 91 -43.12 45.65 -10.35
N GLY G 92 -42.27 45.45 -9.36
CA GLY G 92 -42.66 44.71 -8.18
C GLY G 92 -41.49 43.99 -7.54
N ILE G 93 -41.82 43.14 -6.58
CA ILE G 93 -40.84 42.37 -5.82
C ILE G 93 -40.77 40.97 -6.43
N TYR G 94 -39.58 40.58 -6.88
CA TYR G 94 -39.34 39.27 -7.46
C TYR G 94 -38.77 38.37 -6.37
N TYR G 95 -39.39 37.21 -6.18
CA TYR G 95 -39.00 36.24 -5.17
C TYR G 95 -38.55 34.95 -5.84
N CYS G 96 -37.54 34.32 -5.27
CA CYS G 96 -37.09 32.99 -5.64
C CYS G 96 -37.34 32.06 -4.47
N ALA G 97 -38.05 30.97 -4.70
CA ALA G 97 -38.57 30.12 -3.63
C ALA G 97 -38.18 28.68 -3.86
N ARG G 98 -37.76 28.00 -2.80
CA ARG G 98 -37.42 26.58 -2.88
C ARG G 98 -38.67 25.74 -2.64
N ASP G 99 -38.96 24.85 -3.59
CA ASP G 99 -40.08 23.94 -3.45
C ASP G 99 -39.71 22.77 -2.55
N LYS G 100 -40.70 22.27 -1.81
CA LYS G 100 -40.49 21.07 -1.02
C LYS G 100 -40.20 19.87 -1.93
N TYR G 101 -40.99 19.73 -3.00
CA TYR G 101 -40.70 18.78 -4.07
C TYR G 101 -40.58 17.34 -3.57
N TYR G 102 -41.46 16.96 -2.65
CA TYR G 102 -41.53 15.56 -2.23
C TYR G 102 -42.08 14.70 -3.36
N GLY G 103 -41.50 13.52 -3.54
CA GLY G 103 -41.98 12.60 -4.55
C GLY G 103 -41.73 13.05 -5.97
N ASN G 104 -40.72 13.90 -6.19
CA ASN G 104 -40.39 14.42 -7.52
C ASN G 104 -41.61 15.10 -8.16
N GLU G 105 -42.34 15.86 -7.35
CA GLU G 105 -43.51 16.59 -7.83
C GLU G 105 -43.73 17.80 -6.93
N ALA G 106 -44.31 18.85 -7.50
CA ALA G 106 -44.51 20.09 -6.76
C ALA G 106 -45.43 19.85 -5.57
N VAL G 107 -45.00 20.36 -4.41
CA VAL G 107 -45.76 20.27 -3.17
C VAL G 107 -46.01 21.65 -2.57
N GLY G 108 -44.96 22.46 -2.45
CA GLY G 108 -45.10 23.79 -1.90
C GLY G 108 -43.77 24.49 -1.70
N MET G 109 -43.78 25.82 -1.76
CA MET G 109 -42.59 26.62 -1.55
C MET G 109 -42.53 27.03 -0.09
N ASP G 110 -41.50 26.56 0.62
CA ASP G 110 -41.36 26.78 2.06
C ASP G 110 -40.27 27.77 2.43
N VAL G 111 -39.26 27.94 1.58
CA VAL G 111 -38.16 28.86 1.82
C VAL G 111 -38.19 29.92 0.73
N TRP G 112 -38.12 31.19 1.13
CA TRP G 112 -38.23 32.31 0.21
C TRP G 112 -37.06 33.26 0.40
N GLY G 113 -36.67 33.93 -0.68
CA GLY G 113 -35.66 34.96 -0.61
C GLY G 113 -36.21 36.26 -0.05
N GLN G 114 -35.30 37.20 0.20
CA GLN G 114 -35.70 38.48 0.78
C GLN G 114 -36.51 39.31 -0.20
N GLY G 115 -36.46 38.99 -1.50
CA GLY G 115 -37.22 39.73 -2.49
C GLY G 115 -36.45 40.88 -3.10
N THR G 116 -36.30 40.89 -4.41
CA THR G 116 -35.58 41.94 -5.13
C THR G 116 -36.60 42.87 -5.77
N SER G 117 -36.54 44.16 -5.41
CA SER G 117 -37.46 45.13 -5.94
C SER G 117 -36.96 45.64 -7.29
N VAL G 118 -37.74 45.41 -8.35
CA VAL G 118 -37.42 45.87 -9.69
C VAL G 118 -38.44 46.92 -10.09
N THR G 119 -37.96 48.06 -10.55
CA THR G 119 -38.78 49.19 -10.95
C THR G 119 -38.49 49.57 -12.39
N VAL G 120 -39.52 49.98 -13.11
CA VAL G 120 -39.46 50.27 -14.53
C VAL G 120 -40.23 51.55 -14.78
N SER G 121 -39.54 52.59 -15.27
CA SER G 121 -40.20 53.85 -15.58
C SER G 121 -39.32 54.63 -16.54
N SER G 122 -39.92 55.64 -17.17
CA SER G 122 -39.22 56.52 -18.09
C SER G 122 -38.56 57.70 -17.38
N ASP H 1 -56.04 29.53 -18.20
CA ASP H 1 -55.45 29.19 -16.87
C ASP H 1 -56.51 28.63 -15.93
N ILE H 2 -56.10 28.33 -14.71
CA ILE H 2 -57.00 27.85 -13.67
C ILE H 2 -57.31 29.02 -12.75
N GLN H 3 -58.59 29.39 -12.67
CA GLN H 3 -59.00 30.54 -11.87
C GLN H 3 -59.07 30.14 -10.40
N LEU H 4 -58.48 30.96 -9.54
CA LEU H 4 -58.42 30.70 -8.10
C LEU H 4 -58.97 31.92 -7.37
N THR H 5 -60.10 31.74 -6.71
CA THR H 5 -60.82 32.81 -6.03
C THR H 5 -60.80 32.59 -4.53
N GLN H 6 -60.89 33.69 -3.78
CA GLN H 6 -60.91 33.68 -2.33
C GLN H 6 -62.10 34.48 -1.83
N SER H 7 -62.60 34.10 -0.65
CA SER H 7 -63.72 34.79 -0.02
C SER H 7 -63.57 34.67 1.49
N PRO H 8 -63.73 35.76 2.25
CA PRO H 8 -63.95 37.16 1.86
C PRO H 8 -62.65 37.86 1.48
N SER H 9 -62.70 38.88 0.62
CA SER H 9 -61.50 39.64 0.30
C SER H 9 -60.98 40.38 1.52
N PHE H 10 -61.89 40.97 2.31
CA PHE H 10 -61.55 41.67 3.53
C PHE H 10 -62.45 41.18 4.66
N LEU H 11 -61.90 41.12 5.88
CA LEU H 11 -62.62 40.61 7.03
C LEU H 11 -62.19 41.35 8.27
N SER H 12 -63.09 41.42 9.25
CA SER H 12 -62.83 42.03 10.55
C SER H 12 -63.14 41.02 11.65
N ALA H 13 -62.22 40.86 12.58
CA ALA H 13 -62.40 39.91 13.68
C ALA H 13 -61.52 40.35 14.84
N SER H 14 -61.85 39.82 16.02
CA SER H 14 -61.13 40.13 17.25
C SER H 14 -60.24 38.96 17.66
N VAL H 15 -59.29 39.26 18.55
CA VAL H 15 -58.40 38.22 19.06
C VAL H 15 -59.22 37.21 19.84
N GLY H 16 -58.99 35.92 19.57
CA GLY H 16 -59.72 34.84 20.18
C GLY H 16 -60.86 34.31 19.34
N ASP H 17 -61.32 35.05 18.34
CA ASP H 17 -62.38 34.60 17.46
C ASP H 17 -61.83 33.64 16.41
N LYS H 18 -62.75 32.98 15.72
CA LYS H 18 -62.42 32.01 14.67
C LYS H 18 -62.64 32.64 13.30
N VAL H 19 -61.71 32.38 12.38
CA VAL H 19 -61.76 32.90 11.02
C VAL H 19 -61.70 31.74 10.05
N THR H 20 -62.65 31.69 9.12
CA THR H 20 -62.69 30.67 8.07
C THR H 20 -62.66 31.36 6.72
N ILE H 21 -61.67 31.02 5.89
CA ILE H 21 -61.46 31.62 4.58
C ILE H 21 -61.60 30.54 3.53
N THR H 22 -62.34 30.83 2.46
CA THR H 22 -62.69 29.85 1.46
C THR H 22 -61.88 30.05 0.18
N CYS H 23 -61.19 29.00 -0.25
CA CYS H 23 -60.61 28.87 -1.59
C CYS H 23 -61.56 28.08 -2.49
N ARG H 24 -61.76 28.60 -3.69
CA ARG H 24 -62.49 27.90 -4.75
C ARG H 24 -61.66 27.91 -6.02
N ALA H 25 -61.63 26.78 -6.72
CA ALA H 25 -60.88 26.63 -7.97
C ALA H 25 -61.84 26.24 -9.09
N SER H 26 -61.66 26.87 -10.25
CA SER H 26 -62.54 26.59 -11.38
C SER H 26 -62.41 25.14 -11.82
N GLN H 27 -61.19 24.63 -11.91
CA GLN H 27 -60.94 23.23 -12.25
C GLN H 27 -60.64 22.44 -10.97
N GLY H 28 -60.66 21.12 -11.11
CA GLY H 28 -60.51 20.24 -9.96
C GLY H 28 -59.07 19.93 -9.65
N VAL H 29 -58.67 20.17 -8.41
CA VAL H 29 -57.38 19.77 -7.88
C VAL H 29 -57.64 18.89 -6.67
N ARG H 30 -56.97 17.73 -6.63
CA ARG H 30 -57.30 16.71 -5.64
C ARG H 30 -56.85 17.14 -4.26
N ASN H 31 -55.52 17.32 -4.10
CA ASN H 31 -54.95 17.91 -2.90
C ASN H 31 -53.81 18.86 -3.24
N GLU H 32 -53.70 19.25 -4.51
CA GLU H 32 -52.58 20.06 -4.99
C GLU H 32 -52.84 21.52 -4.66
N LEU H 33 -52.74 21.82 -3.36
CA LEU H 33 -53.03 23.14 -2.84
C LEU H 33 -52.05 23.48 -1.74
N ALA H 34 -51.80 24.78 -1.59
CA ALA H 34 -50.93 25.30 -0.54
C ALA H 34 -51.46 26.63 -0.04
N TRP H 35 -51.40 26.82 1.28
CA TRP H 35 -51.83 28.06 1.94
C TRP H 35 -50.61 28.78 2.46
N TYR H 36 -50.58 30.10 2.23
CA TYR H 36 -49.44 30.96 2.55
C TYR H 36 -49.91 32.18 3.34
N GLN H 37 -49.01 32.75 4.12
CA GLN H 37 -49.23 33.99 4.85
C GLN H 37 -48.13 34.98 4.49
N GLN H 38 -48.51 36.18 4.08
CA GLN H 38 -47.58 37.24 3.74
C GLN H 38 -47.92 38.49 4.53
N LYS H 39 -46.93 39.02 5.25
CA LYS H 39 -47.08 40.24 6.01
C LYS H 39 -46.76 41.45 5.14
N PRO H 40 -47.16 42.66 5.55
CA PRO H 40 -46.94 43.84 4.69
C PRO H 40 -45.46 44.05 4.35
N GLY H 41 -45.17 44.03 3.05
CA GLY H 41 -43.82 44.32 2.58
C GLY H 41 -42.78 43.34 3.08
N LYS H 42 -43.16 42.07 3.23
CA LYS H 42 -42.24 41.04 3.71
C LYS H 42 -42.49 39.76 2.93
N ALA H 43 -41.50 38.87 2.95
CA ALA H 43 -41.58 37.66 2.15
C ALA H 43 -42.72 36.77 2.66
N PRO H 44 -43.42 36.05 1.78
CA PRO H 44 -44.48 35.17 2.26
C PRO H 44 -43.92 33.92 2.93
N ASN H 45 -44.77 33.29 3.75
CA ASN H 45 -44.43 32.07 4.46
C ASN H 45 -45.50 31.02 4.22
N LEU H 46 -45.06 29.78 4.11
CA LEU H 46 -45.97 28.66 3.89
C LEU H 46 -46.71 28.32 5.17
N LEU H 47 -48.01 28.04 5.05
CA LEU H 47 -48.84 27.58 6.15
C LEU H 47 -49.24 26.12 5.99
N ILE H 48 -49.84 25.76 4.85
CA ILE H 48 -50.35 24.41 4.62
C ILE H 48 -49.82 23.92 3.29
N TYR H 49 -49.46 22.63 3.24
CA TYR H 49 -49.26 21.90 1.99
C TYR H 49 -50.09 20.64 2.03
N TYR H 50 -50.52 20.19 0.85
CA TYR H 50 -51.49 19.11 0.67
C TYR H 50 -52.87 19.46 1.23
N ALA H 51 -53.11 20.73 1.56
CA ALA H 51 -54.43 21.24 1.96
C ALA H 51 -54.89 20.75 3.33
N SER H 52 -54.09 19.91 4.00
CA SER H 52 -54.47 19.39 5.30
C SER H 52 -53.31 19.19 6.26
N THR H 53 -52.08 19.57 5.91
CA THR H 53 -50.90 19.34 6.72
C THR H 53 -50.21 20.66 7.02
N LEU H 54 -49.93 20.90 8.30
CA LEU H 54 -49.24 22.12 8.69
C LEU H 54 -47.77 22.04 8.31
N GLN H 55 -47.21 23.18 7.89
CA GLN H 55 -45.77 23.28 7.70
C GLN H 55 -45.08 23.25 9.07
N SER H 56 -43.85 22.73 9.08
CA SER H 56 -43.11 22.61 10.32
C SER H 56 -42.90 23.98 10.96
N GLY H 57 -43.18 24.06 12.26
CA GLY H 57 -43.07 25.31 12.99
C GLY H 57 -44.32 26.16 13.00
N VAL H 58 -45.35 25.81 12.23
CA VAL H 58 -46.59 26.56 12.17
C VAL H 58 -47.36 26.32 13.47
N PRO H 59 -48.02 27.33 14.06
CA PRO H 59 -48.84 27.06 15.24
C PRO H 59 -49.97 26.09 14.93
N SER H 60 -50.31 25.27 15.94
CA SER H 60 -51.31 24.23 15.76
C SER H 60 -52.72 24.79 15.57
N ARG H 61 -52.94 26.07 15.89
CA ARG H 61 -54.28 26.65 15.71
C ARG H 61 -54.71 26.63 14.25
N PHE H 62 -53.75 26.70 13.32
CA PHE H 62 -54.08 26.64 11.91
C PHE H 62 -54.59 25.25 11.53
N SER H 63 -55.55 25.22 10.61
CA SER H 63 -56.06 23.96 10.08
C SER H 63 -56.73 24.23 8.73
N ALA H 64 -56.75 23.21 7.88
CA ALA H 64 -57.32 23.34 6.55
C ALA H 64 -57.89 22.00 6.11
N THR H 65 -58.98 22.06 5.35
CA THR H 65 -59.64 20.87 4.84
C THR H 65 -60.26 21.20 3.50
N GLY H 66 -60.38 20.18 2.65
CA GLY H 66 -61.03 20.30 1.36
C GLY H 66 -60.33 19.52 0.27
N SER H 67 -61.12 19.04 -0.69
CA SER H 67 -60.60 18.33 -1.85
C SER H 67 -61.47 18.69 -3.06
N GLY H 68 -60.88 18.58 -4.25
CA GLY H 68 -61.59 18.87 -5.48
C GLY H 68 -61.48 20.32 -5.89
N THR H 69 -62.52 21.11 -5.58
CA THR H 69 -62.57 22.52 -5.90
C THR H 69 -62.76 23.43 -4.70
N HIS H 70 -63.36 22.94 -3.62
CA HIS H 70 -63.67 23.75 -2.45
C HIS H 70 -62.67 23.45 -1.34
N PHE H 71 -62.10 24.49 -0.75
CA PHE H 71 -61.15 24.36 0.34
C PHE H 71 -61.41 25.46 1.36
N THR H 72 -61.01 25.20 2.60
CA THR H 72 -61.21 26.13 3.70
C THR H 72 -59.97 26.16 4.58
N LEU H 73 -59.56 27.36 5.00
CA LEU H 73 -58.50 27.55 5.99
C LEU H 73 -59.14 28.11 7.26
N THR H 74 -58.89 27.45 8.38
CA THR H 74 -59.50 27.81 9.66
C THR H 74 -58.41 28.18 10.65
N VAL H 75 -58.51 29.39 11.20
CA VAL H 75 -57.70 29.82 12.34
C VAL H 75 -58.57 29.67 13.57
N SER H 76 -58.32 28.62 14.36
CA SER H 76 -59.21 28.28 15.47
C SER H 76 -59.26 29.40 16.50
N SER H 77 -58.10 29.89 16.91
CA SER H 77 -57.99 30.96 17.91
C SER H 77 -57.11 32.06 17.34
N LEU H 78 -57.72 33.18 16.95
CA LEU H 78 -56.96 34.28 16.37
C LEU H 78 -55.99 34.86 17.39
N GLN H 79 -54.83 35.30 16.91
CA GLN H 79 -53.75 35.79 17.74
C GLN H 79 -53.30 37.15 17.21
N PRO H 80 -52.70 38.01 18.04
CA PRO H 80 -52.33 39.36 17.56
C PRO H 80 -51.44 39.38 16.33
N GLU H 81 -50.45 38.50 16.19
CA GLU H 81 -49.58 38.51 15.03
C GLU H 81 -50.11 37.67 13.87
N ASP H 82 -51.39 37.28 13.90
CA ASP H 82 -52.00 36.54 12.82
C ASP H 82 -52.66 37.44 11.78
N PHE H 83 -52.54 38.76 11.92
CA PHE H 83 -53.12 39.71 10.97
C PHE H 83 -52.15 39.89 9.82
N ALA H 84 -52.51 39.37 8.65
CA ALA H 84 -51.65 39.48 7.46
C ALA H 84 -52.47 39.02 6.26
N THR H 85 -51.89 39.15 5.07
CA THR H 85 -52.52 38.65 3.86
C THR H 85 -52.40 37.14 3.79
N TYR H 86 -53.46 36.50 3.30
CA TYR H 86 -53.52 35.05 3.15
C TYR H 86 -53.69 34.70 1.69
N PHE H 87 -52.96 33.68 1.24
CA PHE H 87 -52.99 33.24 -0.15
C PHE H 87 -53.22 31.74 -0.24
N CYS H 88 -53.89 31.33 -1.31
CA CYS H 88 -54.20 29.95 -1.59
C CYS H 88 -53.87 29.65 -3.05
N GLN H 89 -53.00 28.66 -3.26
CA GLN H 89 -52.30 28.46 -4.53
C GLN H 89 -52.36 27.00 -4.94
N HIS H 90 -52.52 26.76 -6.24
CA HIS H 90 -52.61 25.42 -6.81
C HIS H 90 -51.36 25.09 -7.61
N MET H 91 -51.09 23.78 -7.75
CA MET H 91 -49.98 23.32 -8.57
C MET H 91 -50.31 22.05 -9.36
N SER H 92 -51.59 21.75 -9.58
CA SER H 92 -51.96 20.53 -10.28
C SER H 92 -51.45 20.54 -11.71
N SER H 93 -51.61 21.65 -12.41
CA SER H 93 -51.16 21.77 -13.79
C SER H 93 -50.71 23.20 -14.02
N TYR H 94 -49.88 23.39 -15.05
CA TYR H 94 -49.36 24.70 -15.35
C TYR H 94 -50.49 25.61 -15.85
N PRO H 95 -50.42 26.93 -15.55
CA PRO H 95 -49.46 27.65 -14.70
C PRO H 95 -49.85 27.58 -13.23
N LEU H 96 -48.89 27.59 -12.31
CA LEU H 96 -49.23 27.80 -10.91
C LEU H 96 -49.78 29.20 -10.73
N THR H 97 -50.83 29.34 -9.91
CA THR H 97 -51.45 30.63 -9.67
C THR H 97 -51.81 30.76 -8.20
N PHE H 98 -51.77 31.99 -7.72
CA PHE H 98 -52.08 32.32 -6.34
C PHE H 98 -53.47 32.95 -6.24
N GLY H 99 -54.02 32.94 -5.03
CA GLY H 99 -55.32 33.52 -4.81
C GLY H 99 -55.28 35.04 -4.88
N GLY H 100 -56.47 35.62 -4.96
CA GLY H 100 -56.57 37.07 -5.04
C GLY H 100 -55.98 37.76 -3.82
N GLY H 101 -56.26 37.23 -2.63
CA GLY H 101 -55.71 37.76 -1.39
C GLY H 101 -56.78 38.06 -0.37
N THR H 102 -56.65 37.47 0.82
CA THR H 102 -57.56 37.68 1.94
C THR H 102 -56.78 38.36 3.06
N LYS H 103 -57.29 39.51 3.51
CA LYS H 103 -56.67 40.30 4.56
C LYS H 103 -57.54 40.25 5.81
N VAL H 104 -56.97 39.80 6.92
CA VAL H 104 -57.64 39.76 8.21
C VAL H 104 -57.23 41.00 8.99
N GLU H 105 -58.21 41.73 9.51
CA GLU H 105 -57.99 42.98 10.21
C GLU H 105 -58.63 42.91 11.59
N ILE H 106 -57.99 43.58 12.56
CA ILE H 106 -58.46 43.53 13.94
C ILE H 106 -59.73 44.35 14.08
N LYS H 107 -60.54 44.01 15.08
CA LYS H 107 -61.79 44.69 15.36
C LYS H 107 -61.69 45.47 16.67
N GLN I 1 -4.35 -39.12 16.20
CA GLN I 1 -4.60 -37.81 16.86
C GLN I 1 -6.08 -37.60 17.18
N LYS I 2 -6.95 -38.26 16.41
CA LYS I 2 -8.38 -38.11 16.59
C LYS I 2 -8.80 -38.70 17.93
N VAL I 3 -9.34 -37.86 18.81
CA VAL I 3 -9.68 -38.27 20.17
C VAL I 3 -10.97 -37.58 20.58
N LEU I 4 -11.77 -38.27 21.39
CA LEU I 4 -12.97 -37.72 22.00
C LEU I 4 -12.88 -37.90 23.50
N VAL I 5 -13.14 -36.83 24.25
CA VAL I 5 -13.05 -36.84 25.71
C VAL I 5 -14.37 -36.34 26.28
N GLN I 6 -14.92 -37.07 27.26
CA GLN I 6 -16.19 -36.74 27.88
C GLN I 6 -15.97 -36.26 29.31
N SER I 7 -17.07 -35.95 29.99
CA SER I 7 -17.04 -35.55 31.38
C SER I 7 -16.93 -36.78 32.27
N GLY I 8 -16.95 -36.55 33.59
CA GLY I 8 -16.84 -37.64 34.54
C GLY I 8 -18.13 -38.43 34.69
N ALA I 9 -18.04 -39.51 35.46
CA ALA I 9 -19.19 -40.36 35.71
C ALA I 9 -20.24 -39.61 36.52
N GLU I 10 -21.50 -40.00 36.32
CA GLU I 10 -22.65 -39.34 36.93
C GLU I 10 -23.48 -40.35 37.71
N VAL I 11 -23.94 -39.94 38.89
CA VAL I 11 -24.90 -40.69 39.68
C VAL I 11 -26.07 -39.76 39.94
N LYS I 12 -27.28 -40.21 39.58
CA LYS I 12 -28.46 -39.37 39.65
C LYS I 12 -29.62 -40.15 40.24
N LYS I 13 -30.57 -39.42 40.83
CA LYS I 13 -31.81 -40.01 41.27
C LYS I 13 -32.77 -40.15 40.10
N PRO I 14 -33.76 -41.04 40.18
CA PRO I 14 -34.73 -41.15 39.09
C PRO I 14 -35.49 -39.85 38.89
N GLY I 15 -35.79 -39.54 37.64
CA GLY I 15 -36.53 -38.34 37.29
C GLY I 15 -35.72 -37.08 37.13
N ALA I 16 -34.40 -37.15 37.32
CA ALA I 16 -33.54 -35.99 37.19
C ALA I 16 -33.13 -35.81 35.73
N SER I 17 -32.16 -34.92 35.49
CA SER I 17 -31.62 -34.68 34.16
C SER I 17 -30.11 -34.79 34.22
N VAL I 18 -29.52 -35.41 33.19
CA VAL I 18 -28.08 -35.63 33.11
C VAL I 18 -27.56 -35.03 31.81
N LYS I 19 -26.41 -34.37 31.89
CA LYS I 19 -25.76 -33.73 30.75
C LYS I 19 -24.41 -34.39 30.56
N VAL I 20 -24.23 -35.05 29.41
CA VAL I 20 -22.99 -35.72 29.05
C VAL I 20 -22.31 -34.89 27.97
N SER I 21 -21.07 -34.50 28.22
CA SER I 21 -20.29 -33.68 27.31
C SER I 21 -19.37 -34.55 26.46
N CYS I 22 -18.92 -33.99 25.34
CA CYS I 22 -18.02 -34.70 24.44
C CYS I 22 -17.26 -33.67 23.61
N ARG I 23 -15.96 -33.55 23.85
CA ARG I 23 -15.09 -32.62 23.15
C ARG I 23 -14.16 -33.40 22.22
N ALA I 24 -13.87 -32.81 21.06
CA ALA I 24 -13.11 -33.46 20.00
C ALA I 24 -11.72 -32.84 19.89
N PHE I 25 -10.74 -33.70 19.55
CA PHE I 25 -9.37 -33.29 19.32
C PHE I 25 -8.85 -33.99 18.08
N GLY I 26 -7.95 -33.32 17.36
CA GLY I 26 -7.27 -33.92 16.23
C GLY I 26 -8.00 -33.89 14.91
N TYR I 27 -9.19 -33.29 14.85
CA TYR I 27 -9.94 -33.22 13.60
C TYR I 27 -10.91 -32.06 13.67
N THR I 28 -11.39 -31.65 12.50
CA THR I 28 -12.32 -30.53 12.39
C THR I 28 -13.67 -30.92 12.99
N PHE I 29 -14.07 -30.22 14.05
CA PHE I 29 -15.27 -30.60 14.78
C PHE I 29 -16.50 -30.55 13.89
N THR I 30 -16.60 -29.54 13.03
CA THR I 30 -17.74 -29.40 12.13
C THR I 30 -17.66 -30.32 10.91
N GLY I 31 -16.54 -31.03 10.72
CA GLY I 31 -16.34 -31.83 9.54
C GLY I 31 -16.91 -33.24 9.57
N ASN I 32 -17.50 -33.67 10.68
CA ASN I 32 -18.05 -35.01 10.78
C ASN I 32 -19.25 -35.00 11.72
N PRO I 33 -20.20 -35.93 11.57
CA PRO I 33 -21.29 -36.02 12.54
C PRO I 33 -20.90 -36.87 13.74
N LEU I 34 -21.64 -36.68 14.83
CA LEU I 34 -21.37 -37.35 16.09
C LEU I 34 -22.55 -38.22 16.47
N HIS I 35 -22.30 -39.53 16.56
CA HIS I 35 -23.27 -40.48 17.08
C HIS I 35 -23.24 -40.50 18.60
N TRP I 36 -24.42 -40.65 19.19
CA TRP I 36 -24.58 -40.92 20.62
C TRP I 36 -25.20 -42.30 20.78
N VAL I 37 -24.49 -43.18 21.49
CA VAL I 37 -24.85 -44.57 21.70
C VAL I 37 -24.74 -44.85 23.19
N ARG I 38 -25.34 -45.95 23.62
CA ARG I 38 -25.25 -46.36 25.02
C ARG I 38 -25.16 -47.87 25.10
N GLN I 39 -24.44 -48.36 26.12
CA GLN I 39 -24.35 -49.79 26.41
C GLN I 39 -24.68 -50.00 27.88
N ALA I 40 -25.71 -50.79 28.15
CA ALA I 40 -26.08 -51.12 29.51
C ALA I 40 -25.13 -52.17 30.08
N PRO I 41 -25.07 -52.32 31.41
CA PRO I 41 -24.18 -53.32 32.00
C PRO I 41 -24.48 -54.73 31.48
N GLY I 42 -23.50 -55.29 30.77
CA GLY I 42 -23.63 -56.66 30.28
C GLY I 42 -24.54 -56.84 29.10
N GLN I 43 -24.98 -55.76 28.47
CA GLN I 43 -25.90 -55.80 27.32
C GLN I 43 -25.18 -55.26 26.08
N GLY I 44 -25.94 -55.16 24.99
CA GLY I 44 -25.43 -54.64 23.75
C GLY I 44 -25.46 -53.12 23.71
N LEU I 45 -25.17 -52.59 22.53
CA LEU I 45 -25.14 -51.14 22.31
C LEU I 45 -26.48 -50.68 21.75
N GLU I 46 -27.03 -49.63 22.35
CA GLU I 46 -28.29 -49.04 21.93
C GLU I 46 -28.02 -47.66 21.32
N TRP I 47 -28.50 -47.46 20.10
CA TRP I 47 -28.22 -46.27 19.31
C TRP I 47 -29.22 -45.18 19.70
N LEU I 48 -28.75 -44.16 20.41
CA LEU I 48 -29.63 -43.07 20.79
C LEU I 48 -29.89 -42.12 19.62
N GLY I 49 -28.85 -41.75 18.89
CA GLY I 49 -29.06 -40.90 17.72
C GLY I 49 -27.77 -40.32 17.21
N TRP I 50 -27.87 -39.22 16.46
CA TRP I 50 -26.67 -38.52 16.03
C TRP I 50 -26.99 -37.09 15.64
N ILE I 51 -25.96 -36.25 15.74
CA ILE I 51 -26.06 -34.80 15.53
C ILE I 51 -25.05 -34.37 14.49
N ASN I 52 -25.41 -33.33 13.72
CA ASN I 52 -24.52 -32.69 12.77
C ASN I 52 -23.95 -31.44 13.42
N PRO I 53 -22.67 -31.39 13.79
CA PRO I 53 -22.15 -30.19 14.46
C PRO I 53 -22.17 -28.94 13.60
N HIS I 54 -22.16 -29.06 12.27
CA HIS I 54 -22.07 -27.87 11.42
C HIS I 54 -23.42 -27.16 11.32
N SER I 55 -24.42 -27.85 10.77
CA SER I 55 -25.75 -27.24 10.60
C SER I 55 -26.56 -27.26 11.89
N GLY I 56 -26.16 -28.05 12.88
CA GLY I 56 -26.91 -28.17 14.11
C GLY I 56 -28.10 -29.11 14.04
N ASP I 57 -28.36 -29.71 12.88
CA ASP I 57 -29.46 -30.66 12.77
C ASP I 57 -29.18 -31.91 13.59
N THR I 58 -30.25 -32.51 14.10
CA THR I 58 -30.16 -33.67 14.97
C THR I 58 -31.16 -34.72 14.51
N PHE I 59 -30.86 -35.98 14.81
CA PHE I 59 -31.81 -37.07 14.67
C PHE I 59 -31.77 -37.93 15.93
N THR I 60 -32.95 -38.22 16.46
CA THR I 60 -33.12 -39.07 17.62
C THR I 60 -33.92 -40.30 17.23
N SER I 61 -33.60 -41.43 17.86
CA SER I 61 -34.33 -42.66 17.59
C SER I 61 -35.79 -42.50 17.96
N GLN I 62 -36.67 -43.17 17.20
CA GLN I 62 -38.11 -43.02 17.39
C GLN I 62 -38.54 -43.41 18.80
N LYS I 63 -37.81 -44.33 19.44
CA LYS I 63 -38.09 -44.72 20.82
C LYS I 63 -37.36 -43.84 21.83
N PHE I 64 -36.91 -42.65 21.41
CA PHE I 64 -36.29 -41.68 22.31
C PHE I 64 -36.76 -40.25 22.08
N GLN I 65 -37.62 -40.00 21.10
CA GLN I 65 -38.02 -38.63 20.78
C GLN I 65 -38.79 -38.01 21.93
N GLY I 66 -38.52 -36.72 22.18
CA GLY I 66 -39.16 -35.99 23.25
C GLY I 66 -38.57 -36.23 24.63
N ARG I 67 -37.52 -37.02 24.73
CA ARG I 67 -36.88 -37.35 26.01
C ARG I 67 -35.41 -36.97 26.05
N VAL I 68 -34.67 -37.15 24.95
CA VAL I 68 -33.25 -36.87 24.87
C VAL I 68 -33.03 -35.78 23.84
N TYR I 69 -32.19 -34.80 24.20
CA TYR I 69 -31.87 -33.67 23.34
C TYR I 69 -30.37 -33.62 23.08
N MET I 70 -29.99 -33.00 21.97
CA MET I 70 -28.60 -32.87 21.57
C MET I 70 -28.31 -31.44 21.15
N THR I 71 -27.12 -30.96 21.50
CA THR I 71 -26.69 -29.62 21.14
C THR I 71 -25.19 -29.65 20.91
N ARG I 72 -24.67 -28.57 20.34
CA ARG I 72 -23.22 -28.45 20.18
C ARG I 72 -22.82 -26.99 20.35
N ASP I 73 -21.57 -26.78 20.73
CA ASP I 73 -20.94 -25.47 20.72
C ASP I 73 -19.63 -25.59 19.96
N LYS I 74 -19.54 -24.87 18.83
CA LYS I 74 -18.36 -24.93 17.99
C LYS I 74 -17.21 -24.10 18.54
N SER I 75 -17.51 -23.12 19.40
CA SER I 75 -16.46 -22.25 19.93
C SER I 75 -15.46 -23.04 20.77
N ILE I 76 -15.91 -24.10 21.44
CA ILE I 76 -15.06 -24.97 22.23
C ILE I 76 -15.02 -26.40 21.68
N ASN I 77 -15.68 -26.65 20.54
CA ASN I 77 -15.66 -27.94 19.87
C ASN I 77 -16.21 -29.04 20.78
N THR I 78 -17.45 -28.86 21.23
CA THR I 78 -18.08 -29.78 22.17
C THR I 78 -19.50 -30.09 21.74
N ALA I 79 -19.95 -31.31 22.07
CA ALA I 79 -21.30 -31.76 21.83
C ALA I 79 -21.91 -32.24 23.15
N PHE I 80 -23.12 -31.78 23.44
CA PHE I 80 -23.81 -32.09 24.69
C PHE I 80 -25.03 -32.95 24.42
N LEU I 81 -25.19 -33.99 25.24
CA LEU I 81 -26.37 -34.84 25.25
C LEU I 81 -27.10 -34.65 26.57
N ASP I 82 -28.38 -34.29 26.51
CA ASP I 82 -29.20 -34.04 27.69
C ASP I 82 -30.26 -35.13 27.75
N VAL I 83 -30.20 -35.99 28.76
CA VAL I 83 -31.16 -37.06 28.98
C VAL I 83 -31.98 -36.70 30.21
N THR I 84 -33.30 -36.63 30.03
CA THR I 84 -34.24 -36.27 31.08
C THR I 84 -35.08 -37.48 31.47
N ARG I 85 -35.74 -37.37 32.62
CA ARG I 85 -36.59 -38.44 33.17
C ARG I 85 -35.80 -39.75 33.27
N LEU I 86 -34.67 -39.67 33.96
CA LEU I 86 -33.82 -40.84 34.13
C LEU I 86 -34.53 -41.92 34.94
N THR I 87 -34.25 -43.18 34.59
CA THR I 87 -34.81 -44.33 35.27
C THR I 87 -33.72 -45.36 35.48
N SER I 88 -34.05 -46.42 36.22
CA SER I 88 -33.08 -47.48 36.48
C SER I 88 -32.70 -48.24 35.22
N ASP I 89 -33.48 -48.15 34.16
CA ASP I 89 -33.14 -48.78 32.89
C ASP I 89 -32.15 -47.98 32.06
N ASP I 90 -31.86 -46.74 32.47
CA ASP I 90 -30.93 -45.88 31.74
C ASP I 90 -29.49 -46.04 32.19
N THR I 91 -29.22 -46.92 33.14
CA THR I 91 -27.85 -47.11 33.62
C THR I 91 -26.96 -47.64 32.51
N GLY I 92 -25.72 -47.19 32.48
CA GLY I 92 -24.74 -47.75 31.58
C GLY I 92 -23.74 -46.72 31.13
N ILE I 93 -22.96 -47.10 30.12
CA ILE I 93 -21.89 -46.28 29.56
C ILE I 93 -22.42 -45.61 28.30
N TYR I 94 -22.43 -44.28 28.31
CA TYR I 94 -22.77 -43.49 27.13
C TYR I 94 -21.50 -43.19 26.35
N TYR I 95 -21.55 -43.43 25.04
CA TYR I 95 -20.43 -43.21 24.15
C TYR I 95 -20.82 -42.18 23.08
N CYS I 96 -19.87 -41.28 22.79
CA CYS I 96 -19.97 -40.35 21.68
C CYS I 96 -18.91 -40.74 20.66
N ALA I 97 -19.33 -40.95 19.41
CA ALA I 97 -18.46 -41.53 18.40
C ALA I 97 -18.50 -40.69 17.14
N ARG I 98 -17.33 -40.50 16.53
CA ARG I 98 -17.26 -39.80 15.26
C ARG I 98 -17.52 -40.77 14.11
N ASP I 99 -18.39 -40.38 13.19
CA ASP I 99 -18.68 -41.17 12.01
C ASP I 99 -17.68 -40.84 10.90
N LYS I 100 -17.34 -41.86 10.10
CA LYS I 100 -16.48 -41.62 8.95
C LYS I 100 -17.16 -40.71 7.95
N TYR I 101 -18.43 -40.96 7.66
CA TYR I 101 -19.29 -40.05 6.91
C TYR I 101 -18.71 -39.72 5.53
N TYR I 102 -18.18 -40.72 4.85
CA TYR I 102 -17.74 -40.52 3.47
C TYR I 102 -18.95 -40.44 2.55
N GLY I 103 -18.96 -39.43 1.68
CA GLY I 103 -20.07 -39.26 0.77
C GLY I 103 -21.32 -38.68 1.37
N ASN I 104 -21.20 -37.94 2.47
CA ASN I 104 -22.34 -37.30 3.13
C ASN I 104 -23.40 -38.32 3.52
N GLU I 105 -22.97 -39.48 4.02
CA GLU I 105 -23.87 -40.50 4.52
C GLU I 105 -23.10 -41.40 5.47
N ALA I 106 -23.84 -42.04 6.38
CA ALA I 106 -23.22 -42.84 7.43
C ALA I 106 -22.42 -43.99 6.84
N VAL I 107 -21.19 -44.15 7.32
CA VAL I 107 -20.28 -45.21 6.87
C VAL I 107 -19.79 -46.04 8.05
N GLY I 108 -19.43 -45.40 9.15
CA GLY I 108 -18.99 -46.14 10.32
C GLY I 108 -18.42 -45.28 11.42
N MET I 109 -18.56 -45.73 12.66
CA MET I 109 -18.02 -45.05 13.82
C MET I 109 -16.62 -45.58 14.08
N ASP I 110 -15.61 -44.73 13.88
CA ASP I 110 -14.21 -45.13 13.98
C ASP I 110 -13.52 -44.61 15.22
N VAL I 111 -13.87 -43.41 15.69
CA VAL I 111 -13.27 -42.79 16.87
C VAL I 111 -14.33 -42.76 17.95
N TRP I 112 -13.97 -43.22 19.15
CA TRP I 112 -14.90 -43.33 20.27
C TRP I 112 -14.32 -42.64 21.49
N GLY I 113 -15.20 -42.06 22.29
CA GLY I 113 -14.80 -41.48 23.56
C GLY I 113 -14.53 -42.55 24.61
N GLN I 114 -13.99 -42.11 25.74
CA GLN I 114 -13.67 -43.04 26.81
C GLN I 114 -14.90 -43.63 27.47
N GLY I 115 -16.08 -43.06 27.25
CA GLY I 115 -17.31 -43.59 27.80
C GLY I 115 -17.63 -43.02 29.16
N THR I 116 -18.82 -42.41 29.30
CA THR I 116 -19.25 -41.81 30.56
C THR I 116 -20.25 -42.75 31.22
N SER I 117 -19.93 -43.19 32.44
CA SER I 117 -20.79 -44.10 33.18
C SER I 117 -21.84 -43.28 33.93
N VAL I 118 -23.12 -43.54 33.62
CA VAL I 118 -24.24 -42.89 34.29
C VAL I 118 -25.04 -43.95 35.02
N THR I 119 -25.34 -43.69 36.29
CA THR I 119 -26.06 -44.61 37.16
C THR I 119 -27.28 -43.91 37.73
N VAL I 120 -28.36 -44.68 37.87
CA VAL I 120 -29.66 -44.19 38.33
C VAL I 120 -30.18 -45.16 39.38
N SER I 121 -30.43 -44.66 40.58
CA SER I 121 -30.92 -45.51 41.66
C SER I 121 -31.54 -44.62 42.73
N SER I 122 -32.44 -45.22 43.52
CA SER I 122 -33.07 -44.54 44.63
C SER I 122 -32.20 -44.53 45.89
N ASP J 1 -38.36 -52.38 13.66
CA ASP J 1 -36.91 -52.15 13.36
C ASP J 1 -36.37 -53.27 12.48
N ILE J 2 -35.10 -53.15 12.09
CA ILE J 2 -34.42 -54.13 11.27
C ILE J 2 -33.62 -55.05 12.19
N GLN J 3 -33.87 -56.35 12.07
CA GLN J 3 -33.26 -57.34 12.96
C GLN J 3 -31.93 -57.81 12.40
N LEU J 4 -30.90 -57.81 13.24
CA LEU J 4 -29.60 -58.37 12.91
C LEU J 4 -29.34 -59.56 13.83
N THR J 5 -29.16 -60.73 13.23
CA THR J 5 -28.90 -61.97 13.96
C THR J 5 -27.48 -62.45 13.64
N GLN J 6 -26.86 -63.08 14.63
CA GLN J 6 -25.48 -63.52 14.56
C GLN J 6 -25.37 -65.01 14.82
N SER J 7 -24.35 -65.63 14.22
CA SER J 7 -24.06 -67.04 14.43
C SER J 7 -22.55 -67.20 14.32
N PRO J 8 -21.88 -67.84 15.30
CA PRO J 8 -22.35 -68.41 16.56
C PRO J 8 -22.37 -67.38 17.69
N SER J 9 -23.19 -67.59 18.72
CA SER J 9 -23.14 -66.71 19.88
C SER J 9 -21.84 -66.89 20.66
N PHE J 10 -21.36 -68.13 20.77
CA PHE J 10 -20.12 -68.45 21.45
C PHE J 10 -19.33 -69.43 20.60
N LEU J 11 -18.00 -69.38 20.74
CA LEU J 11 -17.12 -70.14 19.86
C LEU J 11 -15.79 -70.35 20.57
N SER J 12 -15.28 -71.58 20.51
CA SER J 12 -13.99 -71.96 21.08
C SER J 12 -13.04 -72.34 19.96
N ALA J 13 -11.87 -71.69 19.93
CA ALA J 13 -10.90 -71.91 18.87
C ALA J 13 -9.51 -71.65 19.40
N SER J 14 -8.50 -72.21 18.72
CA SER J 14 -7.11 -72.09 19.10
C SER J 14 -6.42 -71.02 18.27
N VAL J 15 -5.28 -70.54 18.80
CA VAL J 15 -4.48 -69.56 18.07
C VAL J 15 -3.97 -70.19 16.78
N GLY J 16 -4.11 -69.46 15.68
CA GLY J 16 -3.74 -69.93 14.36
C GLY J 16 -4.89 -70.49 13.55
N ASP J 17 -6.02 -70.80 14.19
CA ASP J 17 -7.18 -71.31 13.49
C ASP J 17 -7.96 -70.16 12.84
N LYS J 18 -8.91 -70.54 11.98
CA LYS J 18 -9.74 -69.57 11.25
C LYS J 18 -11.12 -69.52 11.89
N VAL J 19 -11.66 -68.30 11.98
CA VAL J 19 -12.99 -68.05 12.54
C VAL J 19 -13.83 -67.35 11.49
N THR J 20 -15.05 -67.85 11.28
CA THR J 20 -16.02 -67.23 10.38
C THR J 20 -17.30 -66.99 11.16
N ILE J 21 -17.75 -65.74 11.19
CA ILE J 21 -18.93 -65.32 11.93
C ILE J 21 -19.90 -64.66 10.96
N THR J 22 -21.17 -65.03 11.03
CA THR J 22 -22.18 -64.64 10.05
C THR J 22 -23.17 -63.68 10.68
N CYS J 23 -23.38 -62.54 10.04
CA CYS J 23 -24.49 -61.64 10.33
C CYS J 23 -25.57 -61.78 9.27
N ARG J 24 -26.81 -61.90 9.72
CA ARG J 24 -27.96 -62.03 8.84
C ARG J 24 -28.96 -60.93 9.17
N ALA J 25 -29.42 -60.22 8.14
CA ALA J 25 -30.34 -59.11 8.28
C ALA J 25 -31.70 -59.49 7.73
N SER J 26 -32.76 -59.18 8.48
CA SER J 26 -34.11 -59.48 8.02
C SER J 26 -34.43 -58.71 6.74
N GLN J 27 -34.06 -57.44 6.68
CA GLN J 27 -34.25 -56.62 5.49
C GLN J 27 -32.93 -56.50 4.73
N GLY J 28 -33.03 -56.00 3.50
CA GLY J 28 -31.89 -55.93 2.62
C GLY J 28 -31.08 -54.66 2.75
N VAL J 29 -29.78 -54.80 3.01
CA VAL J 29 -28.83 -53.70 2.99
C VAL J 29 -27.73 -54.04 2.00
N ARG J 30 -27.46 -53.12 1.07
CA ARG J 30 -26.56 -53.41 -0.03
C ARG J 30 -25.12 -53.58 0.47
N ASN J 31 -24.57 -52.51 1.07
CA ASN J 31 -23.27 -52.57 1.71
C ASN J 31 -23.29 -51.81 3.04
N GLU J 32 -24.47 -51.48 3.56
CA GLU J 32 -24.59 -50.65 4.75
C GLU J 32 -24.39 -51.53 5.99
N LEU J 33 -23.12 -51.86 6.24
CA LEU J 33 -22.74 -52.74 7.33
C LEU J 33 -21.38 -52.32 7.87
N ALA J 34 -21.22 -52.47 9.19
CA ALA J 34 -19.98 -52.17 9.87
C ALA J 34 -19.71 -53.25 10.91
N TRP J 35 -18.48 -53.73 10.95
CA TRP J 35 -18.03 -54.73 11.91
C TRP J 35 -17.12 -54.08 12.94
N TYR J 36 -17.43 -54.32 14.22
CA TYR J 36 -16.74 -53.74 15.36
C TYR J 36 -16.21 -54.83 16.27
N GLN J 37 -15.20 -54.47 17.07
CA GLN J 37 -14.66 -55.32 18.11
C GLN J 37 -14.64 -54.54 19.43
N GLN J 38 -15.16 -55.15 20.49
CA GLN J 38 -15.20 -54.54 21.81
C GLN J 38 -14.66 -55.53 22.83
N LYS J 39 -13.67 -55.09 23.61
CA LYS J 39 -13.08 -55.92 24.65
C LYS J 39 -13.83 -55.75 25.96
N PRO J 40 -13.62 -56.65 26.93
CA PRO J 40 -14.37 -56.55 28.20
C PRO J 40 -14.16 -55.22 28.90
N GLY J 41 -15.25 -54.49 29.10
CA GLY J 41 -15.19 -53.21 29.79
C GLY J 41 -14.32 -52.18 29.13
N LYS J 42 -14.33 -52.14 27.79
CA LYS J 42 -13.53 -51.18 27.04
C LYS J 42 -14.34 -50.69 25.85
N ALA J 43 -13.97 -49.51 25.35
CA ALA J 43 -14.71 -48.90 24.26
C ALA J 43 -14.59 -49.76 23.00
N PRO J 44 -15.62 -49.82 22.17
CA PRO J 44 -15.53 -50.62 20.94
C PRO J 44 -14.61 -49.98 19.92
N ASN J 45 -14.15 -50.80 18.97
CA ASN J 45 -13.29 -50.35 17.89
C ASN J 45 -13.83 -50.88 16.57
N LEU J 46 -13.67 -50.08 15.53
CA LEU J 46 -14.15 -50.45 14.20
C LEU J 46 -13.17 -51.40 13.52
N LEU J 47 -13.72 -52.45 12.89
CA LEU J 47 -12.95 -53.39 12.10
C LEU J 47 -13.19 -53.22 10.60
N ILE J 48 -14.45 -53.21 10.18
CA ILE J 48 -14.80 -53.19 8.76
C ILE J 48 -15.88 -52.14 8.53
N TYR J 49 -15.78 -51.42 7.42
CA TYR J 49 -16.85 -50.59 6.91
C TYR J 49 -17.03 -50.89 5.43
N TYR J 50 -18.28 -50.72 4.96
CA TYR J 50 -18.74 -51.16 3.65
C TYR J 50 -18.70 -52.68 3.50
N ALA J 51 -18.54 -53.42 4.60
CA ALA J 51 -18.60 -54.87 4.62
C ALA J 51 -17.44 -55.56 3.93
N SER J 52 -16.50 -54.80 3.36
CA SER J 52 -15.37 -55.39 2.65
C SER J 52 -14.08 -54.59 2.76
N THR J 53 -14.04 -53.51 3.53
CA THR J 53 -12.88 -52.64 3.60
C THR J 53 -12.39 -52.57 5.05
N LEU J 54 -11.10 -52.84 5.24
CA LEU J 54 -10.52 -52.77 6.58
C LEU J 54 -10.39 -51.32 7.03
N GLN J 55 -10.64 -51.09 8.32
CA GLN J 55 -10.33 -49.81 8.92
C GLN J 55 -8.82 -49.61 8.98
N SER J 56 -8.38 -48.36 8.83
CA SER J 56 -6.97 -48.05 8.86
C SER J 56 -6.36 -48.49 10.19
N GLY J 57 -5.24 -49.20 10.10
CA GLY J 57 -4.57 -49.73 11.27
C GLY J 57 -5.02 -51.10 11.70
N VAL J 58 -6.07 -51.65 11.10
CA VAL J 58 -6.56 -52.99 11.44
C VAL J 58 -5.59 -54.01 10.85
N PRO J 59 -5.28 -55.11 11.54
CA PRO J 59 -4.45 -56.14 10.92
C PRO J 59 -5.09 -56.72 9.66
N SER J 60 -4.24 -57.06 8.69
CA SER J 60 -4.72 -57.55 7.41
C SER J 60 -5.35 -58.94 7.50
N ARG J 61 -5.15 -59.67 8.60
CA ARG J 61 -5.77 -60.98 8.73
C ARG J 61 -7.29 -60.90 8.69
N PHE J 62 -7.85 -59.79 9.13
CA PHE J 62 -9.30 -59.60 9.06
C PHE J 62 -9.76 -59.48 7.61
N SER J 63 -10.98 -59.94 7.36
CA SER J 63 -11.61 -59.80 6.05
C SER J 63 -13.10 -60.04 6.20
N ALA J 64 -13.87 -59.48 5.27
CA ALA J 64 -15.31 -59.62 5.31
C ALA J 64 -15.87 -59.52 3.89
N THR J 65 -16.95 -60.25 3.66
CA THR J 65 -17.62 -60.26 2.36
C THR J 65 -19.10 -60.47 2.59
N GLY J 66 -19.90 -59.96 1.65
CA GLY J 66 -21.35 -60.15 1.68
C GLY J 66 -22.14 -58.93 1.26
N SER J 67 -23.25 -59.16 0.57
CA SER J 67 -24.16 -58.10 0.15
C SER J 67 -25.59 -58.58 0.31
N GLY J 68 -26.50 -57.64 0.52
CA GLY J 68 -27.91 -57.97 0.67
C GLY J 68 -28.29 -58.23 2.12
N THR J 69 -28.38 -59.50 2.49
CA THR J 69 -28.75 -59.91 3.84
C THR J 69 -27.70 -60.76 4.54
N HIS J 70 -26.89 -61.51 3.80
CA HIS J 70 -25.90 -62.41 4.36
C HIS J 70 -24.52 -61.78 4.32
N PHE J 71 -23.86 -61.73 5.48
CA PHE J 71 -22.53 -61.16 5.60
C PHE J 71 -21.68 -62.07 6.49
N THR J 72 -20.38 -62.12 6.19
CA THR J 72 -19.45 -62.97 6.93
C THR J 72 -18.20 -62.16 7.28
N LEU J 73 -17.74 -62.30 8.52
CA LEU J 73 -16.47 -61.76 8.96
C LEU J 73 -15.51 -62.92 9.19
N THR J 74 -14.32 -62.84 8.59
CA THR J 74 -13.35 -63.92 8.62
C THR J 74 -12.05 -63.43 9.26
N VAL J 75 -11.60 -64.15 10.28
CA VAL J 75 -10.27 -63.98 10.85
C VAL J 75 -9.42 -65.13 10.34
N SER J 76 -8.55 -64.85 9.37
CA SER J 76 -7.80 -65.92 8.71
C SER J 76 -6.90 -66.67 9.68
N SER J 77 -6.19 -65.93 10.54
CA SER J 77 -5.27 -66.51 11.51
C SER J 77 -5.57 -65.88 12.87
N LEU J 78 -6.06 -66.69 13.81
CA LEU J 78 -6.35 -66.18 15.14
C LEU J 78 -5.07 -65.70 15.81
N GLN J 79 -5.20 -64.63 16.60
CA GLN J 79 -4.09 -64.05 17.34
C GLN J 79 -4.50 -63.99 18.82
N PRO J 80 -3.52 -64.03 19.76
CA PRO J 80 -3.92 -64.01 21.18
C PRO J 80 -4.80 -62.85 21.60
N GLU J 81 -4.58 -61.63 21.08
CA GLU J 81 -5.37 -60.47 21.48
C GLU J 81 -6.61 -60.26 20.63
N ASP J 82 -7.01 -61.27 19.85
CA ASP J 82 -8.19 -61.18 19.00
C ASP J 82 -9.44 -61.73 19.68
N PHE J 83 -9.34 -62.13 20.95
CA PHE J 83 -10.49 -62.67 21.69
C PHE J 83 -11.27 -61.50 22.28
N ALA J 84 -12.46 -61.25 21.76
CA ALA J 84 -13.28 -60.13 22.20
C ALA J 84 -14.67 -60.31 21.63
N THR J 85 -15.57 -59.38 21.98
CA THR J 85 -16.94 -59.42 21.50
C THR J 85 -17.01 -58.76 20.13
N TYR J 86 -17.53 -59.49 19.15
CA TYR J 86 -17.61 -59.03 17.76
C TYR J 86 -19.03 -58.58 17.47
N PHE J 87 -19.17 -57.42 16.84
CA PHE J 87 -20.48 -56.84 16.56
C PHE J 87 -20.60 -56.52 15.07
N CYS J 88 -21.83 -56.66 14.56
CA CYS J 88 -22.19 -56.24 13.22
C CYS J 88 -23.40 -55.31 13.29
N GLN J 89 -23.31 -54.18 12.60
CA GLN J 89 -24.27 -53.09 12.74
C GLN J 89 -24.64 -52.55 11.36
N HIS J 90 -25.93 -52.30 11.17
CA HIS J 90 -26.46 -51.76 9.92
C HIS J 90 -26.77 -50.28 10.06
N MET J 91 -26.79 -49.58 8.91
CA MET J 91 -27.07 -48.15 8.89
C MET J 91 -27.95 -47.75 7.71
N SER J 92 -28.71 -48.68 7.14
CA SER J 92 -29.56 -48.34 6.00
C SER J 92 -30.68 -47.39 6.40
N SER J 93 -31.31 -47.63 7.55
CA SER J 93 -32.44 -46.80 7.96
C SER J 93 -32.52 -46.75 9.48
N TYR J 94 -33.18 -45.71 9.96
CA TYR J 94 -33.21 -45.46 11.39
C TYR J 94 -34.12 -46.47 12.11
N PRO J 95 -33.82 -46.79 13.38
CA PRO J 95 -32.65 -46.66 13.92
C PRO J 95 -31.52 -47.67 13.59
N LEU J 96 -30.28 -47.21 13.79
CA LEU J 96 -29.14 -48.09 13.65
C LEU J 96 -29.14 -49.08 14.79
N THR J 97 -28.99 -50.36 14.46
CA THR J 97 -29.03 -51.42 15.46
C THR J 97 -27.79 -52.28 15.32
N PHE J 98 -27.34 -52.82 16.45
CA PHE J 98 -26.15 -53.65 16.51
C PHE J 98 -26.55 -55.13 16.59
N GLY J 99 -25.57 -55.99 16.35
CA GLY J 99 -25.80 -57.42 16.43
C GLY J 99 -25.92 -57.89 17.86
N GLY J 100 -26.31 -59.17 17.99
CA GLY J 100 -26.47 -59.75 19.31
C GLY J 100 -25.17 -59.78 20.09
N GLY J 101 -24.08 -60.17 19.44
CA GLY J 101 -22.77 -60.24 20.06
C GLY J 101 -22.15 -61.62 19.98
N THR J 102 -21.01 -61.73 19.33
CA THR J 102 -20.28 -62.99 19.17
C THR J 102 -18.97 -62.90 19.96
N LYS J 103 -18.75 -63.89 20.83
CA LYS J 103 -17.58 -63.94 21.69
C LYS J 103 -16.69 -65.10 21.24
N VAL J 104 -15.43 -64.80 20.95
CA VAL J 104 -14.44 -65.80 20.57
C VAL J 104 -13.59 -66.11 21.78
N GLU J 105 -13.42 -67.39 22.08
CA GLU J 105 -12.73 -67.85 23.28
C GLU J 105 -11.61 -68.81 22.89
N ILE J 106 -10.52 -68.77 23.66
CA ILE J 106 -9.36 -69.61 23.37
C ILE J 106 -9.67 -71.07 23.72
N LYS J 107 -8.90 -71.97 23.10
CA LYS J 107 -9.08 -73.40 23.30
C LYS J 107 -7.86 -74.00 23.98
N GLN K 1 14.55 1.66 -39.96
CA GLN K 1 15.04 0.83 -38.82
C GLN K 1 14.79 -0.66 -39.05
N LYS K 2 13.78 -0.97 -39.87
CA LYS K 2 13.42 -2.35 -40.12
C LYS K 2 14.53 -3.04 -40.91
N VAL K 3 15.12 -4.07 -40.33
CA VAL K 3 16.27 -4.75 -40.91
C VAL K 3 16.15 -6.25 -40.65
N LEU K 4 16.65 -7.04 -41.59
CA LEU K 4 16.75 -8.49 -41.45
C LEU K 4 18.19 -8.90 -41.71
N VAL K 5 18.75 -9.71 -40.83
CA VAL K 5 20.14 -10.17 -40.93
C VAL K 5 20.16 -11.68 -40.85
N GLN K 6 20.86 -12.31 -41.79
CA GLN K 6 20.98 -13.76 -41.88
C GLN K 6 22.38 -14.20 -41.46
N SER K 7 22.60 -15.51 -41.52
CA SER K 7 23.90 -16.09 -41.22
C SER K 7 24.81 -15.98 -42.44
N GLY K 8 26.01 -16.55 -42.33
CA GLY K 8 26.97 -16.48 -43.42
C GLY K 8 26.66 -17.45 -44.53
N ALA K 9 27.44 -17.34 -45.60
CA ALA K 9 27.27 -18.20 -46.76
C ALA K 9 27.62 -19.65 -46.40
N GLU K 10 26.97 -20.58 -47.11
CA GLU K 10 27.11 -22.00 -46.84
C GLU K 10 27.55 -22.73 -48.10
N VAL K 11 28.47 -23.67 -47.94
CA VAL K 11 28.88 -24.60 -48.98
C VAL K 11 28.66 -26.00 -48.44
N LYS K 12 27.90 -26.81 -49.17
CA LYS K 12 27.50 -28.13 -48.70
C LYS K 12 27.65 -29.15 -49.81
N LYS K 13 27.82 -30.41 -49.42
CA LYS K 13 27.80 -31.50 -50.37
C LYS K 13 26.36 -31.90 -50.67
N PRO K 14 26.10 -32.55 -51.80
CA PRO K 14 24.73 -33.00 -52.09
C PRO K 14 24.23 -33.97 -51.04
N GLY K 15 22.95 -33.87 -50.72
CA GLY K 15 22.32 -34.76 -49.76
C GLY K 15 22.44 -34.33 -48.31
N ALA K 16 23.10 -33.20 -48.03
CA ALA K 16 23.28 -32.73 -46.66
C ALA K 16 22.07 -31.89 -46.26
N SER K 17 22.17 -31.20 -45.12
CA SER K 17 21.13 -30.31 -44.63
C SER K 17 21.74 -28.95 -44.32
N VAL K 18 21.02 -27.89 -44.66
CA VAL K 18 21.47 -26.52 -44.47
C VAL K 18 20.43 -25.77 -43.66
N LYS K 19 20.90 -24.95 -42.72
CA LYS K 19 20.06 -24.15 -41.84
C LYS K 19 20.37 -22.69 -42.08
N VAL K 20 19.39 -21.94 -42.59
CA VAL K 20 19.52 -20.51 -42.87
C VAL K 20 18.74 -19.76 -41.79
N SER K 21 19.43 -18.87 -41.08
CA SER K 21 18.83 -18.08 -40.02
C SER K 21 18.42 -16.71 -40.53
N CYS K 22 17.55 -16.06 -39.76
CA CYS K 22 17.06 -14.73 -40.13
C CYS K 22 16.55 -14.05 -38.87
N ARG K 23 17.23 -13.00 -38.43
CA ARG K 23 16.87 -12.24 -37.24
C ARG K 23 16.39 -10.86 -37.65
N ALA K 24 15.39 -10.37 -36.93
CA ALA K 24 14.71 -9.12 -37.24
C ALA K 24 15.11 -8.02 -36.26
N PHE K 25 15.16 -6.79 -36.78
CA PHE K 25 15.43 -5.61 -35.99
C PHE K 25 14.50 -4.49 -36.44
N GLY K 26 14.13 -3.63 -35.48
CA GLY K 26 13.36 -2.44 -35.79
C GLY K 26 11.86 -2.62 -35.86
N TYR K 27 11.34 -3.82 -35.63
CA TYR K 27 9.91 -4.04 -35.66
C TYR K 27 9.57 -5.27 -34.81
N THR K 28 8.30 -5.38 -34.46
CA THR K 28 7.84 -6.50 -33.64
C THR K 28 7.91 -7.79 -34.44
N PHE K 29 8.71 -8.75 -33.95
CA PHE K 29 8.95 -9.98 -34.70
C PHE K 29 7.66 -10.75 -34.91
N THR K 30 6.82 -10.83 -33.89
CA THR K 30 5.57 -11.58 -33.98
C THR K 30 4.48 -10.84 -34.75
N GLY K 31 4.70 -9.57 -35.11
CA GLY K 31 3.69 -8.77 -35.76
C GLY K 31 3.63 -8.86 -37.27
N ASN K 32 4.47 -9.68 -37.90
CA ASN K 32 4.52 -9.75 -39.35
C ASN K 32 4.89 -11.16 -39.78
N PRO K 33 4.38 -11.68 -40.91
CA PRO K 33 4.85 -12.97 -41.41
C PRO K 33 6.12 -12.81 -42.23
N LEU K 34 6.84 -13.93 -42.37
CA LEU K 34 8.13 -13.95 -43.05
C LEU K 34 8.06 -14.89 -44.25
N HIS K 35 8.22 -14.35 -45.45
CA HIS K 35 8.42 -15.14 -46.64
C HIS K 35 9.87 -15.61 -46.73
N TRP K 36 10.06 -16.76 -47.36
CA TRP K 36 11.39 -17.28 -47.70
C TRP K 36 11.45 -17.52 -49.20
N VAL K 37 12.25 -16.71 -49.88
CA VAL K 37 12.40 -16.77 -51.34
C VAL K 37 13.83 -17.19 -51.64
N ARG K 38 14.05 -17.62 -52.89
CA ARG K 38 15.39 -17.96 -53.34
C ARG K 38 15.55 -17.58 -54.80
N GLN K 39 16.74 -17.09 -55.14
CA GLN K 39 17.08 -16.71 -56.50
C GLN K 39 18.33 -17.47 -56.92
N ALA K 40 18.19 -18.27 -57.98
CA ALA K 40 19.34 -19.01 -58.51
C ALA K 40 20.23 -18.08 -59.31
N PRO K 41 21.51 -18.47 -59.54
CA PRO K 41 22.41 -17.59 -60.32
C PRO K 41 21.85 -17.24 -61.69
N GLY K 42 21.57 -15.96 -61.92
CA GLY K 42 21.11 -15.51 -63.22
C GLY K 42 19.67 -15.85 -63.53
N GLN K 43 18.89 -16.31 -62.57
CA GLN K 43 17.50 -16.71 -62.77
C GLN K 43 16.58 -15.80 -61.95
N GLY K 44 15.30 -16.11 -61.97
CA GLY K 44 14.31 -15.35 -61.23
C GLY K 44 14.23 -15.81 -59.78
N LEU K 45 13.19 -15.31 -59.11
CA LEU K 45 12.96 -15.59 -57.70
C LEU K 45 11.96 -16.74 -57.57
N GLU K 46 12.31 -17.73 -56.76
CA GLU K 46 11.44 -18.87 -56.47
C GLU K 46 10.98 -18.79 -55.01
N TRP K 47 9.68 -18.87 -54.81
CA TRP K 47 9.07 -18.70 -53.51
C TRP K 47 8.89 -20.07 -52.85
N LEU K 48 9.52 -20.26 -51.69
CA LEU K 48 9.48 -21.54 -51.00
C LEU K 48 8.30 -21.64 -50.03
N GLY K 49 7.95 -20.54 -49.37
CA GLY K 49 6.89 -20.58 -48.38
C GLY K 49 6.89 -19.32 -47.54
N TRP K 50 6.05 -19.34 -46.51
CA TRP K 50 6.08 -18.27 -45.52
C TRP K 50 5.56 -18.77 -44.18
N ILE K 51 6.05 -18.15 -43.11
CA ILE K 51 5.81 -18.59 -41.74
C ILE K 51 5.21 -17.44 -40.94
N ASN K 52 4.34 -17.80 -39.99
CA ASN K 52 3.77 -16.86 -39.04
C ASN K 52 4.58 -16.94 -37.75
N PRO K 53 5.39 -15.93 -37.39
CA PRO K 53 6.17 -16.05 -36.15
C PRO K 53 5.34 -16.10 -34.88
N HIS K 54 4.09 -15.61 -34.91
CA HIS K 54 3.30 -15.56 -33.69
C HIS K 54 2.68 -16.92 -33.36
N SER K 55 1.81 -17.41 -34.26
CA SER K 55 1.15 -18.70 -34.04
C SER K 55 2.06 -19.87 -34.38
N GLY K 56 3.14 -19.66 -35.13
CA GLY K 56 4.01 -20.73 -35.54
C GLY K 56 3.53 -21.50 -36.76
N ASP K 57 2.38 -21.15 -37.32
CA ASP K 57 1.88 -21.82 -38.51
C ASP K 57 2.79 -21.50 -39.70
N THR K 58 2.90 -22.48 -40.61
CA THR K 58 3.77 -22.37 -41.77
C THR K 58 3.00 -22.80 -43.01
N PHE K 59 3.41 -22.29 -44.15
CA PHE K 59 2.97 -22.79 -45.44
C PHE K 59 4.19 -22.97 -46.35
N THR K 60 4.23 -24.11 -47.03
CA THR K 60 5.28 -24.44 -47.98
C THR K 60 4.67 -24.63 -49.35
N SER K 61 5.43 -24.28 -50.38
CA SER K 61 4.97 -24.48 -51.75
C SER K 61 4.74 -25.96 -52.01
N GLN K 62 3.74 -26.25 -52.86
CA GLN K 62 3.37 -27.63 -53.13
C GLN K 62 4.50 -28.42 -53.77
N LYS K 63 5.50 -27.74 -54.35
CA LYS K 63 6.67 -28.39 -54.93
C LYS K 63 7.85 -28.43 -53.97
N PHE K 64 7.63 -28.08 -52.69
CA PHE K 64 8.66 -28.15 -51.66
C PHE K 64 8.20 -28.85 -50.39
N GLN K 65 6.95 -29.33 -50.34
CA GLN K 65 6.44 -29.97 -49.13
C GLN K 65 7.21 -31.25 -48.83
N GLY K 66 7.48 -31.47 -47.54
CA GLY K 66 8.20 -32.64 -47.09
C GLY K 66 9.71 -32.56 -47.25
N ARG K 67 10.23 -31.43 -47.74
CA ARG K 67 11.66 -31.25 -47.96
C ARG K 67 12.22 -30.05 -47.21
N VAL K 68 11.49 -28.95 -47.14
CA VAL K 68 11.92 -27.74 -46.44
C VAL K 68 11.03 -27.56 -45.22
N TYR K 69 11.65 -27.24 -44.09
CA TYR K 69 10.95 -27.01 -42.82
C TYR K 69 11.26 -25.60 -42.33
N MET K 70 10.34 -25.06 -41.54
CA MET K 70 10.44 -23.70 -41.05
C MET K 70 10.11 -23.65 -39.56
N THR K 71 10.85 -22.83 -38.83
CA THR K 71 10.64 -22.68 -37.39
C THR K 71 10.99 -21.26 -37.00
N ARG K 72 10.62 -20.88 -35.78
CA ARG K 72 10.99 -19.58 -35.25
C ARG K 72 11.27 -19.71 -33.75
N ASP K 73 12.09 -18.79 -33.25
CA ASP K 73 12.31 -18.61 -31.82
C ASP K 73 12.07 -17.15 -31.50
N LYS K 74 11.03 -16.89 -30.70
CA LYS K 74 10.65 -15.52 -30.36
C LYS K 74 11.56 -14.92 -29.30
N SER K 75 12.20 -15.77 -28.48
CA SER K 75 13.06 -15.26 -27.42
C SER K 75 14.23 -14.46 -27.98
N ILE K 76 14.70 -14.81 -29.18
CA ILE K 76 15.77 -14.11 -29.86
C ILE K 76 15.31 -13.44 -31.15
N ASN K 77 14.02 -13.53 -31.48
CA ASN K 77 13.48 -12.90 -32.69
C ASN K 77 14.17 -13.44 -33.94
N THR K 78 14.14 -14.76 -34.12
CA THR K 78 14.83 -15.42 -35.22
C THR K 78 13.90 -16.40 -35.92
N ALA K 79 14.12 -16.56 -37.22
CA ALA K 79 13.40 -17.53 -38.04
C ALA K 79 14.40 -18.42 -38.76
N PHE K 80 14.18 -19.72 -38.68
CA PHE K 80 15.08 -20.73 -39.24
C PHE K 80 14.40 -21.45 -40.39
N LEU K 81 15.11 -21.59 -41.51
CA LEU K 81 14.70 -22.42 -42.64
C LEU K 81 15.69 -23.57 -42.76
N ASP K 82 15.17 -24.80 -42.74
CA ASP K 82 15.97 -26.01 -42.84
C ASP K 82 15.66 -26.68 -44.17
N VAL K 83 16.66 -26.76 -45.04
CA VAL K 83 16.53 -27.40 -46.34
C VAL K 83 17.37 -28.68 -46.32
N THR K 84 16.73 -29.81 -46.58
CA THR K 84 17.37 -31.11 -46.59
C THR K 84 17.43 -31.66 -48.01
N ARG K 85 18.31 -32.64 -48.21
CA ARG K 85 18.53 -33.27 -49.50
C ARG K 85 18.90 -32.23 -50.56
N LEU K 86 20.00 -31.53 -50.27
CA LEU K 86 20.49 -30.50 -51.17
C LEU K 86 21.01 -31.11 -52.47
N THR K 87 20.80 -30.37 -53.56
CA THR K 87 21.25 -30.77 -54.89
C THR K 87 21.88 -29.57 -55.58
N SER K 88 22.48 -29.83 -56.74
CA SER K 88 23.12 -28.77 -57.51
C SER K 88 22.11 -27.74 -58.03
N ASP K 89 20.82 -28.09 -58.08
CA ASP K 89 19.80 -27.15 -58.50
C ASP K 89 19.36 -26.20 -57.37
N ASP K 90 19.80 -26.44 -56.14
CA ASP K 90 19.44 -25.60 -55.00
C ASP K 90 20.39 -24.43 -54.78
N THR K 91 21.41 -24.28 -55.63
CA THR K 91 22.35 -23.18 -55.46
C THR K 91 21.67 -21.85 -55.66
N GLY K 92 22.09 -20.86 -54.88
CA GLY K 92 21.64 -19.49 -55.09
C GLY K 92 21.58 -18.72 -53.78
N ILE K 93 20.95 -17.55 -53.86
CA ILE K 93 20.83 -16.64 -52.74
C ILE K 93 19.45 -16.83 -52.13
N TYR K 94 19.42 -17.16 -50.83
CA TYR K 94 18.18 -17.34 -50.08
C TYR K 94 17.89 -16.06 -49.31
N TYR K 95 16.70 -15.51 -49.50
CA TYR K 95 16.27 -14.27 -48.86
C TYR K 95 15.10 -14.55 -47.93
N CYS K 96 15.08 -13.84 -46.79
CA CYS K 96 13.96 -13.83 -45.87
C CYS K 96 13.39 -12.42 -45.86
N ALA K 97 12.08 -12.31 -46.09
CA ALA K 97 11.46 -11.02 -46.34
C ALA K 97 10.23 -10.83 -45.45
N ARG K 98 10.07 -9.63 -44.92
CA ARG K 98 8.91 -9.30 -44.09
C ARG K 98 7.77 -8.79 -44.96
N ASP K 99 6.60 -9.41 -44.82
CA ASP K 99 5.42 -9.00 -45.56
C ASP K 99 4.73 -7.82 -44.88
N LYS K 100 4.21 -6.91 -45.68
CA LYS K 100 3.43 -5.80 -45.12
C LYS K 100 2.21 -6.32 -44.38
N TYR K 101 1.49 -7.27 -44.98
CA TYR K 101 0.46 -8.05 -44.30
C TYR K 101 -0.64 -7.17 -43.70
N TYR K 102 -1.08 -6.17 -44.46
CA TYR K 102 -2.23 -5.38 -44.04
C TYR K 102 -3.51 -6.21 -44.16
N GLY K 103 -4.41 -6.02 -43.19
CA GLY K 103 -5.68 -6.73 -43.22
C GLY K 103 -5.55 -8.23 -43.07
N ASN K 104 -4.49 -8.70 -42.40
CA ASN K 104 -4.25 -10.13 -42.19
C ASN K 104 -4.24 -10.89 -43.50
N GLU K 105 -3.62 -10.31 -44.51
CA GLU K 105 -3.50 -10.94 -45.82
C GLU K 105 -2.26 -10.40 -46.52
N ALA K 106 -1.66 -11.23 -47.37
CA ALA K 106 -0.41 -10.87 -48.02
C ALA K 106 -0.59 -9.62 -48.88
N VAL K 107 0.32 -8.65 -48.71
CA VAL K 107 0.31 -7.41 -49.47
C VAL K 107 1.62 -7.20 -50.22
N GLY K 108 2.75 -7.50 -49.59
CA GLY K 108 4.03 -7.34 -50.26
C GLY K 108 5.21 -7.40 -49.32
N MET K 109 6.34 -7.88 -49.81
CA MET K 109 7.55 -8.00 -49.01
C MET K 109 8.36 -6.73 -49.19
N ASP K 110 8.44 -5.91 -48.14
CA ASP K 110 9.06 -4.60 -48.20
C ASP K 110 10.45 -4.55 -47.60
N VAL K 111 10.73 -5.41 -46.62
CA VAL K 111 12.02 -5.47 -45.95
C VAL K 111 12.65 -6.82 -46.27
N TRP K 112 13.91 -6.80 -46.71
CA TRP K 112 14.60 -8.00 -47.16
C TRP K 112 15.93 -8.13 -46.44
N GLY K 113 16.36 -9.37 -46.23
CA GLY K 113 17.66 -9.62 -45.67
C GLY K 113 18.77 -9.45 -46.70
N GLN K 114 20.01 -9.51 -46.21
CA GLN K 114 21.15 -9.32 -47.10
C GLN K 114 21.33 -10.48 -48.08
N GLY K 115 20.68 -11.63 -47.82
CA GLY K 115 20.77 -12.77 -48.70
C GLY K 115 21.91 -13.70 -48.35
N THR K 116 21.59 -14.97 -48.11
CA THR K 116 22.58 -15.98 -47.76
C THR K 116 22.86 -16.84 -48.99
N SER K 117 24.13 -16.87 -49.42
CA SER K 117 24.50 -17.65 -50.59
C SER K 117 24.77 -19.09 -50.19
N VAL K 118 23.98 -20.02 -50.73
CA VAL K 118 24.14 -21.44 -50.48
C VAL K 118 24.57 -22.11 -51.77
N THR K 119 25.63 -22.91 -51.69
CA THR K 119 26.20 -23.60 -52.84
C THR K 119 26.28 -25.10 -52.56
N VAL K 120 26.05 -25.88 -53.61
CA VAL K 120 25.98 -27.33 -53.54
C VAL K 120 26.80 -27.89 -54.70
N SER K 121 27.81 -28.69 -54.38
CA SER K 121 28.65 -29.29 -55.41
C SER K 121 29.38 -30.48 -54.82
N SER K 122 29.80 -31.39 -55.70
CA SER K 122 30.59 -32.54 -55.30
C SER K 122 32.08 -32.23 -55.15
N ASP L 1 0.48 -24.36 -61.45
CA ASP L 1 0.74 -23.01 -60.87
C ASP L 1 0.16 -21.93 -61.77
N ILE L 2 0.28 -20.67 -61.33
CA ILE L 2 -0.18 -19.51 -62.09
C ILE L 2 1.02 -18.95 -62.83
N GLN L 3 0.93 -18.93 -64.17
CA GLN L 3 2.04 -18.47 -64.99
C GLN L 3 2.06 -16.96 -65.04
N LEU L 4 3.25 -16.38 -64.85
CA LEU L 4 3.45 -14.93 -64.87
C LEU L 4 4.47 -14.61 -65.96
N THR L 5 4.02 -13.92 -66.99
CA THR L 5 4.86 -13.52 -68.12
C THR L 5 5.06 -12.02 -68.11
N GLN L 6 6.16 -11.59 -68.75
CA GLN L 6 6.52 -10.19 -68.82
C GLN L 6 7.00 -9.86 -70.23
N SER L 7 6.87 -8.58 -70.59
CA SER L 7 7.31 -8.11 -71.89
C SER L 7 7.70 -6.64 -71.77
N PRO L 8 8.83 -6.19 -72.33
CA PRO L 8 9.90 -6.95 -73.01
C PRO L 8 10.86 -7.59 -72.01
N SER L 9 11.53 -8.69 -72.38
CA SER L 9 12.55 -9.25 -71.50
C SER L 9 13.74 -8.31 -71.35
N PHE L 10 14.14 -7.67 -72.44
CA PHE L 10 15.24 -6.71 -72.44
C PHE L 10 14.79 -5.45 -73.18
N LEU L 11 15.29 -4.30 -72.73
CA LEU L 11 14.90 -3.02 -73.30
C LEU L 11 16.07 -2.05 -73.23
N SER L 12 16.07 -1.08 -74.15
CA SER L 12 17.08 -0.03 -74.20
C SER L 12 16.37 1.31 -74.20
N ALA L 13 16.81 2.22 -73.34
CA ALA L 13 16.22 3.55 -73.24
C ALA L 13 17.25 4.52 -72.68
N SER L 14 16.99 5.80 -72.89
CA SER L 14 17.87 6.87 -72.42
C SER L 14 17.27 7.56 -71.20
N VAL L 15 18.12 8.32 -70.50
CA VAL L 15 17.66 9.08 -69.35
C VAL L 15 16.66 10.13 -69.81
N GLY L 16 15.54 10.22 -69.11
CA GLY L 16 14.46 11.13 -69.44
C GLY L 16 13.34 10.50 -70.24
N ASP L 17 13.57 9.33 -70.83
CA ASP L 17 12.53 8.64 -71.59
C ASP L 17 11.60 7.88 -70.65
N LYS L 18 10.45 7.49 -71.18
CA LYS L 18 9.43 6.75 -70.44
C LYS L 18 9.49 5.28 -70.82
N VAL L 19 9.39 4.41 -69.80
CA VAL L 19 9.43 2.97 -69.98
C VAL L 19 8.15 2.37 -69.42
N THR L 20 7.50 1.53 -70.22
CA THR L 20 6.29 0.82 -69.84
C THR L 20 6.56 -0.67 -69.97
N ILE L 21 6.35 -1.40 -68.88
CA ILE L 21 6.61 -2.84 -68.82
C ILE L 21 5.30 -3.55 -68.52
N THR L 22 4.95 -4.52 -69.36
CA THR L 22 3.69 -5.25 -69.25
C THR L 22 3.92 -6.57 -68.52
N CYS L 23 3.10 -6.85 -67.52
CA CYS L 23 3.14 -8.10 -66.77
C CYS L 23 1.77 -8.75 -66.88
N ARG L 24 1.75 -10.00 -67.35
CA ARG L 24 0.52 -10.72 -67.65
C ARG L 24 0.45 -11.99 -66.82
N ALA L 25 -0.76 -12.35 -66.41
CA ALA L 25 -1.02 -13.54 -65.61
C ALA L 25 -2.01 -14.43 -66.33
N SER L 26 -1.73 -15.74 -66.33
CA SER L 26 -2.62 -16.69 -67.01
C SER L 26 -4.00 -16.71 -66.34
N GLN L 27 -4.04 -16.73 -65.01
CA GLN L 27 -5.27 -16.70 -64.25
C GLN L 27 -5.53 -15.29 -63.72
N GLY L 28 -6.74 -15.08 -63.21
CA GLY L 28 -7.19 -13.76 -62.81
C GLY L 28 -6.83 -13.44 -61.38
N VAL L 29 -6.18 -12.29 -61.19
CA VAL L 29 -5.93 -11.71 -59.87
C VAL L 29 -6.50 -10.30 -59.87
N ARG L 30 -7.22 -9.96 -58.80
CA ARG L 30 -7.99 -8.72 -58.79
C ARG L 30 -7.06 -7.52 -58.64
N ASN L 31 -6.32 -7.46 -57.53
CA ASN L 31 -5.27 -6.48 -57.34
C ASN L 31 -4.07 -7.12 -56.65
N GLU L 32 -4.02 -8.45 -56.55
CA GLU L 32 -3.02 -9.14 -55.75
C GLU L 32 -1.72 -9.24 -56.54
N LEU L 33 -1.09 -8.07 -56.73
CA LEU L 33 0.14 -7.96 -57.50
C LEU L 33 1.10 -7.03 -56.77
N ALA L 34 2.40 -7.31 -56.92
CA ALA L 34 3.45 -6.49 -56.34
C ALA L 34 4.60 -6.38 -57.32
N TRP L 35 5.13 -5.16 -57.46
CA TRP L 35 6.25 -4.86 -58.35
C TRP L 35 7.49 -4.60 -57.51
N TYR L 36 8.61 -5.20 -57.94
CA TYR L 36 9.86 -5.18 -57.19
C TYR L 36 11.01 -4.77 -58.12
N GLN L 37 12.05 -4.22 -57.49
CA GLN L 37 13.30 -3.83 -58.15
C GLN L 37 14.45 -4.60 -57.51
N GLN L 38 15.31 -5.20 -58.33
CA GLN L 38 16.50 -5.89 -57.83
C GLN L 38 17.70 -5.47 -58.68
N LYS L 39 18.77 -5.02 -58.01
CA LYS L 39 20.00 -4.64 -58.68
C LYS L 39 20.94 -5.84 -58.76
N PRO L 40 22.02 -5.74 -59.53
CA PRO L 40 22.91 -6.90 -59.71
C PRO L 40 23.50 -7.37 -58.39
N GLY L 41 23.18 -8.61 -58.03
CA GLY L 41 23.73 -9.22 -56.84
C GLY L 41 23.40 -8.50 -55.56
N LYS L 42 22.20 -7.91 -55.46
CA LYS L 42 21.76 -7.20 -54.28
C LYS L 42 20.32 -7.57 -53.99
N ALA L 43 19.91 -7.34 -52.74
CA ALA L 43 18.58 -7.74 -52.32
C ALA L 43 17.52 -6.94 -53.08
N PRO L 44 16.38 -7.55 -53.41
CA PRO L 44 15.33 -6.80 -54.10
C PRO L 44 14.63 -5.83 -53.18
N ASN L 45 13.95 -4.85 -53.79
CA ASN L 45 13.19 -3.84 -53.07
C ASN L 45 11.80 -3.72 -53.67
N LEU L 46 10.82 -3.47 -52.80
CA LEU L 46 9.43 -3.33 -53.23
C LEU L 46 9.22 -1.98 -53.90
N LEU L 47 8.49 -1.99 -55.01
CA LEU L 47 8.08 -0.78 -55.71
C LEU L 47 6.59 -0.51 -55.57
N ILE L 48 5.75 -1.48 -55.91
CA ILE L 48 4.30 -1.31 -55.91
C ILE L 48 3.67 -2.45 -55.13
N TYR L 49 2.63 -2.14 -54.37
CA TYR L 49 1.72 -3.12 -53.81
C TYR L 49 0.29 -2.70 -54.12
N TYR L 50 -0.59 -3.68 -54.27
CA TYR L 50 -1.94 -3.52 -54.79
C TYR L 50 -1.98 -3.04 -56.24
N ALA L 51 -0.84 -3.07 -56.93
CA ALA L 51 -0.74 -2.78 -58.36
C ALA L 51 -0.96 -1.30 -58.70
N SER L 52 -1.22 -0.45 -57.70
CA SER L 52 -1.47 0.97 -57.95
C SER L 52 -0.97 1.89 -56.86
N THR L 53 -0.28 1.38 -55.83
CA THR L 53 0.15 2.18 -54.69
C THR L 53 1.67 2.09 -54.55
N LEU L 54 2.32 3.24 -54.44
CA LEU L 54 3.76 3.28 -54.29
C LEU L 54 4.16 2.85 -52.89
N GLN L 55 5.27 2.12 -52.80
CA GLN L 55 5.88 1.84 -51.50
C GLN L 55 6.40 3.14 -50.90
N SER L 56 6.35 3.22 -49.58
CA SER L 56 6.84 4.41 -48.87
C SER L 56 8.31 4.64 -49.20
N GLY L 57 8.64 5.87 -49.60
CA GLY L 57 9.98 6.23 -49.98
C GLY L 57 10.33 6.02 -51.44
N VAL L 58 9.45 5.40 -52.22
CA VAL L 58 9.70 5.18 -53.63
C VAL L 58 9.56 6.51 -54.36
N PRO L 59 10.37 6.81 -55.37
CA PRO L 59 10.16 8.06 -56.13
C PRO L 59 8.80 8.07 -56.81
N SER L 60 8.20 9.27 -56.88
CA SER L 60 6.87 9.43 -57.44
C SER L 60 6.81 9.18 -58.94
N ARG L 61 7.97 9.16 -59.63
CA ARG L 61 7.95 8.89 -61.07
C ARG L 61 7.36 7.52 -61.39
N PHE L 62 7.50 6.56 -60.47
CA PHE L 62 6.92 5.24 -60.66
C PHE L 62 5.39 5.32 -60.62
N SER L 63 4.76 4.43 -61.38
CA SER L 63 3.30 4.31 -61.36
C SER L 63 2.92 2.99 -62.03
N ALA L 64 1.81 2.43 -61.58
CA ALA L 64 1.35 1.14 -62.08
C ALA L 64 -0.18 1.11 -62.10
N THR L 65 -0.72 0.43 -63.10
CA THR L 65 -2.17 0.30 -63.26
C THR L 65 -2.48 -1.06 -63.87
N GLY L 66 -3.65 -1.57 -63.55
CA GLY L 66 -4.14 -2.82 -64.13
C GLY L 66 -4.88 -3.68 -63.13
N SER L 67 -5.87 -4.42 -63.63
CA SER L 67 -6.64 -5.36 -62.83
C SER L 67 -6.97 -6.58 -63.68
N GLY L 68 -7.19 -7.71 -63.01
CA GLY L 68 -7.53 -8.94 -63.70
C GLY L 68 -6.31 -9.75 -64.10
N THR L 69 -5.91 -9.64 -65.37
CA THR L 69 -4.77 -10.36 -65.90
C THR L 69 -3.69 -9.47 -66.50
N HIS L 70 -4.03 -8.25 -66.94
CA HIS L 70 -3.10 -7.35 -67.59
C HIS L 70 -2.69 -6.24 -66.63
N PHE L 71 -1.38 -6.02 -66.51
CA PHE L 71 -0.84 -4.99 -65.64
C PHE L 71 0.31 -4.29 -66.35
N THR L 72 0.51 -3.02 -65.99
CA THR L 72 1.57 -2.21 -66.58
C THR L 72 2.27 -1.43 -65.48
N LEU L 73 3.61 -1.38 -65.54
CA LEU L 73 4.41 -0.52 -64.68
C LEU L 73 5.07 0.54 -65.54
N THR L 74 4.99 1.79 -65.09
CA THR L 74 5.43 2.94 -65.86
C THR L 74 6.47 3.73 -65.06
N VAL L 75 7.62 3.94 -65.66
CA VAL L 75 8.62 4.88 -65.15
C VAL L 75 8.53 6.13 -66.03
N SER L 76 7.86 7.17 -65.52
CA SER L 76 7.58 8.34 -66.33
C SER L 76 8.87 9.03 -66.79
N SER L 77 9.82 9.20 -65.88
CA SER L 77 11.09 9.86 -66.16
C SER L 77 12.21 8.93 -65.70
N LEU L 78 12.81 8.20 -66.65
CA LEU L 78 13.91 7.31 -66.31
C LEU L 78 15.08 8.08 -65.75
N GLN L 79 15.73 7.49 -64.76
CA GLN L 79 16.84 8.10 -64.03
C GLN L 79 18.05 7.17 -64.10
N PRO L 80 19.27 7.71 -63.97
CA PRO L 80 20.46 6.85 -64.05
C PRO L 80 20.47 5.66 -63.09
N GLU L 81 19.98 5.82 -61.86
CA GLU L 81 19.97 4.71 -60.91
C GLU L 81 18.69 3.87 -60.99
N ASP L 82 17.92 4.00 -62.07
CA ASP L 82 16.75 3.18 -62.29
C ASP L 82 17.02 1.95 -63.15
N PHE L 83 18.26 1.74 -63.57
CA PHE L 83 18.61 0.57 -64.37
C PHE L 83 18.79 -0.63 -63.45
N ALA L 84 17.90 -1.60 -63.54
CA ALA L 84 17.93 -2.78 -62.69
C ALA L 84 16.92 -3.79 -63.22
N THR L 85 16.90 -4.96 -62.61
CA THR L 85 15.93 -5.99 -62.94
C THR L 85 14.59 -5.68 -62.31
N TYR L 86 13.53 -5.89 -63.08
CA TYR L 86 12.16 -5.57 -62.66
C TYR L 86 11.39 -6.87 -62.52
N PHE L 87 10.62 -7.00 -61.45
CA PHE L 87 9.85 -8.21 -61.18
C PHE L 87 8.41 -7.87 -60.85
N CYS L 88 7.50 -8.77 -61.24
CA CYS L 88 6.09 -8.68 -60.89
C CYS L 88 5.66 -10.02 -60.32
N GLN L 89 4.96 -9.98 -59.18
CA GLN L 89 4.65 -11.17 -58.40
C GLN L 89 3.19 -11.16 -57.99
N HIS L 90 2.54 -12.31 -58.13
CA HIS L 90 1.16 -12.50 -57.71
C HIS L 90 1.09 -13.16 -56.34
N MET L 91 -0.03 -12.94 -55.65
CA MET L 91 -0.24 -13.50 -54.32
C MET L 91 -1.67 -13.97 -54.09
N SER L 92 -2.48 -14.11 -55.16
CA SER L 92 -3.88 -14.46 -54.98
C SER L 92 -4.04 -15.85 -54.38
N SER L 93 -3.30 -16.82 -54.90
CA SER L 93 -3.40 -18.21 -54.45
C SER L 93 -2.02 -18.83 -54.48
N TYR L 94 -1.85 -19.88 -53.68
CA TYR L 94 -0.57 -20.55 -53.59
C TYR L 94 -0.27 -21.32 -54.88
N PRO L 95 1.02 -21.48 -55.24
CA PRO L 95 2.22 -20.83 -54.68
C PRO L 95 2.43 -19.43 -55.25
N LEU L 96 3.01 -18.52 -54.48
CA LEU L 96 3.40 -17.23 -55.03
C LEU L 96 4.51 -17.44 -56.07
N THR L 97 4.45 -16.68 -57.15
CA THR L 97 5.45 -16.77 -58.21
C THR L 97 5.81 -15.37 -58.69
N PHE L 98 7.06 -15.22 -59.12
CA PHE L 98 7.59 -13.97 -59.64
C PHE L 98 7.63 -14.00 -61.17
N GLY L 99 7.76 -12.82 -61.76
CA GLY L 99 7.86 -12.72 -63.20
C GLY L 99 9.20 -13.23 -63.71
N GLY L 100 9.26 -13.37 -65.03
CA GLY L 100 10.50 -13.83 -65.65
C GLY L 100 11.67 -12.90 -65.40
N GLY L 101 11.42 -11.59 -65.45
CA GLY L 101 12.44 -10.59 -65.18
C GLY L 101 12.71 -9.69 -66.38
N THR L 102 12.54 -8.39 -66.19
CA THR L 102 12.79 -7.39 -67.22
C THR L 102 13.96 -6.52 -66.80
N LYS L 103 14.91 -6.34 -67.71
CA LYS L 103 16.12 -5.55 -67.47
C LYS L 103 16.09 -4.31 -68.35
N VAL L 104 16.20 -3.14 -67.72
CA VAL L 104 16.25 -1.87 -68.42
C VAL L 104 17.72 -1.46 -68.53
N GLU L 105 18.15 -1.13 -69.73
CA GLU L 105 19.54 -0.81 -70.03
C GLU L 105 19.65 0.56 -70.66
N ILE L 106 20.74 1.26 -70.36
CA ILE L 106 20.93 2.61 -70.89
C ILE L 106 21.23 2.54 -72.39
N LYS L 107 20.95 3.65 -73.07
CA LYS L 107 21.15 3.77 -74.51
C LYS L 107 22.24 4.79 -74.80
C1 NAG M . -11.57 38.60 15.95
C2 NAG M . -11.00 38.11 14.61
C3 NAG M . -11.50 39.02 13.48
C4 NAG M . -13.01 39.08 13.48
C5 NAG M . -13.51 39.55 14.84
C6 NAG M . -15.01 39.53 14.96
C7 NAG M . -8.85 36.98 14.92
C8 NAG M . -7.36 37.12 14.91
N2 NAG M . -9.54 38.08 14.64
O3 NAG M . -11.03 38.50 12.23
O4 NAG M . -13.47 39.98 12.47
O5 NAG M . -13.01 38.67 15.86
O6 NAG M . -15.51 38.21 15.07
O7 NAG M . -9.40 35.90 15.16
C1 NAG M . -14.18 39.20 11.48
C2 NAG M . -15.16 40.12 10.74
C3 NAG M . -15.90 39.34 9.66
C4 NAG M . -14.90 38.65 8.73
C5 NAG M . -13.92 37.80 9.55
C6 NAG M . -12.83 37.18 8.70
C7 NAG M . -15.94 41.91 12.24
C8 NAG M . -17.02 42.36 13.17
N2 NAG M . -16.11 40.71 11.67
O3 NAG M . -16.72 40.22 8.91
O4 NAG M . -15.58 37.81 7.81
O5 NAG M . -13.27 38.61 10.53
O6 NAG M . -12.96 35.76 8.64
O7 NAG M . -14.95 42.59 12.01
C1 NAG N . 36.57 30.48 31.27
C2 NAG N . 36.07 30.99 32.63
C3 NAG N . 37.21 31.67 33.39
C4 NAG N . 38.41 30.73 33.50
C5 NAG N . 38.83 30.28 32.10
C6 NAG N . 39.95 29.28 32.12
C7 NAG N . 33.70 31.63 32.84
C8 NAG N . 32.69 32.71 32.60
N2 NAG N . 34.97 31.92 32.47
O3 NAG N . 36.76 32.02 34.70
O4 NAG N . 39.50 31.40 34.12
O5 NAG N . 37.71 29.64 31.46
O6 NAG N . 39.51 28.00 32.57
O7 NAG N . 33.39 30.56 33.34
C1 NAG N . 39.92 30.61 35.26
C2 NAG N . 41.36 30.98 35.62
C3 NAG N . 41.82 30.19 36.84
C4 NAG N . 40.84 30.38 38.00
C5 NAG N . 39.43 30.05 37.55
C6 NAG N . 38.39 30.34 38.61
C7 NAG N . 42.47 31.66 33.54
C8 NAG N . 43.41 31.26 32.45
N2 NAG N . 42.25 30.76 34.49
O3 NAG N . 43.11 30.62 37.22
O4 NAG N . 41.21 29.53 39.08
O5 NAG N . 39.07 30.84 36.40
O6 NAG N . 37.15 29.70 38.32
O7 NAG N . 41.92 32.76 33.55
C1 NAG O . -38.63 13.65 5.53
C2 NAG O . -38.76 13.35 4.03
C3 NAG O . -40.10 13.86 3.51
C4 NAG O . -41.26 13.34 4.35
C5 NAG O . -41.00 13.67 5.82
C6 NAG O . -42.05 13.09 6.75
C7 NAG O . -36.60 13.25 2.85
C8 NAG O . -35.58 14.03 2.09
N2 NAG O . -37.66 13.94 3.28
O3 NAG O . -40.26 13.45 2.15
O4 NAG O . -42.47 13.96 3.94
O5 NAG O . -39.74 13.11 6.23
O6 NAG O . -41.58 11.93 7.41
O7 NAG O . -36.48 12.05 3.07
C1 NAG O . -43.41 12.96 3.51
C2 NAG O . -44.82 13.53 3.71
C3 NAG O . -45.87 12.55 3.21
C4 NAG O . -45.59 12.17 1.77
C5 NAG O . -44.17 11.63 1.65
C6 NAG O . -43.78 11.31 0.22
C7 NAG O . -44.94 15.09 5.61
C8 NAG O . -45.21 15.23 7.08
N2 NAG O . -45.05 13.86 5.12
O3 NAG O . -47.16 13.14 3.32
O4 NAG O . -46.51 11.17 1.34
O5 NAG O . -43.24 12.62 2.12
O6 NAG O . -42.51 11.86 -0.10
O7 NAG O . -44.64 16.05 4.91
C1 BMA O . -47.49 11.81 0.47
C2 BMA O . -47.65 10.94 -0.79
C3 BMA O . -48.77 11.51 -1.67
C4 BMA O . -50.05 11.77 -0.86
C5 BMA O . -49.73 12.65 0.36
C6 BMA O . -50.94 12.90 1.25
O2 BMA O . -48.04 9.61 -0.45
O3 BMA O . -49.05 10.65 -2.77
O4 BMA O . -51.01 12.43 -1.67
O5 BMA O . -48.73 11.98 1.15
O6 BMA O . -51.24 11.70 1.94
C1 NAG P . -0.64 37.93 40.19
C2 NAG P . 0.50 37.51 41.12
C3 NAG P . 0.10 37.68 42.58
C4 NAG P . -0.39 39.11 42.83
C5 NAG P . -1.52 39.44 41.87
C6 NAG P . -2.00 40.87 41.99
C7 NAG P . 2.19 35.74 40.88
C8 NAG P . 2.42 34.29 40.58
N2 NAG P . 0.91 36.14 40.86
O3 NAG P . 1.21 37.39 43.42
O4 NAG P . -0.83 39.26 44.17
O5 NAG P . -1.06 39.27 40.52
O6 NAG P . -0.91 41.78 41.91
O7 NAG P . 3.12 36.51 41.12
C1 NAG P . 0.04 40.24 44.79
C2 NAG P . -0.71 40.90 45.95
C3 NAG P . 0.20 41.92 46.64
C4 NAG P . 1.51 41.26 47.06
C5 NAG P . 2.16 40.57 45.86
C6 NAG P . 3.39 39.78 46.23
C7 NAG P . -3.14 41.01 45.63
C8 NAG P . -4.28 41.82 45.09
N2 NAG P . -1.93 41.55 45.48
O3 NAG P . -0.46 42.44 47.79
O4 NAG P . 2.41 42.24 47.57
O5 NAG P . 1.24 39.63 45.28
O6 NAG P . 4.51 40.17 45.44
O7 NAG P . -3.31 39.92 46.15
C1 NAG Q . -4.17 35.44 16.56
C2 NAG Q . -2.71 35.23 17.00
C3 NAG Q . -1.94 36.54 16.90
C4 NAG Q . -2.07 37.14 15.51
C5 NAG Q . -3.54 37.27 15.13
C6 NAG Q . -3.75 37.76 13.71
C7 NAG Q . -2.07 33.53 18.66
C8 NAG Q . -2.12 33.14 20.11
N2 NAG Q . -2.66 34.70 18.35
O3 NAG Q . -0.57 36.31 17.21
O4 NAG Q . -1.44 38.41 15.46
O5 NAG Q . -4.19 36.01 15.23
O6 NAG Q . -3.44 36.75 12.76
O7 NAG Q . -1.55 32.82 17.81
C1 NAG Q . -0.50 38.41 14.37
C2 NAG Q . -0.16 39.86 14.01
C3 NAG Q . 0.86 39.89 12.87
C4 NAG Q . 2.08 39.05 13.22
C5 NAG Q . 1.66 37.65 13.66
C6 NAG Q . 2.82 36.82 14.18
C7 NAG Q . -2.05 41.34 14.52
C8 NAG Q . -3.25 42.04 13.97
N2 NAG Q . -1.36 40.61 13.65
O3 NAG Q . 1.25 41.23 12.62
O4 NAG Q . 2.93 38.94 12.08
O5 NAG Q . 0.70 37.72 14.72
O6 NAG Q . 3.20 37.23 15.49
O7 NAG Q . -1.71 41.44 15.70
C1 BMA Q . 4.21 39.52 12.37
C2 BMA Q . 5.26 38.83 11.46
C3 BMA Q . 6.61 39.52 11.55
C4 BMA Q . 6.49 41.06 11.47
C5 BMA Q . 5.43 41.57 12.44
C6 BMA Q . 5.20 43.07 12.35
O2 BMA Q . 4.85 38.90 10.10
O3 BMA Q . 7.50 39.06 10.53
O4 BMA Q . 7.74 41.66 11.76
O5 BMA Q . 4.19 40.92 12.15
O6 BMA Q . 4.75 43.36 11.02
C1 MAN Q . 8.68 38.50 11.11
C2 MAN Q . 9.76 38.43 9.99
C3 MAN Q . 9.30 37.46 8.92
C4 MAN Q . 8.97 36.09 9.53
C5 MAN Q . 7.94 36.24 10.66
C6 MAN Q . 7.70 34.95 11.41
O2 MAN Q . 10.98 37.91 10.49
O3 MAN Q . 10.27 37.32 7.89
O4 MAN Q . 8.46 35.22 8.53
O5 MAN Q . 8.41 37.21 11.63
O6 MAN Q . 6.82 35.21 12.50
C1 MAN Q . 12.03 38.87 10.32
C2 MAN Q . 13.37 38.11 10.32
C3 MAN Q . 13.62 37.51 11.71
C4 MAN Q . 13.50 38.59 12.80
C5 MAN Q . 12.14 39.30 12.69
C6 MAN Q . 12.01 40.46 13.65
O2 MAN Q . 14.48 38.97 10.07
O3 MAN Q . 14.89 36.87 11.78
O4 MAN Q . 13.62 37.98 14.07
O5 MAN Q . 11.98 39.83 11.36
O6 MAN Q . 12.96 41.45 13.30
C1 NAG R . 26.45 42.41 30.20
C2 NAG R . 26.23 43.88 29.87
C3 NAG R . 27.16 44.31 28.74
C4 NAG R . 28.60 43.98 29.09
C5 NAG R . 28.73 42.51 29.47
C6 NAG R . 30.11 42.14 29.96
C7 NAG R . 23.89 44.46 30.39
C8 NAG R . 22.52 44.68 29.84
N2 NAG R . 24.84 44.13 29.50
O3 NAG R . 27.01 45.71 28.52
O4 NAG R . 29.45 44.25 27.97
O5 NAG R . 27.82 42.19 30.53
O6 NAG R . 30.12 41.89 31.35
O7 NAG R . 24.14 44.58 31.59
C1 NAG R . 30.37 45.30 28.34
C2 NAG R . 31.64 45.13 27.52
C3 NAG R . 32.63 46.25 27.84
C4 NAG R . 31.96 47.61 27.65
C5 NAG R . 30.67 47.68 28.45
C6 NAG R . 29.89 48.96 28.20
C7 NAG R . 32.16 42.80 26.91
C8 NAG R . 32.85 41.54 27.34
N2 NAG R . 32.25 43.84 27.77
O3 NAG R . 33.76 46.14 26.98
O4 NAG R . 32.84 48.64 28.09
O5 NAG R . 29.80 46.60 28.08
O6 NAG R . 29.14 49.34 29.35
O7 NAG R . 31.55 42.89 25.85
C1 NAG S . -1.64 48.58 27.85
C2 NAG S . -0.85 49.22 26.71
C3 NAG S . 0.17 50.21 27.27
C4 NAG S . -0.53 51.22 28.17
C5 NAG S . -1.32 50.51 29.26
C6 NAG S . -2.14 51.46 30.12
C7 NAG S . -0.76 47.62 24.86
C8 NAG S . 0.06 46.60 24.13
N2 NAG S . -0.19 48.21 25.90
O3 NAG S . 0.81 50.88 26.19
O4 NAG S . 0.42 52.10 28.76
O5 NAG S . -2.26 49.60 28.66
O6 NAG S . -2.81 50.76 31.15
O7 NAG S . -1.91 47.89 24.50
C1 NAG S . 0.42 53.33 28.00
C2 NAG S . 1.17 54.40 28.79
C3 NAG S . 1.23 55.70 28.00
C4 NAG S . 1.81 55.44 26.61
C5 NAG S . 1.04 54.33 25.92
C6 NAG S . 1.63 53.94 24.58
C7 NAG S . 0.81 53.87 31.17
C8 NAG S . 0.08 54.24 32.42
N2 NAG S . 0.55 54.62 30.09
O3 NAG S . 2.04 56.64 28.70
O4 NAG S . 1.72 56.63 25.83
O5 NAG S . 1.04 53.15 26.73
O6 NAG S . 0.70 54.12 23.52
O7 NAG S . 1.58 52.92 31.13
C1 NAG T . -4.28 34.87 43.29
C2 NAG T . -2.81 34.54 42.97
C3 NAG T . -2.06 34.18 44.26
C4 NAG T . -2.22 35.28 45.29
C5 NAG T . -3.71 35.51 45.55
C6 NAG T . -3.97 36.64 46.52
C7 NAG T . -1.83 33.43 41.01
C8 NAG T . -1.88 32.22 40.13
N2 NAG T . -2.72 33.45 42.00
O3 NAG T . -0.68 33.99 43.96
O4 NAG T . -1.57 34.92 46.50
O5 NAG T . -4.35 35.87 44.32
O6 NAG T . -4.95 37.53 46.03
O7 NAG T . -1.02 34.33 40.83
C1 NAG T . -0.33 35.65 46.58
C2 NAG T . -0.09 36.09 48.01
C3 NAG T . 1.25 36.81 48.13
C4 NAG T . 2.37 35.96 47.55
C5 NAG T . 2.03 35.52 46.14
C6 NAG T . 3.05 34.56 45.55
C7 NAG T . -2.01 36.60 49.47
C8 NAG T . -3.05 37.61 49.82
N2 NAG T . -1.17 36.94 48.49
O3 NAG T . 1.52 37.12 49.49
O4 NAG T . 3.59 36.69 47.53
O5 NAG T . 0.77 34.83 46.13
O6 NAG T . 2.99 33.29 46.18
O7 NAG T . -1.93 35.51 50.04
C1 NAG U . 9.49 -27.14 32.51
C2 NAG U . 8.48 -26.01 32.34
C3 NAG U . 7.22 -26.30 33.15
C4 NAG U . 6.65 -27.67 32.77
C5 NAG U . 7.72 -28.73 32.95
C6 NAG U . 7.27 -30.09 32.50
C7 NAG U . 9.52 -23.83 31.86
C8 NAG U . 10.07 -22.58 32.44
N2 NAG U . 9.05 -24.73 32.74
O3 NAG U . 6.24 -25.28 32.90
O4 NAG U . 5.52 -27.97 33.57
O5 NAG U . 8.88 -28.39 32.17
O6 NAG U . 6.96 -30.11 31.10
O7 NAG U . 9.48 -24.03 30.65
C1 NAG U . 4.36 -28.01 32.71
C2 NAG U . 3.29 -28.89 33.35
C3 NAG U . 2.03 -28.91 32.48
C4 NAG U . 1.57 -27.48 32.20
C5 NAG U . 2.70 -26.67 31.60
C6 NAG U . 2.34 -25.20 31.41
C7 NAG U . 4.30 -30.66 34.72
C8 NAG U . 4.75 -32.09 34.75
N2 NAG U . 3.78 -30.24 33.56
O3 NAG U . 1.00 -29.63 33.15
O4 NAG U . 0.48 -27.50 31.28
O5 NAG U . 3.84 -26.69 32.49
O6 NAG U . 2.13 -24.91 30.03
O7 NAG U . 4.39 -29.92 35.70
C1 NAG V . 41.56 12.50 36.95
C2 NAG V . 42.61 11.41 37.19
C3 NAG V . 43.73 11.93 38.08
C4 NAG V . 44.32 13.21 37.51
C5 NAG V . 43.21 14.24 37.30
C6 NAG V . 43.69 15.50 36.64
C7 NAG V . 41.96 9.03 37.20
C8 NAG V . 41.29 7.94 37.98
N2 NAG V . 42.00 10.23 37.79
O3 NAG V . 44.75 10.94 38.20
O4 NAG V . 45.30 13.75 38.40
O5 NAG V . 42.21 13.68 36.43
O6 NAG V . 43.88 15.33 35.24
O7 NAG V . 42.43 8.84 36.08
C1 NAG V . 46.52 13.94 37.68
C2 NAG V . 47.37 14.98 38.42
C3 NAG V . 48.70 15.19 37.71
C4 NAG V . 49.41 13.87 37.51
C5 NAG V . 48.49 12.86 36.82
C6 NAG V . 49.10 11.47 36.72
C7 NAG V . 45.78 16.49 39.54
C8 NAG V . 45.13 17.84 39.52
N2 NAG V . 46.65 16.24 38.55
O3 NAG V . 49.51 16.08 38.46
O4 NAG V . 50.58 14.05 36.72
O5 NAG V . 47.27 12.72 37.56
O6 NAG V . 48.36 10.65 35.83
O7 NAG V . 45.53 15.66 40.40
C1 NAG W . -9.31 -39.98 1.73
C2 NAG W . -10.75 -39.45 1.62
C3 NAG W . -11.74 -40.59 1.81
C4 NAG W . -11.44 -41.74 0.85
C5 NAG W . -9.97 -42.16 0.98
C6 NAG W . -9.57 -43.19 -0.04
C7 NAG W . -11.41 -37.17 2.24
C8 NAG W . -11.62 -36.20 3.38
N2 NAG W . -10.99 -38.39 2.58
O3 NAG W . -13.06 -40.10 1.58
O4 NAG W . -12.27 -42.85 1.15
O5 NAG W . -9.11 -41.02 0.79
O6 NAG W . -8.15 -43.27 -0.15
O7 NAG W . -11.64 -36.85 1.08
C1 NAG W . -12.97 -43.26 -0.04
C2 NAG W . -13.36 -44.73 0.13
C3 NAG W . -14.19 -45.21 -1.06
C4 NAG W . -15.38 -44.28 -1.28
C5 NAG W . -14.89 -42.84 -1.42
C6 NAG W . -16.02 -41.85 -1.57
C7 NAG W . -11.85 -46.14 1.45
C8 NAG W . -10.59 -46.97 1.43
N2 NAG W . -12.18 -45.56 0.30
O3 NAG W . -14.65 -46.53 -0.82
O4 NAG W . -16.09 -44.67 -2.45
O5 NAG W . -14.15 -42.47 -0.24
O6 NAG W . -16.26 -41.15 -0.35
O7 NAG W . -12.52 -46.02 2.48
C1 BMA W . -17.27 -45.38 -2.05
C2 BMA W . -18.46 -44.84 -2.88
C3 BMA W . -19.71 -45.67 -2.59
C4 BMA W . -19.42 -47.18 -2.72
C5 BMA W . -18.23 -47.56 -1.82
C6 BMA W . -17.87 -49.02 -1.91
O2 BMA W . -18.20 -44.94 -4.27
O3 BMA W . -20.78 -45.32 -3.46
O4 BMA W . -20.57 -47.92 -2.32
O5 BMA W . -17.10 -46.78 -2.23
O6 BMA W . -17.34 -49.28 -3.20
C1 NAG X . 36.08 -25.89 32.90
C2 NAG X . 37.39 -25.12 32.77
C3 NAG X . 38.57 -26.08 32.70
C4 NAG X . 38.54 -27.02 33.90
C5 NAG X . 37.20 -27.75 33.94
C6 NAG X . 37.05 -28.65 35.15
C7 NAG X . 37.71 -22.96 31.63
C8 NAG X . 37.63 -22.22 30.33
N2 NAG X . 37.37 -24.25 31.60
O3 NAG X . 39.79 -25.35 32.68
O4 NAG X . 39.61 -27.96 33.83
O5 NAG X . 36.14 -26.79 34.02
O6 NAG X . 37.33 -27.95 36.36
O7 NAG X . 38.06 -22.40 32.67
C1 NAG X . 40.46 -27.73 34.96
C2 NAG X . 41.20 -29.01 35.33
C3 NAG X . 42.14 -28.76 36.50
C4 NAG X . 43.07 -27.60 36.20
C5 NAG X . 42.26 -26.37 35.80
C6 NAG X . 43.12 -25.21 35.37
C7 NAG X . 39.97 -31.08 34.80
C8 NAG X . 38.98 -32.09 35.30
N2 NAG X . 40.26 -30.08 35.64
O3 NAG X . 42.91 -29.95 36.74
O4 NAG X . 43.83 -27.28 37.36
O5 NAG X . 41.41 -26.69 34.68
O6 NAG X . 42.84 -24.04 36.13
O7 NAG X . 40.47 -31.16 33.68
C1 NAG Y . 12.86 -19.83 31.48
C2 NAG Y . 13.77 -18.60 31.65
C3 NAG Y . 13.90 -18.24 33.13
C4 NAG Y . 12.52 -18.06 33.75
C5 NAG Y . 11.68 -19.30 33.52
C6 NAG Y . 10.26 -19.16 34.03
C7 NAG Y . 15.52 -18.23 29.97
C8 NAG Y . 16.90 -18.62 29.52
N2 NAG Y . 15.08 -18.85 31.07
O3 NAG Y . 14.65 -17.03 33.26
O4 NAG Y . 12.65 -17.82 35.15
O5 NAG Y . 11.59 -19.57 32.11
O6 NAG Y . 9.50 -18.29 33.20
O7 NAG Y . 14.85 -17.40 29.36
C1 NAG Y . 11.94 -16.61 35.49
C2 NAG Y . 11.73 -16.56 36.99
C3 NAG Y . 11.02 -15.28 37.40
C4 NAG Y . 11.77 -14.07 36.85
C5 NAG Y . 11.99 -14.21 35.35
C6 NAG Y . 12.84 -13.11 34.76
C7 NAG Y . 11.55 -18.86 37.86
C8 NAG Y . 10.61 -19.94 38.29
N2 NAG Y . 10.97 -17.73 37.45
O3 NAG Y . 10.93 -15.19 38.81
O4 NAG Y . 11.03 -12.88 37.10
O5 NAG Y . 12.67 -15.44 35.06
O6 NAG Y . 14.21 -13.48 34.71
O7 NAG Y . 12.77 -19.00 37.88
C1 BMA Y . 11.79 -12.02 37.97
C2 BMA Y . 11.25 -10.57 37.81
C3 BMA Y . 11.91 -9.64 38.83
C4 BMA Y . 11.87 -10.24 40.24
C5 BMA Y . 12.45 -11.66 40.24
C6 BMA Y . 12.40 -12.32 41.60
O2 BMA Y . 9.85 -10.53 38.06
O3 BMA Y . 11.29 -8.35 38.82
O4 BMA Y . 12.62 -9.42 41.13
O5 BMA Y . 11.69 -12.45 39.32
O6 BMA Y . 11.03 -12.55 41.92
C1 MAN Y . 12.28 -7.35 38.52
C2 MAN Y . 11.70 -5.99 38.93
C3 MAN Y . 10.51 -5.64 38.04
C4 MAN Y . 10.91 -5.72 36.56
C5 MAN Y . 11.49 -7.11 36.24
C6 MAN Y . 12.01 -7.22 34.83
O2 MAN Y . 12.65 -4.93 38.71
O3 MAN Y . 9.98 -4.36 38.34
O4 MAN Y . 9.76 -5.50 35.75
O5 MAN Y . 12.60 -7.38 37.14
O6 MAN Y . 12.95 -8.29 34.78
C1 MAN Y . 12.89 -4.25 39.96
C2 MAN Y . 13.39 -2.83 39.61
C3 MAN Y . 14.78 -2.91 38.97
C4 MAN Y . 15.74 -3.72 39.84
C5 MAN Y . 15.14 -5.11 40.12
C6 MAN Y . 15.99 -5.94 41.07
O2 MAN Y . 13.55 -2.02 40.77
O3 MAN Y . 15.31 -1.61 38.71
O4 MAN Y . 16.98 -3.88 39.17
O5 MAN Y . 13.84 -4.95 40.74
O6 MAN Y . 15.90 -5.35 42.37
C1 NAG Z . 36.51 0.44 45.62
C2 NAG Z . 36.07 -0.08 46.99
C3 NAG Z . 35.36 1.03 47.76
C4 NAG Z . 36.22 2.28 47.83
C5 NAG Z . 36.66 2.70 46.43
C6 NAG Z . 37.62 3.85 46.43
C7 NAG Z . 35.70 -2.50 46.85
C8 NAG Z . 34.67 -3.59 46.71
N2 NAG Z . 35.22 -1.25 46.87
O3 NAG Z . 35.05 0.57 49.07
O4 NAG Z . 35.49 3.35 48.42
O5 NAG Z . 37.32 1.60 45.78
O6 NAG Z . 38.92 3.45 46.04
O7 NAG Z . 36.89 -2.74 46.94
C1 NAG Z . 36.13 3.72 49.66
C2 NAG Z . 35.85 5.19 49.93
C3 NAG Z . 36.49 5.61 51.25
C4 NAG Z . 36.01 4.70 52.37
C5 NAG Z . 36.28 3.24 52.01
C6 NAG Z . 35.72 2.27 53.02
C7 NAG Z . 35.55 6.51 47.87
C8 NAG Z . 36.24 7.35 46.84
N2 NAG Z . 36.34 6.03 48.84
O3 NAG Z . 36.12 6.96 51.54
O4 NAG Z . 36.72 5.01 53.58
O5 NAG Z . 35.65 2.93 50.76
O6 NAG Z . 36.46 1.05 53.04
O7 NAG Z . 34.35 6.29 47.84
C1 NAG AA . 23.86 -25.45 43.90
C2 NAG AA . 23.03 -24.52 44.81
C3 NAG AA . 23.86 -24.11 46.02
C4 NAG AA . 24.39 -25.34 46.74
C5 NAG AA . 25.18 -26.21 45.76
C6 NAG AA . 25.65 -27.51 46.38
C7 NAG AA . 21.42 -23.32 43.40
C8 NAG AA . 21.10 -22.03 42.71
N2 NAG AA . 22.58 -23.35 44.08
O3 NAG AA . 23.06 -23.34 46.90
O4 NAG AA . 25.23 -24.97 47.82
O5 NAG AA . 24.33 -26.57 44.65
O6 NAG AA . 25.72 -28.55 45.41
O7 NAG AA . 20.67 -24.29 43.35
C1 NAG AA . 24.45 -25.07 49.03
C2 NAG AA . 25.38 -24.98 50.25
C3 NAG AA . 24.57 -25.04 51.53
C4 NAG AA . 23.48 -23.98 51.53
C5 NAG AA . 22.63 -24.11 50.26
C6 NAG AA . 21.60 -23.00 50.13
C7 NAG AA . 27.50 -25.98 49.49
C8 NAG AA . 28.40 -27.16 49.58
N2 NAG AA . 26.37 -26.04 50.21
O3 NAG AA . 25.44 -24.84 52.65
O4 NAG AA . 22.64 -24.14 52.66
O5 NAG AA . 23.47 -24.03 49.10
O6 NAG AA . 20.28 -23.52 50.15
O7 NAG AA . 27.77 -25.00 48.81
C1 NAG BA . 37.66 -29.41 28.74
C2 NAG BA . 37.98 -27.91 28.87
C3 NAG BA . 39.47 -27.65 28.62
C4 NAG BA . 40.32 -28.55 29.51
C5 NAG BA . 39.94 -30.00 29.27
C6 NAG BA . 40.71 -30.97 30.13
C7 NAG BA . 36.54 -26.00 28.31
C8 NAG BA . 35.76 -25.33 27.22
N2 NAG BA . 37.17 -27.13 27.96
O3 NAG BA . 39.76 -26.29 28.87
O4 NAG BA . 41.70 -28.36 29.23
O5 NAG BA . 38.55 -30.18 29.57
O6 NAG BA . 40.79 -30.52 31.48
O7 NAG BA . 36.61 -25.54 29.43
C1 NAG BA . 42.28 -27.64 30.35
C2 NAG BA . 43.63 -28.26 30.70
C3 NAG BA . 44.27 -27.48 31.85
C4 NAG BA . 44.36 -26.00 31.51
C5 NAG BA . 42.97 -25.47 31.12
C6 NAG BA . 43.00 -24.04 30.65
C7 NAG BA . 44.38 -30.60 30.73
C8 NAG BA . 44.08 -31.99 31.19
N2 NAG BA . 43.49 -29.67 31.06
O3 NAG BA . 45.58 -27.99 32.09
O4 NAG BA . 44.83 -25.27 32.63
O5 NAG BA . 42.45 -26.25 30.03
O6 NAG BA . 41.71 -23.44 30.75
O7 NAG BA . 45.39 -30.33 30.08
C1 NAG CA . 34.47 4.45 -25.83
C2 NAG CA . 33.86 3.30 -25.04
C3 NAG CA . 34.15 1.97 -25.72
C4 NAG CA . 33.67 2.01 -27.16
C5 NAG CA . 34.31 3.19 -27.89
C6 NAG CA . 33.80 3.37 -29.30
C7 NAG CA . 33.70 3.84 -22.64
C8 NAG CA . 34.36 3.73 -21.30
N2 NAG CA . 34.36 3.28 -23.66
O3 NAG CA . 33.50 0.92 -25.02
O4 NAG CA . 34.01 0.79 -27.83
O5 NAG CA . 34.01 4.41 -27.18
O6 NAG CA . 32.46 3.83 -29.32
O7 NAG CA . 32.62 4.40 -22.80
C1 NAG CA . 32.78 0.10 -28.13
C2 NAG CA . 33.01 -0.83 -29.33
C3 NAG CA . 31.74 -1.61 -29.64
C4 NAG CA . 31.25 -2.35 -28.39
C5 NAG CA . 31.09 -1.37 -27.23
C6 NAG CA . 30.72 -2.03 -25.93
C7 NAG CA . 34.72 0.08 -30.84
C8 NAG CA . 34.97 0.89 -32.08
N2 NAG CA . 33.43 -0.07 -30.49
O3 NAG CA . 32.01 -2.56 -30.66
O4 NAG CA . 30.00 -2.96 -28.64
O5 NAG CA . 32.33 -0.67 -27.00
O6 NAG CA . 29.39 -1.73 -25.55
O7 NAG CA . 35.63 -0.41 -30.18
C1 NAG DA . 49.21 19.93 20.63
C2 NAG DA . 49.84 21.10 19.87
C3 NAG DA . 51.06 21.63 20.60
C4 NAG DA . 50.72 21.97 22.04
C5 NAG DA . 50.10 20.75 22.72
C6 NAG DA . 49.64 21.03 24.14
C7 NAG DA . 49.67 21.24 17.41
C8 NAG DA . 50.17 20.70 16.11
N2 NAG DA . 50.21 20.70 18.51
O3 NAG DA . 51.56 22.79 19.94
O4 NAG DA . 51.88 22.37 22.75
O5 NAG DA . 48.94 20.33 21.99
O6 NAG DA . 48.64 22.03 24.17
O7 NAG DA . 48.82 22.13 17.46
C1 NAG DA . 51.60 23.58 23.48
C2 NAG DA . 52.64 23.74 24.59
C3 NAG DA . 52.38 25.03 25.37
C4 NAG DA . 52.32 26.22 24.42
C5 NAG DA . 51.31 25.95 23.30
C6 NAG DA . 51.30 27.04 22.25
C7 NAG DA . 53.29 21.46 25.24
C8 NAG DA . 53.16 20.38 26.27
N2 NAG DA . 52.62 22.60 25.48
O3 NAG DA . 53.43 25.22 26.32
O4 NAG DA . 51.95 27.39 25.13
O5 NAG DA . 51.62 24.73 22.63
O6 NAG DA . 52.36 26.89 21.33
O7 NAG DA . 53.96 21.31 24.23
C1 NAG EA . -0.63 2.66 -40.97
C2 NAG EA . -1.28 1.28 -40.83
C3 NAG EA . -1.42 0.64 -42.21
C4 NAG EA . -2.16 1.56 -43.16
C5 NAG EA . -1.50 2.94 -43.18
C6 NAG EA . -2.26 3.96 -44.00
C7 NAG EA . -1.03 -0.24 -38.92
C8 NAG EA . -0.07 -1.08 -38.12
N2 NAG EA . -0.50 0.43 -39.95
O3 NAG EA . -2.13 -0.59 -42.07
O4 NAG EA . -2.13 1.01 -44.47
O5 NAG EA . -1.41 3.47 -41.86
O6 NAG EA . -2.41 5.18 -43.30
O7 NAG EA . -2.23 -0.19 -38.65
C1 NAG EA . -3.46 0.95 -45.02
C2 NAG EA . -3.33 1.08 -46.53
C3 NAG EA . -4.70 0.97 -47.19
C4 NAG EA . -5.40 -0.31 -46.75
C5 NAG EA . -5.45 -0.37 -45.22
C6 NAG EA . -6.03 -1.66 -44.70
C7 NAG EA . -1.64 2.41 -47.72
C8 NAG EA . -1.11 3.79 -47.99
N2 NAG EA . -2.70 2.33 -46.91
O3 NAG EA . -4.54 0.99 -48.61
O4 NAG EA . -6.74 -0.36 -47.25
O5 NAG EA . -4.12 -0.28 -44.69
O6 NAG EA . -5.14 -2.32 -43.80
O7 NAG EA . -1.13 1.41 -48.23
C1 BMA EA . -6.71 -0.89 -48.60
C2 BMA EA . -7.38 -2.29 -48.61
C3 BMA EA . -7.45 -2.80 -50.05
C4 BMA EA . -8.05 -1.75 -51.00
C5 BMA EA . -7.31 -0.41 -50.86
C6 BMA EA . -7.91 0.70 -51.70
O2 BMA EA . -8.71 -2.21 -48.13
O3 BMA EA . -8.20 -4.02 -50.13
O4 BMA EA . -7.95 -2.21 -52.34
O5 BMA EA . -7.38 0.00 -49.49
O6 BMA EA . -7.70 0.37 -53.07
C1 NAG FA . 44.63 27.53 -17.35
C2 NAG FA . 44.93 28.53 -16.23
C3 NAG FA . 45.31 29.88 -16.81
C4 NAG FA . 46.47 29.72 -17.78
C5 NAG FA . 46.09 28.72 -18.87
C6 NAG FA . 47.21 28.43 -19.84
C7 NAG FA . 43.90 28.75 -14.00
C8 NAG FA . 42.61 28.89 -13.25
N2 NAG FA . 43.79 28.66 -15.34
O3 NAG FA . 45.69 30.77 -15.76
O4 NAG FA . 46.81 30.96 -18.38
O5 NAG FA . 45.75 27.47 -18.25
O6 NAG FA . 48.43 28.16 -19.16
O7 NAG FA . 45.00 28.74 -13.44
C1 NAG FA . 48.17 31.26 -18.00
C2 NAG FA . 48.81 32.18 -19.04
C3 NAG FA . 50.24 32.53 -18.62
C4 NAG FA . 50.25 33.11 -17.21
C5 NAG FA . 49.54 32.17 -16.24
C6 NAG FA . 49.40 32.75 -14.85
C7 NAG FA . 47.95 31.88 -21.32
C8 NAG FA . 48.09 31.13 -22.61
N2 NAG FA . 48.81 31.56 -20.35
O3 NAG FA . 50.78 33.48 -19.54
O4 NAG FA . 51.59 33.30 -16.79
O5 NAG FA . 48.21 31.90 -16.71
O6 NAG FA . 49.93 31.86 -13.87
O7 NAG FA . 47.09 32.75 -21.17
C1 NAG GA . 34.53 5.75 -17.86
C2 NAG GA . 34.98 6.15 -16.45
C3 NAG GA . 36.39 5.64 -16.17
C4 NAG GA . 36.47 4.14 -16.42
C5 NAG GA . 35.98 3.82 -17.84
C6 NAG GA . 35.93 2.34 -18.13
C7 NAG GA . 34.09 8.21 -15.45
C8 NAG GA . 34.17 9.71 -15.42
N2 NAG GA . 34.93 7.60 -16.29
O3 NAG GA . 36.75 5.92 -14.83
O4 NAG GA . 37.81 3.67 -16.26
O5 NAG GA . 34.65 4.33 -18.01
O6 NAG GA . 34.83 1.72 -17.46
O7 NAG GA . 33.28 7.60 -14.77
C1 NAG GA . 37.81 2.59 -15.31
C2 NAG GA . 39.13 1.85 -15.41
C3 NAG GA . 39.18 0.72 -14.39
C4 NAG GA . 38.90 1.26 -12.98
C5 NAG GA . 37.59 2.05 -12.97
C6 NAG GA . 37.32 2.74 -11.65
C7 NAG GA . 39.94 2.00 -17.72
C8 NAG GA . 40.05 1.30 -19.05
N2 NAG GA . 39.32 1.32 -16.75
O3 NAG GA . 40.47 0.10 -14.42
O4 NAG GA . 38.80 0.19 -12.06
O5 NAG GA . 37.64 3.09 -13.97
O6 NAG GA . 37.80 4.07 -11.64
O7 NAG GA . 40.38 3.13 -17.55
C1 BMA GA . 39.92 0.22 -11.16
C2 BMA GA . 39.50 -0.52 -9.87
C3 BMA GA . 40.70 -0.67 -8.92
C4 BMA GA . 41.96 -1.18 -9.66
C5 BMA GA . 42.22 -0.34 -10.92
C6 BMA GA . 43.39 -0.85 -11.74
O2 BMA GA . 39.05 -1.83 -10.16
O3 BMA GA . 40.40 -1.57 -7.86
O4 BMA GA . 43.09 -1.10 -8.80
O5 BMA GA . 41.06 -0.39 -11.74
O6 BMA GA . 43.09 -2.19 -12.16
C1 MAN GA . 40.48 -0.87 -6.59
C2 MAN GA . 40.55 -1.94 -5.49
C3 MAN GA . 39.23 -2.72 -5.45
C4 MAN GA . 38.05 -1.76 -5.30
C5 MAN GA . 38.08 -0.70 -6.41
C6 MAN GA . 37.01 0.38 -6.23
O2 MAN GA . 40.67 -1.34 -4.19
O3 MAN GA . 39.22 -3.68 -4.41
O4 MAN GA . 36.83 -2.48 -5.38
O5 MAN GA . 39.36 -0.03 -6.42
O6 MAN GA . 37.24 1.39 -7.20
C1 MAN GA . 41.87 -1.83 -3.56
C2 MAN GA . 41.68 -1.66 -2.04
C3 MAN GA . 41.65 -0.17 -1.68
C4 MAN GA . 42.88 0.55 -2.26
C5 MAN GA . 42.96 0.31 -3.78
C6 MAN GA . 44.21 0.90 -4.40
O2 MAN GA . 42.79 -2.21 -1.31
O3 MAN GA . 41.58 0.04 -0.27
O4 MAN GA . 42.76 1.95 -2.03
O5 MAN GA . 43.00 -1.12 -4.03
O6 MAN GA . 45.34 0.24 -3.84
C1 NAG HA . 55.80 15.81 7.04
C2 NAG HA . 56.94 15.08 6.33
C3 NAG HA . 57.36 13.86 7.14
C4 NAG HA . 57.70 14.25 8.57
C5 NAG HA . 56.54 15.03 9.19
C6 NAG HA . 56.85 15.57 10.57
C7 NAG HA . 56.73 15.47 3.91
C8 NAG HA . 56.27 14.91 2.60
N2 NAG HA . 56.54 14.69 4.98
O3 NAG HA . 58.49 13.25 6.53
O4 NAG HA . 57.94 13.09 9.35
O5 NAG HA . 56.21 16.16 8.37
O6 NAG HA . 57.10 16.97 10.52
O7 NAG HA . 57.25 16.58 4.00
C1 NAG HA . 59.31 13.13 9.81
C2 NAG HA . 59.40 12.31 11.10
C3 NAG HA . 60.85 12.29 11.59
C4 NAG HA . 61.78 11.79 10.49
C5 NAG HA . 61.58 12.61 9.22
C6 NAG HA . 62.38 12.09 8.06
C7 NAG HA . 57.30 12.39 12.36
C8 NAG HA . 56.53 13.07 13.45
N2 NAG HA . 58.52 12.86 12.12
O3 NAG HA . 60.95 11.43 12.73
O4 NAG HA . 63.13 11.89 10.92
O5 NAG HA . 60.20 12.57 8.83
O6 NAG HA . 61.64 11.13 7.30
O7 NAG HA . 56.82 11.46 11.71
C1 NAG IA . 50.33 12.62 -21.12
C2 NAG IA . 50.84 11.30 -20.54
C3 NAG IA . 52.26 11.48 -20.00
C4 NAG IA . 53.16 12.03 -21.09
C5 NAG IA . 52.57 13.33 -21.63
C6 NAG IA . 53.36 13.90 -22.79
C7 NAG IA . 48.90 10.02 -19.72
C8 NAG IA . 48.09 9.62 -18.52
N2 NAG IA . 49.95 10.81 -19.48
O3 NAG IA . 52.75 10.22 -19.56
O4 NAG IA . 54.46 12.28 -20.58
O5 NAG IA . 51.24 13.09 -22.12
O6 NAG IA . 52.58 14.83 -23.54
O7 NAG IA . 48.61 9.66 -20.85
C1 NAG IA . 55.30 11.17 -20.98
C2 NAG IA . 56.76 11.51 -20.73
C3 NAG IA . 57.65 10.34 -21.09
C4 NAG IA . 57.20 9.08 -20.36
C5 NAG IA . 55.71 8.83 -20.61
C6 NAG IA . 55.16 7.68 -19.82
C7 NAG IA . 56.89 13.95 -21.08
C8 NAG IA . 57.36 15.05 -21.99
N2 NAG IA . 57.15 12.70 -21.49
O3 NAG IA . 59.00 10.64 -20.74
O4 NAG IA . 57.94 7.96 -20.81
O5 NAG IA . 54.96 9.98 -20.23
O6 NAG IA . 54.71 6.63 -20.67
O7 NAG IA . 56.31 14.18 -20.02
C1 NAG JA . 41.49 31.47 -19.89
C2 NAG JA . 41.63 31.28 -18.36
C3 NAG JA . 41.93 32.61 -17.67
C4 NAG JA . 43.14 33.28 -18.32
C5 NAG JA . 42.89 33.45 -19.80
C6 NAG JA . 44.05 34.06 -20.55
C7 NAG JA . 40.45 29.68 -16.91
C8 NAG JA . 39.10 29.20 -16.45
N2 NAG JA . 40.43 30.69 -17.80
O3 NAG JA . 42.18 32.39 -16.29
O4 NAG JA . 43.39 34.55 -17.71
O5 NAG JA . 42.64 32.17 -20.39
O6 NAG JA . 44.36 33.33 -21.72
O7 NAG JA . 41.49 29.19 -16.51
C1 NAG JA . 44.54 34.41 -16.86
C2 NAG JA . 45.38 35.68 -16.94
C3 NAG JA . 46.58 35.58 -16.00
C4 NAG JA . 46.12 35.24 -14.59
C5 NAG JA . 45.25 33.99 -14.60
C6 NAG JA . 44.66 33.66 -13.25
C7 NAG JA . 45.39 36.96 -19.04
C8 NAG JA . 45.97 37.06 -20.42
N2 NAG JA . 45.82 35.93 -18.30
O3 NAG JA . 47.29 36.82 -15.99
O4 NAG JA . 47.25 35.01 -13.75
O5 NAG JA . 44.15 34.18 -15.50
O6 NAG JA . 43.40 34.30 -13.05
O7 NAG JA . 44.57 37.77 -18.62
C1 NAG KA . -26.79 19.03 27.19
C2 NAG KA . -27.82 18.47 26.20
C3 NAG KA . -28.68 17.41 26.88
C4 NAG KA . -27.81 16.35 27.53
C5 NAG KA . -26.77 17.01 28.46
C6 NAG KA . -25.79 16.02 29.05
C7 NAG KA . -29.39 19.39 24.56
C8 NAG KA . -30.19 20.60 24.15
N2 NAG KA . -28.65 19.54 25.66
O3 NAG KA . -29.53 16.81 25.92
O4 NAG KA . -28.61 15.47 28.30
O5 NAG KA . -26.00 17.96 27.72
O6 NAG KA . -26.44 14.82 29.46
O7 NAG KA . -29.42 18.34 23.92
C1 NAG LA . -9.64 41.70 43.17
C2 NAG LA . -8.50 42.70 43.07
C3 NAG LA . -8.34 43.45 44.38
C4 NAG LA . -9.67 44.10 44.76
C5 NAG LA . -10.80 43.08 44.76
C6 NAG LA . -12.16 43.71 44.97
C7 NAG LA . -6.75 42.00 41.48
C8 NAG LA . -5.46 41.26 41.30
N2 NAG LA . -7.25 42.02 42.72
O3 NAG LA . -7.33 44.44 44.25
O4 NAG LA . -9.57 44.69 46.06
O5 NAG LA . -10.85 42.40 43.49
O6 NAG LA . -12.99 42.88 45.78
O7 NAG LA . -7.31 42.57 40.54
C1 NAG MA . -5.94 46.85 21.20
C2 NAG MA . -6.87 47.81 21.94
C3 NAG MA . -7.88 48.41 20.97
C4 NAG MA . -7.17 49.03 19.77
C5 NAG MA . -6.25 48.02 19.12
C6 NAG MA . -5.43 48.59 17.99
C7 NAG MA . -7.05 47.07 24.27
C8 NAG MA . -7.89 46.35 25.27
N2 NAG MA . -7.55 47.15 23.03
O3 NAG MA . -8.66 49.39 21.63
O4 NAG MA . -8.14 49.47 18.81
O5 NAG MA . -5.32 47.53 20.10
O6 NAG MA . -4.72 47.58 17.30
O7 NAG MA . -5.97 47.57 24.57
C1 NAG NA . 15.26 49.30 18.32
C2 NAG NA . 14.43 50.41 17.69
C3 NAG NA . 14.84 50.62 16.23
C4 NAG NA . 16.35 50.85 16.14
C5 NAG NA . 17.10 49.73 16.83
C6 NAG NA . 18.59 49.96 16.89
C7 NAG NA . 12.21 50.60 18.73
C8 NAG NA . 10.77 50.18 18.66
N2 NAG NA . 13.01 50.11 17.78
O3 NAG NA . 14.14 51.73 15.70
O4 NAG NA . 16.74 50.91 14.78
O5 NAG NA . 16.66 49.61 18.19
O6 NAG NA . 18.91 51.11 17.67
O7 NAG NA . 12.62 51.35 19.60
C1 NAG OA . 16.78 19.56 38.51
C2 NAG OA . 15.94 18.47 39.17
C3 NAG OA . 14.68 19.06 39.77
C4 NAG OA . 15.03 20.21 40.70
C5 NAG OA . 15.90 21.23 39.98
C6 NAG OA . 16.38 22.34 40.89
C7 NAG OA . 16.27 16.25 38.13
C8 NAG OA . 15.78 15.28 37.10
N2 NAG OA . 15.61 17.42 38.22
O3 NAG OA . 13.96 18.05 40.47
O4 NAG OA . 13.83 20.85 41.16
O5 NAG OA . 17.06 20.58 39.46
O6 NAG OA . 17.80 22.34 40.99
O7 NAG OA . 17.22 15.99 38.87
C1 NAG PA . -21.13 12.89 37.50
C2 NAG PA . -21.78 11.51 37.36
C3 NAG PA . -22.51 11.14 38.65
C4 NAG PA . -21.57 11.26 39.85
C5 NAG PA . -20.95 12.66 39.89
C6 NAG PA . -19.92 12.82 40.98
C7 NAG PA . -22.47 10.76 35.13
C8 NAG PA . -23.53 10.83 34.07
N2 NAG PA . -22.69 11.46 36.23
O3 NAG PA . -23.00 9.81 38.56
O4 NAG PA . -22.29 11.05 41.05
O5 NAG PA . -20.27 12.92 38.64
O6 NAG PA . -19.52 14.18 41.12
O7 NAG PA . -21.46 10.07 34.99
C1 NAG QA . 19.68 40.51 42.13
C2 NAG QA . 20.44 40.17 43.42
C3 NAG QA . 19.59 39.25 44.30
C4 NAG QA . 18.22 39.86 44.54
C5 NAG QA . 17.56 40.21 43.21
C6 NAG QA . 16.24 40.93 43.38
C7 NAG QA . 22.92 40.16 43.13
C8 NAG QA . 22.94 41.62 43.47
N2 NAG QA . 21.73 39.55 43.12
O3 NAG QA . 20.26 39.03 45.54
O4 NAG QA . 17.40 38.93 45.24
O5 NAG QA . 18.41 41.08 42.46
O6 NAG QA . 16.42 42.34 43.33
O7 NAG QA . 23.95 39.55 42.86
C1 NAG RA . 14.92 -38.95 8.63
C2 NAG RA . 13.63 -39.36 7.90
C3 NAG RA . 13.96 -40.06 6.60
C4 NAG RA . 14.91 -39.22 5.75
C5 NAG RA . 16.13 -38.79 6.57
C6 NAG RA . 17.04 -37.85 5.84
C7 NAG RA . 11.52 -40.45 8.52
C8 NAG RA . 10.82 -41.35 9.49
N2 NAG RA . 12.81 -40.21 8.76
O3 NAG RA . 12.77 -40.32 5.87
O4 NAG RA . 15.34 -39.95 4.61
O5 NAG RA . 15.70 -38.12 7.77
O6 NAG RA . 17.26 -38.27 4.50
O7 NAG RA . 10.93 -39.96 7.56
C1 NAG SA . 35.41 -36.02 33.84
C2 NAG SA . 35.64 -35.32 35.17
C3 NAG SA . 36.86 -35.91 35.87
C4 NAG SA . 36.73 -37.43 35.99
C5 NAG SA . 36.41 -38.05 34.63
C6 NAG SA . 36.11 -39.53 34.72
C7 NAG SA . 34.76 -33.03 35.13
C8 NAG SA . 35.10 -31.59 34.91
N2 NAG SA . 35.78 -33.89 35.00
O3 NAG SA . 37.01 -35.33 37.15
O4 NAG SA . 37.94 -37.98 36.49
O5 NAG SA . 35.25 -37.43 34.05
O6 NAG SA . 36.94 -40.28 33.85
O7 NAG SA . 33.63 -33.41 35.39
C1 NAG TA . 16.14 -26.37 41.52
C2 NAG TA . 16.45 -27.73 42.14
C3 NAG TA . 15.16 -28.47 42.47
C4 NAG TA . 14.24 -27.60 43.31
C5 NAG TA . 14.00 -26.27 42.62
C6 NAG TA . 13.16 -25.31 43.44
C7 NAG TA . 18.63 -28.49 41.30
C8 NAG TA . 19.34 -29.38 40.32
N2 NAG TA . 17.30 -28.52 41.27
O3 NAG TA . 15.48 -29.67 43.17
O4 NAG TA . 12.99 -28.27 43.50
O5 NAG TA . 15.26 -25.62 42.37
O6 NAG TA . 13.89 -24.84 44.58
O7 NAG TA . 19.24 -27.76 42.08
C1 NAG UA . 21.21 -7.23 50.05
C2 NAG UA . 20.26 -8.07 50.92
C3 NAG UA . 19.06 -7.24 51.35
C4 NAG UA . 19.52 -5.94 52.01
C5 NAG UA . 20.48 -5.19 51.10
C6 NAG UA . 21.07 -3.96 51.75
C7 NAG UA . 20.37 -10.48 50.43
C8 NAG UA . 19.79 -11.60 49.62
N2 NAG UA . 19.83 -9.27 50.22
O3 NAG UA . 18.26 -7.99 52.25
O4 NAG UA . 18.39 -5.11 52.29
O5 NAG UA . 21.59 -6.04 50.76
O6 NAG UA . 21.96 -4.30 52.80
O7 NAG UA . 21.27 -10.66 51.25
C1 NAG VA . 41.29 -4.49 20.41
C2 NAG VA . 41.67 -5.17 19.11
C3 NAG VA . 41.72 -6.68 19.31
C4 NAG VA . 42.64 -7.04 20.47
C5 NAG VA . 42.22 -6.29 21.72
C6 NAG VA . 43.16 -6.49 22.88
C7 NAG VA . 40.99 -3.89 17.13
C8 NAG VA . 39.91 -3.66 16.11
N2 NAG VA . 40.74 -4.83 18.05
O3 NAG VA . 42.19 -7.30 18.11
O4 NAG VA . 42.58 -8.44 20.72
O5 NAG VA . 42.21 -4.87 21.45
O6 NAG VA . 44.10 -5.42 22.99
O7 NAG VA . 42.03 -3.24 17.13
C1 NAG WA . 26.67 -35.90 3.50
C2 NAG WA . 26.35 -35.96 2.01
C3 NAG WA . 27.21 -37.03 1.34
C4 NAG WA . 28.69 -36.78 1.62
C5 NAG WA . 28.92 -36.67 3.12
C6 NAG WA . 30.34 -36.29 3.48
C7 NAG WA . 24.11 -35.46 1.11
C8 NAG WA . 22.69 -35.92 1.01
N2 NAG WA . 24.93 -36.25 1.81
O3 NAG WA . 26.98 -37.00 -0.07
O4 NAG WA . 29.47 -37.84 1.10
O5 NAG WA . 28.07 -35.65 3.67
O6 NAG WA . 30.70 -35.04 2.93
O7 NAG WA . 24.50 -34.42 0.59
C1 NAG XA . 45.17 -9.25 40.92
C2 NAG XA . 46.67 -9.00 40.76
C3 NAG XA . 47.19 -9.79 39.55
C4 NAG XA . 46.84 -11.27 39.71
C5 NAG XA . 45.34 -11.44 39.94
C6 NAG XA . 44.94 -12.87 40.22
C7 NAG XA . 47.38 -6.73 41.50
C8 NAG XA . 47.64 -7.29 42.87
N2 NAG XA . 46.93 -7.58 40.56
O3 NAG XA . 48.60 -9.63 39.46
O4 NAG XA . 47.22 -11.98 38.53
O5 NAG XA . 44.94 -10.66 41.08
O6 NAG XA . 45.01 -13.16 41.61
O7 NAG XA . 47.58 -5.54 41.25
C1 NAG YA . 14.69 21.32 -33.83
C2 NAG YA . 13.57 20.55 -34.52
C3 NAG YA . 12.49 21.52 -35.00
C4 NAG YA . 12.03 22.42 -33.86
C5 NAG YA . 13.23 23.08 -33.19
C6 NAG YA . 12.85 23.89 -31.97
C7 NAG YA . 13.39 18.76 -36.20
C8 NAG YA . 14.07 18.06 -37.34
N2 NAG YA . 14.08 19.76 -35.64
O3 NAG YA . 11.38 20.79 -35.52
O4 NAG YA . 11.16 23.42 -34.36
O5 NAG YA . 14.16 22.08 -32.75
O6 NAG YA . 11.64 24.61 -32.17
O7 NAG YA . 12.28 18.44 -35.81
C1 NAG ZA . 45.59 29.53 -27.27
C2 NAG ZA . 46.87 29.08 -26.58
C3 NAG ZA . 47.97 30.11 -26.83
C4 NAG ZA . 48.15 30.35 -28.31
C5 NAG ZA . 46.81 30.70 -28.97
C6 NAG ZA . 46.90 30.80 -30.46
C7 NAG ZA . 46.42 27.68 -24.62
C8 NAG ZA . 46.23 27.66 -23.13
N2 NAG ZA . 46.66 28.88 -25.16
O3 NAG ZA . 49.19 29.63 -26.25
O4 NAG ZA . 49.07 31.41 -28.53
O5 NAG ZA . 45.83 29.70 -28.67
O6 NAG ZA . 45.90 31.67 -30.99
O7 NAG ZA . 46.36 26.66 -25.30
C1 NAG AB . 45.35 6.91 -23.97
C2 NAG AB . 46.05 7.35 -25.26
C3 NAG AB . 45.92 6.28 -26.33
C4 NAG AB . 46.40 4.93 -25.81
C5 NAG AB . 45.67 4.59 -24.52
C6 NAG AB . 46.17 3.31 -23.88
C7 NAG AB . 45.99 9.80 -25.35
C8 NAG AB . 45.31 11.00 -25.95
N2 NAG AB . 45.51 8.62 -25.73
O3 NAG AB . 46.69 6.66 -27.47
O4 NAG AB . 46.15 3.92 -26.78
O5 NAG AB . 45.87 5.63 -23.56
O6 NAG AB . 45.26 2.83 -22.89
O7 NAG AB . 46.92 9.91 -24.57
C1 NAG BB . 54.49 2.78 -4.92
C2 NAG BB . 54.98 1.87 -6.06
C3 NAG BB . 54.91 0.41 -5.64
C4 NAG BB . 55.67 0.20 -4.33
C5 NAG BB . 55.15 1.17 -3.26
C6 NAG BB . 55.94 1.10 -1.98
C7 NAG BB . 54.61 2.88 -8.27
C8 NAG BB . 53.67 2.99 -9.45
N2 NAG BB . 54.20 2.09 -7.27
O3 NAG BB . 55.48 -0.40 -6.66
O4 NAG BB . 55.48 -1.13 -3.87
O5 NAG BB . 55.26 2.52 -3.75
O6 NAG BB . 57.26 1.59 -2.15
O7 NAG BB . 55.68 3.48 -8.24
C1 NAG CB . 34.30 30.64 5.61
C2 NAG CB . 33.21 31.62 5.19
C3 NAG CB . 33.43 32.07 3.75
C4 NAG CB . 34.83 32.64 3.58
C5 NAG CB . 35.86 31.62 4.06
C6 NAG CB . 37.27 32.16 4.04
C7 NAG CB . 31.05 31.29 6.34
C8 NAG CB . 29.73 30.58 6.32
N2 NAG CB . 31.89 31.01 5.33
O3 NAG CB . 32.46 33.06 3.42
O4 NAG CB . 35.07 32.93 2.21
O5 NAG CB . 35.58 31.24 5.41
O6 NAG CB . 37.82 32.23 5.35
O7 NAG CB . 31.34 32.10 7.22
C1 NAG DB . 14.18 32.72 -27.22
C2 NAG DB . 12.68 33.00 -27.21
C3 NAG DB . 12.37 34.31 -27.90
C4 NAG DB . 13.20 35.44 -27.30
C5 NAG DB . 14.68 35.07 -27.32
C6 NAG DB . 15.55 36.09 -26.63
C7 NAG DB . 10.91 31.27 -27.24
C8 NAG DB . 10.29 30.18 -28.05
N2 NAG DB . 11.94 31.90 -27.83
O3 NAG DB . 10.98 34.61 -27.78
O4 NAG DB . 13.01 36.64 -28.05
O5 NAG DB . 14.88 33.83 -26.63
O6 NAG DB . 15.18 36.26 -25.26
O7 NAG DB . 10.51 31.57 -26.13
C1 NAG EB . 54.94 27.97 0.51
C2 NAG EB . 55.29 29.29 1.21
C3 NAG EB . 54.40 30.40 0.69
C4 NAG EB . 54.48 30.48 -0.84
C5 NAG EB . 54.16 29.11 -1.44
C6 NAG EB . 54.35 29.08 -2.95
C7 NAG EB . 56.15 28.98 3.53
C8 NAG EB . 57.54 28.89 2.98
N2 NAG EB . 55.15 29.17 2.65
O3 NAG EB . 54.81 31.65 1.25
O4 NAG EB . 53.54 31.43 -1.32
O5 NAG EB . 55.05 28.13 -0.90
O6 NAG EB . 55.69 28.79 -3.31
O7 NAG EB . 55.94 28.89 4.74
#